data_9JEE
#
_entry.id   9JEE
#
_cell.length_a   1.00
_cell.length_b   1.00
_cell.length_c   1.00
_cell.angle_alpha   90.00
_cell.angle_beta   90.00
_cell.angle_gamma   90.00
#
_symmetry.space_group_name_H-M   'P 1'
#
loop_
_entity.id
_entity.type
_entity.pdbx_description
1 polymer 'Transient receptor potential cation channel subfamily V member 3'
2 non-polymer '(2S)-3-(hexadecanoyloxy)-2-[(9Z)-octadec-9-enoyloxy]propyl 2-(trimethylammonio)ethyl phosphate'
3 non-polymer Geranaldehyde
#
_entity_poly.entity_id   1
_entity_poly.type   'polypeptide(L)'
_entity_poly.pdbx_seq_one_letter_code
;MKAHPKEMVPLMGKRVAAPSGNPAVLPEKRPAEITPTKKSAHFFLEIEGFEPNPTVAKTSPPVFSKPMDSNIRQCISGNC
DDMDSPQSPQDDVTETPSNPNSPSAQLAKEEQRRKKRRLKKRIFAAVSEGCVEELVELLVELQELCRRRHDEDVPDFLMH
KLTASDTGKTCLMKALLNINPNTKEIVRILLAFAEENDILGRFINAEYTEEAYEGQTALNIAIERRQGDIAALLIAAGAD
VNAHAKGAFFNPKYQHEGFYFGETPLALAACTNQPEIVQLLMEHEQTDITSRDSRGNNILHALVTVAEDFKTQNDFVKRM
YDMILLRSGNWELETTRNNDGLTPLQLAAKMGKAEILKYILSREIKEKRLRSLSRKFTDWAYGPVSSSLYDLTNVDTTTD
NSVLEITVYNTNIDNRHEMLTLEPLHTLLHMKWKKFAKHMFFLSFCFYFFYNITLTLVSYYRPREEEAIPHPLALTHKMG
WLQLLGRMFVLIWAMCISVKEGIAIFLLRPSDLQSILSDAWFHFVFFIQAVLVILSVFLYLFAYKEYLACLVLAMALGWA
NMLYYTRGFQSMGMYSVMIQKVILHDVLKFLFVYIVFLLGFGVALASLIEKCPKDNKDCSSYGSFSDAVLELFKLTIGLG
DLNIQQNSKYPILFLFLLITYVILTFVLLLNMLIALMGETVENVSKESERIWRLQRARTILEFEKMLPEWLRSRFRMGEL
CKVAEDDFRLCLRINEVKWTEWKTHVSFLNEDPGPVRRTDFNKIQDSSRNNSKTTLNAFEEVEEFPETSVSNSLEVLFQ
;
_entity_poly.pdbx_strand_id   A,B,C,D
#
loop_
_chem_comp.id
_chem_comp.type
_chem_comp.name
_chem_comp.formula
GRQ non-polymer Geranaldehyde 'C10 H16 O'
POV non-polymer '(2S)-3-(hexadecanoyloxy)-2-[(9Z)-octadec-9-enoyloxy]propyl 2-(trimethylammonio)ethyl phosphate' 'C42 H82 N O8 P'
#
# COMPACT_ATOMS: atom_id res chain seq x y z
N LEU A 119 -10.25 48.96 46.04
CA LEU A 119 -9.14 49.65 45.39
C LEU A 119 -9.45 49.89 43.92
N LYS A 120 -8.40 50.04 43.10
CA LYS A 120 -8.60 50.26 41.67
C LYS A 120 -8.97 48.98 40.93
N LYS A 121 -8.92 47.82 41.60
CA LYS A 121 -9.25 46.57 40.94
C LYS A 121 -10.76 46.40 40.73
N ARG A 122 -11.58 47.28 41.31
CA ARG A 122 -13.02 47.19 41.13
C ARG A 122 -13.41 47.45 39.68
N ILE A 123 -12.63 48.25 38.96
CA ILE A 123 -12.90 48.48 37.54
C ILE A 123 -12.61 47.22 36.74
N PHE A 124 -11.49 46.56 37.03
CA PHE A 124 -11.04 45.42 36.24
C PHE A 124 -12.00 44.24 36.41
N ALA A 125 -12.48 44.02 37.63
CA ALA A 125 -13.45 42.96 37.87
C ALA A 125 -14.81 43.29 37.25
N ALA A 126 -15.18 44.56 37.21
CA ALA A 126 -16.49 44.93 36.67
C ALA A 126 -16.54 44.78 35.15
N VAL A 127 -15.48 45.21 34.46
CA VAL A 127 -15.48 45.15 33.00
C VAL A 127 -15.40 43.72 32.48
N SER A 128 -14.84 42.80 33.27
CA SER A 128 -14.70 41.41 32.84
C SER A 128 -15.97 40.59 33.02
N GLU A 129 -16.95 41.10 33.76
CA GLU A 129 -18.19 40.37 34.00
C GLU A 129 -19.36 40.87 33.15
N GLY A 130 -19.23 42.03 32.53
CA GLY A 130 -20.29 42.56 31.69
C GLY A 130 -21.42 43.24 32.41
N CYS A 131 -21.27 43.52 33.70
CA CYS A 131 -22.31 44.19 34.48
C CYS A 131 -22.30 45.67 34.11
N VAL A 132 -23.16 46.03 33.14
CA VAL A 132 -23.21 47.42 32.68
C VAL A 132 -23.80 48.33 33.76
N GLU A 133 -24.80 47.84 34.50
CA GLU A 133 -25.41 48.65 35.54
C GLU A 133 -24.46 48.85 36.72
N GLU A 134 -23.69 47.82 37.08
CA GLU A 134 -22.71 47.96 38.16
C GLU A 134 -21.59 48.90 37.75
N LEU A 135 -21.15 48.83 36.49
CA LEU A 135 -20.10 49.73 36.02
C LEU A 135 -20.58 51.17 35.96
N VAL A 136 -21.79 51.40 35.46
CA VAL A 136 -22.33 52.74 35.39
C VAL A 136 -22.75 53.26 36.77
N GLU A 137 -22.86 52.37 37.76
CA GLU A 137 -23.18 52.82 39.11
C GLU A 137 -22.06 53.67 39.68
N LEU A 138 -20.80 53.27 39.47
CA LEU A 138 -19.66 54.00 40.01
C LEU A 138 -18.92 54.84 38.98
N LEU A 139 -19.16 54.63 37.68
CA LEU A 139 -18.50 55.46 36.68
C LEU A 139 -19.00 56.89 36.72
N VAL A 140 -20.22 57.11 37.23
CA VAL A 140 -20.74 58.46 37.34
C VAL A 140 -20.12 59.22 38.50
N GLU A 141 -19.45 58.53 39.43
CA GLU A 141 -18.84 59.18 40.58
C GLU A 141 -17.33 59.10 40.60
N LEU A 142 -16.71 58.29 39.75
CA LEU A 142 -15.24 58.34 39.61
C LEU A 142 -14.79 59.67 39.02
N GLN A 143 -15.62 60.28 38.16
CA GLN A 143 -15.28 61.59 37.60
C GLN A 143 -15.23 62.65 38.70
N GLU A 144 -16.17 62.60 39.65
CA GLU A 144 -16.19 63.52 40.77
C GLU A 144 -15.29 63.09 41.91
N LEU A 145 -14.74 61.87 41.86
CA LEU A 145 -13.83 61.42 42.92
C LEU A 145 -12.55 62.23 42.94
N CYS A 146 -12.00 62.53 41.77
CA CYS A 146 -10.79 63.33 41.66
C CYS A 146 -11.09 64.82 41.46
N ARG A 147 -12.36 65.20 41.38
CA ARG A 147 -12.86 66.57 41.26
C ARG A 147 -12.54 67.18 39.90
N ARG A 148 -11.78 66.48 39.06
CA ARG A 148 -11.44 66.93 37.71
C ARG A 148 -10.76 65.81 36.93
N PHE A 157 -7.41 63.94 33.98
CA PHE A 157 -6.20 64.55 34.51
C PHE A 157 -5.26 63.38 34.81
N LEU A 158 -4.95 62.61 33.77
CA LEU A 158 -4.10 61.43 33.86
C LEU A 158 -4.55 60.49 34.98
N MET A 159 -5.77 59.98 34.83
CA MET A 159 -6.38 59.12 35.83
C MET A 159 -5.62 57.81 35.92
N HIS A 160 -4.84 57.64 36.98
CA HIS A 160 -4.04 56.43 37.17
C HIS A 160 -4.88 55.24 37.61
N LYS A 161 -6.15 55.45 37.98
CA LYS A 161 -7.01 54.34 38.37
C LYS A 161 -7.27 53.41 37.20
N LEU A 162 -7.49 53.97 36.00
CA LEU A 162 -7.75 53.17 34.80
C LEU A 162 -6.47 52.84 34.05
N THR A 163 -5.39 52.62 34.77
CA THR A 163 -4.09 52.30 34.18
C THR A 163 -3.54 51.07 34.88
N ALA A 164 -2.26 50.78 34.62
CA ALA A 164 -1.58 49.68 35.28
C ALA A 164 -0.08 49.95 35.25
N SER A 165 0.54 49.98 36.42
CA SER A 165 1.97 50.27 36.49
C SER A 165 2.81 49.15 35.89
N ASP A 166 2.27 47.93 35.86
CA ASP A 166 3.02 46.79 35.32
C ASP A 166 2.83 46.66 33.81
N THR A 167 1.61 46.91 33.32
CA THR A 167 1.31 46.74 31.90
C THR A 167 0.98 48.06 31.21
N GLY A 168 0.02 48.82 31.71
CA GLY A 168 -0.42 50.02 31.06
C GLY A 168 -1.82 49.96 30.50
N LYS A 169 -2.73 49.22 31.13
CA LYS A 169 -4.06 49.00 30.60
C LYS A 169 -4.87 50.30 30.62
N THR A 170 -5.99 50.26 29.92
CA THR A 170 -7.04 51.28 30.05
C THR A 170 -8.38 50.57 30.27
N CYS A 171 -9.40 51.36 30.60
CA CYS A 171 -10.74 50.80 30.78
C CYS A 171 -11.33 50.32 29.46
N LEU A 172 -11.29 51.18 28.43
CA LEU A 172 -11.81 50.80 27.12
C LEU A 172 -11.02 49.65 26.51
N MET A 173 -9.69 49.69 26.63
CA MET A 173 -8.86 48.61 26.10
C MET A 173 -9.10 47.29 26.81
N LYS A 174 -9.23 47.29 28.14
CA LYS A 174 -9.49 46.07 28.89
C LYS A 174 -10.87 45.50 28.62
N ALA A 175 -11.86 46.35 28.34
CA ALA A 175 -13.22 45.87 28.09
C ALA A 175 -13.29 44.99 26.84
N LEU A 176 -12.30 45.10 25.95
CA LEU A 176 -12.34 44.38 24.69
C LEU A 176 -11.66 43.01 24.73
N LEU A 177 -10.78 42.75 25.70
CA LEU A 177 -10.15 41.44 25.76
C LEU A 177 -11.13 40.36 26.20
N ASN A 178 -11.88 40.62 27.27
CA ASN A 178 -12.92 39.71 27.74
C ASN A 178 -14.22 40.11 27.05
N ILE A 179 -14.46 39.60 25.85
CA ILE A 179 -15.67 39.94 25.11
C ILE A 179 -16.84 39.18 25.73
N ASN A 180 -17.63 39.87 26.53
CA ASN A 180 -18.81 39.33 27.17
C ASN A 180 -20.03 39.60 26.30
N PRO A 181 -21.09 38.79 26.40
CA PRO A 181 -22.20 38.94 25.44
C PRO A 181 -22.95 40.26 25.55
N ASN A 182 -22.77 41.00 26.64
CA ASN A 182 -23.33 42.35 26.77
C ASN A 182 -22.11 43.27 26.90
N THR A 183 -21.56 43.67 25.75
CA THR A 183 -20.38 44.53 25.71
C THR A 183 -20.53 45.79 24.87
N LYS A 184 -21.53 45.86 23.98
CA LYS A 184 -21.70 47.05 23.16
C LYS A 184 -22.07 48.26 24.01
N GLU A 185 -22.92 48.06 25.02
CA GLU A 185 -23.30 49.15 25.91
C GLU A 185 -22.12 49.60 26.76
N ILE A 186 -21.24 48.68 27.14
CA ILE A 186 -20.05 49.05 27.91
C ILE A 186 -19.15 49.97 27.09
N VAL A 187 -18.91 49.63 25.83
CA VAL A 187 -18.07 50.46 24.97
C VAL A 187 -18.76 51.78 24.69
N ARG A 188 -20.09 51.78 24.54
CA ARG A 188 -20.82 53.00 24.28
C ARG A 188 -20.72 53.97 25.47
N ILE A 189 -20.94 53.46 26.68
CA ILE A 189 -20.83 54.31 27.87
C ILE A 189 -19.38 54.70 28.12
N LEU A 190 -18.43 53.88 27.66
CA LEU A 190 -17.03 54.25 27.78
C LEU A 190 -16.66 55.37 26.82
N LEU A 191 -17.26 55.36 25.62
CA LEU A 191 -17.08 56.47 24.69
C LEU A 191 -17.68 57.75 25.26
N ALA A 192 -18.85 57.64 25.90
CA ALA A 192 -19.45 58.81 26.56
C ALA A 192 -18.57 59.33 27.68
N PHE A 193 -18.00 58.42 28.48
CA PHE A 193 -17.10 58.82 29.56
C PHE A 193 -15.83 59.45 29.00
N ALA A 194 -15.34 58.94 27.88
CA ALA A 194 -14.14 59.50 27.27
C ALA A 194 -14.40 60.91 26.76
N GLU A 195 -15.54 61.13 26.10
CA GLU A 195 -15.81 62.45 25.53
C GLU A 195 -16.23 63.47 26.57
N GLU A 196 -16.83 63.04 27.68
CA GLU A 196 -17.28 64.00 28.68
C GLU A 196 -16.12 64.54 29.53
N ASN A 197 -15.06 63.74 29.72
CA ASN A 197 -13.89 64.17 30.47
C ASN A 197 -12.75 64.60 29.57
N ASP A 198 -12.97 64.67 28.25
CA ASP A 198 -11.97 65.10 27.27
C ASP A 198 -10.70 64.26 27.36
N ILE A 199 -10.86 62.96 27.56
CA ILE A 199 -9.73 62.03 27.60
C ILE A 199 -9.99 60.98 26.52
N LEU A 200 -9.41 61.21 25.34
CA LEU A 200 -9.50 60.24 24.26
C LEU A 200 -8.13 60.02 23.63
N GLY A 201 -7.25 61.02 23.75
CA GLY A 201 -5.90 60.87 23.21
C GLY A 201 -5.09 59.83 23.94
N ARG A 202 -5.18 59.82 25.27
CA ARG A 202 -4.50 58.83 26.10
C ARG A 202 -5.40 57.65 26.47
N PHE A 203 -6.62 57.62 25.96
CA PHE A 203 -7.59 56.57 26.27
C PHE A 203 -7.85 55.64 25.09
N ILE A 204 -8.24 56.18 23.94
CA ILE A 204 -8.49 55.35 22.77
C ILE A 204 -7.20 55.01 22.03
N ASN A 205 -6.12 55.75 22.28
CA ASN A 205 -4.81 55.51 21.65
C ASN A 205 -3.79 55.44 22.78
N ALA A 206 -3.61 54.24 23.34
CA ALA A 206 -2.68 54.00 24.42
C ALA A 206 -1.75 52.85 24.03
N GLU A 207 -0.85 52.51 24.95
CA GLU A 207 0.15 51.48 24.67
C GLU A 207 0.60 50.87 25.99
N TYR A 208 1.24 49.71 25.87
CA TYR A 208 1.87 49.08 27.03
C TYR A 208 3.31 49.56 27.17
N THR A 209 3.88 49.34 28.36
CA THR A 209 5.21 49.84 28.67
C THR A 209 6.13 48.77 29.26
N GLU A 210 5.82 47.49 29.04
CA GLU A 210 6.63 46.40 29.55
C GLU A 210 7.17 45.60 28.37
N GLU A 211 7.92 44.54 28.69
CA GLU A 211 8.55 43.73 27.67
C GLU A 211 7.49 43.01 26.82
N ALA A 212 7.83 42.86 25.53
CA ALA A 212 7.11 42.10 24.51
C ALA A 212 5.86 42.79 23.97
N TYR A 213 5.34 43.81 24.67
CA TYR A 213 4.15 44.52 24.21
C TYR A 213 4.42 46.02 24.20
N GLU A 214 4.27 46.63 23.02
CA GLU A 214 4.32 48.07 22.86
C GLU A 214 3.34 48.46 21.77
N GLY A 215 2.53 49.49 22.04
CA GLY A 215 1.67 50.02 21.01
C GLY A 215 0.42 49.24 20.73
N GLN A 216 0.01 48.33 21.61
CA GLN A 216 -1.23 47.56 21.41
C GLN A 216 -2.39 48.44 21.83
N THR A 217 -3.01 49.10 20.86
CA THR A 217 -4.10 50.02 21.12
C THR A 217 -5.42 49.27 21.21
N ALA A 218 -6.53 50.01 21.31
CA ALA A 218 -7.85 49.38 21.38
C ALA A 218 -8.23 48.73 20.06
N LEU A 219 -7.85 49.34 18.94
CA LEU A 219 -8.15 48.76 17.63
C LEU A 219 -7.38 47.48 17.37
N ASN A 220 -6.23 47.30 18.03
CA ASN A 220 -5.44 46.09 17.84
C ASN A 220 -6.03 44.87 18.54
N ILE A 221 -7.06 45.05 19.37
CA ILE A 221 -7.71 43.95 20.06
C ILE A 221 -9.14 43.75 19.60
N ALA A 222 -9.86 44.85 19.32
CA ALA A 222 -11.23 44.73 18.82
C ALA A 222 -11.27 44.00 17.49
N ILE A 223 -10.29 44.26 16.62
CA ILE A 223 -10.16 43.49 15.40
C ILE A 223 -9.74 42.06 15.71
N GLU A 224 -8.92 41.89 16.75
CA GLU A 224 -8.43 40.56 17.10
C GLU A 224 -9.55 39.64 17.57
N ARG A 225 -10.50 40.16 18.35
CA ARG A 225 -11.57 39.36 18.92
C ARG A 225 -12.71 39.09 17.94
N ARG A 226 -12.46 39.25 16.63
CA ARG A 226 -13.47 39.00 15.58
C ARG A 226 -14.71 39.85 15.79
N GLN A 227 -14.52 41.07 16.27
CA GLN A 227 -15.61 42.01 16.51
C GLN A 227 -15.57 43.10 15.45
N GLY A 228 -16.66 43.23 14.69
CA GLY A 228 -16.71 44.20 13.61
C GLY A 228 -17.42 45.49 13.97
N ASP A 229 -18.50 45.37 14.74
CA ASP A 229 -19.28 46.55 15.10
C ASP A 229 -18.50 47.48 16.02
N ILE A 230 -17.83 46.93 17.03
CA ILE A 230 -17.03 47.74 17.94
C ILE A 230 -15.80 48.30 17.23
N ALA A 231 -15.21 47.51 16.32
CA ALA A 231 -14.08 48.00 15.54
C ALA A 231 -14.50 49.17 14.66
N ALA A 232 -15.67 49.09 14.03
CA ALA A 232 -16.17 50.19 13.23
C ALA A 232 -16.49 51.40 14.09
N LEU A 233 -16.99 51.17 15.31
CA LEU A 233 -17.25 52.27 16.23
C LEU A 233 -15.97 52.99 16.63
N LEU A 234 -14.91 52.23 16.90
CA LEU A 234 -13.62 52.83 17.25
C LEU A 234 -13.03 53.57 16.06
N ILE A 235 -13.18 53.02 14.85
CA ILE A 235 -12.68 53.68 13.65
C ILE A 235 -13.44 54.98 13.40
N ALA A 236 -14.76 54.98 13.62
CA ALA A 236 -15.55 56.20 13.45
C ALA A 236 -15.13 57.27 14.45
N ALA A 237 -14.66 56.86 15.63
CA ALA A 237 -14.11 57.80 16.60
C ALA A 237 -12.71 58.28 16.22
N GLY A 238 -12.10 57.67 15.21
CA GLY A 238 -10.78 58.08 14.74
C GLY A 238 -9.72 57.03 14.98
N ALA A 239 -9.73 56.42 16.17
CA ALA A 239 -8.79 55.37 16.56
C ALA A 239 -7.34 55.76 16.29
N ASP A 240 -6.55 54.80 15.79
CA ASP A 240 -5.18 55.07 15.42
C ASP A 240 -4.91 54.59 13.99
N VAL A 241 -5.57 53.49 13.61
CA VAL A 241 -5.52 52.92 12.26
C VAL A 241 -4.12 52.44 11.88
N ASN A 242 -3.14 53.32 12.00
CA ASN A 242 -1.75 53.01 11.65
C ASN A 242 -0.90 52.80 12.91
N ALA A 243 -1.47 52.19 13.94
CA ALA A 243 -0.73 51.93 15.16
C ALA A 243 0.28 50.81 14.93
N HIS A 244 1.51 51.01 15.39
CA HIS A 244 2.58 50.04 15.21
C HIS A 244 2.75 49.26 16.52
N ALA A 245 2.27 48.02 16.54
CA ALA A 245 2.42 47.14 17.69
C ALA A 245 3.80 46.50 17.63
N LYS A 246 4.80 47.28 18.01
CA LYS A 246 6.20 46.85 17.92
C LYS A 246 6.64 46.19 19.23
N GLY A 247 6.26 44.94 19.39
CA GLY A 247 6.57 44.16 20.56
C GLY A 247 7.41 42.93 20.27
N ALA A 248 8.06 42.42 21.32
CA ALA A 248 8.92 41.25 21.17
C ALA A 248 8.10 39.98 20.97
N PHE A 249 6.92 39.89 21.59
CA PHE A 249 6.00 38.79 21.28
C PHE A 249 5.51 38.88 19.85
N PHE A 250 5.24 40.10 19.38
CA PHE A 250 4.89 40.31 17.98
C PHE A 250 6.07 40.16 17.04
N ASN A 251 7.28 40.05 17.58
CA ASN A 251 8.50 39.83 16.78
C ASN A 251 9.22 38.60 17.32
N PRO A 252 8.68 37.41 17.09
CA PRO A 252 9.29 36.20 17.63
C PRO A 252 10.58 35.85 16.91
N LYS A 253 11.44 35.11 17.61
CA LYS A 253 12.70 34.66 17.03
C LYS A 253 12.46 33.69 15.88
N TYR A 254 11.54 32.74 16.05
CA TYR A 254 11.15 31.85 14.98
C TYR A 254 9.64 31.87 14.79
N GLN A 255 9.10 30.97 13.97
CA GLN A 255 7.69 30.96 13.61
C GLN A 255 6.85 30.09 14.53
N HIS A 256 7.29 29.85 15.77
CA HIS A 256 6.54 29.02 16.70
C HIS A 256 6.39 29.61 18.11
N GLU A 257 7.26 30.52 18.52
CA GLU A 257 7.21 31.05 19.88
C GLU A 257 6.40 32.34 19.99
N GLY A 258 5.83 32.82 18.90
CA GLY A 258 5.08 34.07 18.97
C GLY A 258 4.14 34.20 17.78
N PHE A 259 3.46 35.34 17.75
CA PHE A 259 2.50 35.67 16.70
C PHE A 259 2.91 36.98 16.05
N TYR A 260 3.48 36.89 14.84
CA TYR A 260 3.83 38.06 14.05
C TYR A 260 2.78 38.23 12.96
N PHE A 261 2.06 39.36 12.99
CA PHE A 261 1.00 39.61 12.02
C PHE A 261 1.27 40.79 11.10
N GLY A 262 2.15 41.72 11.46
CA GLY A 262 2.45 42.84 10.61
C GLY A 262 2.61 44.16 11.34
N GLU A 263 2.37 44.13 12.66
CA GLU A 263 2.52 45.30 13.52
C GLU A 263 1.66 46.48 13.07
N THR A 264 0.42 46.18 12.67
CA THR A 264 -0.53 47.20 12.27
C THR A 264 -1.93 46.61 12.36
N PRO A 265 -2.95 47.42 12.70
CA PRO A 265 -4.32 46.89 12.73
C PRO A 265 -4.96 46.90 11.34
N LEU A 266 -4.21 46.51 10.34
CA LEU A 266 -4.68 46.21 8.99
C LEU A 266 -4.17 44.88 8.50
N ALA A 267 -2.91 44.54 8.81
CA ALA A 267 -2.39 43.20 8.54
C ALA A 267 -2.83 42.20 9.59
N LEU A 268 -3.32 42.66 10.75
CA LEU A 268 -3.90 41.75 11.73
C LEU A 268 -5.21 41.17 11.22
N ALA A 269 -6.06 42.00 10.61
CA ALA A 269 -7.29 41.50 10.01
C ALA A 269 -7.04 40.70 8.75
N ALA A 270 -5.94 40.95 8.06
CA ALA A 270 -5.59 40.18 6.87
C ALA A 270 -4.96 38.84 7.20
N CYS A 271 -4.13 38.78 8.25
CA CYS A 271 -3.59 37.51 8.70
C CYS A 271 -4.69 36.60 9.22
N THR A 272 -5.65 37.16 9.96
CA THR A 272 -6.85 36.43 10.33
C THR A 272 -7.79 36.34 9.13
N ASN A 273 -8.92 35.66 9.32
CA ASN A 273 -9.86 35.40 8.24
C ASN A 273 -11.01 36.40 8.23
N GLN A 274 -10.74 37.67 8.54
CA GLN A 274 -11.77 38.69 8.56
C GLN A 274 -11.62 39.59 7.34
N PRO A 275 -12.41 39.41 6.28
CA PRO A 275 -12.27 40.27 5.10
C PRO A 275 -13.09 41.55 5.18
N GLU A 276 -14.18 41.54 5.96
CA GLU A 276 -15.03 42.70 6.07
C GLU A 276 -14.31 43.86 6.76
N ILE A 277 -13.57 43.56 7.83
CA ILE A 277 -12.82 44.61 8.52
C ILE A 277 -11.72 45.16 7.64
N VAL A 278 -11.10 44.30 6.83
CA VAL A 278 -10.10 44.75 5.86
C VAL A 278 -10.74 45.70 4.84
N GLN A 279 -11.94 45.34 4.37
CA GLN A 279 -12.62 46.16 3.37
C GLN A 279 -12.96 47.55 3.92
N LEU A 280 -13.46 47.61 5.16
CA LEU A 280 -13.79 48.90 5.75
C LEU A 280 -12.55 49.67 6.20
N LEU A 281 -11.44 48.97 6.49
CA LEU A 281 -10.21 49.67 6.84
C LEU A 281 -9.56 50.30 5.62
N MET A 282 -9.52 49.56 4.50
CA MET A 282 -8.90 50.08 3.28
C MET A 282 -9.73 51.17 2.62
N GLU A 283 -11.02 51.30 2.99
CA GLU A 283 -11.84 52.39 2.49
C GLU A 283 -11.64 53.68 3.29
N HIS A 284 -10.91 53.63 4.40
CA HIS A 284 -10.65 54.83 5.18
C HIS A 284 -9.66 55.74 4.46
N GLU A 285 -9.72 57.02 4.79
CA GLU A 285 -8.88 58.03 4.16
C GLU A 285 -7.52 58.16 4.83
N GLN A 286 -7.24 57.38 5.87
CA GLN A 286 -5.96 57.41 6.55
C GLN A 286 -5.43 55.99 6.76
N THR A 287 -5.75 55.08 5.85
CA THR A 287 -5.34 53.68 5.99
C THR A 287 -3.82 53.54 5.82
N ASP A 288 -3.27 54.17 4.79
CA ASP A 288 -1.86 54.06 4.44
C ASP A 288 -1.45 52.59 4.24
N ILE A 289 -2.04 52.01 3.18
CA ILE A 289 -1.82 50.60 2.88
C ILE A 289 -0.35 50.30 2.62
N THR A 290 0.38 51.26 2.05
CA THR A 290 1.80 51.09 1.76
C THR A 290 2.71 51.37 2.96
N SER A 291 2.17 51.35 4.17
CA SER A 291 2.98 51.56 5.36
C SER A 291 3.95 50.40 5.57
N ARG A 292 5.11 50.72 6.11
CA ARG A 292 6.18 49.75 6.31
C ARG A 292 6.28 49.39 7.79
N ASP A 293 6.28 48.09 8.08
CA ASP A 293 6.42 47.60 9.44
C ASP A 293 7.84 47.90 9.93
N SER A 294 8.00 47.99 11.25
CA SER A 294 9.30 48.29 11.84
C SER A 294 10.35 47.23 11.52
N ARG A 295 9.94 46.03 11.12
CA ARG A 295 10.86 45.02 10.61
C ARG A 295 11.21 45.24 9.15
N GLY A 296 10.66 46.29 8.53
CA GLY A 296 10.85 46.53 7.11
C GLY A 296 9.83 45.87 6.21
N ASN A 297 8.90 45.11 6.78
CA ASN A 297 7.92 44.37 6.00
C ASN A 297 6.78 45.29 5.54
N ASN A 298 5.79 44.69 4.90
CA ASN A 298 4.61 45.39 4.43
C ASN A 298 3.40 44.50 4.66
N ILE A 299 2.26 44.89 4.11
CA ILE A 299 1.06 44.06 4.20
C ILE A 299 1.25 42.76 3.41
N LEU A 300 1.84 42.86 2.22
CA LEU A 300 2.06 41.66 1.41
C LEU A 300 3.15 40.79 2.03
N HIS A 301 4.18 41.40 2.60
CA HIS A 301 5.20 40.64 3.31
C HIS A 301 4.61 39.90 4.50
N ALA A 302 3.73 40.57 5.25
CA ALA A 302 3.10 39.95 6.41
C ALA A 302 2.21 38.78 5.99
N LEU A 303 1.46 38.94 4.90
CA LEU A 303 0.64 37.83 4.40
C LEU A 303 1.50 36.68 3.92
N VAL A 304 2.67 36.97 3.34
CA VAL A 304 3.57 35.92 2.89
C VAL A 304 4.12 35.14 4.07
N THR A 305 4.50 35.84 5.15
CA THR A 305 5.18 35.19 6.27
C THR A 305 4.25 34.28 7.07
N VAL A 306 2.94 34.44 6.97
CA VAL A 306 1.99 33.68 7.78
C VAL A 306 1.28 32.60 6.98
N ALA A 307 1.61 32.43 5.70
CA ALA A 307 1.00 31.38 4.88
C ALA A 307 1.76 30.08 5.11
N GLU A 308 1.45 29.44 6.24
CA GLU A 308 2.21 28.26 6.66
C GLU A 308 2.05 27.11 5.67
N ASP A 309 0.81 26.76 5.33
CA ASP A 309 0.52 25.65 4.44
C ASP A 309 -0.94 25.79 4.03
N PHE A 310 -1.47 24.78 3.34
CA PHE A 310 -2.89 24.71 2.99
C PHE A 310 -3.66 23.71 3.83
N LYS A 311 -3.01 22.64 4.30
CA LYS A 311 -3.69 21.64 5.11
C LYS A 311 -4.10 22.21 6.47
N THR A 312 -3.28 23.09 7.04
CA THR A 312 -3.54 23.65 8.36
C THR A 312 -3.99 25.10 8.33
N GLN A 313 -4.07 25.72 7.15
CA GLN A 313 -4.45 27.13 7.05
C GLN A 313 -5.45 27.41 5.93
N ASN A 314 -5.79 26.42 5.11
CA ASN A 314 -6.69 26.55 3.95
C ASN A 314 -6.04 27.52 2.96
N ASP A 315 -6.84 28.34 2.27
CA ASP A 315 -6.33 29.15 1.18
C ASP A 315 -6.72 30.63 1.30
N PHE A 316 -7.24 31.05 2.45
CA PHE A 316 -7.73 32.42 2.58
C PHE A 316 -6.62 33.45 2.48
N VAL A 317 -5.38 33.05 2.77
CA VAL A 317 -4.25 33.98 2.71
C VAL A 317 -4.05 34.48 1.29
N LYS A 318 -4.13 33.57 0.32
CA LYS A 318 -4.02 33.97 -1.09
C LYS A 318 -5.16 34.89 -1.49
N ARG A 319 -6.37 34.62 -1.00
CA ARG A 319 -7.51 35.46 -1.31
C ARG A 319 -7.33 36.87 -0.75
N MET A 320 -6.82 36.99 0.48
CA MET A 320 -6.57 38.30 1.05
C MET A 320 -5.44 39.02 0.32
N TYR A 321 -4.41 38.27 -0.11
CA TYR A 321 -3.34 38.86 -0.91
C TYR A 321 -3.88 39.44 -2.21
N ASP A 322 -4.74 38.68 -2.89
CA ASP A 322 -5.32 39.16 -4.14
C ASP A 322 -6.21 40.37 -3.90
N MET A 323 -7.02 40.34 -2.85
CA MET A 323 -7.94 41.45 -2.57
C MET A 323 -7.17 42.74 -2.28
N ILE A 324 -6.16 42.66 -1.41
CA ILE A 324 -5.40 43.85 -1.05
C ILE A 324 -4.59 44.36 -2.24
N LEU A 325 -4.03 43.44 -3.04
CA LEU A 325 -3.26 43.86 -4.20
C LEU A 325 -4.16 44.55 -5.24
N LEU A 326 -5.37 44.03 -5.45
CA LEU A 326 -6.30 44.66 -6.38
C LEU A 326 -6.73 46.04 -5.88
N ARG A 327 -7.02 46.17 -4.59
CA ARG A 327 -7.44 47.46 -4.06
C ARG A 327 -6.29 48.48 -4.04
N SER A 328 -5.04 48.02 -3.96
CA SER A 328 -3.92 48.94 -4.10
C SER A 328 -3.82 49.48 -5.52
N GLY A 329 -3.88 48.60 -6.51
CA GLY A 329 -3.96 49.02 -7.89
C GLY A 329 -2.71 49.66 -8.47
N ASN A 330 -1.54 49.38 -7.92
CA ASN A 330 -0.31 49.97 -8.41
C ASN A 330 0.85 49.05 -8.06
N TRP A 331 1.97 49.26 -8.74
CA TRP A 331 3.17 48.43 -8.56
C TRP A 331 4.15 49.04 -7.55
N GLU A 332 3.68 49.31 -6.33
CA GLU A 332 4.57 49.72 -5.26
C GLU A 332 4.59 48.77 -4.07
N LEU A 333 3.54 47.97 -3.88
CA LEU A 333 3.51 47.00 -2.80
C LEU A 333 4.40 45.80 -3.10
N GLU A 334 4.37 45.33 -4.35
CA GLU A 334 5.20 44.18 -4.72
C GLU A 334 6.66 44.55 -4.91
N THR A 335 6.93 45.79 -5.31
CA THR A 335 8.29 46.24 -5.56
C THR A 335 8.93 46.90 -4.33
N THR A 336 8.24 46.91 -3.20
CA THR A 336 8.80 47.50 -1.98
C THR A 336 9.89 46.59 -1.43
N ARG A 337 11.07 47.17 -1.19
CA ARG A 337 12.21 46.38 -0.72
C ARG A 337 12.14 46.21 0.79
N ASN A 338 12.28 44.96 1.23
CA ASN A 338 12.31 44.64 2.65
C ASN A 338 13.61 45.15 3.28
N ASN A 339 13.63 45.17 4.62
CA ASN A 339 14.85 45.51 5.34
C ASN A 339 15.96 44.50 5.07
N ASP A 340 15.61 43.28 4.69
CA ASP A 340 16.57 42.29 4.23
C ASP A 340 16.82 42.38 2.73
N GLY A 341 16.37 43.46 2.08
CA GLY A 341 16.51 43.62 0.65
C GLY A 341 15.71 42.62 -0.16
N LEU A 342 14.45 42.41 0.20
CA LEU A 342 13.61 41.41 -0.45
C LEU A 342 12.27 42.03 -0.84
N THR A 343 11.55 41.30 -1.69
CA THR A 343 10.21 41.62 -2.14
C THR A 343 9.28 40.48 -1.74
N PRO A 344 7.96 40.70 -1.72
CA PRO A 344 7.05 39.60 -1.36
C PRO A 344 7.19 38.39 -2.27
N LEU A 345 7.54 38.58 -3.55
CA LEU A 345 7.84 37.46 -4.42
C LEU A 345 9.10 36.73 -3.95
N GLN A 346 10.17 37.48 -3.69
CA GLN A 346 11.41 36.86 -3.20
C GLN A 346 11.25 36.34 -1.78
N LEU A 347 10.45 37.02 -0.94
CA LEU A 347 10.21 36.53 0.41
C LEU A 347 9.47 35.21 0.39
N ALA A 348 8.47 35.08 -0.49
CA ALA A 348 7.77 33.81 -0.64
C ALA A 348 8.68 32.74 -1.22
N ALA A 349 9.63 33.13 -2.06
CA ALA A 349 10.58 32.16 -2.61
C ALA A 349 11.54 31.65 -1.53
N LYS A 350 12.00 32.54 -0.65
CA LYS A 350 12.97 32.14 0.37
C LYS A 350 12.33 31.49 1.59
N MET A 351 11.05 31.73 1.84
CA MET A 351 10.35 31.14 2.96
C MET A 351 9.66 29.83 2.62
N GLY A 352 9.71 29.40 1.36
CA GLY A 352 9.09 28.16 0.96
C GLY A 352 7.60 28.20 0.73
N LYS A 353 7.01 29.39 0.64
CA LYS A 353 5.58 29.54 0.43
C LYS A 353 5.27 29.19 -1.02
N ALA A 354 5.06 27.91 -1.29
CA ALA A 354 4.84 27.44 -2.65
C ALA A 354 3.48 27.87 -3.19
N GLU A 355 2.47 27.97 -2.32
CA GLU A 355 1.13 28.34 -2.78
C GLU A 355 1.09 29.79 -3.24
N ILE A 356 1.66 30.71 -2.44
CA ILE A 356 1.68 32.11 -2.82
C ILE A 356 2.59 32.32 -4.03
N LEU A 357 3.71 31.59 -4.08
CA LEU A 357 4.60 31.69 -5.23
C LEU A 357 3.90 31.24 -6.51
N LYS A 358 3.14 30.13 -6.42
CA LYS A 358 2.38 29.66 -7.58
C LYS A 358 1.33 30.67 -8.00
N TYR A 359 0.67 31.30 -7.03
CA TYR A 359 -0.34 32.31 -7.36
C TYR A 359 0.28 33.52 -8.04
N ILE A 360 1.41 34.02 -7.51
CA ILE A 360 2.01 35.24 -8.05
C ILE A 360 2.60 34.98 -9.43
N LEU A 361 3.34 33.88 -9.60
CA LEU A 361 3.96 33.60 -10.89
C LEU A 361 2.95 33.26 -11.96
N SER A 362 1.74 32.83 -11.59
CA SER A 362 0.67 32.51 -12.53
C SER A 362 -0.53 33.44 -12.30
N ARG A 363 -0.26 34.69 -11.95
CA ARG A 363 -1.31 35.66 -11.67
C ARG A 363 -1.76 36.29 -12.97
N GLU A 364 -3.02 36.04 -13.36
CA GLU A 364 -3.61 36.60 -14.55
C GLU A 364 -4.86 37.38 -14.17
N ILE A 365 -4.93 38.64 -14.60
CA ILE A 365 -6.07 39.52 -14.32
C ILE A 365 -6.63 39.97 -15.66
N LYS A 366 -7.89 39.61 -15.93
CA LYS A 366 -8.53 39.93 -17.19
C LYS A 366 -9.27 41.26 -17.17
N GLU A 367 -9.39 41.89 -16.01
CA GLU A 367 -10.13 43.14 -15.93
C GLU A 367 -9.28 44.32 -16.38
N LYS A 368 -9.94 45.34 -16.91
CA LYS A 368 -9.26 46.55 -17.34
C LYS A 368 -8.79 47.34 -16.12
N ARG A 369 -7.72 48.12 -16.31
CA ARG A 369 -7.14 49.05 -15.34
C ARG A 369 -6.39 48.27 -14.24
N LEU A 370 -6.55 46.95 -14.22
CA LEU A 370 -5.83 46.09 -13.28
C LEU A 370 -5.02 45.02 -14.00
N ARG A 371 -4.97 45.06 -15.33
CA ARG A 371 -4.23 44.06 -16.10
C ARG A 371 -2.72 44.23 -15.99
N SER A 372 -2.25 45.44 -15.64
CA SER A 372 -0.82 45.65 -15.48
C SER A 372 -0.26 44.96 -14.25
N LEU A 373 -1.10 44.61 -13.29
CA LEU A 373 -0.65 43.93 -12.08
C LEU A 373 -0.46 42.43 -12.27
N SER A 374 -0.94 41.88 -13.39
CA SER A 374 -0.81 40.45 -13.63
C SER A 374 0.59 40.12 -14.14
N ARG A 375 0.94 38.84 -14.01
CA ARG A 375 2.24 38.33 -14.47
C ARG A 375 2.12 37.41 -15.67
N LYS A 376 1.21 36.44 -15.63
CA LYS A 376 0.99 35.53 -16.74
C LYS A 376 -0.02 36.15 -17.70
N PHE A 377 0.39 36.36 -18.94
CA PHE A 377 -0.48 36.90 -19.98
C PHE A 377 -0.71 35.83 -21.05
N THR A 378 -1.97 35.49 -21.27
CA THR A 378 -2.32 34.54 -22.33
C THR A 378 -2.16 35.24 -23.67
N ASP A 379 -1.21 34.78 -24.47
CA ASP A 379 -0.98 35.41 -25.78
C ASP A 379 -2.12 35.10 -26.74
N TRP A 380 -2.52 33.83 -26.81
CA TRP A 380 -3.64 33.42 -27.65
C TRP A 380 -4.16 32.08 -27.13
N ALA A 381 -5.33 31.69 -27.64
CA ALA A 381 -5.94 30.43 -27.26
C ALA A 381 -6.78 29.93 -28.42
N TYR A 382 -6.53 28.70 -28.85
CA TYR A 382 -7.26 28.05 -29.94
C TYR A 382 -7.65 26.66 -29.45
N GLY A 383 -8.80 26.56 -28.77
CA GLY A 383 -9.23 25.32 -28.19
C GLY A 383 -8.34 24.88 -27.05
N PRO A 384 -7.93 23.62 -27.06
CA PRO A 384 -7.05 23.11 -25.99
C PRO A 384 -5.73 23.84 -25.88
N VAL A 385 -5.09 24.17 -27.01
CA VAL A 385 -3.77 24.78 -26.99
C VAL A 385 -3.91 26.27 -26.74
N SER A 386 -3.02 26.80 -25.90
CA SER A 386 -3.01 28.22 -25.58
C SER A 386 -1.58 28.62 -25.19
N SER A 387 -1.18 29.82 -25.59
CA SER A 387 0.15 30.34 -25.32
C SER A 387 0.07 31.39 -24.23
N SER A 388 0.83 31.19 -23.15
CA SER A 388 0.88 32.10 -22.03
C SER A 388 2.23 32.79 -21.99
N LEU A 389 2.22 34.12 -21.88
CA LEU A 389 3.45 34.93 -21.84
C LEU A 389 3.71 35.30 -20.38
N TYR A 390 4.44 34.44 -19.68
CA TYR A 390 4.83 34.72 -18.30
C TYR A 390 5.82 35.88 -18.26
N ASP A 391 5.75 36.65 -17.19
CA ASP A 391 6.59 37.84 -17.02
C ASP A 391 7.67 37.50 -16.00
N LEU A 392 8.82 37.06 -16.50
CA LEU A 392 9.99 36.81 -15.65
C LEU A 392 10.94 38.02 -15.60
N THR A 393 10.38 39.19 -15.33
CA THR A 393 11.20 40.40 -15.21
C THR A 393 12.00 40.43 -13.91
N ASN A 394 11.62 39.62 -12.92
CA ASN A 394 12.37 39.48 -11.69
C ASN A 394 12.66 38.04 -11.34
N VAL A 395 12.20 37.09 -12.15
CA VAL A 395 12.38 35.67 -11.89
C VAL A 395 13.65 35.14 -12.53
N ASP A 396 13.95 35.60 -13.75
CA ASP A 396 15.16 35.15 -14.45
C ASP A 396 16.41 35.64 -13.73
N THR A 397 17.49 34.85 -13.84
CA THR A 397 18.74 35.15 -13.16
C THR A 397 19.52 36.19 -13.97
N THR A 398 18.96 37.41 -14.01
CA THR A 398 19.62 38.53 -14.64
C THR A 398 20.02 39.62 -13.65
N THR A 399 19.52 39.58 -12.42
CA THR A 399 19.88 40.51 -11.38
C THR A 399 20.30 39.74 -10.14
N ASP A 400 20.79 40.48 -9.14
CA ASP A 400 21.24 39.86 -7.90
C ASP A 400 20.04 39.38 -7.08
N ASN A 401 20.14 38.13 -6.60
CA ASN A 401 19.10 37.50 -5.77
C ASN A 401 17.74 37.49 -6.49
N SER A 402 17.72 36.78 -7.62
CA SER A 402 16.47 36.60 -8.35
C SER A 402 15.61 35.53 -7.69
N VAL A 403 14.42 35.33 -8.23
CA VAL A 403 13.50 34.35 -7.66
C VAL A 403 14.03 32.93 -7.89
N LEU A 404 14.58 32.66 -9.07
CA LEU A 404 15.12 31.34 -9.36
C LEU A 404 16.35 31.05 -8.52
N GLU A 405 17.26 32.04 -8.40
CA GLU A 405 18.45 31.85 -7.59
C GLU A 405 18.10 31.65 -6.12
N ILE A 406 17.12 32.40 -5.63
CA ILE A 406 16.70 32.25 -4.23
C ILE A 406 16.05 30.89 -4.00
N THR A 407 15.15 30.48 -4.90
CA THR A 407 14.44 29.22 -4.71
C THR A 407 15.32 28.00 -4.97
N VAL A 408 16.52 28.18 -5.52
CA VAL A 408 17.47 27.09 -5.70
C VAL A 408 18.56 27.11 -4.64
N TYR A 409 19.13 28.27 -4.35
CA TYR A 409 20.24 28.38 -3.40
C TYR A 409 19.75 28.65 -1.98
N ASN A 410 18.81 27.84 -1.49
CA ASN A 410 18.25 27.99 -0.14
C ASN A 410 18.06 26.59 0.45
N THR A 411 19.07 26.12 1.18
CA THR A 411 19.02 24.80 1.80
C THR A 411 18.23 24.81 3.12
N ASN A 412 17.83 25.98 3.62
CA ASN A 412 17.15 26.03 4.91
C ASN A 412 15.67 25.67 4.78
N ILE A 413 15.15 25.59 3.57
CA ILE A 413 13.74 25.25 3.33
C ILE A 413 13.66 23.85 2.73
N ASP A 414 12.76 23.02 3.22
CA ASP A 414 12.58 21.71 2.59
C ASP A 414 11.56 21.82 1.47
N ASN A 415 10.75 22.87 1.50
CA ASN A 415 9.70 23.04 0.50
C ASN A 415 10.22 23.26 -0.92
N ARG A 416 11.53 23.18 -1.12
CA ARG A 416 12.09 23.28 -2.48
C ARG A 416 11.68 22.11 -3.35
N HIS A 417 11.14 21.04 -2.77
CA HIS A 417 10.81 19.85 -3.53
C HIS A 417 9.72 20.13 -4.56
N GLU A 418 8.63 20.75 -4.14
CA GLU A 418 7.51 21.04 -5.04
C GLU A 418 7.43 22.50 -5.46
N MET A 419 8.24 23.38 -4.88
CA MET A 419 8.21 24.79 -5.26
C MET A 419 8.91 25.04 -6.59
N LEU A 420 9.92 24.24 -6.93
CA LEU A 420 10.65 24.40 -8.17
C LEU A 420 9.88 23.92 -9.40
N THR A 421 8.71 23.31 -9.21
CA THR A 421 7.94 22.73 -10.31
C THR A 421 7.05 23.74 -11.01
N LEU A 422 7.04 25.00 -10.58
CA LEU A 422 6.22 26.00 -11.24
C LEU A 422 6.73 26.28 -12.64
N GLU A 423 5.79 26.69 -13.52
CA GLU A 423 6.11 26.85 -14.93
C GLU A 423 7.23 27.85 -15.21
N PRO A 424 7.24 29.09 -14.67
CA PRO A 424 8.34 30.00 -14.98
C PRO A 424 9.69 29.57 -14.43
N LEU A 425 9.72 28.59 -13.52
CA LEU A 425 10.97 28.01 -13.04
C LEU A 425 11.31 26.71 -13.75
N HIS A 426 10.33 25.82 -13.92
CA HIS A 426 10.58 24.52 -14.53
C HIS A 426 11.01 24.67 -15.99
N THR A 427 10.25 25.45 -16.77
CA THR A 427 10.59 25.62 -18.18
C THR A 427 11.85 26.46 -18.34
N LEU A 428 12.11 27.37 -17.42
CA LEU A 428 13.35 28.15 -17.47
C LEU A 428 14.56 27.24 -17.28
N LEU A 429 14.50 26.33 -16.31
CA LEU A 429 15.61 25.40 -16.08
C LEU A 429 15.76 24.44 -17.24
N HIS A 430 14.65 23.97 -17.81
CA HIS A 430 14.72 23.07 -18.96
C HIS A 430 15.37 23.75 -20.16
N MET A 431 14.95 24.98 -20.45
CA MET A 431 15.51 25.70 -21.60
C MET A 431 16.99 26.02 -21.39
N LYS A 432 17.36 26.41 -20.16
CA LYS A 432 18.75 26.70 -19.86
C LYS A 432 19.62 25.45 -20.01
N TRP A 433 19.12 24.30 -19.51
CA TRP A 433 19.86 23.06 -19.63
C TRP A 433 20.04 22.64 -21.09
N LYS A 434 19.00 22.83 -21.91
CA LYS A 434 19.07 22.48 -23.31
C LYS A 434 19.72 23.55 -24.17
N LYS A 435 20.12 24.68 -23.58
CA LYS A 435 20.79 25.73 -24.33
C LYS A 435 22.29 25.77 -24.07
N PHE A 436 22.73 25.88 -22.80
CA PHE A 436 24.15 26.06 -22.56
C PHE A 436 24.69 25.14 -21.47
N ALA A 437 23.83 24.65 -20.58
CA ALA A 437 24.31 23.81 -19.49
C ALA A 437 24.72 22.43 -19.99
N LYS A 438 24.09 21.93 -21.05
CA LYS A 438 24.45 20.63 -21.59
C LYS A 438 25.85 20.66 -22.18
N HIS A 439 26.17 21.71 -22.95
CA HIS A 439 27.48 21.83 -23.57
C HIS A 439 28.57 22.11 -22.55
N MET A 440 28.24 22.72 -21.41
CA MET A 440 29.21 22.96 -20.37
C MET A 440 29.32 21.82 -19.37
N PHE A 441 28.39 20.87 -19.40
CA PHE A 441 28.49 19.67 -18.58
C PHE A 441 29.22 18.55 -19.31
N PHE A 442 28.91 18.35 -20.59
CA PHE A 442 29.60 17.33 -21.37
C PHE A 442 31.08 17.67 -21.53
N LEU A 443 31.39 18.95 -21.78
CA LEU A 443 32.77 19.37 -21.90
C LEU A 443 33.53 19.18 -20.60
N SER A 444 32.91 19.52 -19.46
CA SER A 444 33.56 19.32 -18.17
C SER A 444 33.77 17.84 -17.87
N PHE A 445 32.78 17.00 -18.17
CA PHE A 445 32.92 15.58 -17.93
C PHE A 445 34.01 14.96 -18.80
N CYS A 446 34.05 15.34 -20.08
CA CYS A 446 35.05 14.77 -20.98
C CYS A 446 36.45 15.27 -20.64
N PHE A 447 36.57 16.54 -20.26
CA PHE A 447 37.88 17.06 -19.85
C PHE A 447 38.35 16.39 -18.56
N TYR A 448 37.45 16.18 -17.61
CA TYR A 448 37.82 15.48 -16.38
C TYR A 448 38.14 14.02 -16.65
N PHE A 449 37.44 13.39 -17.59
CA PHE A 449 37.76 12.01 -17.96
C PHE A 449 39.14 11.91 -18.58
N PHE A 450 39.48 12.86 -19.46
CA PHE A 450 40.82 12.89 -20.05
C PHE A 450 41.88 13.13 -18.99
N TYR A 451 41.59 14.02 -18.03
CA TYR A 451 42.51 14.28 -16.94
C TYR A 451 42.72 13.04 -16.07
N ASN A 452 41.63 12.31 -15.80
CA ASN A 452 41.73 11.14 -14.95
C ASN A 452 42.47 9.99 -15.63
N ILE A 453 42.20 9.77 -16.92
CA ILE A 453 42.91 8.71 -17.64
C ILE A 453 44.36 9.09 -17.87
N THR A 454 44.67 10.38 -18.03
CA THR A 454 46.06 10.81 -18.11
C THR A 454 46.78 10.56 -16.80
N LEU A 455 46.11 10.84 -15.67
CA LEU A 455 46.70 10.54 -14.37
C LEU A 455 46.88 9.04 -14.16
N THR A 456 45.98 8.23 -14.73
CA THR A 456 46.08 6.79 -14.57
C THR A 456 47.31 6.24 -15.28
N LEU A 457 47.48 6.57 -16.56
CA LEU A 457 48.64 6.10 -17.33
C LEU A 457 49.79 7.09 -17.30
N VAL A 458 50.14 7.55 -16.10
CA VAL A 458 51.33 8.37 -15.91
C VAL A 458 52.07 7.84 -14.68
N SER A 459 51.46 6.88 -14.00
CA SER A 459 52.04 6.30 -12.80
C SER A 459 52.18 4.79 -12.95
N TYR A 460 51.18 4.15 -13.57
CA TYR A 460 51.26 2.73 -13.85
C TYR A 460 52.23 2.43 -14.98
N TYR A 461 52.30 3.31 -15.97
CA TYR A 461 53.26 3.19 -17.07
C TYR A 461 54.55 3.95 -16.79
N ARG A 462 54.66 4.60 -15.64
CA ARG A 462 55.86 5.35 -15.31
C ARG A 462 57.03 4.40 -15.05
N PRO A 463 58.22 4.70 -15.57
CA PRO A 463 59.38 3.82 -15.35
C PRO A 463 59.75 3.74 -13.88
N ARG A 464 60.24 2.57 -13.49
CA ARG A 464 60.60 2.33 -12.09
C ARG A 464 62.09 1.98 -11.96
N LEU A 482 57.43 11.98 -28.04
CA LEU A 482 57.53 11.49 -26.67
C LEU A 482 56.21 11.66 -25.92
N GLN A 483 56.00 10.81 -24.92
CA GLN A 483 54.81 10.86 -24.09
C GLN A 483 55.06 11.56 -22.76
N LEU A 484 55.97 12.52 -22.75
CA LEU A 484 56.29 13.28 -21.54
C LEU A 484 55.26 14.36 -21.24
N LEU A 485 54.38 14.68 -22.18
CA LEU A 485 53.37 15.72 -21.97
C LEU A 485 52.33 15.33 -20.93
N GLY A 486 52.25 14.06 -20.54
CA GLY A 486 51.27 13.64 -19.57
C GLY A 486 51.58 14.02 -18.13
N ARG A 487 52.80 14.48 -17.85
CA ARG A 487 53.18 14.88 -16.51
C ARG A 487 52.83 16.33 -16.19
N MET A 488 52.42 17.12 -17.19
CA MET A 488 51.99 18.49 -16.97
C MET A 488 50.49 18.67 -17.11
N PHE A 489 49.80 17.80 -17.84
CA PHE A 489 48.35 17.87 -17.91
C PHE A 489 47.70 17.56 -16.58
N VAL A 490 48.37 16.77 -15.74
CA VAL A 490 47.90 16.50 -14.38
C VAL A 490 48.38 17.56 -13.40
N LEU A 491 49.37 18.37 -13.76
CA LEU A 491 49.92 19.37 -12.86
C LEU A 491 49.19 20.71 -12.97
N ILE A 492 49.04 21.22 -14.19
CA ILE A 492 48.39 22.52 -14.37
C ILE A 492 46.88 22.40 -14.15
N TRP A 493 46.32 21.20 -14.36
CA TRP A 493 44.90 21.01 -14.07
C TRP A 493 44.67 20.89 -12.58
N ALA A 494 45.62 20.29 -11.85
CA ALA A 494 45.53 20.28 -10.39
C ALA A 494 45.62 21.69 -9.82
N MET A 495 46.48 22.53 -10.39
CA MET A 495 46.51 23.93 -10.01
C MET A 495 45.20 24.64 -10.33
N CYS A 496 44.63 24.34 -11.51
CA CYS A 496 43.37 24.96 -11.90
C CYS A 496 42.24 24.59 -10.94
N ILE A 497 42.15 23.31 -10.56
CA ILE A 497 41.17 22.88 -9.57
C ILE A 497 41.45 23.52 -8.22
N SER A 498 42.72 23.57 -7.84
CA SER A 498 43.09 24.18 -6.57
C SER A 498 42.64 25.63 -6.51
N VAL A 499 42.58 26.29 -7.66
CA VAL A 499 42.17 27.69 -7.71
C VAL A 499 40.66 27.80 -7.65
N LYS A 500 39.97 27.18 -8.62
CA LYS A 500 38.51 27.36 -8.72
C LYS A 500 37.79 26.74 -7.52
N GLU A 501 38.22 25.56 -7.11
CA GLU A 501 37.63 24.96 -5.92
C GLU A 501 38.18 25.65 -4.68
N GLY A 502 39.46 25.98 -4.70
CA GLY A 502 40.07 26.59 -3.53
C GLY A 502 39.45 27.91 -3.12
N ILE A 503 38.81 28.61 -4.05
CA ILE A 503 38.09 29.82 -3.72
C ILE A 503 36.61 29.58 -3.45
N ALA A 504 36.04 28.50 -4.01
CA ALA A 504 34.63 28.19 -3.79
C ALA A 504 34.41 27.22 -2.63
N ILE A 505 35.48 26.74 -1.99
CA ILE A 505 35.32 25.80 -0.88
C ILE A 505 34.75 26.50 0.35
N PHE A 506 35.14 27.76 0.56
CA PHE A 506 34.77 28.49 1.77
C PHE A 506 33.74 29.59 1.54
N LEU A 507 33.51 30.00 0.29
CA LEU A 507 32.53 31.04 -0.01
C LEU A 507 31.13 30.43 -0.10
N LEU A 508 30.65 29.95 1.05
CA LEU A 508 29.32 29.38 1.16
C LEU A 508 28.84 29.53 2.59
N ARG A 509 27.52 29.46 2.76
CA ARG A 509 26.94 29.58 4.09
C ARG A 509 27.15 28.29 4.88
N PRO A 510 27.27 28.38 6.20
CA PRO A 510 27.38 27.15 7.02
C PRO A 510 26.14 26.28 6.98
N SER A 511 25.00 26.82 6.56
CA SER A 511 23.77 26.02 6.48
C SER A 511 23.85 24.95 5.39
N ASP A 512 24.78 25.09 4.45
CA ASP A 512 24.97 24.05 3.43
C ASP A 512 25.44 22.74 4.07
N LEU A 513 26.35 22.82 5.04
CA LEU A 513 26.81 21.65 5.76
C LEU A 513 25.79 21.12 6.74
N GLN A 514 24.76 21.90 7.08
CA GLN A 514 23.73 21.43 8.00
C GLN A 514 22.91 20.29 7.39
N SER A 515 22.61 20.38 6.10
CA SER A 515 21.86 19.35 5.42
C SER A 515 22.77 18.17 5.07
N ILE A 516 22.20 17.17 4.40
CA ILE A 516 22.93 15.96 4.02
C ILE A 516 23.50 16.07 2.62
N LEU A 517 22.71 16.55 1.65
CA LEU A 517 23.13 16.69 0.27
C LEU A 517 22.89 18.13 -0.16
N SER A 518 23.96 18.93 -0.22
CA SER A 518 23.87 20.31 -0.67
C SER A 518 25.04 20.68 -1.57
N ASP A 519 25.60 19.69 -2.28
CA ASP A 519 26.75 19.88 -3.17
C ASP A 519 27.95 20.46 -2.43
N ALA A 520 28.09 20.13 -1.15
CA ALA A 520 29.21 20.60 -0.33
C ALA A 520 30.22 19.52 -0.02
N TRP A 521 29.78 18.26 0.12
CA TRP A 521 30.72 17.17 0.35
C TRP A 521 31.57 16.90 -0.89
N PHE A 522 30.99 17.07 -2.08
CA PHE A 522 31.75 16.88 -3.30
C PHE A 522 32.83 17.92 -3.47
N HIS A 523 32.62 19.12 -2.92
CA HIS A 523 33.69 20.11 -2.86
C HIS A 523 34.84 19.60 -2.00
N PHE A 524 34.53 18.95 -0.89
CA PHE A 524 35.57 18.36 -0.05
C PHE A 524 36.35 17.28 -0.81
N VAL A 525 35.64 16.41 -1.53
CA VAL A 525 36.30 15.30 -2.22
C VAL A 525 37.20 15.83 -3.33
N PHE A 526 36.71 16.78 -4.13
CA PHE A 526 37.52 17.34 -5.21
C PHE A 526 38.73 18.10 -4.66
N PHE A 527 38.54 18.84 -3.57
CA PHE A 527 39.66 19.57 -2.98
C PHE A 527 40.72 18.62 -2.44
N ILE A 528 40.28 17.54 -1.79
CA ILE A 528 41.23 16.55 -1.28
C ILE A 528 42.00 15.90 -2.42
N GLN A 529 41.31 15.57 -3.52
CA GLN A 529 41.99 14.95 -4.66
C GLN A 529 43.04 15.87 -5.25
N ALA A 530 42.69 17.14 -5.46
CA ALA A 530 43.65 18.10 -6.01
C ALA A 530 44.81 18.34 -5.05
N VAL A 531 44.53 18.44 -3.75
CA VAL A 531 45.58 18.65 -2.76
C VAL A 531 46.51 17.45 -2.72
N LEU A 532 45.96 16.24 -2.80
CA LEU A 532 46.80 15.05 -2.81
C LEU A 532 47.70 15.01 -4.03
N VAL A 533 47.18 15.42 -5.19
CA VAL A 533 47.98 15.42 -6.41
C VAL A 533 49.15 16.38 -6.28
N ILE A 534 48.89 17.61 -5.86
CA ILE A 534 49.96 18.61 -5.80
C ILE A 534 50.96 18.29 -4.70
N LEU A 535 50.47 17.78 -3.56
CA LEU A 535 51.37 17.44 -2.47
C LEU A 535 52.26 16.25 -2.84
N SER A 536 51.70 15.27 -3.54
CA SER A 536 52.51 14.13 -3.99
C SER A 536 53.53 14.55 -5.03
N VAL A 537 53.16 15.46 -5.93
CA VAL A 537 54.11 15.94 -6.94
C VAL A 537 55.26 16.69 -6.27
N PHE A 538 54.94 17.56 -5.32
CA PHE A 538 55.99 18.31 -4.62
C PHE A 538 56.84 17.39 -3.75
N LEU A 539 56.24 16.35 -3.17
CA LEU A 539 57.01 15.35 -2.44
C LEU A 539 57.95 14.60 -3.37
N TYR A 540 57.49 14.27 -4.57
CA TYR A 540 58.31 13.55 -5.53
C TYR A 540 59.49 14.39 -6.00
N LEU A 541 59.27 15.71 -6.16
CA LEU A 541 60.28 16.55 -6.80
C LEU A 541 61.44 16.85 -5.84
N PHE A 542 61.13 17.40 -4.67
CA PHE A 542 62.18 18.02 -3.86
C PHE A 542 62.95 17.00 -3.03
N ALA A 543 62.30 16.39 -2.02
CA ALA A 543 63.02 15.60 -1.04
C ALA A 543 62.52 14.17 -0.92
N TYR A 544 61.21 13.98 -0.74
CA TYR A 544 60.68 12.71 -0.26
C TYR A 544 60.56 11.69 -1.40
N LYS A 545 60.19 10.47 -1.04
CA LYS A 545 59.97 9.38 -1.97
C LYS A 545 58.59 8.76 -1.78
N GLU A 546 57.65 9.54 -1.25
CA GLU A 546 56.28 9.08 -1.05
C GLU A 546 55.39 9.30 -2.27
N TYR A 547 55.98 9.32 -3.46
CA TYR A 547 55.26 9.57 -4.71
C TYR A 547 54.34 8.42 -5.09
N LEU A 548 54.41 7.27 -4.42
CA LEU A 548 53.43 6.21 -4.59
C LEU A 548 52.62 5.95 -3.32
N ALA A 549 52.62 6.88 -2.36
CA ALA A 549 51.80 6.74 -1.16
C ALA A 549 50.60 7.68 -1.19
N CYS A 550 50.84 8.98 -1.38
CA CYS A 550 49.76 9.95 -1.49
C CYS A 550 49.24 10.11 -2.91
N LEU A 551 49.94 9.54 -3.88
CA LEU A 551 49.54 9.65 -5.27
C LEU A 551 48.65 8.49 -5.68
N VAL A 552 48.95 7.30 -5.17
CA VAL A 552 48.08 6.17 -5.47
C VAL A 552 46.64 6.49 -5.10
N LEU A 553 46.46 7.20 -3.99
CA LEU A 553 45.13 7.67 -3.61
C LEU A 553 44.58 8.70 -4.57
N ALA A 554 45.43 9.31 -5.42
CA ALA A 554 44.95 10.32 -6.35
C ALA A 554 44.03 9.69 -7.40
N MET A 555 44.42 8.55 -7.98
CA MET A 555 43.49 7.86 -8.85
C MET A 555 42.50 7.00 -8.07
N ALA A 556 42.80 6.63 -6.83
CA ALA A 556 41.82 5.92 -6.02
C ALA A 556 40.60 6.80 -5.75
N LEU A 557 40.82 8.09 -5.51
CA LEU A 557 39.72 9.04 -5.33
C LEU A 557 39.30 9.71 -6.63
N GLY A 558 40.21 9.84 -7.59
CA GLY A 558 39.86 10.48 -8.85
C GLY A 558 38.88 9.66 -9.67
N TRP A 559 39.07 8.34 -9.71
CA TRP A 559 38.12 7.48 -10.38
C TRP A 559 36.83 7.28 -9.60
N ALA A 560 36.81 7.67 -8.33
CA ALA A 560 35.58 7.72 -7.55
C ALA A 560 34.82 9.02 -7.76
N ASN A 561 35.40 9.98 -8.49
CA ASN A 561 34.73 11.23 -8.81
C ASN A 561 33.99 11.17 -10.14
N MET A 562 34.24 10.14 -10.95
CA MET A 562 33.48 9.98 -12.20
C MET A 562 32.03 9.60 -11.92
N LEU A 563 31.76 9.06 -10.73
CA LEU A 563 30.38 8.79 -10.34
C LEU A 563 29.59 10.07 -10.16
N TYR A 564 30.26 11.17 -9.81
CA TYR A 564 29.58 12.44 -9.60
C TYR A 564 29.00 12.99 -10.90
N TYR A 565 29.70 12.79 -12.02
CA TYR A 565 29.27 13.34 -13.30
C TYR A 565 28.12 12.56 -13.93
N THR A 566 27.49 11.65 -13.19
CA THR A 566 26.33 10.92 -13.69
C THR A 566 25.03 11.69 -13.56
N ARG A 567 25.08 12.93 -13.04
CA ARG A 567 23.88 13.75 -12.92
C ARG A 567 23.29 14.14 -14.27
N GLY A 568 24.09 14.06 -15.34
CA GLY A 568 23.57 14.37 -16.67
C GLY A 568 22.55 13.38 -17.17
N PHE A 569 22.71 12.10 -16.87
CA PHE A 569 21.74 11.09 -17.23
C PHE A 569 20.60 11.07 -16.21
N GLN A 570 19.38 10.88 -16.72
CA GLN A 570 18.22 10.74 -15.84
C GLN A 570 18.26 9.41 -15.09
N SER A 571 18.52 8.32 -15.80
CA SER A 571 18.52 7.01 -15.16
C SER A 571 19.74 6.82 -14.26
N MET A 572 20.94 7.12 -14.77
CA MET A 572 22.14 6.99 -13.96
C MET A 572 22.14 7.98 -12.80
N GLY A 573 21.66 9.20 -13.04
CA GLY A 573 21.52 10.16 -11.95
C GLY A 573 20.52 9.71 -10.91
N MET A 574 19.45 9.02 -11.32
CA MET A 574 18.52 8.44 -10.37
C MET A 574 19.19 7.37 -9.52
N TYR A 575 20.04 6.55 -10.15
CA TYR A 575 20.75 5.50 -9.41
C TYR A 575 21.85 6.05 -8.52
N SER A 576 22.37 7.24 -8.81
CA SER A 576 23.55 7.76 -8.12
C SER A 576 23.24 8.59 -6.88
N VAL A 577 21.96 8.76 -6.53
CA VAL A 577 21.61 9.61 -5.38
C VAL A 577 21.53 8.80 -4.09
N MET A 578 20.89 7.63 -4.10
CA MET A 578 20.83 6.84 -2.88
C MET A 578 22.15 6.15 -2.59
N ILE A 579 23.10 6.17 -3.52
CA ILE A 579 24.46 5.75 -3.20
C ILE A 579 25.02 6.61 -2.07
N GLN A 580 24.84 7.92 -2.17
CA GLN A 580 25.25 8.82 -1.10
C GLN A 580 24.30 8.73 0.10
N LYS A 581 22.99 8.62 -0.17
CA LYS A 581 22.01 8.64 0.91
C LYS A 581 22.16 7.45 1.84
N VAL A 582 22.34 6.25 1.29
CA VAL A 582 22.41 5.05 2.13
C VAL A 582 23.69 5.06 2.96
N ILE A 583 24.80 5.52 2.39
CA ILE A 583 26.03 5.65 3.16
C ILE A 583 25.87 6.65 4.29
N LEU A 584 25.26 7.81 3.99
CA LEU A 584 25.12 8.85 5.00
C LEU A 584 24.06 8.54 6.04
N HIS A 585 23.21 7.54 5.82
CA HIS A 585 22.14 7.23 6.76
C HIS A 585 22.26 5.86 7.41
N ASP A 586 22.41 4.81 6.63
CA ASP A 586 22.26 3.44 7.12
C ASP A 586 23.57 2.69 7.31
N VAL A 587 24.55 2.87 6.42
CA VAL A 587 25.77 2.07 6.47
C VAL A 587 26.57 2.39 7.73
N LEU A 588 26.69 3.68 8.07
CA LEU A 588 27.44 4.05 9.27
C LEU A 588 26.75 3.56 10.54
N LYS A 589 25.43 3.37 10.50
CA LYS A 589 24.73 2.79 11.64
C LYS A 589 25.25 1.38 11.93
N PHE A 590 25.34 0.54 10.91
CA PHE A 590 25.89 -0.80 11.10
C PHE A 590 27.39 -0.75 11.34
N LEU A 591 28.09 0.22 10.76
CA LEU A 591 29.53 0.34 10.95
C LEU A 591 29.89 0.61 12.40
N PHE A 592 29.10 1.45 13.07
CA PHE A 592 29.36 1.73 14.49
C PHE A 592 29.22 0.48 15.34
N VAL A 593 28.12 -0.27 15.14
CA VAL A 593 27.90 -1.47 15.93
C VAL A 593 28.90 -2.55 15.57
N TYR A 594 29.28 -2.64 14.30
CA TYR A 594 30.25 -3.66 13.88
C TYR A 594 31.64 -3.35 14.42
N ILE A 595 31.99 -2.06 14.50
CA ILE A 595 33.26 -1.68 15.11
C ILE A 595 33.24 -1.98 16.61
N VAL A 596 32.11 -1.75 17.26
CA VAL A 596 31.98 -2.07 18.68
C VAL A 596 32.11 -3.58 18.90
N PHE A 597 31.47 -4.37 18.04
CA PHE A 597 31.57 -5.82 18.14
C PHE A 597 32.98 -6.31 17.84
N LEU A 598 33.64 -5.67 16.86
CA LEU A 598 35.01 -6.04 16.53
C LEU A 598 35.97 -5.71 17.67
N LEU A 599 35.77 -4.56 18.31
CA LEU A 599 36.63 -4.16 19.41
C LEU A 599 36.42 -5.05 20.62
N GLY A 600 35.17 -5.37 20.94
CA GLY A 600 34.89 -6.22 22.09
C GLY A 600 35.39 -7.64 21.90
N PHE A 601 35.14 -8.22 20.73
CA PHE A 601 35.59 -9.58 20.46
C PHE A 601 37.09 -9.62 20.17
N GLY A 602 37.65 -8.52 19.67
CA GLY A 602 39.07 -8.50 19.36
C GLY A 602 39.95 -8.62 20.59
N VAL A 603 39.62 -7.86 21.65
CA VAL A 603 40.41 -7.92 22.87
C VAL A 603 40.14 -9.22 23.63
N ALA A 604 38.97 -9.81 23.45
CA ALA A 604 38.65 -11.06 24.12
C ALA A 604 39.40 -12.23 23.51
N LEU A 605 39.39 -12.34 22.18
CA LEU A 605 40.04 -13.48 21.52
C LEU A 605 41.56 -13.37 21.56
N ALA A 606 42.11 -12.15 21.51
CA ALA A 606 43.55 -11.99 21.59
C ALA A 606 44.08 -12.44 22.96
N SER A 607 43.35 -12.11 24.02
CA SER A 607 43.74 -12.55 25.37
C SER A 607 43.35 -13.99 25.63
N LEU A 608 42.44 -14.57 24.84
CA LEU A 608 42.00 -15.94 25.08
C LEU A 608 43.06 -16.95 24.67
N ILE A 609 43.95 -16.59 23.74
CA ILE A 609 44.97 -17.53 23.30
C ILE A 609 46.02 -17.72 24.39
N GLU A 610 46.75 -18.83 24.27
CA GLU A 610 47.93 -19.04 25.11
C GLU A 610 49.11 -18.30 24.51
N LYS A 611 49.74 -17.45 25.32
CA LYS A 611 50.88 -16.66 24.85
C LYS A 611 52.04 -17.60 24.56
N CYS A 612 52.46 -17.64 23.29
CA CYS A 612 53.46 -18.61 22.87
C CYS A 612 54.82 -18.28 23.48
N PRO A 613 55.61 -19.29 23.85
CA PRO A 613 56.96 -19.04 24.38
C PRO A 613 57.98 -18.80 23.28
N LYS A 614 57.51 -18.44 22.10
CA LYS A 614 58.29 -18.22 20.88
C LYS A 614 58.89 -19.50 20.33
N ASP A 615 58.38 -20.66 20.76
CA ASP A 615 58.69 -21.91 20.07
C ASP A 615 58.13 -21.89 18.65
N ASN A 616 56.91 -21.37 18.50
CA ASN A 616 56.33 -21.10 17.19
C ASN A 616 56.30 -19.59 17.01
N LYS A 617 56.90 -19.11 15.90
CA LYS A 617 57.02 -17.67 15.69
C LYS A 617 55.65 -17.05 15.42
N ASP A 618 54.97 -17.48 14.37
CA ASP A 618 53.61 -17.03 14.06
C ASP A 618 52.64 -17.94 14.83
N CYS A 619 52.48 -17.64 16.11
CA CYS A 619 51.73 -18.49 17.03
C CYS A 619 50.27 -18.05 17.07
N SER A 620 49.36 -19.01 16.88
CA SER A 620 47.93 -18.90 17.13
C SER A 620 47.19 -18.02 16.12
N SER A 621 47.93 -17.28 15.29
CA SER A 621 47.39 -16.39 14.26
C SER A 621 46.49 -15.29 14.84
N TYR A 622 46.38 -15.22 16.16
CA TYR A 622 45.62 -14.20 16.88
C TYR A 622 46.48 -13.59 17.96
N GLY A 623 47.76 -13.36 17.66
CA GLY A 623 48.70 -12.94 18.70
C GLY A 623 48.38 -11.57 19.27
N SER A 624 48.06 -10.62 18.40
CA SER A 624 47.80 -9.25 18.80
C SER A 624 46.33 -8.92 18.61
N PHE A 625 45.93 -7.75 19.16
CA PHE A 625 44.58 -7.26 18.97
C PHE A 625 44.29 -6.95 17.51
N SER A 626 45.26 -6.36 16.80
CA SER A 626 45.09 -6.06 15.39
C SER A 626 44.96 -7.33 14.56
N ASP A 627 45.75 -8.37 14.90
CA ASP A 627 45.65 -9.63 14.19
C ASP A 627 44.29 -10.29 14.41
N ALA A 628 43.78 -10.24 15.64
CA ALA A 628 42.47 -10.80 15.93
C ALA A 628 41.37 -10.04 15.19
N VAL A 629 41.47 -8.72 15.13
CA VAL A 629 40.48 -7.92 14.41
C VAL A 629 40.51 -8.25 12.91
N LEU A 630 41.72 -8.37 12.35
CA LEU A 630 41.84 -8.71 10.93
C LEU A 630 41.26 -10.09 10.64
N GLU A 631 41.55 -11.06 11.51
CA GLU A 631 41.01 -12.41 11.31
C GLU A 631 39.49 -12.44 11.44
N LEU A 632 38.94 -11.67 12.39
CA LEU A 632 37.49 -11.67 12.56
C LEU A 632 36.79 -11.00 11.37
N PHE A 633 37.36 -9.90 10.86
CA PHE A 633 36.77 -9.28 9.67
C PHE A 633 36.89 -10.19 8.45
N LYS A 634 38.02 -10.92 8.35
CA LYS A 634 38.16 -11.89 7.27
C LYS A 634 37.12 -12.99 7.37
N LEU A 635 36.86 -13.47 8.59
CA LEU A 635 35.82 -14.48 8.78
C LEU A 635 34.43 -13.93 8.45
N THR A 636 34.22 -12.63 8.67
CA THR A 636 32.92 -12.03 8.38
C THR A 636 32.61 -12.08 6.89
N ILE A 637 33.60 -11.81 6.04
CA ILE A 637 33.38 -11.75 4.59
C ILE A 637 33.58 -13.13 3.98
N GLY A 638 33.63 -14.16 4.82
CA GLY A 638 33.71 -15.54 4.33
C GLY A 638 35.01 -15.89 3.62
N LEU A 639 36.15 -15.48 4.18
CA LEU A 639 37.46 -15.81 3.61
C LEU A 639 38.43 -15.91 4.78
N GLY A 640 38.88 -17.12 5.08
CA GLY A 640 39.79 -17.33 6.18
C GLY A 640 39.84 -18.80 6.57
N ASP A 641 39.78 -19.02 7.88
CA ASP A 641 39.80 -20.36 8.45
C ASP A 641 39.06 -20.36 9.78
N LEU A 642 38.37 -21.46 10.08
CA LEU A 642 37.66 -21.66 11.33
C LEU A 642 38.19 -22.91 12.03
N ASN A 643 39.52 -23.02 12.11
CA ASN A 643 40.13 -24.19 12.72
C ASN A 643 39.93 -24.17 14.24
N ILE A 644 39.61 -25.34 14.80
CA ILE A 644 39.38 -25.43 16.23
C ILE A 644 40.68 -25.26 17.01
N GLN A 645 41.75 -25.92 16.55
CA GLN A 645 43.03 -25.87 17.25
C GLN A 645 43.73 -24.56 16.90
N GLN A 646 43.64 -23.59 17.81
CA GLN A 646 44.28 -22.29 17.63
C GLN A 646 45.35 -22.03 18.68
N ASN A 647 45.88 -23.08 19.31
CA ASN A 647 46.91 -23.00 20.35
C ASN A 647 46.44 -22.08 21.48
N SER A 648 45.42 -22.56 22.18
CA SER A 648 44.79 -21.81 23.27
C SER A 648 44.67 -22.70 24.50
N LYS A 649 44.48 -22.06 25.64
CA LYS A 649 44.24 -22.80 26.89
C LYS A 649 42.81 -23.34 26.94
N TYR A 650 41.88 -22.67 26.28
CA TYR A 650 40.48 -23.11 26.20
C TYR A 650 40.02 -23.09 24.74
N PRO A 651 40.23 -24.20 24.02
CA PRO A 651 39.74 -24.14 22.64
C PRO A 651 38.23 -23.95 22.54
N ILE A 652 37.44 -24.59 23.40
CA ILE A 652 35.99 -24.50 23.25
C ILE A 652 35.46 -23.09 23.50
N LEU A 653 36.03 -22.37 24.46
CA LEU A 653 35.65 -20.98 24.69
C LEU A 653 35.97 -20.09 23.50
N PHE A 654 37.12 -20.32 22.86
CA PHE A 654 37.43 -19.63 21.60
C PHE A 654 36.40 -19.99 20.53
N LEU A 655 36.03 -21.27 20.45
CA LEU A 655 34.99 -21.68 19.51
C LEU A 655 33.66 -21.04 19.85
N PHE A 656 33.32 -20.97 21.14
CA PHE A 656 32.06 -20.35 21.56
C PHE A 656 32.02 -18.88 21.14
N LEU A 657 33.12 -18.15 21.38
CA LEU A 657 33.16 -16.74 21.01
C LEU A 657 33.10 -16.56 19.49
N LEU A 658 33.75 -17.44 18.74
CA LEU A 658 33.69 -17.34 17.28
C LEU A 658 32.28 -17.58 16.76
N ILE A 659 31.60 -18.60 17.30
CA ILE A 659 30.25 -18.92 16.83
C ILE A 659 29.28 -17.80 17.15
N THR A 660 29.35 -17.28 18.38
CA THR A 660 28.44 -16.20 18.74
C THR A 660 28.78 -14.89 18.02
N TYR A 661 30.04 -14.72 17.62
CA TYR A 661 30.40 -13.56 16.79
C TYR A 661 29.77 -13.68 15.41
N VAL A 662 29.79 -14.88 14.82
CA VAL A 662 29.17 -15.07 13.51
C VAL A 662 27.67 -14.87 13.60
N ILE A 663 27.03 -15.37 14.67
CA ILE A 663 25.59 -15.21 14.82
C ILE A 663 25.22 -13.74 15.00
N LEU A 664 25.98 -13.02 15.83
CA LEU A 664 25.71 -11.60 16.04
C LEU A 664 25.95 -10.80 14.77
N THR A 665 26.99 -11.15 14.01
CA THR A 665 27.24 -10.47 12.74
C THR A 665 26.12 -10.73 11.74
N PHE A 666 25.60 -11.96 11.72
CA PHE A 666 24.49 -12.29 10.82
C PHE A 666 23.24 -11.48 11.17
N VAL A 667 22.93 -11.35 12.47
CA VAL A 667 21.79 -10.54 12.89
C VAL A 667 22.02 -9.08 12.52
N LEU A 668 23.24 -8.58 12.74
CA LEU A 668 23.55 -7.19 12.41
C LEU A 668 23.41 -6.94 10.91
N LEU A 669 23.85 -7.89 10.09
CA LEU A 669 23.73 -7.74 8.64
C LEU A 669 22.27 -7.81 8.19
N LEU A 670 21.44 -8.63 8.86
CA LEU A 670 20.02 -8.69 8.53
C LEU A 670 19.34 -7.35 8.81
N ASN A 671 19.71 -6.69 9.91
CA ASN A 671 19.12 -5.39 10.22
C ASN A 671 19.52 -4.30 9.23
N MET A 672 20.55 -4.52 8.41
CA MET A 672 20.85 -3.58 7.34
C MET A 672 19.72 -3.53 6.31
N LEU A 673 19.28 -4.70 5.84
CA LEU A 673 18.12 -4.72 4.95
C LEU A 673 16.88 -4.20 5.66
N ILE A 674 16.77 -4.44 6.97
CA ILE A 674 15.60 -3.97 7.71
C ILE A 674 15.54 -2.45 7.77
N ALA A 675 16.68 -1.80 8.01
CA ALA A 675 16.72 -0.34 7.99
C ALA A 675 16.41 0.20 6.60
N LEU A 676 16.87 -0.50 5.56
CA LEU A 676 16.50 -0.16 4.20
C LEU A 676 14.98 -0.16 4.04
N MET A 677 14.32 -1.21 4.52
CA MET A 677 12.86 -1.24 4.50
C MET A 677 12.25 -0.06 5.27
N GLY A 678 12.84 0.31 6.39
CA GLY A 678 12.34 1.41 7.18
C GLY A 678 12.46 2.79 6.57
N GLU A 679 13.27 2.96 5.51
CA GLU A 679 13.43 4.31 4.97
C GLU A 679 13.02 4.47 3.50
N THR A 680 13.30 3.49 2.64
CA THR A 680 12.97 3.66 1.23
C THR A 680 11.46 3.58 0.98
N VAL A 681 10.79 2.58 1.56
CA VAL A 681 9.44 2.23 1.12
C VAL A 681 8.38 3.28 1.43
N GLU A 682 8.71 4.32 2.21
CA GLU A 682 7.74 5.36 2.49
C GLU A 682 7.80 6.49 1.46
N ASN A 683 9.01 6.89 1.07
CA ASN A 683 9.18 8.01 0.16
C ASN A 683 9.76 7.55 -1.17
N VAL A 684 9.25 6.45 -1.70
CA VAL A 684 9.68 5.97 -3.00
C VAL A 684 9.28 6.95 -4.08
N SER A 685 10.14 7.09 -5.10
CA SER A 685 9.94 8.03 -6.22
C SER A 685 9.83 9.47 -5.76
N LYS A 686 10.24 9.78 -4.53
CA LYS A 686 10.22 11.14 -4.01
C LYS A 686 11.53 11.57 -3.36
N GLU A 687 12.32 10.64 -2.83
CA GLU A 687 13.64 10.97 -2.30
C GLU A 687 14.76 10.60 -3.26
N SER A 688 14.43 10.08 -4.45
CA SER A 688 15.43 9.69 -5.43
C SER A 688 15.62 10.73 -6.53
N GLU A 689 14.58 10.99 -7.33
CA GLU A 689 14.72 11.88 -8.47
C GLU A 689 14.33 13.32 -8.19
N ARG A 690 13.57 13.57 -7.12
CA ARG A 690 13.21 14.95 -6.81
C ARG A 690 14.41 15.74 -6.29
N ILE A 691 15.22 15.13 -5.44
CA ILE A 691 16.46 15.77 -5.00
C ILE A 691 17.47 15.82 -6.15
N TRP A 692 17.45 14.83 -7.04
CA TRP A 692 18.31 14.85 -8.21
C TRP A 692 17.99 16.03 -9.12
N ARG A 693 16.70 16.34 -9.25
CA ARG A 693 16.29 17.51 -10.03
C ARG A 693 16.80 18.80 -9.39
N LEU A 694 16.80 18.86 -8.06
CA LEU A 694 17.37 20.01 -7.36
C LEU A 694 18.87 20.10 -7.61
N GLN A 695 19.56 18.96 -7.62
CA GLN A 695 20.98 18.96 -7.93
C GLN A 695 21.24 19.42 -9.36
N ARG A 696 20.41 18.98 -10.30
CA ARG A 696 20.55 19.41 -11.69
C ARG A 696 20.31 20.91 -11.81
N ALA A 697 19.29 21.43 -11.12
CA ALA A 697 19.02 22.86 -11.16
C ALA A 697 20.16 23.66 -10.55
N ARG A 698 20.75 23.16 -9.47
CA ARG A 698 21.90 23.82 -8.87
C ARG A 698 23.10 23.79 -9.82
N THR A 699 23.27 22.68 -10.55
CA THR A 699 24.35 22.60 -11.53
C THR A 699 24.15 23.61 -12.66
N ILE A 700 22.92 23.77 -13.13
CA ILE A 700 22.63 24.76 -14.16
C ILE A 700 22.90 26.16 -13.65
N LEU A 701 22.48 26.45 -12.41
CA LEU A 701 22.72 27.77 -11.83
C LEU A 701 24.22 28.02 -11.62
N GLU A 702 24.98 26.98 -11.26
CA GLU A 702 26.42 27.13 -11.10
C GLU A 702 27.11 27.35 -12.44
N PHE A 703 26.59 26.76 -13.51
CA PHE A 703 27.20 26.94 -14.83
C PHE A 703 27.02 28.37 -15.34
N GLU A 704 26.01 29.09 -14.85
CA GLU A 704 25.84 30.48 -15.25
C GLU A 704 26.94 31.37 -14.70
N LYS A 705 27.46 31.04 -13.52
CA LYS A 705 28.50 31.84 -12.89
C LYS A 705 29.87 31.66 -13.54
N MET A 706 30.08 30.54 -14.24
CA MET A 706 31.38 30.24 -14.85
C MET A 706 31.45 30.70 -16.30
N LEU A 707 30.67 31.71 -16.67
CA LEU A 707 30.73 32.26 -18.01
C LEU A 707 30.78 33.78 -17.86
N PRO A 708 31.35 34.49 -18.84
CA PRO A 708 31.52 35.93 -18.71
C PRO A 708 30.31 36.70 -19.24
N GLU A 709 30.41 38.03 -19.15
CA GLU A 709 29.28 38.90 -19.46
C GLU A 709 28.87 38.78 -20.93
N TRP A 710 29.85 38.74 -21.84
CA TRP A 710 29.54 38.68 -23.26
C TRP A 710 28.81 37.39 -23.65
N LEU A 711 28.95 36.33 -22.85
CA LEU A 711 28.25 35.08 -23.12
C LEU A 711 26.81 35.10 -22.61
N ARG A 712 26.42 36.11 -21.84
CA ARG A 712 25.04 36.22 -21.35
C ARG A 712 24.15 36.95 -22.36
N SER A 713 24.21 36.50 -23.62
CA SER A 713 23.33 37.01 -24.67
C SER A 713 22.20 36.03 -24.97
N ARG A 714 21.99 35.04 -24.10
CA ARG A 714 20.98 34.01 -24.27
C ARG A 714 19.78 34.27 -23.35
N PHE A 715 19.42 35.53 -23.19
CA PHE A 715 18.28 35.91 -22.36
C PHE A 715 16.98 35.52 -23.07
N ARG A 716 15.86 35.84 -22.41
CA ARG A 716 14.56 35.41 -22.90
C ARG A 716 14.07 36.35 -24.00
N MET A 717 12.82 36.22 -24.39
CA MET A 717 12.29 36.85 -25.59
C MET A 717 11.36 38.01 -25.23
N GLY A 718 10.69 38.54 -26.26
CA GLY A 718 9.71 39.61 -26.13
C GLY A 718 10.25 41.02 -26.25
N GLU A 719 10.85 41.55 -25.18
CA GLU A 719 11.23 42.96 -25.09
C GLU A 719 10.11 43.85 -25.64
N LEU A 720 8.93 43.67 -25.04
CA LEU A 720 7.68 44.11 -25.67
C LEU A 720 7.44 45.60 -25.53
N CYS A 721 7.29 46.08 -24.29
CA CYS A 721 6.81 47.44 -24.01
C CYS A 721 5.47 47.71 -24.71
N LYS A 722 4.65 46.67 -24.81
CA LYS A 722 3.34 46.72 -25.44
C LYS A 722 2.23 46.18 -24.55
N VAL A 723 2.52 45.17 -23.73
CA VAL A 723 1.54 44.62 -22.81
C VAL A 723 1.12 45.61 -21.75
N ALA A 724 2.00 46.52 -21.35
CA ALA A 724 1.70 47.52 -20.35
C ALA A 724 2.36 48.84 -20.74
N GLU A 725 1.94 49.91 -20.07
CA GLU A 725 2.44 51.25 -20.42
C GLU A 725 3.93 51.37 -20.14
N ASP A 726 4.41 50.81 -19.02
CA ASP A 726 5.81 50.92 -18.66
C ASP A 726 6.65 50.01 -19.56
N ASP A 727 7.97 50.18 -19.45
CA ASP A 727 8.93 49.43 -20.26
C ASP A 727 8.98 48.00 -19.77
N PHE A 728 8.22 47.11 -20.41
CA PHE A 728 8.24 45.70 -20.04
C PHE A 728 9.56 45.08 -20.48
N ARG A 729 10.21 44.37 -19.56
CA ARG A 729 11.58 43.91 -19.82
C ARG A 729 11.60 42.62 -20.64
N LEU A 730 11.12 41.53 -20.07
CA LEU A 730 11.22 40.22 -20.71
C LEU A 730 9.90 39.47 -20.58
N CYS A 731 9.79 38.38 -21.33
CA CYS A 731 8.64 37.49 -21.25
C CYS A 731 9.05 36.12 -21.75
N LEU A 732 8.26 35.11 -21.39
CA LEU A 732 8.52 33.72 -21.75
C LEU A 732 7.23 33.06 -22.20
N ARG A 733 7.28 32.32 -23.30
CA ARG A 733 6.11 31.68 -23.88
C ARG A 733 6.03 30.22 -23.44
N ILE A 734 4.87 29.82 -22.93
CA ILE A 734 4.60 28.45 -22.50
C ILE A 734 3.26 28.01 -23.09
N ASN A 735 3.23 26.82 -23.67
CA ASN A 735 2.03 26.28 -24.30
C ASN A 735 1.49 25.12 -23.46
N GLU A 736 0.17 24.97 -23.46
CA GLU A 736 -0.50 23.95 -22.67
C GLU A 736 -1.79 23.55 -23.36
N VAL A 737 -2.07 22.24 -23.36
CA VAL A 737 -3.28 21.68 -23.97
C VAL A 737 -4.15 21.09 -22.87
N LYS A 738 -5.43 21.47 -22.88
CA LYS A 738 -6.40 20.96 -21.91
C LYS A 738 -7.69 20.61 -22.63
N TRP A 739 -8.19 19.39 -22.39
CA TRP A 739 -9.38 18.88 -23.07
C TRP A 739 -10.59 18.83 -22.15
N THR A 740 -10.52 19.45 -20.97
CA THR A 740 -11.60 19.40 -19.99
C THR A 740 -12.32 20.74 -19.86
N GLU A 741 -11.60 21.82 -19.57
CA GLU A 741 -12.23 23.12 -19.44
C GLU A 741 -12.73 23.63 -20.80
N TRP A 742 -13.95 24.15 -20.80
CA TRP A 742 -14.57 24.67 -22.02
C TRP A 742 -15.11 26.06 -21.73
N LYS A 743 -14.52 27.06 -22.38
CA LYS A 743 -14.88 28.45 -22.12
C LYS A 743 -14.59 29.29 -23.35
N THR A 744 -15.17 30.49 -23.37
CA THR A 744 -14.89 31.47 -24.41
C THR A 744 -13.86 32.46 -23.90
N HIS A 745 -12.68 32.46 -24.53
CA HIS A 745 -11.59 33.31 -24.09
C HIS A 745 -11.69 34.68 -24.75
N VAL A 746 -11.52 35.74 -23.97
CA VAL A 746 -11.62 37.09 -24.53
C VAL A 746 -10.43 37.95 -24.13
N SER A 747 -9.60 37.43 -23.23
CA SER A 747 -8.48 38.21 -22.73
C SER A 747 -7.13 37.74 -23.27
N PHE A 748 -7.07 37.30 -24.53
CA PHE A 748 -5.77 36.97 -25.10
C PHE A 748 -5.06 38.22 -25.60
N LEU A 749 -3.74 38.12 -25.76
CA LEU A 749 -2.92 39.28 -26.09
C LEU A 749 -2.88 39.55 -27.59
N ASN A 750 -2.36 38.60 -28.36
CA ASN A 750 -2.25 38.74 -29.81
C ASN A 750 -3.52 38.11 -30.38
N GLU A 751 -4.16 38.81 -31.31
CA GLU A 751 -5.47 38.46 -31.84
C GLU A 751 -5.51 37.07 -32.48
N ASP A 752 -4.61 36.77 -33.40
CA ASP A 752 -4.53 35.44 -34.02
C ASP A 752 -3.32 34.71 -33.48
N PRO A 753 -3.31 33.39 -33.46
CA PRO A 753 -2.15 32.67 -32.92
C PRO A 753 -0.93 32.79 -33.84
N GLY A 754 0.11 32.05 -33.49
CA GLY A 754 1.32 32.03 -34.28
C GLY A 754 2.55 32.49 -33.52
N PRO A 755 3.51 31.57 -33.34
CA PRO A 755 4.78 31.84 -32.69
C PRO A 755 5.75 32.61 -33.58
N LEU B 119 -50.31 -25.83 37.76
CA LEU B 119 -49.44 -25.54 38.90
C LEU B 119 -49.10 -24.05 38.95
N LYS B 120 -47.98 -23.72 39.59
CA LYS B 120 -47.57 -22.32 39.69
C LYS B 120 -46.97 -21.81 38.39
N LYS B 121 -46.73 -22.68 37.41
CA LYS B 121 -46.15 -22.24 36.15
C LYS B 121 -47.15 -21.49 35.27
N ARG B 122 -48.43 -21.48 35.65
CA ARG B 122 -49.42 -20.75 34.85
C ARG B 122 -49.17 -19.25 34.88
N ILE B 123 -48.58 -18.74 35.97
CA ILE B 123 -48.24 -17.33 36.03
C ILE B 123 -47.10 -17.01 35.08
N PHE B 124 -46.08 -17.87 35.06
CA PHE B 124 -44.88 -17.60 34.27
C PHE B 124 -45.19 -17.64 32.78
N ALA B 125 -46.03 -18.57 32.35
CA ALA B 125 -46.43 -18.63 30.95
C ALA B 125 -47.34 -17.47 30.57
N ALA B 126 -48.16 -16.99 31.51
CA ALA B 126 -49.09 -15.91 31.19
C ALA B 126 -48.36 -14.58 31.04
N VAL B 127 -47.42 -14.29 31.93
CA VAL B 127 -46.72 -13.01 31.88
C VAL B 127 -45.80 -12.91 30.67
N SER B 128 -45.32 -14.03 30.13
CA SER B 128 -44.42 -14.01 28.99
C SER B 128 -45.13 -13.84 27.65
N GLU B 129 -46.46 -14.01 27.62
CA GLU B 129 -47.21 -13.88 26.38
C GLU B 129 -47.94 -12.55 26.25
N GLY B 130 -48.06 -11.79 27.32
CA GLY B 130 -48.72 -10.50 27.27
C GLY B 130 -50.23 -10.54 27.30
N CYS B 131 -50.83 -11.68 27.63
CA CYS B 131 -52.28 -11.80 27.70
C CYS B 131 -52.74 -11.14 29.00
N VAL B 132 -53.12 -9.86 28.90
CA VAL B 132 -53.55 -9.12 30.08
C VAL B 132 -54.90 -9.64 30.58
N GLU B 133 -55.80 -10.00 29.67
CA GLU B 133 -57.10 -10.51 30.09
C GLU B 133 -56.99 -11.89 30.73
N GLU B 134 -56.11 -12.74 30.20
CA GLU B 134 -55.91 -14.05 30.80
C GLU B 134 -55.26 -13.94 32.17
N LEU B 135 -54.31 -13.01 32.32
CA LEU B 135 -53.67 -12.81 33.62
C LEU B 135 -54.64 -12.25 34.64
N VAL B 136 -55.45 -11.26 34.24
CA VAL B 136 -56.42 -10.69 35.17
C VAL B 136 -57.59 -11.62 35.41
N GLU B 137 -57.75 -12.66 34.58
CA GLU B 137 -58.81 -13.64 34.82
C GLU B 137 -58.58 -14.40 36.11
N LEU B 138 -57.33 -14.81 36.37
CA LEU B 138 -57.01 -15.58 37.56
C LEU B 138 -56.33 -14.77 38.66
N LEU B 139 -55.82 -13.57 38.36
CA LEU B 139 -55.21 -12.75 39.40
C LEU B 139 -56.24 -12.27 40.41
N VAL B 140 -57.51 -12.18 40.01
CA VAL B 140 -58.56 -11.77 40.92
C VAL B 140 -58.94 -12.88 41.90
N GLU B 141 -58.55 -14.13 41.62
CA GLU B 141 -58.88 -15.24 42.48
C GLU B 141 -57.68 -15.89 43.16
N LEU B 142 -56.45 -15.56 42.75
CA LEU B 142 -55.28 -16.01 43.50
C LEU B 142 -55.24 -15.38 44.89
N GLN B 143 -55.74 -14.14 45.02
CA GLN B 143 -55.80 -13.50 46.33
C GLN B 143 -56.72 -14.25 47.27
N GLU B 144 -57.86 -14.72 46.77
CA GLU B 144 -58.79 -15.50 47.57
C GLU B 144 -58.43 -16.98 47.63
N LEU B 145 -57.45 -17.42 46.84
CA LEU B 145 -57.04 -18.82 46.88
C LEU B 145 -56.41 -19.18 48.22
N CYS B 146 -55.57 -18.29 48.75
CA CYS B 146 -54.93 -18.50 50.04
C CYS B 146 -55.71 -17.87 51.19
N ARG B 147 -56.84 -17.22 50.89
CA ARG B 147 -57.75 -16.59 51.85
C ARG B 147 -57.15 -15.38 52.55
N ARG B 148 -55.87 -15.10 52.30
CA ARG B 148 -55.19 -13.93 52.86
C ARG B 148 -53.81 -13.76 52.22
N PHE B 157 -49.04 -12.90 52.20
CA PHE B 157 -48.62 -13.72 53.34
C PHE B 157 -47.52 -14.63 52.78
N LEU B 158 -46.47 -14.00 52.25
CA LEU B 158 -45.33 -14.68 51.63
C LEU B 158 -45.80 -15.71 50.60
N MET B 159 -46.45 -15.19 49.55
CA MET B 159 -47.02 -16.04 48.51
C MET B 159 -45.89 -16.71 47.73
N HIS B 160 -45.71 -18.01 47.97
CA HIS B 160 -44.65 -18.77 47.31
C HIS B 160 -44.98 -19.09 45.85
N LYS B 161 -46.23 -18.86 45.42
CA LYS B 161 -46.59 -19.11 44.03
C LYS B 161 -45.85 -18.17 43.09
N LEU B 162 -45.72 -16.90 43.47
CA LEU B 162 -45.02 -15.90 42.65
C LEU B 162 -43.54 -15.82 42.99
N THR B 163 -42.93 -16.94 43.32
CA THR B 163 -41.52 -17.00 43.67
C THR B 163 -40.89 -18.13 42.86
N ALA B 164 -39.65 -18.48 43.23
CA ALA B 164 -38.95 -19.59 42.61
C ALA B 164 -37.88 -20.09 43.58
N SER B 165 -37.95 -21.38 43.90
CA SER B 165 -37.00 -21.94 44.86
C SER B 165 -35.59 -22.01 44.29
N ASP B 166 -35.47 -22.03 42.96
CA ASP B 166 -34.14 -22.10 42.34
C ASP B 166 -33.54 -20.72 42.13
N THR B 167 -34.37 -19.74 41.75
CA THR B 167 -33.89 -18.40 41.44
C THR B 167 -34.39 -17.36 42.44
N GLY B 168 -35.70 -17.25 42.64
CA GLY B 168 -36.26 -16.23 43.47
C GLY B 168 -37.06 -15.18 42.74
N LYS B 169 -37.73 -15.54 41.65
CA LYS B 169 -38.43 -14.59 40.80
C LYS B 169 -39.62 -13.99 41.53
N THR B 170 -40.16 -12.93 40.97
CA THR B 170 -41.48 -12.40 41.34
C THR B 170 -42.31 -12.21 40.07
N CYS B 171 -43.60 -11.92 40.25
CA CYS B 171 -44.47 -11.67 39.11
C CYS B 171 -44.11 -10.36 38.41
N LEU B 172 -43.98 -9.27 39.18
CA LEU B 172 -43.62 -7.99 38.59
C LEU B 172 -42.23 -8.03 37.97
N MET B 173 -41.27 -8.65 38.66
CA MET B 173 -39.91 -8.76 38.13
C MET B 173 -39.86 -9.58 36.85
N LYS B 174 -40.56 -10.70 36.79
CA LYS B 174 -40.58 -11.55 35.60
C LYS B 174 -41.28 -10.88 34.42
N ALA B 175 -42.29 -10.04 34.68
CA ALA B 175 -43.02 -9.40 33.60
C ALA B 175 -42.12 -8.45 32.81
N LEU B 176 -40.99 -8.03 33.38
CA LEU B 176 -40.13 -7.05 32.73
C LEU B 176 -39.03 -7.67 31.87
N LEU B 177 -38.69 -8.94 32.07
CA LEU B 177 -37.66 -9.55 31.23
C LEU B 177 -38.15 -9.78 29.81
N ASN B 178 -39.33 -10.37 29.66
CA ASN B 178 -39.96 -10.57 28.36
C ASN B 178 -40.83 -9.36 28.08
N ILE B 179 -40.23 -8.30 27.53
CA ILE B 179 -40.99 -7.10 27.22
C ILE B 179 -41.84 -7.35 26.00
N ASN B 180 -43.13 -7.58 26.22
CA ASN B 180 -44.10 -7.80 25.17
C ASN B 180 -44.76 -6.47 24.80
N PRO B 181 -45.28 -6.32 23.58
CA PRO B 181 -45.77 -4.98 23.17
C PRO B 181 -46.98 -4.49 23.96
N ASN B 182 -47.65 -5.36 24.70
CA ASN B 182 -48.74 -4.96 25.60
C ASN B 182 -48.24 -5.35 27.00
N THR B 183 -47.47 -4.46 27.62
CA THR B 183 -46.90 -4.71 28.94
C THR B 183 -47.18 -3.61 29.96
N LYS B 184 -47.57 -2.41 29.54
CA LYS B 184 -47.85 -1.35 30.50
C LYS B 184 -49.05 -1.69 31.37
N GLU B 185 -50.09 -2.29 30.77
CA GLU B 185 -51.25 -2.68 31.55
C GLU B 185 -50.94 -3.81 32.53
N ILE B 186 -50.02 -4.70 32.15
CA ILE B 186 -49.62 -5.78 33.05
C ILE B 186 -48.94 -5.21 34.29
N VAL B 187 -48.03 -4.26 34.11
CA VAL B 187 -47.35 -3.65 35.23
C VAL B 187 -48.32 -2.82 36.06
N ARG B 188 -49.28 -2.17 35.40
CA ARG B 188 -50.27 -1.36 36.12
C ARG B 188 -51.14 -2.24 37.00
N ILE B 189 -51.66 -3.35 36.46
CA ILE B 189 -52.48 -4.24 37.25
C ILE B 189 -51.64 -4.97 38.29
N LEU B 190 -50.33 -5.12 38.05
CA LEU B 190 -49.47 -5.71 39.05
C LEU B 190 -49.22 -4.75 40.22
N LEU B 191 -49.13 -3.45 39.92
CA LEU B 191 -49.06 -2.45 40.97
C LEU B 191 -50.33 -2.43 41.80
N ALA B 192 -51.49 -2.56 41.14
CA ALA B 192 -52.75 -2.63 41.86
C ALA B 192 -52.82 -3.87 42.74
N PHE B 193 -52.35 -5.00 42.23
CA PHE B 193 -52.32 -6.23 43.01
C PHE B 193 -51.35 -6.11 44.19
N ALA B 194 -50.23 -5.42 43.98
CA ALA B 194 -49.26 -5.23 45.05
C ALA B 194 -49.84 -4.36 46.16
N GLU B 195 -50.52 -3.28 45.80
CA GLU B 195 -51.03 -2.35 46.81
C GLU B 195 -52.28 -2.89 47.51
N GLU B 196 -53.08 -3.73 46.83
CA GLU B 196 -54.30 -4.23 47.46
C GLU B 196 -54.02 -5.32 48.48
N ASN B 197 -52.94 -6.09 48.31
CA ASN B 197 -52.56 -7.13 49.25
C ASN B 197 -51.45 -6.69 50.19
N ASP B 198 -51.05 -5.42 50.13
CA ASP B 198 -50.01 -4.86 51.00
C ASP B 198 -48.70 -5.62 50.89
N ILE B 199 -48.35 -6.03 49.68
CA ILE B 199 -47.10 -6.74 49.41
C ILE B 199 -46.35 -5.91 48.37
N LEU B 200 -45.45 -5.04 48.85
CA LEU B 200 -44.60 -4.25 47.97
C LEU B 200 -43.16 -4.30 48.44
N GLY B 201 -42.96 -4.53 49.75
CA GLY B 201 -41.61 -4.63 50.27
C GLY B 201 -40.86 -5.83 49.76
N ARG B 202 -41.54 -6.98 49.70
CA ARG B 202 -40.96 -8.20 49.17
C ARG B 202 -41.32 -8.45 47.71
N PHE B 203 -42.01 -7.50 47.07
CA PHE B 203 -42.46 -7.63 45.69
C PHE B 203 -41.72 -6.69 44.75
N ILE B 204 -41.73 -5.39 45.04
CA ILE B 204 -41.02 -4.44 44.19
C ILE B 204 -39.54 -4.37 44.52
N ASN B 205 -39.12 -4.85 45.70
CA ASN B 205 -37.73 -4.88 46.12
C ASN B 205 -37.42 -6.31 46.55
N ALA B 206 -37.02 -7.14 45.59
CA ALA B 206 -36.68 -8.53 45.84
C ALA B 206 -35.29 -8.81 45.29
N GLU B 207 -34.86 -10.06 45.44
CA GLU B 207 -33.51 -10.45 45.02
C GLU B 207 -33.50 -11.94 44.72
N TYR B 208 -32.45 -12.36 44.01
CA TYR B 208 -32.22 -13.77 43.76
C TYR B 208 -31.37 -14.37 44.89
N THR B 209 -31.39 -15.71 44.96
CA THR B 209 -30.71 -16.39 46.06
C THR B 209 -29.81 -17.52 45.58
N GLU B 210 -29.40 -17.50 44.31
CA GLU B 210 -28.53 -18.52 43.74
C GLU B 210 -27.22 -17.87 43.31
N GLU B 211 -26.33 -18.69 42.75
CA GLU B 211 -25.01 -18.22 42.34
C GLU B 211 -25.13 -17.20 41.21
N ALA B 212 -24.22 -16.22 41.24
CA ALA B 212 -23.98 -15.20 40.23
C ALA B 212 -25.00 -14.07 40.21
N TYR B 213 -26.17 -14.24 40.86
CA TYR B 213 -27.19 -13.20 40.89
C TYR B 213 -27.61 -12.96 42.34
N GLU B 214 -27.46 -11.73 42.79
CA GLU B 214 -27.97 -11.28 44.08
C GLU B 214 -28.40 -9.82 43.94
N GLY B 215 -29.59 -9.52 44.45
CA GLY B 215 -30.02 -8.14 44.49
C GLY B 215 -30.53 -7.56 43.19
N GLN B 216 -30.84 -8.39 42.19
CA GLN B 216 -31.39 -7.88 40.93
C GLN B 216 -32.87 -7.59 41.13
N THR B 217 -33.18 -6.32 41.40
CA THR B 217 -34.55 -5.92 41.68
C THR B 217 -35.28 -5.63 40.36
N ALA B 218 -36.51 -5.12 40.47
CA ALA B 218 -37.30 -4.80 39.29
C ALA B 218 -36.70 -3.62 38.52
N LEU B 219 -36.17 -2.63 39.25
CA LEU B 219 -35.55 -1.48 38.60
C LEU B 219 -34.28 -1.85 37.86
N ASN B 220 -33.60 -2.93 38.25
CA ASN B 220 -32.38 -3.35 37.59
C ASN B 220 -32.63 -4.00 36.24
N ILE B 221 -33.88 -4.29 35.89
CA ILE B 221 -34.22 -4.90 34.61
C ILE B 221 -35.05 -3.96 33.74
N ALA B 222 -35.94 -3.17 34.35
CA ALA B 222 -36.73 -2.21 33.58
C ALA B 222 -35.83 -1.18 32.92
N ILE B 223 -34.79 -0.74 33.62
CA ILE B 223 -33.79 0.14 33.02
C ILE B 223 -32.99 -0.64 31.97
N GLU B 224 -32.75 -1.92 32.21
CA GLU B 224 -31.95 -2.73 31.29
C GLU B 224 -32.65 -2.92 29.95
N ARG B 225 -33.97 -3.10 29.95
CA ARG B 225 -34.72 -3.36 28.72
C ARG B 225 -35.03 -2.09 27.93
N ARG B 226 -34.31 -1.00 28.19
CA ARG B 226 -34.50 0.28 27.48
C ARG B 226 -35.93 0.79 27.61
N GLN B 227 -36.53 0.55 28.78
CA GLN B 227 -37.89 0.99 29.06
C GLN B 227 -37.85 2.16 30.04
N GLY B 228 -38.39 3.30 29.62
CA GLY B 228 -38.36 4.50 30.44
C GLY B 228 -39.63 4.76 31.21
N ASP B 229 -40.78 4.47 30.59
CA ASP B 229 -42.06 4.73 31.24
C ASP B 229 -42.26 3.81 32.44
N ILE B 230 -41.98 2.51 32.27
CA ILE B 230 -42.13 1.57 33.37
C ILE B 230 -41.09 1.83 34.45
N ALA B 231 -39.88 2.23 34.05
CA ALA B 231 -38.85 2.58 35.04
C ALA B 231 -39.27 3.79 35.87
N ALA B 232 -39.86 4.80 35.21
CA ALA B 232 -40.35 5.96 35.94
C ALA B 232 -41.53 5.59 36.84
N LEU B 233 -42.37 4.65 36.39
CA LEU B 233 -43.48 4.20 37.22
C LEU B 233 -42.98 3.49 38.47
N LEU B 234 -41.95 2.65 38.32
CA LEU B 234 -41.37 1.97 39.48
C LEU B 234 -40.68 2.95 40.42
N ILE B 235 -40.01 3.96 39.85
CA ILE B 235 -39.36 4.97 40.68
C ILE B 235 -40.40 5.79 41.45
N ALA B 236 -41.51 6.13 40.79
CA ALA B 236 -42.59 6.86 41.47
C ALA B 236 -43.18 6.04 42.61
N ALA B 237 -43.19 4.72 42.49
CA ALA B 237 -43.61 3.85 43.58
C ALA B 237 -42.55 3.74 44.67
N GLY B 238 -41.35 4.26 44.45
CA GLY B 238 -40.29 4.23 45.44
C GLY B 238 -39.11 3.36 45.04
N ALA B 239 -39.41 2.18 44.51
CA ALA B 239 -38.42 1.21 44.05
C ALA B 239 -37.33 0.96 45.09
N ASP B 240 -36.08 0.87 44.64
CA ASP B 240 -34.95 0.70 45.55
C ASP B 240 -33.88 1.76 45.27
N VAL B 241 -33.74 2.13 43.99
CA VAL B 241 -32.84 3.17 43.50
C VAL B 241 -31.38 2.84 43.77
N ASN B 242 -31.04 2.54 45.02
CA ASN B 242 -29.67 2.21 45.42
C ASN B 242 -29.50 0.71 45.67
N ALA B 243 -30.16 -0.11 44.85
CA ALA B 243 -30.02 -1.55 44.99
C ALA B 243 -28.66 -2.00 44.49
N HIS B 244 -27.99 -2.85 45.26
CA HIS B 244 -26.66 -3.35 44.94
C HIS B 244 -26.79 -4.75 44.35
N ALA B 245 -26.64 -4.84 43.02
CA ALA B 245 -26.67 -6.13 42.33
C ALA B 245 -25.29 -6.77 42.44
N LYS B 246 -25.03 -7.34 43.61
CA LYS B 246 -23.71 -7.91 43.92
C LYS B 246 -23.69 -9.40 43.57
N GLY B 247 -23.51 -9.66 42.28
CA GLY B 247 -23.48 -11.01 41.77
C GLY B 247 -22.15 -11.36 41.10
N ALA B 248 -21.91 -12.67 40.98
CA ALA B 248 -20.67 -13.14 40.37
C ALA B 248 -20.66 -12.93 38.85
N PHE B 249 -21.83 -13.02 38.20
CA PHE B 249 -21.92 -12.63 36.80
C PHE B 249 -21.68 -11.13 36.64
N PHE B 250 -22.20 -10.34 37.57
CA PHE B 250 -21.93 -8.91 37.59
C PHE B 250 -20.52 -8.58 38.03
N ASN B 251 -19.76 -9.57 38.52
CA ASN B 251 -18.37 -9.40 38.92
C ASN B 251 -17.52 -10.45 38.20
N PRO B 252 -17.32 -10.28 36.90
CA PRO B 252 -16.57 -11.28 36.14
C PRO B 252 -15.09 -11.23 36.46
N LYS B 253 -14.42 -12.37 36.23
CA LYS B 253 -12.98 -12.45 36.46
C LYS B 253 -12.22 -11.56 35.49
N TYR B 254 -12.61 -11.56 34.21
CA TYR B 254 -12.03 -10.64 33.24
C TYR B 254 -13.12 -9.87 32.53
N GLN B 255 -12.76 -9.13 31.47
CA GLN B 255 -13.70 -8.24 30.79
C GLN B 255 -14.40 -8.92 29.60
N HIS B 256 -14.52 -10.25 29.62
CA HIS B 256 -15.17 -10.97 28.52
C HIS B 256 -16.17 -12.02 28.97
N GLU B 257 -16.10 -12.53 30.18
CA GLU B 257 -16.99 -13.60 30.64
C GLU B 257 -18.23 -13.09 31.35
N GLY B 258 -18.38 -11.78 31.51
CA GLY B 258 -19.53 -11.26 32.23
C GLY B 258 -19.78 -9.80 31.88
N PHE B 259 -20.78 -9.24 32.55
CA PHE B 259 -21.19 -7.85 32.36
C PHE B 259 -21.13 -7.13 33.71
N TYR B 260 -20.10 -6.33 33.91
CA TYR B 260 -19.97 -5.49 35.10
C TYR B 260 -20.35 -4.06 34.74
N PHE B 261 -21.41 -3.55 35.37
CA PHE B 261 -21.90 -2.22 35.07
C PHE B 261 -21.78 -1.23 36.23
N GLY B 262 -21.67 -1.71 37.46
CA GLY B 262 -21.52 -0.82 38.60
C GLY B 262 -22.31 -1.24 39.82
N GLU B 263 -23.09 -2.31 39.69
CA GLU B 263 -23.88 -2.88 40.79
C GLU B 263 -24.85 -1.86 41.38
N THR B 264 -25.50 -1.09 40.51
CA THR B 264 -26.50 -0.12 40.94
C THR B 264 -27.37 0.23 39.75
N PRO B 265 -28.66 0.52 39.95
CA PRO B 265 -29.51 0.93 38.83
C PRO B 265 -29.38 2.41 38.52
N LEU B 266 -28.15 2.91 38.55
CA LEU B 266 -27.77 4.24 38.07
C LEU B 266 -26.57 4.17 37.14
N ALA B 267 -25.59 3.31 37.46
CA ALA B 267 -24.49 3.04 36.55
C ALA B 267 -24.88 2.05 35.45
N LEU B 268 -25.99 1.34 35.63
CA LEU B 268 -26.50 0.49 34.55
C LEU B 268 -27.03 1.34 33.40
N ALA B 269 -27.77 2.40 33.71
CA ALA B 269 -28.24 3.31 32.68
C ALA B 269 -27.11 4.16 32.10
N ALA B 270 -26.04 4.39 32.86
CA ALA B 270 -24.89 5.13 32.36
C ALA B 270 -23.98 4.28 31.49
N CYS B 271 -23.80 3.01 31.85
CA CYS B 271 -23.03 2.10 31.00
C CYS B 271 -23.73 1.88 29.66
N THR B 272 -25.05 1.74 29.69
CA THR B 272 -25.84 1.72 28.47
C THR B 272 -25.98 3.14 27.93
N ASN B 273 -26.65 3.27 26.79
CA ASN B 273 -26.77 4.56 26.10
C ASN B 273 -28.09 5.25 26.40
N GLN B 274 -28.56 5.16 27.65
CA GLN B 274 -29.82 5.79 28.04
C GLN B 274 -29.53 6.99 28.90
N PRO B 275 -29.58 8.22 28.36
CA PRO B 275 -29.31 9.40 29.18
C PRO B 275 -30.54 9.94 29.90
N GLU B 276 -31.72 9.69 29.34
CA GLU B 276 -32.95 10.19 29.95
C GLU B 276 -33.20 9.56 31.31
N ILE B 277 -32.99 8.24 31.41
CA ILE B 277 -33.19 7.56 32.69
C ILE B 277 -32.16 8.03 33.71
N VAL B 278 -30.93 8.30 33.26
CA VAL B 278 -29.92 8.86 34.15
C VAL B 278 -30.35 10.23 34.65
N GLN B 279 -30.91 11.05 33.76
CA GLN B 279 -31.33 12.40 34.15
C GLN B 279 -32.46 12.35 35.18
N LEU B 280 -33.43 11.47 35.00
CA LEU B 280 -34.52 11.37 35.97
C LEU B 280 -34.10 10.64 37.23
N LEU B 281 -33.08 9.78 37.17
CA LEU B 281 -32.57 9.13 38.39
C LEU B 281 -31.78 10.11 39.24
N MET B 282 -30.93 10.92 38.63
CA MET B 282 -30.11 11.87 39.38
C MET B 282 -30.93 13.03 39.93
N GLU B 283 -32.14 13.25 39.41
CA GLU B 283 -33.03 14.26 39.96
C GLU B 283 -33.79 13.77 41.19
N HIS B 284 -33.71 12.47 41.50
CA HIS B 284 -34.39 11.94 42.66
C HIS B 284 -33.70 12.39 43.94
N GLU B 285 -34.45 12.40 45.04
CA GLU B 285 -33.93 12.86 46.33
C GLU B 285 -33.25 11.75 47.11
N GLN B 286 -33.17 10.54 46.55
CA GLN B 286 -32.50 9.42 47.20
C GLN B 286 -31.56 8.71 46.24
N THR B 287 -31.01 9.45 45.27
CA THR B 287 -30.15 8.83 44.27
C THR B 287 -28.84 8.34 44.87
N ASP B 288 -28.21 9.18 45.69
CA ASP B 288 -26.89 8.90 46.30
C ASP B 288 -25.86 8.59 45.20
N ILE B 289 -25.57 9.63 44.41
CA ILE B 289 -24.66 9.50 43.28
C ILE B 289 -23.27 9.08 43.74
N THR B 290 -22.86 9.50 44.94
CA THR B 290 -21.55 9.17 45.47
C THR B 290 -21.51 7.80 46.16
N SER B 291 -22.48 6.92 45.88
CA SER B 291 -22.49 5.60 46.46
C SER B 291 -21.32 4.76 45.93
N ARG B 292 -20.81 3.88 46.78
CA ARG B 292 -19.65 3.05 46.44
C ARG B 292 -20.11 1.62 46.18
N ASP B 293 -19.68 1.08 45.04
CA ASP B 293 -19.97 -0.30 44.69
C ASP B 293 -19.22 -1.23 45.64
N SER B 294 -19.75 -2.46 45.79
CA SER B 294 -19.14 -3.43 46.70
C SER B 294 -17.72 -3.79 46.29
N ARG B 295 -17.34 -3.56 45.04
CA ARG B 295 -15.96 -3.70 44.60
C ARG B 295 -15.11 -2.48 44.97
N GLY B 296 -15.70 -1.47 45.61
CA GLY B 296 -15.01 -0.24 45.92
C GLY B 296 -15.10 0.81 44.84
N ASN B 297 -15.76 0.51 43.71
CA ASN B 297 -15.83 1.43 42.59
C ASN B 297 -16.91 2.50 42.84
N ASN B 298 -17.12 3.34 41.83
CA ASN B 298 -18.12 4.39 41.88
C ASN B 298 -18.79 4.46 40.50
N ILE B 299 -19.59 5.50 40.28
CA ILE B 299 -20.20 5.71 38.97
C ILE B 299 -19.13 6.04 37.94
N LEU B 300 -18.17 6.89 38.30
CA LEU B 300 -17.10 7.24 37.37
C LEU B 300 -16.15 6.07 37.13
N HIS B 301 -15.88 5.28 38.18
CA HIS B 301 -15.09 4.06 38.01
C HIS B 301 -15.78 3.09 37.08
N ALA B 302 -17.10 2.92 37.24
CA ALA B 302 -17.85 2.01 36.38
C ALA B 302 -17.84 2.47 34.93
N LEU B 303 -17.99 3.78 34.70
CA LEU B 303 -17.91 4.29 33.34
C LEU B 303 -16.52 4.14 32.75
N VAL B 304 -15.48 4.24 33.58
CA VAL B 304 -14.12 4.04 33.09
C VAL B 304 -13.90 2.59 32.69
N THR B 305 -14.40 1.64 33.48
CA THR B 305 -14.11 0.23 33.25
C THR B 305 -14.80 -0.31 31.99
N VAL B 306 -15.85 0.34 31.51
CA VAL B 306 -16.62 -0.17 30.37
C VAL B 306 -16.34 0.59 29.09
N ALA B 307 -15.42 1.56 29.09
CA ALA B 307 -15.06 2.29 27.88
C ALA B 307 -14.01 1.49 27.12
N GLU B 308 -14.49 0.46 26.41
CA GLU B 308 -13.59 -0.48 25.75
C GLU B 308 -12.76 0.21 24.67
N ASP B 309 -13.42 0.92 23.75
CA ASP B 309 -12.75 1.59 22.64
C ASP B 309 -13.76 2.57 22.05
N PHE B 310 -13.42 3.17 20.91
CA PHE B 310 -14.32 4.03 20.16
C PHE B 310 -14.87 3.37 18.91
N LYS B 311 -14.12 2.45 18.30
CA LYS B 311 -14.59 1.78 17.10
C LYS B 311 -15.76 0.86 17.39
N THR B 312 -15.78 0.22 18.56
CA THR B 312 -16.83 -0.72 18.92
C THR B 312 -17.80 -0.18 19.97
N GLN B 313 -17.59 1.04 20.47
CA GLN B 313 -18.44 1.59 21.52
C GLN B 313 -18.83 3.04 21.26
N ASN B 314 -18.29 3.69 20.23
CA ASN B 314 -18.51 5.11 19.92
C ASN B 314 -17.97 5.95 21.08
N ASP B 315 -18.63 7.07 21.39
CA ASP B 315 -18.09 8.01 22.36
C ASP B 315 -19.07 8.39 23.45
N PHE B 316 -20.20 7.67 23.57
CA PHE B 316 -21.23 8.06 24.52
C PHE B 316 -20.76 7.93 25.97
N VAL B 317 -19.75 7.09 26.23
CA VAL B 317 -19.27 6.90 27.59
C VAL B 317 -18.67 8.20 28.12
N LYS B 318 -17.89 8.88 27.29
CA LYS B 318 -17.33 10.17 27.69
C LYS B 318 -18.42 11.20 27.93
N ARG B 319 -19.48 11.18 27.10
CA ARG B 319 -20.59 12.11 27.29
C ARG B 319 -21.31 11.86 28.61
N MET B 320 -21.53 10.59 28.96
CA MET B 320 -22.17 10.29 30.23
C MET B 320 -21.27 10.63 31.41
N TYR B 321 -19.96 10.43 31.25
CA TYR B 321 -19.01 10.84 32.29
C TYR B 321 -19.08 12.34 32.53
N ASP B 322 -19.11 13.12 31.45
CA ASP B 322 -19.19 14.58 31.59
C ASP B 322 -20.52 15.00 32.22
N MET B 323 -21.62 14.37 31.79
CA MET B 323 -22.93 14.75 32.31
C MET B 323 -23.04 14.46 33.81
N ILE B 324 -22.62 13.27 34.23
CA ILE B 324 -22.71 12.91 35.64
C ILE B 324 -21.75 13.76 36.48
N LEU B 325 -20.56 14.04 35.96
CA LEU B 325 -19.60 14.87 36.69
C LEU B 325 -20.13 16.29 36.85
N LEU B 326 -20.75 16.85 35.81
CA LEU B 326 -21.30 18.19 35.91
C LEU B 326 -22.46 18.24 36.90
N ARG B 327 -23.35 17.23 36.88
CA ARG B 327 -24.46 17.21 37.81
C ARG B 327 -24.03 16.97 39.24
N SER B 328 -22.89 16.30 39.45
CA SER B 328 -22.36 16.16 40.81
C SER B 328 -21.87 17.51 41.33
N GLY B 329 -21.07 18.21 40.54
CA GLY B 329 -20.69 19.57 40.86
C GLY B 329 -19.73 19.74 42.02
N ASN B 330 -18.95 18.70 42.35
CA ASN B 330 -18.03 18.80 43.47
C ASN B 330 -16.90 17.81 43.24
N TRP B 331 -15.79 18.00 43.95
CA TRP B 331 -14.60 17.18 43.83
C TRP B 331 -14.57 16.02 44.83
N GLU B 332 -15.60 15.18 44.83
CA GLU B 332 -15.58 13.97 45.64
C GLU B 332 -15.70 12.70 44.81
N LEU B 333 -16.26 12.78 43.60
CA LEU B 333 -16.35 11.60 42.74
C LEU B 333 -15.01 11.25 42.13
N GLU B 334 -14.24 12.25 41.70
CA GLU B 334 -12.94 12.01 41.09
C GLU B 334 -11.89 11.67 42.13
N THR B 335 -12.01 12.20 43.35
CA THR B 335 -11.05 11.96 44.41
C THR B 335 -11.41 10.77 45.29
N THR B 336 -12.47 10.04 44.97
CA THR B 336 -12.84 8.88 45.76
C THR B 336 -11.86 7.74 45.49
N ARG B 337 -11.30 7.18 46.57
CA ARG B 337 -10.30 6.13 46.44
C ARG B 337 -10.97 4.78 46.25
N ASN B 338 -10.51 4.05 45.24
CA ASN B 338 -11.00 2.71 44.98
C ASN B 338 -10.52 1.74 46.05
N ASN B 339 -11.12 0.55 46.09
CA ASN B 339 -10.65 -0.50 46.98
C ASN B 339 -9.23 -0.93 46.64
N ASP B 340 -8.80 -0.72 45.40
CA ASP B 340 -7.41 -0.93 45.00
C ASP B 340 -6.57 0.33 45.20
N GLY B 341 -7.10 1.32 45.92
CA GLY B 341 -6.38 2.57 46.12
C GLY B 341 -6.21 3.40 44.87
N LEU B 342 -7.26 3.53 44.06
CA LEU B 342 -7.19 4.22 42.79
C LEU B 342 -8.30 5.24 42.68
N THR B 343 -8.16 6.12 41.68
CA THR B 343 -9.13 7.13 41.31
C THR B 343 -9.54 6.89 39.86
N PRO B 344 -10.68 7.45 39.41
CA PRO B 344 -11.06 7.26 38.00
C PRO B 344 -10.02 7.73 37.01
N LEU B 345 -9.24 8.76 37.36
CA LEU B 345 -8.12 9.17 36.52
C LEU B 345 -7.05 8.08 36.49
N GLN B 346 -6.65 7.59 37.68
CA GLN B 346 -5.66 6.52 37.74
C GLN B 346 -6.21 5.21 37.22
N LEU B 347 -7.50 4.93 37.42
CA LEU B 347 -8.09 3.72 36.88
C LEU B 347 -8.09 3.74 35.35
N ALA B 348 -8.41 4.90 34.76
CA ALA B 348 -8.33 5.02 33.30
C ALA B 348 -6.90 4.94 32.81
N ALA B 349 -5.93 5.39 33.62
CA ALA B 349 -4.53 5.28 33.23
C ALA B 349 -4.06 3.83 33.26
N LYS B 350 -4.49 3.06 34.25
CA LYS B 350 -4.03 1.68 34.38
C LYS B 350 -4.80 0.70 33.51
N MET B 351 -6.02 1.05 33.09
CA MET B 351 -6.83 0.19 32.23
C MET B 351 -6.64 0.48 30.75
N GLY B 352 -5.84 1.48 30.41
CA GLY B 352 -5.58 1.81 29.02
C GLY B 352 -6.65 2.61 28.33
N LYS B 353 -7.59 3.19 29.08
CA LYS B 353 -8.67 3.99 28.50
C LYS B 353 -8.09 5.33 28.06
N ALA B 354 -7.57 5.35 26.82
CA ALA B 354 -6.91 6.56 26.32
C ALA B 354 -7.91 7.67 26.03
N GLU B 355 -9.14 7.33 25.61
CA GLU B 355 -10.13 8.36 25.30
C GLU B 355 -10.58 9.11 26.54
N ILE B 356 -10.90 8.37 27.61
CA ILE B 356 -11.32 9.02 28.85
C ILE B 356 -10.15 9.77 29.47
N LEU B 357 -8.94 9.21 29.39
CA LEU B 357 -7.76 9.90 29.90
C LEU B 357 -7.52 11.21 29.16
N LYS B 358 -7.68 11.19 27.84
CA LYS B 358 -7.53 12.42 27.05
C LYS B 358 -8.58 13.44 27.43
N TYR B 359 -9.82 12.99 27.65
CA TYR B 359 -10.89 13.90 28.03
C TYR B 359 -10.62 14.54 29.40
N ILE B 360 -10.20 13.72 30.37
CA ILE B 360 -10.01 14.23 31.73
C ILE B 360 -8.81 15.18 31.79
N LEU B 361 -7.69 14.77 31.20
CA LEU B 361 -6.48 15.60 31.25
C LEU B 361 -6.64 16.90 30.46
N SER B 362 -7.56 16.94 29.50
CA SER B 362 -7.82 18.14 28.71
C SER B 362 -9.25 18.62 28.92
N ARG B 363 -9.75 18.48 30.15
CA ARG B 363 -11.11 18.87 30.48
C ARG B 363 -11.14 20.36 30.81
N GLU B 364 -11.82 21.14 29.98
CA GLU B 364 -11.98 22.57 30.18
C GLU B 364 -13.47 22.90 30.26
N ILE B 365 -13.86 23.60 31.31
CA ILE B 365 -15.24 24.01 31.53
C ILE B 365 -15.27 25.52 31.65
N LYS B 366 -15.97 26.17 30.72
CA LYS B 366 -16.03 27.63 30.68
C LYS B 366 -17.19 28.21 31.48
N GLU B 367 -18.09 27.37 31.99
CA GLU B 367 -19.24 27.86 32.71
C GLU B 367 -18.88 28.20 34.16
N LYS B 368 -19.59 29.17 34.73
CA LYS B 368 -19.38 29.54 36.12
C LYS B 368 -19.92 28.44 37.03
N ARG B 369 -19.35 28.37 38.24
CA ARG B 369 -19.75 27.47 39.32
C ARG B 369 -19.33 26.03 39.02
N LEU B 370 -18.90 25.77 37.79
CA LEU B 370 -18.40 24.47 37.38
C LEU B 370 -16.98 24.53 36.84
N ARG B 371 -16.33 25.70 36.91
CA ARG B 371 -14.99 25.86 36.40
C ARG B 371 -13.94 25.20 37.29
N SER B 372 -14.24 24.97 38.57
CA SER B 372 -13.30 24.30 39.46
C SER B 372 -13.14 22.82 39.12
N LEU B 373 -14.09 22.23 38.40
CA LEU B 373 -14.00 20.82 38.02
C LEU B 373 -13.11 20.60 36.81
N SER B 374 -12.73 21.64 36.09
CA SER B 374 -11.90 21.50 34.91
C SER B 374 -10.43 21.30 35.30
N ARG B 375 -9.66 20.77 34.36
CA ARG B 375 -8.24 20.55 34.54
C ARG B 375 -7.36 21.44 33.68
N LYS B 376 -7.67 21.56 32.40
CA LYS B 376 -6.94 22.43 31.49
C LYS B 376 -7.55 23.82 31.54
N PHE B 377 -6.76 24.81 31.92
CA PHE B 377 -7.18 26.20 31.97
C PHE B 377 -6.41 27.00 30.92
N THR B 378 -7.15 27.63 30.01
CA THR B 378 -6.53 28.50 29.01
C THR B 378 -6.09 29.78 29.70
N ASP B 379 -4.77 30.01 29.77
CA ASP B 379 -4.27 31.21 30.42
C ASP B 379 -4.58 32.45 29.59
N TRP B 380 -4.30 32.40 28.29
CA TRP B 380 -4.60 33.50 27.39
C TRP B 380 -4.67 32.95 25.98
N ALA B 381 -5.18 33.78 25.06
CA ALA B 381 -5.28 33.41 23.66
C ALA B 381 -5.18 34.67 22.80
N TYR B 382 -4.25 34.66 21.86
CA TYR B 382 -4.05 35.78 20.93
C TYR B 382 -3.97 35.19 19.53
N GLY B 383 -5.12 35.02 18.89
CA GLY B 383 -5.20 34.40 17.60
C GLY B 383 -4.83 32.93 17.65
N PRO B 384 -3.95 32.50 16.73
CA PRO B 384 -3.56 31.08 16.73
C PRO B 384 -2.88 30.63 18.02
N VAL B 385 -2.03 31.44 18.60
CA VAL B 385 -1.27 31.04 19.79
C VAL B 385 -2.15 31.20 21.02
N SER B 386 -2.08 30.22 21.92
CA SER B 386 -2.81 30.24 23.17
C SER B 386 -2.07 29.42 24.21
N SER B 387 -2.10 29.88 25.45
CA SER B 387 -1.40 29.22 26.55
C SER B 387 -2.43 28.52 27.43
N SER B 388 -2.24 27.22 27.63
CA SER B 388 -3.12 26.41 28.45
C SER B 388 -2.38 25.98 29.71
N LEU B 389 -3.02 26.18 30.86
CA LEU B 389 -2.44 25.83 32.16
C LEU B 389 -3.05 24.52 32.63
N TYR B 390 -2.44 23.41 32.22
CA TYR B 390 -2.89 22.10 32.65
C TYR B 390 -2.64 21.92 34.14
N ASP B 391 -3.53 21.18 34.80
CA ASP B 391 -3.48 20.95 36.24
C ASP B 391 -2.96 19.53 36.48
N LEU B 392 -1.64 19.41 36.65
CA LEU B 392 -1.01 18.14 37.01
C LEU B 392 -0.82 18.00 38.51
N THR B 393 -1.89 18.24 39.27
CA THR B 393 -1.83 18.07 40.72
C THR B 393 -1.82 16.61 41.13
N ASN B 394 -2.23 15.70 40.25
CA ASN B 394 -2.15 14.27 40.50
C ASN B 394 -1.45 13.52 39.37
N VAL B 395 -1.03 14.21 38.32
CA VAL B 395 -0.39 13.58 37.18
C VAL B 395 1.12 13.53 37.33
N ASP B 396 1.72 14.59 37.87
CA ASP B 396 3.15 14.63 38.07
C ASP B 396 3.58 13.60 39.11
N THR B 397 4.81 13.09 38.95
CA THR B 397 5.35 12.05 39.82
C THR B 397 5.87 12.69 41.12
N THR B 398 4.94 13.22 41.89
CA THR B 398 5.23 13.77 43.21
C THR B 398 4.63 12.97 44.35
N THR B 399 3.69 12.08 44.06
CA THR B 399 3.09 11.21 45.06
C THR B 399 3.18 9.77 44.60
N ASP B 400 2.78 8.85 45.48
CA ASP B 400 2.84 7.44 45.15
C ASP B 400 1.74 7.08 44.15
N ASN B 401 2.13 6.34 43.11
CA ASN B 401 1.21 5.87 42.06
C ASN B 401 0.50 7.04 41.37
N SER B 402 1.29 7.90 40.74
CA SER B 402 0.76 9.01 39.98
C SER B 402 0.25 8.53 38.62
N VAL B 403 -0.35 9.45 37.87
CA VAL B 403 -0.90 9.09 36.56
C VAL B 403 0.24 8.75 35.58
N LEU B 404 1.33 9.54 35.61
CA LEU B 404 2.45 9.27 34.72
C LEU B 404 3.15 7.96 35.08
N GLU B 405 3.36 7.72 36.37
CA GLU B 405 4.00 6.48 36.80
C GLU B 405 3.14 5.27 36.45
N ILE B 406 1.82 5.39 36.63
CA ILE B 406 0.92 4.28 36.29
C ILE B 406 0.90 4.04 34.79
N THR B 407 0.79 5.11 33.99
CA THR B 407 0.70 4.93 32.54
C THR B 407 2.03 4.55 31.91
N VAL B 408 3.13 4.59 32.66
CA VAL B 408 4.42 4.13 32.17
C VAL B 408 4.78 2.76 32.71
N TYR B 409 4.58 2.53 34.00
CA TYR B 409 4.96 1.26 34.64
C TYR B 409 3.81 0.26 34.64
N ASN B 410 3.21 0.02 33.47
CA ASN B 410 2.09 -0.93 33.34
C ASN B 410 2.28 -1.69 32.03
N THR B 411 2.93 -2.84 32.11
CA THR B 411 3.17 -3.67 30.93
C THR B 411 1.97 -4.53 30.55
N ASN B 412 0.91 -4.54 31.37
CA ASN B 412 -0.23 -5.41 31.09
C ASN B 412 -1.17 -4.78 30.06
N ILE B 413 -0.98 -3.50 29.72
CA ILE B 413 -1.81 -2.82 28.75
C ILE B 413 -0.99 -2.56 27.49
N ASP B 414 -1.56 -2.82 26.31
CA ASP B 414 -0.84 -2.49 25.09
C ASP B 414 -1.17 -1.06 24.69
N ASN B 415 -2.25 -0.52 25.21
CA ASN B 415 -2.69 0.82 24.84
C ASN B 415 -1.73 1.93 25.28
N ARG B 416 -0.58 1.57 25.87
CA ARG B 416 0.42 2.57 26.22
C ARG B 416 1.02 3.24 24.99
N HIS B 417 0.79 2.70 23.80
CA HIS B 417 1.40 3.24 22.59
C HIS B 417 0.91 4.65 22.31
N GLU B 418 -0.40 4.86 22.33
CA GLU B 418 -0.98 6.17 22.02
C GLU B 418 -1.47 6.90 23.26
N MET B 419 -1.49 6.26 24.43
CA MET B 419 -1.96 6.93 25.64
C MET B 419 -0.92 7.89 26.20
N LEU B 420 0.36 7.60 25.99
CA LEU B 420 1.43 8.45 26.50
C LEU B 420 1.61 9.74 25.69
N THR B 421 0.89 9.90 24.59
CA THR B 421 1.05 11.06 23.72
C THR B 421 0.24 12.27 24.16
N LEU B 422 -0.52 12.17 25.25
CA LEU B 422 -1.29 13.31 25.72
C LEU B 422 -0.37 14.42 26.21
N GLU B 423 -0.86 15.66 26.12
CA GLU B 423 -0.04 16.83 26.42
C GLU B 423 0.52 16.85 27.83
N PRO B 424 -0.25 16.64 28.91
CA PRO B 424 0.35 16.68 30.26
C PRO B 424 1.33 15.55 30.53
N LEU B 425 1.36 14.52 29.70
CA LEU B 425 2.35 13.46 29.79
C LEU B 425 3.51 13.66 28.83
N HIS B 426 3.22 14.01 27.57
CA HIS B 426 4.26 14.15 26.56
C HIS B 426 5.18 15.31 26.89
N THR B 427 4.62 16.49 27.20
CA THR B 427 5.45 17.64 27.52
C THR B 427 6.15 17.48 28.87
N LEU B 428 5.53 16.75 29.80
CA LEU B 428 6.18 16.47 31.08
C LEU B 428 7.43 15.62 30.88
N LEU B 429 7.32 14.57 30.06
CA LEU B 429 8.47 13.72 29.79
C LEU B 429 9.56 14.48 29.01
N HIS B 430 9.15 15.32 28.06
CA HIS B 430 10.13 16.11 27.31
C HIS B 430 10.88 17.07 28.22
N MET B 431 10.16 17.77 29.10
CA MET B 431 10.82 18.72 29.99
C MET B 431 11.72 18.02 30.99
N LYS B 432 11.27 16.86 31.52
CA LYS B 432 12.10 16.10 32.45
C LYS B 432 13.37 15.61 31.77
N TRP B 433 13.26 15.12 30.53
CA TRP B 433 14.42 14.64 29.81
C TRP B 433 15.41 15.77 29.53
N LYS B 434 14.90 16.96 29.20
CA LYS B 434 15.75 18.10 28.91
C LYS B 434 16.18 18.85 30.17
N LYS B 435 15.74 18.40 31.35
CA LYS B 435 16.14 19.04 32.60
C LYS B 435 17.17 18.22 33.36
N PHE B 436 16.88 16.94 33.66
CA PHE B 436 17.79 16.20 34.52
C PHE B 436 18.12 14.81 33.98
N ALA B 437 17.25 14.26 33.14
CA ALA B 437 17.49 12.90 32.64
C ALA B 437 18.63 12.87 31.63
N LYS B 438 18.83 13.96 30.88
CA LYS B 438 19.94 14.00 29.93
C LYS B 438 21.29 13.97 30.64
N HIS B 439 21.42 14.77 31.71
CA HIS B 439 22.67 14.81 32.45
C HIS B 439 22.93 13.53 33.23
N MET B 440 21.88 12.79 33.60
CA MET B 440 22.05 11.53 34.29
C MET B 440 22.17 10.35 33.34
N PHE B 441 21.88 10.53 32.06
CA PHE B 441 22.11 9.49 31.05
C PHE B 441 23.49 9.60 30.43
N PHE B 442 23.92 10.82 30.10
CA PHE B 442 25.26 11.00 29.55
C PHE B 442 26.33 10.63 30.58
N LEU B 443 26.12 11.01 31.84
CA LEU B 443 27.07 10.66 32.89
C LEU B 443 27.16 9.15 33.09
N SER B 444 26.00 8.46 33.09
CA SER B 444 26.00 7.02 33.23
C SER B 444 26.66 6.33 32.04
N PHE B 445 26.40 6.82 30.82
CA PHE B 445 27.02 6.22 29.64
C PHE B 445 28.52 6.42 29.65
N CYS B 446 28.98 7.63 29.99
CA CYS B 446 30.41 7.90 29.98
C CYS B 446 31.14 7.15 31.10
N PHE B 447 30.50 7.05 32.27
CA PHE B 447 31.09 6.28 33.36
C PHE B 447 31.16 4.79 33.01
N TYR B 448 30.11 4.26 32.38
CA TYR B 448 30.15 2.86 31.95
C TYR B 448 31.16 2.64 30.84
N PHE B 449 31.31 3.62 29.94
CA PHE B 449 32.32 3.51 28.89
C PHE B 449 33.72 3.49 29.48
N PHE B 450 33.98 4.35 30.47
CA PHE B 450 35.28 4.34 31.15
C PHE B 450 35.50 3.03 31.88
N TYR B 451 34.46 2.50 32.52
CA TYR B 451 34.57 1.21 33.20
C TYR B 451 34.86 0.08 32.22
N ASN B 452 34.21 0.10 31.05
CA ASN B 452 34.40 -0.96 30.07
C ASN B 452 35.78 -0.89 29.44
N ILE B 453 36.26 0.31 29.10
CA ILE B 453 37.60 0.43 28.52
C ILE B 453 38.68 0.13 29.56
N THR B 454 38.43 0.44 30.84
CA THR B 454 39.36 0.05 31.89
C THR B 454 39.42 -1.46 32.03
N LEU B 455 38.27 -2.14 31.95
CA LEU B 455 38.25 -3.59 31.98
C LEU B 455 38.94 -4.18 30.75
N THR B 456 38.86 -3.50 29.60
CA THR B 456 39.49 -4.00 28.39
C THR B 456 41.01 -3.99 28.51
N LEU B 457 41.58 -2.85 28.90
CA LEU B 457 43.03 -2.73 29.04
C LEU B 457 43.49 -2.99 30.47
N VAL B 458 43.01 -4.10 31.04
CA VAL B 458 43.48 -4.56 32.34
C VAL B 458 43.72 -6.06 32.24
N SER B 459 43.35 -6.64 31.10
CA SER B 459 43.51 -8.07 30.87
C SER B 459 44.34 -8.33 29.62
N TYR B 460 44.12 -7.53 28.58
CA TYR B 460 44.94 -7.63 27.38
C TYR B 460 46.34 -7.09 27.59
N TYR B 461 46.47 -6.03 28.39
CA TYR B 461 47.77 -5.47 28.77
C TYR B 461 48.31 -6.06 30.06
N ARG B 462 47.58 -6.99 30.67
CA ARG B 462 48.04 -7.60 31.91
C ARG B 462 49.24 -8.50 31.65
N PRO B 463 50.26 -8.44 32.49
CA PRO B 463 51.44 -9.30 32.28
C PRO B 463 51.09 -10.78 32.40
N ARG B 464 51.80 -11.59 31.62
CA ARG B 464 51.55 -13.03 31.58
C ARG B 464 52.78 -13.82 32.02
N LEU B 482 52.21 4.58 38.46
CA LEU B 482 51.89 3.22 38.09
C LEU B 482 50.45 3.11 37.58
N GLN B 483 50.18 2.12 36.75
CA GLN B 483 48.86 1.87 36.20
C GLN B 483 48.14 0.75 36.93
N LEU B 484 48.43 0.59 38.23
CA LEU B 484 47.80 -0.45 39.04
C LEU B 484 46.38 -0.07 39.47
N LEU B 485 46.00 1.20 39.33
CA LEU B 485 44.68 1.65 39.74
C LEU B 485 43.55 1.06 38.90
N GLY B 486 43.86 0.46 37.75
CA GLY B 486 42.84 -0.11 36.90
C GLY B 486 42.26 -1.43 37.39
N ARG B 487 42.88 -2.06 38.39
CA ARG B 487 42.38 -3.31 38.92
C ARG B 487 41.33 -3.13 40.02
N MET B 488 41.14 -1.90 40.50
CA MET B 488 40.10 -1.62 41.49
C MET B 488 38.92 -0.84 40.92
N PHE B 489 39.10 -0.12 39.82
CA PHE B 489 37.97 0.55 39.18
C PHE B 489 37.00 -0.46 38.59
N VAL B 490 37.48 -1.65 38.22
CA VAL B 490 36.60 -2.72 37.76
C VAL B 490 36.06 -3.55 38.92
N LEU B 491 36.65 -3.45 40.11
CA LEU B 491 36.23 -4.24 41.25
C LEU B 491 35.14 -3.55 42.06
N ILE B 492 35.36 -2.29 42.45
CA ILE B 492 34.37 -1.58 43.25
C ILE B 492 33.16 -1.21 42.42
N TRP B 493 33.33 -1.06 41.10
CA TRP B 493 32.18 -0.79 40.23
C TRP B 493 31.36 -2.05 40.02
N ALA B 494 32.02 -3.21 39.96
CA ALA B 494 31.29 -4.47 39.90
C ALA B 494 30.49 -4.70 41.18
N MET B 495 31.06 -4.35 42.33
CA MET B 495 30.30 -4.39 43.58
C MET B 495 29.13 -3.42 43.55
N CYS B 496 29.35 -2.21 43.01
CA CYS B 496 28.28 -1.22 42.93
C CYS B 496 27.13 -1.70 42.07
N ILE B 497 27.45 -2.29 40.91
CA ILE B 497 26.41 -2.86 40.05
C ILE B 497 25.74 -4.04 40.73
N SER B 498 26.52 -4.88 41.40
CA SER B 498 25.96 -6.01 42.12
C SER B 498 24.96 -5.57 43.17
N VAL B 499 25.15 -4.37 43.72
CA VAL B 499 24.26 -3.85 44.75
C VAL B 499 23.00 -3.28 44.09
N LYS B 500 23.18 -2.27 43.22
CA LYS B 500 22.02 -1.57 42.67
C LYS B 500 21.18 -2.47 41.78
N GLU B 501 21.84 -3.28 40.95
CA GLU B 501 21.09 -4.23 40.14
C GLU B 501 20.64 -5.40 41.00
N GLY B 502 21.50 -5.82 41.92
CA GLY B 502 21.18 -6.96 42.75
C GLY B 502 19.95 -6.79 43.61
N ILE B 503 19.57 -5.55 43.91
CA ILE B 503 18.32 -5.28 44.62
C ILE B 503 17.17 -4.97 43.67
N ALA B 504 17.44 -4.50 42.46
CA ALA B 504 16.39 -4.20 41.49
C ALA B 504 16.10 -5.36 40.54
N ILE B 505 16.84 -6.46 40.64
CA ILE B 505 16.61 -7.59 39.74
C ILE B 505 15.32 -8.30 40.09
N PHE B 506 14.97 -8.36 41.38
CA PHE B 506 13.81 -9.13 41.82
C PHE B 506 12.64 -8.26 42.29
N LEU B 507 12.86 -6.97 42.53
CA LEU B 507 11.78 -6.08 42.97
C LEU B 507 11.01 -5.58 41.74
N LEU B 508 10.31 -6.51 41.10
CA LEU B 508 9.48 -6.20 39.96
C LEU B 508 8.38 -7.25 39.84
N ARG B 509 7.31 -6.88 39.14
CA ARG B 509 6.20 -7.81 38.96
C ARG B 509 6.56 -8.88 37.93
N PRO B 510 6.01 -10.08 38.07
CA PRO B 510 6.25 -11.12 37.06
C PRO B 510 5.69 -10.79 35.70
N SER B 511 4.75 -9.84 35.60
CA SER B 511 4.20 -9.46 34.31
C SER B 511 5.21 -8.77 33.42
N ASP B 512 6.31 -8.27 33.99
CA ASP B 512 7.37 -7.68 33.17
C ASP B 512 8.01 -8.72 32.27
N LEU B 513 8.23 -9.93 32.78
CA LEU B 513 8.77 -11.02 31.98
C LEU B 513 7.75 -11.60 31.01
N GLN B 514 6.46 -11.31 31.20
CA GLN B 514 5.44 -11.82 30.28
C GLN B 514 5.59 -11.20 28.90
N SER B 515 5.91 -9.92 28.83
CA SER B 515 6.08 -9.25 27.55
C SER B 515 7.47 -9.57 26.97
N ILE B 516 7.76 -8.96 25.83
CA ILE B 516 9.02 -9.19 25.12
C ILE B 516 10.06 -8.15 25.48
N LEU B 517 9.68 -6.87 25.52
CA LEU B 517 10.59 -5.78 25.85
C LEU B 517 9.97 -4.97 27.00
N SER B 518 10.49 -5.17 28.21
CA SER B 518 10.01 -4.43 29.38
C SER B 518 11.18 -4.01 30.26
N ASP B 519 12.37 -3.82 29.68
CA ASP B 519 13.59 -3.46 30.39
C ASP B 519 13.92 -4.46 31.50
N ALA B 520 13.59 -5.74 31.27
CA ALA B 520 13.88 -6.80 32.22
C ALA B 520 15.00 -7.73 31.77
N TRP B 521 15.14 -7.96 30.46
CA TRP B 521 16.23 -8.78 29.98
C TRP B 521 17.58 -8.08 30.15
N PHE B 522 17.59 -6.75 30.01
CA PHE B 522 18.82 -6.01 30.21
C PHE B 522 19.29 -6.07 31.66
N HIS B 523 18.35 -6.19 32.60
CA HIS B 523 18.73 -6.46 33.98
C HIS B 523 19.45 -7.80 34.10
N PHE B 524 18.98 -8.81 33.38
CA PHE B 524 19.66 -10.11 33.37
C PHE B 524 21.07 -9.97 32.81
N VAL B 525 21.23 -9.25 31.71
CA VAL B 525 22.55 -9.15 31.07
C VAL B 525 23.53 -8.41 31.96
N PHE B 526 23.10 -7.29 32.55
CA PHE B 526 23.98 -6.53 33.43
C PHE B 526 24.33 -7.32 34.68
N PHE B 527 23.37 -8.05 35.24
CA PHE B 527 23.65 -8.86 36.43
C PHE B 527 24.63 -9.98 36.12
N ILE B 528 24.47 -10.63 34.95
CA ILE B 528 25.40 -11.69 34.56
C ILE B 528 26.81 -11.12 34.36
N GLN B 529 26.92 -9.95 33.74
CA GLN B 529 28.23 -9.35 33.52
C GLN B 529 28.92 -9.03 34.85
N ALA B 530 28.19 -8.42 35.78
CA ALA B 530 28.77 -8.10 37.08
C ALA B 530 29.13 -9.37 37.86
N VAL B 531 28.27 -10.38 37.81
CA VAL B 531 28.53 -11.64 38.51
C VAL B 531 29.76 -12.31 37.93
N LEU B 532 29.89 -12.29 36.59
CA LEU B 532 31.06 -12.89 35.95
C LEU B 532 32.34 -12.17 36.37
N VAL B 533 32.29 -10.84 36.47
CA VAL B 533 33.48 -10.08 36.85
C VAL B 533 33.91 -10.45 38.28
N ILE B 534 32.97 -10.44 39.22
CA ILE B 534 33.35 -10.70 40.61
C ILE B 534 33.76 -12.15 40.81
N LEU B 535 33.07 -13.08 40.15
CA LEU B 535 33.42 -14.50 40.28
C LEU B 535 34.79 -14.77 39.68
N SER B 536 35.11 -14.15 38.54
CA SER B 536 36.43 -14.33 37.94
C SER B 536 37.53 -13.73 38.81
N VAL B 537 37.26 -12.58 39.42
CA VAL B 537 38.25 -11.95 40.30
C VAL B 537 38.52 -12.84 41.52
N PHE B 538 37.44 -13.36 42.12
CA PHE B 538 37.61 -14.23 43.28
C PHE B 538 38.27 -15.55 42.91
N LEU B 539 37.99 -16.06 41.70
CA LEU B 539 38.69 -17.24 41.21
C LEU B 539 40.18 -16.96 41.01
N TYR B 540 40.51 -15.78 40.49
CA TYR B 540 41.91 -15.42 40.27
C TYR B 540 42.66 -15.29 41.58
N LEU B 541 42.00 -14.76 42.61
CA LEU B 541 42.70 -14.41 43.84
C LEU B 541 43.03 -15.65 44.68
N PHE B 542 42.02 -16.45 45.00
CA PHE B 542 42.19 -17.46 46.05
C PHE B 542 42.85 -18.73 45.54
N ALA B 543 42.14 -19.50 44.70
CA ALA B 543 42.60 -20.83 44.35
C ALA B 543 42.76 -21.07 42.86
N TYR B 544 41.75 -20.73 42.06
CA TYR B 544 41.69 -21.24 40.69
C TYR B 544 42.54 -20.40 39.75
N LYS B 545 42.62 -20.86 38.49
CA LYS B 545 43.35 -20.18 37.43
C LYS B 545 42.47 -19.94 36.22
N GLU B 546 41.15 -19.85 36.44
CA GLU B 546 40.19 -19.59 35.37
C GLU B 546 39.97 -18.10 35.13
N TYR B 547 40.98 -17.27 35.45
CA TYR B 547 40.89 -15.82 35.30
C TYR B 547 40.83 -15.36 33.85
N LEU B 548 41.08 -16.25 32.88
CA LEU B 548 40.86 -15.95 31.48
C LEU B 548 39.77 -16.81 30.85
N ALA B 549 38.91 -17.45 31.66
CA ALA B 549 37.79 -18.22 31.15
C ALA B 549 36.46 -17.50 31.38
N CYS B 550 36.17 -17.14 32.63
CA CYS B 550 34.96 -16.40 32.95
C CYS B 550 35.14 -14.89 32.85
N LEU B 551 36.39 -14.44 32.69
CA LEU B 551 36.66 -13.00 32.59
C LEU B 551 36.67 -12.55 31.14
N VAL B 552 37.17 -13.38 30.25
CA VAL B 552 37.14 -13.03 28.83
C VAL B 552 35.71 -12.70 28.42
N LEU B 553 34.74 -13.47 28.94
CA LEU B 553 33.34 -13.17 28.71
C LEU B 553 32.90 -11.85 29.34
N ALA B 554 33.69 -11.31 30.28
CA ALA B 554 33.30 -10.06 30.92
C ALA B 554 33.34 -8.90 29.94
N MET B 555 34.41 -8.80 29.13
CA MET B 555 34.39 -7.81 28.06
C MET B 555 33.63 -8.29 26.83
N ALA B 556 33.46 -9.61 26.66
CA ALA B 556 32.62 -10.09 25.57
C ALA B 556 31.18 -9.65 25.74
N LEU B 557 30.68 -9.65 26.97
CA LEU B 557 29.34 -9.16 27.26
C LEU B 557 29.31 -7.69 27.64
N GLY B 558 30.40 -7.18 28.20
CA GLY B 558 30.44 -5.78 28.58
C GLY B 558 30.41 -4.83 27.40
N TRP B 559 31.14 -5.17 26.33
CA TRP B 559 31.09 -4.38 25.11
C TRP B 559 29.82 -4.60 24.32
N ALA B 560 29.05 -5.64 24.65
CA ALA B 560 27.72 -5.83 24.10
C ALA B 560 26.66 -5.04 24.86
N ASN B 561 27.04 -4.42 25.98
CA ASN B 561 26.11 -3.58 26.73
C ASN B 561 26.18 -2.12 26.32
N MET B 562 27.19 -1.72 25.54
CA MET B 562 27.24 -0.35 25.04
C MET B 562 26.15 -0.10 24.00
N LEU B 563 25.63 -1.17 23.39
CA LEU B 563 24.49 -1.03 22.48
C LEU B 563 23.25 -0.58 23.22
N TYR B 564 23.13 -0.91 24.51
CA TYR B 564 21.95 -0.54 25.28
C TYR B 564 21.87 0.97 25.47
N TYR B 565 23.00 1.64 25.65
CA TYR B 565 23.03 3.06 25.91
C TYR B 565 22.76 3.92 24.68
N THR B 566 22.32 3.31 23.57
CA THR B 566 21.97 4.04 22.37
C THR B 566 20.56 4.63 22.42
N ARG B 567 19.83 4.43 23.51
CA ARG B 567 18.49 4.98 23.64
C ARG B 567 18.49 6.50 23.69
N GLY B 568 19.63 7.13 24.02
CA GLY B 568 19.71 8.57 24.04
C GLY B 568 19.57 9.21 22.67
N PHE B 569 20.12 8.59 21.63
CA PHE B 569 19.96 9.07 20.27
C PHE B 569 18.63 8.62 19.70
N GLN B 570 17.99 9.52 18.94
CA GLN B 570 16.76 9.17 18.26
C GLN B 570 17.00 8.20 17.12
N SER B 571 18.02 8.47 16.29
CA SER B 571 18.29 7.60 15.14
C SER B 571 18.90 6.28 15.58
N MET B 572 19.93 6.31 16.42
CA MET B 572 20.55 5.09 16.90
C MET B 572 19.59 4.28 17.76
N GLY B 573 18.79 4.96 18.59
CA GLY B 573 17.77 4.26 19.35
C GLY B 573 16.72 3.63 18.47
N MET B 574 16.37 4.28 17.36
CA MET B 574 15.46 3.67 16.39
C MET B 574 16.07 2.41 15.79
N TYR B 575 17.36 2.44 15.48
CA TYR B 575 18.02 1.27 14.92
C TYR B 575 18.24 0.16 15.93
N SER B 576 18.25 0.48 17.23
CA SER B 576 18.63 -0.49 18.25
C SER B 576 17.45 -1.28 18.82
N VAL B 577 16.23 -1.04 18.36
CA VAL B 577 15.07 -1.73 18.93
C VAL B 577 14.76 -3.02 18.19
N MET B 578 14.77 -3.02 16.85
CA MET B 578 14.51 -4.25 16.12
C MET B 578 15.70 -5.21 16.17
N ILE B 579 16.85 -4.75 16.65
CA ILE B 579 17.95 -5.68 16.95
C ILE B 579 17.49 -6.71 17.97
N GLN B 580 16.83 -6.25 19.02
CA GLN B 580 16.26 -7.17 20.01
C GLN B 580 15.01 -7.87 19.47
N LYS B 581 14.17 -7.13 18.74
CA LYS B 581 12.90 -7.69 18.27
C LYS B 581 13.11 -8.85 17.31
N VAL B 582 14.03 -8.71 16.35
CA VAL B 582 14.22 -9.74 15.34
C VAL B 582 14.82 -10.99 15.97
N ILE B 583 15.74 -10.83 16.92
CA ILE B 583 16.30 -11.98 17.63
C ILE B 583 15.21 -12.69 18.43
N LEU B 584 14.38 -11.92 19.13
CA LEU B 584 13.35 -12.53 19.98
C LEU B 584 12.19 -13.11 19.18
N HIS B 585 12.06 -12.78 17.90
CA HIS B 585 10.93 -13.27 17.12
C HIS B 585 11.31 -14.20 15.97
N ASP B 586 12.26 -13.80 15.12
CA ASP B 586 12.50 -14.48 13.85
C ASP B 586 13.76 -15.35 13.84
N VAL B 587 14.85 -14.90 14.48
CA VAL B 587 16.12 -15.62 14.38
C VAL B 587 16.02 -16.98 15.05
N LEU B 588 15.39 -17.05 16.22
CA LEU B 588 15.26 -18.33 16.92
C LEU B 588 14.36 -19.29 16.16
N LYS B 589 13.44 -18.77 15.34
CA LYS B 589 12.63 -19.64 14.49
C LYS B 589 13.50 -20.42 13.52
N PHE B 590 14.41 -19.73 12.84
CA PHE B 590 15.33 -20.42 11.93
C PHE B 590 16.37 -21.24 12.70
N LEU B 591 16.75 -20.77 13.90
CA LEU B 591 17.73 -21.49 14.70
C LEU B 591 17.22 -22.86 15.10
N PHE B 592 15.94 -22.96 15.46
CA PHE B 592 15.37 -24.25 15.83
C PHE B 592 15.41 -25.23 14.67
N VAL B 593 14.98 -24.79 13.49
CA VAL B 593 14.96 -25.67 12.32
C VAL B 593 16.37 -25.99 11.87
N TYR B 594 17.29 -25.03 11.97
CA TYR B 594 18.67 -25.28 11.56
C TYR B 594 19.37 -26.24 12.51
N ILE B 595 19.05 -26.17 13.81
CA ILE B 595 19.59 -27.13 14.76
C ILE B 595 19.02 -28.52 14.49
N VAL B 596 17.73 -28.60 14.14
CA VAL B 596 17.12 -29.88 13.79
C VAL B 596 17.78 -30.46 12.55
N PHE B 597 18.02 -29.62 11.54
CA PHE B 597 18.67 -30.09 10.32
C PHE B 597 20.12 -30.49 10.59
N LEU B 598 20.81 -29.74 11.45
CA LEU B 598 22.18 -30.07 11.81
C LEU B 598 22.25 -31.40 12.56
N LEU B 599 21.31 -31.62 13.48
CA LEU B 599 21.30 -32.86 14.25
C LEU B 599 20.98 -34.06 13.35
N GLY B 600 19.98 -33.91 12.47
CA GLY B 600 19.62 -35.01 11.59
C GLY B 600 20.70 -35.36 10.59
N PHE B 601 21.30 -34.34 9.97
CA PHE B 601 22.36 -34.59 9.00
C PHE B 601 23.68 -34.94 9.69
N GLY B 602 23.87 -34.47 10.93
CA GLY B 602 25.10 -34.77 11.63
C GLY B 602 25.26 -36.23 11.97
N VAL B 603 24.19 -36.87 12.47
CA VAL B 603 24.28 -38.29 12.80
C VAL B 603 24.28 -39.15 11.54
N ALA B 604 23.71 -38.65 10.45
CA ALA B 604 23.69 -39.40 9.20
C ALA B 604 25.06 -39.42 8.54
N LEU B 605 25.71 -38.26 8.44
CA LEU B 605 27.01 -38.19 7.78
C LEU B 605 28.13 -38.81 8.61
N ALA B 606 28.05 -38.71 9.93
CA ALA B 606 29.05 -39.34 10.78
C ALA B 606 29.04 -40.85 10.64
N SER B 607 27.84 -41.44 10.59
CA SER B 607 27.71 -42.88 10.38
C SER B 607 27.92 -43.28 8.93
N LEU B 608 27.82 -42.34 7.99
CA LEU B 608 27.96 -42.70 6.58
C LEU B 608 29.41 -42.99 6.22
N ILE B 609 30.37 -42.42 6.96
CA ILE B 609 31.77 -42.66 6.63
C ILE B 609 32.17 -44.08 6.97
N GLU B 610 33.27 -44.53 6.38
CA GLU B 610 33.89 -45.79 6.76
C GLU B 610 34.76 -45.56 7.98
N LYS B 611 34.51 -46.33 9.04
CA LYS B 611 35.27 -46.21 10.27
C LYS B 611 36.71 -46.62 10.02
N CYS B 612 37.64 -45.68 10.19
CA CYS B 612 39.03 -45.91 9.83
C CYS B 612 39.66 -46.93 10.78
N PRO B 613 40.54 -47.79 10.29
CA PRO B 613 41.23 -48.76 11.17
C PRO B 613 42.42 -48.14 11.88
N LYS B 614 42.45 -46.81 11.96
CA LYS B 614 43.52 -46.00 12.54
C LYS B 614 44.79 -46.03 11.70
N ASP B 615 44.70 -46.48 10.44
CA ASP B 615 45.80 -46.26 9.50
C ASP B 615 46.00 -44.78 9.24
N ASN B 616 44.91 -44.03 9.11
CA ASN B 616 44.93 -42.58 9.06
C ASN B 616 44.34 -42.06 10.37
N LYS B 617 45.10 -41.22 11.07
CA LYS B 617 44.68 -40.74 12.38
C LYS B 617 43.47 -39.82 12.26
N ASP B 618 43.62 -38.71 11.55
CA ASP B 618 42.50 -37.80 11.29
C ASP B 618 41.79 -38.29 10.03
N CYS B 619 40.95 -39.30 10.21
CA CYS B 619 40.31 -40.00 9.10
C CYS B 619 38.96 -39.37 8.76
N SER B 620 38.78 -39.04 7.49
CA SER B 620 37.49 -38.66 6.88
C SER B 620 37.00 -37.28 7.30
N SER B 621 37.64 -36.67 8.29
CA SER B 621 37.31 -35.33 8.81
C SER B 621 35.87 -35.24 9.34
N TYR B 622 35.15 -36.35 9.34
CA TYR B 622 33.78 -36.46 9.85
C TYR B 622 33.69 -37.64 10.81
N GLY B 623 34.73 -37.83 11.63
CA GLY B 623 34.80 -39.03 12.46
C GLY B 623 33.69 -39.11 13.50
N SER B 624 33.43 -37.99 14.17
CA SER B 624 32.45 -37.94 15.24
C SER B 624 31.24 -37.11 14.82
N PHE B 625 30.20 -37.17 15.64
CA PHE B 625 29.01 -36.35 15.41
C PHE B 625 29.33 -34.87 15.53
N SER B 626 30.15 -34.51 16.52
CA SER B 626 30.53 -33.10 16.70
C SER B 626 31.36 -32.60 15.53
N ASP B 627 32.26 -33.45 15.02
CA ASP B 627 33.06 -33.07 13.85
C ASP B 627 32.19 -32.87 12.63
N ALA B 628 31.20 -33.74 12.43
CA ALA B 628 30.30 -33.59 11.28
C ALA B 628 29.46 -32.32 11.41
N VAL B 629 28.99 -32.01 12.63
CA VAL B 629 28.21 -30.80 12.83
C VAL B 629 29.06 -29.57 12.57
N LEU B 630 30.31 -29.57 13.05
CA LEU B 630 31.22 -28.44 12.80
C LEU B 630 31.49 -28.27 11.32
N GLU B 631 31.74 -29.36 10.60
CA GLU B 631 31.99 -29.26 9.17
C GLU B 631 30.77 -28.79 8.41
N LEU B 632 29.57 -29.23 8.80
CA LEU B 632 28.36 -28.81 8.11
C LEU B 632 28.09 -27.32 8.34
N PHE B 633 28.28 -26.84 9.57
CA PHE B 633 28.10 -25.41 9.83
C PHE B 633 29.15 -24.58 9.10
N LYS B 634 30.38 -25.10 9.01
CA LYS B 634 31.42 -24.42 8.23
C LYS B 634 31.04 -24.34 6.77
N LEU B 635 30.48 -25.42 6.22
CA LEU B 635 30.02 -25.40 4.83
C LEU B 635 28.86 -24.44 4.63
N THR B 636 28.02 -24.26 5.66
CA THR B 636 26.89 -23.34 5.56
C THR B 636 27.36 -21.90 5.37
N ILE B 637 28.41 -21.48 6.07
CA ILE B 637 28.88 -20.10 6.03
C ILE B 637 29.90 -19.94 4.91
N GLY B 638 30.00 -20.94 4.04
CA GLY B 638 30.89 -20.86 2.89
C GLY B 638 32.37 -20.82 3.21
N LEU B 639 32.82 -21.68 4.12
CA LEU B 639 34.24 -21.77 4.47
C LEU B 639 34.50 -23.22 4.86
N GLY B 640 35.24 -23.93 4.02
CA GLY B 640 35.53 -25.33 4.28
C GLY B 640 36.03 -26.02 3.02
N ASP B 641 35.47 -27.21 2.79
CA ASP B 641 35.81 -28.02 1.63
C ASP B 641 34.62 -28.92 1.28
N LEU B 642 34.43 -29.14 -0.02
CA LEU B 642 33.38 -30.03 -0.53
C LEU B 642 34.03 -31.13 -1.37
N ASN B 643 35.07 -31.76 -0.82
CA ASN B 643 35.77 -32.82 -1.54
C ASN B 643 34.91 -34.07 -1.62
N ILE B 644 34.91 -34.71 -2.79
CA ILE B 644 34.10 -35.91 -2.99
C ILE B 644 34.69 -37.08 -2.20
N GLN B 645 36.00 -37.26 -2.26
CA GLN B 645 36.67 -38.38 -1.59
C GLN B 645 36.80 -38.06 -0.11
N GLN B 646 35.89 -38.60 0.70
CA GLN B 646 35.90 -38.41 2.14
C GLN B 646 36.14 -39.72 2.89
N ASN B 647 36.72 -40.72 2.22
CA ASN B 647 37.01 -42.03 2.80
C ASN B 647 35.72 -42.65 3.38
N SER B 648 34.81 -42.98 2.46
CA SER B 648 33.51 -43.52 2.81
C SER B 648 33.23 -44.75 1.97
N LYS B 649 32.28 -45.56 2.44
CA LYS B 649 31.85 -46.73 1.68
C LYS B 649 30.95 -46.33 0.51
N TYR B 650 30.24 -45.21 0.64
CA TYR B 650 29.37 -44.68 -0.41
C TYR B 650 29.68 -43.21 -0.63
N PRO B 651 30.65 -42.89 -1.50
CA PRO B 651 30.88 -41.46 -1.69
C PRO B 651 29.68 -40.72 -2.26
N ILE B 652 28.94 -41.32 -3.19
CA ILE B 652 27.85 -40.58 -3.83
C ILE B 652 26.72 -40.27 -2.86
N LEU B 653 26.41 -41.19 -1.94
CA LEU B 653 25.41 -40.92 -0.93
C LEU B 653 25.82 -39.80 0.01
N PHE B 654 27.10 -39.74 0.38
CA PHE B 654 27.61 -38.59 1.12
C PHE B 654 27.47 -37.32 0.31
N LEU B 655 27.77 -37.38 -0.99
CA LEU B 655 27.58 -36.22 -1.85
C LEU B 655 26.10 -35.85 -1.95
N PHE B 656 25.22 -36.84 -2.05
CA PHE B 656 23.78 -36.58 -2.12
C PHE B 656 23.31 -35.85 -0.87
N LEU B 657 23.73 -36.34 0.31
CA LEU B 657 23.33 -35.71 1.56
C LEU B 657 23.89 -34.31 1.69
N LEU B 658 25.12 -34.09 1.25
CA LEU B 658 25.71 -32.75 1.30
C LEU B 658 24.96 -31.77 0.40
N ILE B 659 24.62 -32.20 -0.82
CA ILE B 659 23.93 -31.32 -1.75
C ILE B 659 22.55 -30.97 -1.25
N THR B 660 21.81 -31.97 -0.76
CA THR B 660 20.46 -31.68 -0.26
C THR B 660 20.51 -30.88 1.04
N TYR B 661 21.59 -31.00 1.81
CA TYR B 661 21.74 -30.15 2.98
C TYR B 661 21.94 -28.69 2.58
N VAL B 662 22.75 -28.44 1.54
CA VAL B 662 22.96 -27.08 1.07
C VAL B 662 21.65 -26.50 0.51
N ILE B 663 20.89 -27.31 -0.23
CA ILE B 663 19.63 -26.85 -0.80
C ILE B 663 18.63 -26.52 0.31
N LEU B 664 18.52 -27.40 1.30
CA LEU B 664 17.60 -27.16 2.41
C LEU B 664 18.02 -25.95 3.23
N THR B 665 19.33 -25.76 3.44
CA THR B 665 19.81 -24.59 4.15
C THR B 665 19.51 -23.31 3.37
N PHE B 666 19.65 -23.36 2.05
CA PHE B 666 19.35 -22.19 1.22
C PHE B 666 17.87 -21.82 1.31
N VAL B 667 16.99 -22.82 1.27
CA VAL B 667 15.56 -22.56 1.42
C VAL B 667 15.26 -21.99 2.81
N LEU B 668 15.89 -22.56 3.84
CA LEU B 668 15.68 -22.08 5.21
C LEU B 668 16.15 -20.64 5.36
N LEU B 669 17.28 -20.30 4.74
CA LEU B 669 17.79 -18.93 4.81
C LEU B 669 16.89 -17.96 4.04
N LEU B 670 16.30 -18.41 2.93
CA LEU B 670 15.37 -17.56 2.19
C LEU B 670 14.13 -17.23 3.02
N ASN B 671 13.64 -18.21 3.78
CA ASN B 671 12.48 -17.96 4.62
C ASN B 671 12.76 -16.99 5.76
N MET B 672 14.03 -16.73 6.07
CA MET B 672 14.35 -15.69 7.05
C MET B 672 13.92 -14.31 6.53
N LEU B 673 14.30 -13.97 5.31
CA LEU B 673 13.82 -12.73 4.72
C LEU B 673 12.31 -12.74 4.57
N ILE B 674 11.73 -13.91 4.31
CA ILE B 674 10.28 -14.00 4.14
C ILE B 674 9.55 -13.69 5.44
N ALA B 675 10.04 -14.22 6.56
CA ALA B 675 9.45 -13.88 7.86
C ALA B 675 9.61 -12.40 8.17
N LEU B 676 10.76 -11.82 7.79
CA LEU B 676 10.94 -10.38 7.91
C LEU B 676 9.83 -9.63 7.17
N MET B 677 9.55 -10.03 5.93
CA MET B 677 8.44 -9.44 5.18
C MET B 677 7.11 -9.62 5.92
N GLY B 678 6.90 -10.77 6.53
CA GLY B 678 5.66 -11.01 7.26
C GLY B 678 5.44 -10.21 8.52
N GLU B 679 6.48 -9.56 9.05
CA GLU B 679 6.27 -8.84 10.31
C GLU B 679 6.55 -7.34 10.25
N THR B 680 7.60 -6.91 9.53
CA THR B 680 7.90 -5.47 9.52
C THR B 680 6.89 -4.67 8.71
N VAL B 681 6.53 -5.14 7.52
CA VAL B 681 5.83 -4.29 6.55
C VAL B 681 4.42 -3.91 6.94
N GLU B 682 3.88 -4.50 8.02
CA GLU B 682 2.53 -4.12 8.46
C GLU B 682 2.57 -2.98 9.46
N ASN B 683 3.51 -3.03 10.41
CA ASN B 683 3.57 -2.04 11.47
C ASN B 683 4.83 -1.19 11.36
N VAL B 684 5.16 -0.76 10.14
CA VAL B 684 6.31 0.11 9.93
C VAL B 684 6.06 1.46 10.60
N SER B 685 7.13 2.06 11.13
CA SER B 685 7.09 3.33 11.85
C SER B 685 6.16 3.30 13.07
N LYS B 686 5.79 2.10 13.53
CA LYS B 686 4.94 1.96 14.71
C LYS B 686 5.47 0.95 15.72
N GLU B 687 6.25 -0.05 15.30
CA GLU B 687 6.89 -0.97 16.22
C GLU B 687 8.36 -0.65 16.44
N SER B 688 8.86 0.42 15.84
CA SER B 688 10.26 0.81 15.98
C SER B 688 10.45 1.94 16.99
N GLU B 689 9.91 3.11 16.71
CA GLU B 689 10.17 4.28 17.54
C GLU B 689 9.10 4.51 18.61
N ARG B 690 7.91 3.92 18.47
CA ARG B 690 6.89 4.10 19.49
C ARG B 690 7.24 3.34 20.76
N ILE B 691 7.74 2.11 20.63
CA ILE B 691 8.23 1.37 21.80
C ILE B 691 9.52 2.01 22.33
N TRP B 692 10.34 2.58 21.45
CA TRP B 692 11.54 3.27 21.89
C TRP B 692 11.19 4.48 22.75
N ARG B 693 10.11 5.19 22.40
CA ARG B 693 9.66 6.30 23.23
C ARG B 693 9.19 5.82 24.60
N LEU B 694 8.55 4.65 24.65
CA LEU B 694 8.18 4.06 25.93
C LEU B 694 9.42 3.70 26.75
N GLN B 695 10.45 3.18 26.09
CA GLN B 695 11.70 2.87 26.78
C GLN B 695 12.36 4.14 27.30
N ARG B 696 12.33 5.21 26.51
CA ARG B 696 12.88 6.49 26.96
C ARG B 696 12.11 7.04 28.15
N ALA B 697 10.78 6.94 28.11
CA ALA B 697 9.97 7.41 29.23
C ALA B 697 10.23 6.59 30.48
N ARG B 698 10.40 5.28 30.34
CA ARG B 698 10.74 4.43 31.47
C ARG B 698 12.11 4.79 32.03
N THR B 699 13.06 5.12 31.15
CA THR B 699 14.38 5.55 31.60
C THR B 699 14.32 6.85 32.38
N ILE B 700 13.50 7.80 31.92
CA ILE B 700 13.33 9.05 32.64
C ILE B 700 12.69 8.82 34.00
N LEU B 701 11.68 7.93 34.05
CA LEU B 701 11.03 7.62 35.32
C LEU B 701 11.97 6.89 36.26
N GLU B 702 12.85 6.03 35.73
CA GLU B 702 13.83 5.35 36.57
C GLU B 702 14.89 6.31 37.10
N PHE B 703 15.23 7.35 36.32
CA PHE B 703 16.22 8.31 36.78
C PHE B 703 15.71 9.15 37.94
N GLU B 704 14.38 9.28 38.08
CA GLU B 704 13.83 10.02 39.20
C GLU B 704 14.05 9.29 40.52
N LYS B 705 14.06 7.95 40.48
CA LYS B 705 14.22 7.17 41.70
C LYS B 705 15.67 7.14 42.19
N MET B 706 16.63 7.43 41.34
CA MET B 706 18.05 7.39 41.70
C MET B 706 18.58 8.75 42.13
N LEU B 707 17.70 9.61 42.63
CA LEU B 707 18.12 10.91 43.15
C LEU B 707 17.44 11.09 44.49
N PRO B 708 18.02 11.91 45.38
CA PRO B 708 17.46 12.04 46.74
C PRO B 708 16.44 13.17 46.82
N GLU B 709 15.90 13.34 48.03
CA GLU B 709 14.79 14.27 48.23
C GLU B 709 15.19 15.71 47.94
N TRP B 710 16.39 16.12 48.36
CA TRP B 710 16.83 17.49 48.16
C TRP B 710 17.00 17.84 46.69
N LEU B 711 17.21 16.83 45.83
CA LEU B 711 17.32 17.08 44.40
C LEU B 711 15.97 17.20 43.71
N ARG B 712 14.86 16.90 44.40
CA ARG B 712 13.54 17.05 43.82
C ARG B 712 12.99 18.46 44.03
N SER B 713 13.80 19.46 43.66
CA SER B 713 13.39 20.85 43.67
C SER B 713 13.06 21.35 42.27
N ARG B 714 12.93 20.44 41.32
CA ARG B 714 12.67 20.77 39.91
C ARG B 714 11.22 20.49 39.55
N PHE B 715 10.31 20.77 40.49
CA PHE B 715 8.89 20.57 40.25
C PHE B 715 8.37 21.64 39.28
N ARG B 716 7.07 21.58 39.01
CA ARG B 716 6.46 22.44 38.00
C ARG B 716 6.19 23.82 38.60
N MET B 717 5.44 24.64 37.86
CA MET B 717 5.30 26.06 38.15
C MET B 717 3.92 26.38 38.72
N GLY B 718 3.64 27.67 38.85
CA GLY B 718 2.37 28.19 39.30
C GLY B 718 2.23 28.40 40.79
N GLU B 719 1.97 27.33 41.54
CA GLU B 719 1.61 27.40 42.97
C GLU B 719 0.61 28.54 43.20
N LEU B 720 -0.50 28.45 42.47
CA LEU B 720 -1.37 29.60 42.24
C LEU B 720 -2.26 29.92 43.44
N CYS B 721 -3.16 28.99 43.78
CA CYS B 721 -4.25 29.24 44.73
C CYS B 721 -5.09 30.44 44.30
N LYS B 722 -5.23 30.63 43.00
CA LYS B 722 -5.98 31.73 42.40
C LYS B 722 -7.01 31.26 41.40
N VAL B 723 -6.72 30.19 40.66
CA VAL B 723 -7.67 29.64 39.69
C VAL B 723 -8.92 29.09 40.35
N ALA B 724 -8.80 28.58 41.58
CA ALA B 724 -9.94 28.04 42.30
C ALA B 724 -9.81 28.42 43.77
N GLU B 725 -10.90 28.24 44.51
CA GLU B 725 -10.93 28.63 45.91
C GLU B 725 -9.96 27.82 46.75
N ASP B 726 -9.87 26.52 46.49
CA ASP B 726 -8.99 25.66 47.27
C ASP B 726 -7.53 25.90 46.90
N ASP B 727 -6.63 25.32 47.69
CA ASP B 727 -5.19 25.49 47.50
C ASP B 727 -4.75 24.71 46.27
N PHE B 728 -4.67 25.38 45.13
CA PHE B 728 -4.21 24.74 43.90
C PHE B 728 -2.72 24.46 44.00
N ARG B 729 -2.32 23.22 43.70
CA ARG B 729 -0.95 22.80 43.97
C ARG B 729 0.01 23.24 42.86
N LEU B 730 -0.16 22.68 41.66
CA LEU B 730 0.78 22.91 40.57
C LEU B 730 0.03 23.15 39.28
N CYS B 731 0.75 23.63 38.27
CA CYS B 731 0.21 23.82 36.93
C CYS B 731 1.36 23.79 35.93
N LEU B 732 1.01 23.55 34.66
CA LEU B 732 1.98 23.46 33.58
C LEU B 732 1.47 24.23 32.38
N ARG B 733 2.35 25.01 31.76
CA ARG B 733 1.97 25.86 30.63
C ARG B 733 2.34 25.17 29.32
N ILE B 734 1.38 25.10 28.40
CA ILE B 734 1.57 24.51 27.08
C ILE B 734 0.99 25.47 26.04
N ASN B 735 1.75 25.74 24.99
CA ASN B 735 1.35 26.64 23.92
C ASN B 735 1.04 25.86 22.66
N GLU B 736 0.08 26.37 21.87
CA GLU B 736 -0.35 25.69 20.65
C GLU B 736 -0.87 26.74 19.67
N VAL B 737 -0.53 26.56 18.39
CA VAL B 737 -0.94 27.46 17.33
C VAL B 737 -1.86 26.71 16.38
N LYS B 738 -3.01 27.30 16.08
CA LYS B 738 -3.99 26.71 15.17
C LYS B 738 -4.51 27.79 14.23
N TRP B 739 -4.47 27.52 12.93
CA TRP B 739 -4.87 28.47 11.90
C TRP B 739 -6.21 28.13 11.26
N THR B 740 -6.96 27.19 11.84
CA THR B 740 -8.23 26.75 11.27
C THR B 740 -9.43 27.21 12.08
N GLU B 741 -9.46 26.91 13.39
CA GLU B 741 -10.59 27.34 14.22
C GLU B 741 -10.56 28.85 14.41
N TRP B 742 -11.74 29.47 14.28
CA TRP B 742 -11.88 30.91 14.42
C TRP B 742 -13.03 31.18 15.38
N LYS B 743 -12.71 31.76 16.54
CA LYS B 743 -13.72 31.98 17.56
C LYS B 743 -13.29 33.15 18.44
N THR B 744 -14.25 33.66 19.21
CA THR B 744 -13.98 34.69 20.20
C THR B 744 -13.84 34.06 21.58
N HIS B 745 -12.64 34.14 22.14
CA HIS B 745 -12.36 33.49 23.42
C HIS B 745 -12.74 34.43 24.56
N VAL B 746 -13.42 33.92 25.57
CA VAL B 746 -13.83 34.75 26.70
C VAL B 746 -13.46 34.11 28.02
N SER B 747 -13.00 32.87 27.98
CA SER B 747 -12.69 32.15 29.21
C SER B 747 -11.19 31.98 29.45
N PHE B 748 -10.38 32.97 29.11
CA PHE B 748 -8.97 32.88 29.44
C PHE B 748 -8.74 33.33 30.89
N LEU B 749 -7.59 32.91 31.44
CA LEU B 749 -7.31 33.13 32.85
C LEU B 749 -6.70 34.51 33.11
N ASN B 750 -5.53 34.78 32.54
CA ASN B 750 -4.85 36.05 32.70
C ASN B 750 -5.29 36.93 31.54
N GLU B 751 -5.67 38.17 31.85
CA GLU B 751 -6.29 39.09 30.89
C GLU B 751 -5.43 39.37 29.66
N ASP B 752 -4.17 39.76 29.83
CA ASP B 752 -3.26 39.97 28.71
C ASP B 752 -2.24 38.85 28.68
N PRO B 753 -1.67 38.52 27.52
CA PRO B 753 -0.70 37.42 27.46
C PRO B 753 0.60 37.77 28.16
N GLY B 754 1.57 36.88 28.02
CA GLY B 754 2.88 37.10 28.59
C GLY B 754 3.29 36.04 29.59
N PRO B 755 4.35 35.29 29.26
CA PRO B 755 4.91 34.25 30.12
C PRO B 755 5.74 34.83 31.26
N LEU C 119 -45.17 -19.17 -47.06
CA LEU C 119 -45.14 -20.46 -46.38
C LEU C 119 -45.56 -20.31 -44.93
N LYS C 120 -45.12 -21.25 -44.09
CA LYS C 120 -45.45 -21.19 -42.66
C LYS C 120 -44.61 -20.16 -41.91
N LYS C 121 -43.60 -19.58 -42.57
CA LYS C 121 -42.75 -18.59 -41.90
C LYS C 121 -43.45 -17.25 -41.73
N ARG C 122 -44.62 -17.07 -42.35
CA ARG C 122 -45.34 -15.80 -42.20
C ARG C 122 -45.81 -15.59 -40.77
N ILE C 123 -46.07 -16.68 -40.04
CA ILE C 123 -46.46 -16.56 -38.63
C ILE C 123 -45.27 -16.10 -37.80
N PHE C 124 -44.10 -16.68 -38.05
CA PHE C 124 -42.92 -16.40 -37.23
C PHE C 124 -42.46 -14.96 -37.41
N ALA C 125 -42.51 -14.45 -38.64
CA ALA C 125 -42.15 -13.06 -38.89
C ALA C 125 -43.18 -12.09 -38.32
N ALA C 126 -44.47 -12.49 -38.31
CA ALA C 126 -45.50 -11.60 -37.81
C ALA C 126 -45.44 -11.45 -36.29
N VAL C 127 -45.24 -12.56 -35.58
CA VAL C 127 -45.24 -12.51 -34.12
C VAL C 127 -44.01 -11.78 -33.58
N SER C 128 -42.91 -11.75 -34.34
CA SER C 128 -41.69 -11.09 -33.87
C SER C 128 -41.71 -9.58 -34.08
N GLU C 129 -42.65 -9.06 -34.86
CA GLU C 129 -42.71 -7.62 -35.12
C GLU C 129 -43.80 -6.91 -34.32
N GLY C 130 -44.72 -7.65 -33.70
CA GLY C 130 -45.76 -7.05 -32.90
C GLY C 130 -46.94 -6.49 -33.67
N CYS C 131 -47.05 -6.79 -34.96
CA CYS C 131 -48.17 -6.30 -35.77
C CYS C 131 -49.40 -7.12 -35.43
N VAL C 132 -50.20 -6.59 -34.49
CA VAL C 132 -51.40 -7.31 -34.05
C VAL C 132 -52.45 -7.33 -35.17
N GLU C 133 -52.57 -6.24 -35.92
CA GLU C 133 -53.56 -6.19 -37.00
C GLU C 133 -53.16 -7.12 -38.15
N GLU C 134 -51.87 -7.19 -38.47
CA GLU C 134 -51.43 -8.10 -39.51
C GLU C 134 -51.59 -9.56 -39.10
N LEU C 135 -51.34 -9.86 -37.82
CA LEU C 135 -51.51 -11.22 -37.33
C LEU C 135 -52.98 -11.62 -37.31
N VAL C 136 -53.85 -10.73 -36.84
CA VAL C 136 -55.28 -11.02 -36.82
C VAL C 136 -55.90 -10.98 -38.20
N GLU C 137 -55.19 -10.41 -39.20
CA GLU C 137 -55.70 -10.41 -40.56
C GLU C 137 -55.77 -11.83 -41.12
N LEU C 138 -54.76 -12.65 -40.86
CA LEU C 138 -54.72 -14.01 -41.38
C LEU C 138 -55.05 -15.07 -40.34
N LEU C 139 -55.03 -14.74 -39.04
CA LEU C 139 -55.39 -15.74 -38.03
C LEU C 139 -56.86 -16.11 -38.12
N VAL C 140 -57.70 -15.22 -38.67
CA VAL C 140 -59.11 -15.53 -38.81
C VAL C 140 -59.38 -16.48 -39.96
N GLU C 141 -58.40 -16.67 -40.86
CA GLU C 141 -58.57 -17.56 -42.00
C GLU C 141 -57.67 -18.78 -41.97
N LEU C 142 -56.67 -18.84 -41.09
CA LEU C 142 -55.92 -20.08 -40.92
C LEU C 142 -56.79 -21.19 -40.33
N GLN C 143 -57.78 -20.82 -39.51
CA GLN C 143 -58.70 -21.82 -38.97
C GLN C 143 -59.52 -22.46 -40.08
N GLU C 144 -59.97 -21.66 -41.04
CA GLU C 144 -60.72 -22.17 -42.18
C GLU C 144 -59.83 -22.70 -43.29
N LEU C 145 -58.51 -22.49 -43.21
CA LEU C 145 -57.61 -22.99 -44.23
C LEU C 145 -57.58 -24.53 -44.23
N CYS C 146 -57.56 -25.14 -43.05
CA CYS C 146 -57.56 -26.58 -42.92
C CYS C 146 -58.97 -27.15 -42.75
N ARG C 147 -59.99 -26.28 -42.73
CA ARG C 147 -61.41 -26.64 -42.63
C ARG C 147 -61.79 -27.23 -41.27
N ARG C 148 -60.80 -27.46 -40.40
CA ARG C 148 -61.03 -27.96 -39.04
C ARG C 148 -59.75 -27.91 -38.23
N PHE C 157 -56.42 -29.62 -35.15
CA PHE C 157 -56.25 -30.97 -35.66
C PHE C 157 -54.75 -31.12 -35.93
N LEU C 158 -53.97 -30.93 -34.86
CA LEU C 158 -52.50 -31.00 -34.90
C LEU C 158 -51.95 -30.11 -36.02
N MET C 159 -52.19 -28.81 -35.90
CA MET C 159 -51.79 -27.85 -36.90
C MET C 159 -50.27 -27.76 -36.95
N HIS C 160 -49.66 -28.34 -37.99
CA HIS C 160 -48.23 -28.33 -38.14
C HIS C 160 -47.67 -26.98 -38.58
N LYS C 161 -48.54 -26.05 -38.99
CA LYS C 161 -48.07 -24.73 -39.39
C LYS C 161 -47.47 -23.97 -38.20
N LEU C 162 -48.10 -24.09 -37.03
CA LEU C 162 -47.61 -23.41 -35.82
C LEU C 162 -46.65 -24.28 -35.02
N THR C 163 -45.85 -25.07 -35.71
CA THR C 163 -44.89 -25.97 -35.08
C THR C 163 -43.53 -25.75 -35.75
N ALA C 164 -42.59 -26.65 -35.45
CA ALA C 164 -41.28 -26.63 -36.08
C ALA C 164 -40.69 -28.03 -35.99
N SER C 165 -40.33 -28.58 -37.15
CA SER C 165 -39.78 -29.94 -37.18
C SER C 165 -38.40 -30.01 -36.55
N ASP C 166 -37.69 -28.88 -36.51
CA ASP C 166 -36.34 -28.87 -35.93
C ASP C 166 -36.38 -28.62 -34.43
N THR C 167 -37.27 -27.73 -33.98
CA THR C 167 -37.34 -27.36 -32.57
C THR C 167 -38.64 -27.81 -31.91
N GLY C 168 -39.79 -27.44 -32.45
CA GLY C 168 -41.05 -27.72 -31.83
C GLY C 168 -41.79 -26.51 -31.30
N LYS C 169 -41.66 -25.36 -31.95
CA LYS C 169 -42.21 -24.12 -31.45
C LYS C 169 -43.74 -24.15 -31.52
N THR C 170 -44.36 -23.19 -30.85
CA THR C 170 -45.78 -22.88 -31.02
C THR C 170 -45.92 -21.37 -31.28
N CYS C 171 -47.13 -20.95 -31.65
CA CYS C 171 -47.40 -19.54 -31.86
C CYS C 171 -47.36 -18.76 -30.54
N LEU C 172 -48.08 -19.25 -29.53
CA LEU C 172 -48.09 -18.59 -28.22
C LEU C 172 -46.72 -18.61 -27.57
N MET C 173 -46.01 -19.74 -27.65
CA MET C 173 -44.67 -19.83 -27.08
C MET C 173 -43.68 -18.90 -27.78
N LYS C 174 -43.71 -18.83 -29.11
CA LYS C 174 -42.82 -17.95 -29.86
C LYS C 174 -43.11 -16.48 -29.61
N ALA C 175 -44.37 -16.11 -29.37
CA ALA C 175 -44.73 -14.71 -29.16
C ALA C 175 -44.07 -14.15 -27.89
N LEU C 176 -43.64 -15.02 -26.98
CA LEU C 176 -43.10 -14.57 -25.71
C LEU C 176 -41.58 -14.39 -25.71
N LEU C 177 -40.86 -14.99 -26.66
CA LEU C 177 -39.41 -14.80 -26.67
C LEU C 177 -39.04 -13.38 -27.12
N ASN C 178 -39.64 -12.92 -28.21
CA ASN C 178 -39.43 -11.56 -28.70
C ASN C 178 -40.51 -10.67 -28.06
N ILE C 179 -40.25 -10.18 -26.86
CA ILE C 179 -41.22 -9.35 -26.16
C ILE C 179 -41.21 -7.97 -26.81
N ASN C 180 -42.20 -7.70 -27.63
CA ASN C 180 -42.38 -6.43 -28.29
C ASN C 180 -43.31 -5.55 -27.46
N PRO C 181 -43.22 -4.22 -27.57
CA PRO C 181 -43.98 -3.36 -26.65
C PRO C 181 -45.50 -3.47 -26.81
N ASN C 182 -45.98 -4.04 -27.91
CA ASN C 182 -47.40 -4.33 -28.07
C ASN C 182 -47.50 -5.85 -28.17
N THR C 183 -47.57 -6.52 -27.02
CA THR C 183 -47.63 -7.97 -26.96
C THR C 183 -48.78 -8.52 -26.15
N LYS C 184 -49.42 -7.72 -25.28
CA LYS C 184 -50.53 -8.22 -24.49
C LYS C 184 -51.72 -8.59 -25.37
N GLU C 185 -51.99 -7.78 -26.40
CA GLU C 185 -53.08 -8.09 -27.31
C GLU C 185 -52.79 -9.33 -28.14
N ILE C 186 -51.51 -9.57 -28.48
CA ILE C 186 -51.16 -10.77 -29.22
C ILE C 186 -51.45 -12.02 -28.39
N VAL C 187 -51.06 -12.01 -27.12
CA VAL C 187 -51.32 -13.15 -26.25
C VAL C 187 -52.82 -13.30 -26.01
N ARG C 188 -53.54 -12.19 -25.89
CA ARG C 188 -54.98 -12.25 -25.68
C ARG C 188 -55.69 -12.89 -26.88
N ILE C 189 -55.36 -12.44 -28.09
CA ILE C 189 -55.98 -13.02 -29.27
C ILE C 189 -55.49 -14.44 -29.50
N LEU C 190 -54.29 -14.78 -28.99
CA LEU C 190 -53.83 -16.16 -29.09
C LEU C 190 -54.58 -17.06 -28.13
N LEU C 191 -54.94 -16.54 -26.95
CA LEU C 191 -55.80 -17.29 -26.04
C LEU C 191 -57.18 -17.51 -26.64
N ALA C 192 -57.72 -16.49 -27.31
CA ALA C 192 -59.00 -16.64 -27.99
C ALA C 192 -58.91 -17.67 -29.11
N PHE C 193 -57.81 -17.66 -29.88
CA PHE C 193 -57.63 -18.64 -30.94
C PHE C 193 -57.47 -20.04 -30.35
N ALA C 194 -56.79 -20.15 -29.21
CA ALA C 194 -56.63 -21.45 -28.57
C ALA C 194 -57.95 -22.02 -28.09
N GLU C 195 -58.79 -21.17 -27.47
CA GLU C 195 -60.04 -21.67 -26.92
C GLU C 195 -61.10 -21.90 -28.00
N GLU C 196 -61.04 -21.17 -29.12
CA GLU C 196 -62.07 -21.35 -30.14
C GLU C 196 -61.85 -22.62 -30.96
N ASN C 197 -60.60 -23.06 -31.11
CA ASN C 197 -60.29 -24.29 -31.83
C ASN C 197 -60.04 -25.47 -30.91
N ASP C 198 -60.27 -25.30 -29.60
CA ASP C 198 -60.10 -26.35 -28.60
C ASP C 198 -58.70 -26.95 -28.63
N ILE C 199 -57.69 -26.10 -28.82
CA ILE C 199 -56.30 -26.53 -28.83
C ILE C 199 -55.59 -25.72 -27.73
N LEU C 200 -55.50 -26.31 -26.55
CA LEU C 200 -54.77 -25.69 -25.45
C LEU C 200 -53.84 -26.70 -24.78
N GLY C 201 -54.19 -27.99 -24.89
CA GLY C 201 -53.35 -29.02 -24.31
C GLY C 201 -52.00 -29.14 -25.00
N ARG C 202 -52.00 -29.08 -26.32
CA ARG C 202 -50.78 -29.11 -27.11
C ARG C 202 -50.29 -27.71 -27.50
N PHE C 203 -50.95 -26.66 -27.01
CA PHE C 203 -50.60 -25.29 -27.34
C PHE C 203 -50.01 -24.54 -26.16
N ILE C 204 -50.70 -24.50 -25.03
CA ILE C 204 -50.17 -23.81 -23.85
C ILE C 204 -49.20 -24.69 -23.07
N ASN C 205 -49.23 -26.01 -23.29
CA ASN C 205 -48.31 -26.95 -22.64
C ASN C 205 -47.65 -27.78 -23.74
N ALA C 206 -46.54 -27.26 -24.27
CA ALA C 206 -45.80 -27.94 -25.32
C ALA C 206 -44.34 -28.07 -24.88
N GLU C 207 -43.53 -28.65 -25.76
CA GLU C 207 -42.14 -28.90 -25.45
C GLU C 207 -41.34 -28.97 -26.74
N TYR C 208 -40.01 -28.86 -26.59
CA TYR C 208 -39.12 -29.04 -27.72
C TYR C 208 -38.71 -30.52 -27.83
N THR C 209 -38.18 -30.88 -29.00
CA THR C 209 -37.86 -32.28 -29.27
C THR C 209 -36.45 -32.46 -29.81
N GLU C 210 -35.56 -31.50 -29.59
CA GLU C 210 -34.19 -31.57 -30.06
C GLU C 210 -33.25 -31.57 -28.85
N GLU C 211 -31.95 -31.61 -29.14
CA GLU C 211 -30.95 -31.67 -28.08
C GLU C 211 -30.96 -30.39 -27.25
N ALA C 212 -30.69 -30.57 -25.95
CA ALA C 212 -30.48 -29.53 -24.94
C ALA C 212 -31.75 -28.86 -24.46
N TYR C 213 -32.87 -29.00 -25.18
CA TYR C 213 -34.14 -28.38 -24.77
C TYR C 213 -35.24 -29.44 -24.77
N GLU C 214 -35.86 -29.63 -23.61
CA GLU C 214 -37.04 -30.47 -23.47
C GLU C 214 -37.94 -29.85 -22.41
N GLY C 215 -39.23 -29.76 -22.72
CA GLY C 215 -40.19 -29.31 -21.73
C GLY C 215 -40.23 -27.82 -21.47
N GLN C 216 -39.66 -27.00 -22.34
CA GLN C 216 -39.71 -25.55 -22.17
C GLN C 216 -41.08 -25.07 -22.64
N THR C 217 -42.00 -24.90 -21.68
CA THR C 217 -43.37 -24.50 -22.00
C THR C 217 -43.45 -22.98 -22.10
N ALA C 218 -44.68 -22.48 -22.26
CA ALA C 218 -44.89 -21.03 -22.36
C ALA C 218 -44.58 -20.33 -21.03
N LEU C 219 -44.93 -20.96 -19.91
CA LEU C 219 -44.65 -20.37 -18.61
C LEU C 219 -43.16 -20.31 -18.30
N ASN C 220 -42.35 -21.17 -18.92
CA ASN C 220 -40.92 -21.17 -18.70
C ASN C 220 -40.21 -20.01 -19.39
N ILE C 221 -40.89 -19.26 -20.25
CA ILE C 221 -40.31 -18.13 -20.95
C ILE C 221 -40.96 -16.81 -20.52
N ALA C 222 -42.28 -16.82 -20.28
CA ALA C 222 -42.95 -15.60 -19.83
C ALA C 222 -42.40 -15.14 -18.48
N ILE C 223 -42.10 -16.09 -17.59
CA ILE C 223 -41.42 -15.76 -16.34
C ILE C 223 -39.99 -15.32 -16.63
N GLU C 224 -39.36 -15.92 -17.63
CA GLU C 224 -37.97 -15.61 -17.95
C GLU C 224 -37.81 -14.17 -18.45
N ARG C 225 -38.75 -13.68 -19.26
CA ARG C 225 -38.66 -12.35 -19.84
C ARG C 225 -39.08 -11.24 -18.89
N ARG C 226 -39.13 -11.52 -17.59
CA ARG C 226 -39.49 -10.53 -16.56
C ARG C 226 -40.89 -9.96 -16.81
N GLN C 227 -41.79 -10.79 -17.31
CA GLN C 227 -43.16 -10.41 -17.59
C GLN C 227 -44.09 -11.03 -16.55
N GLY C 228 -44.80 -10.18 -15.82
CA GLY C 228 -45.67 -10.66 -14.76
C GLY C 228 -47.12 -10.79 -15.16
N ASP C 229 -47.61 -9.82 -15.96
CA ASP C 229 -49.01 -9.84 -16.35
C ASP C 229 -49.33 -11.03 -17.26
N ILE C 230 -48.46 -11.29 -18.25
CA ILE C 230 -48.69 -12.41 -19.15
C ILE C 230 -48.49 -13.73 -18.41
N ALA C 231 -47.53 -13.78 -17.48
CA ALA C 231 -47.34 -14.98 -16.68
C ALA C 231 -48.57 -15.27 -15.82
N ALA C 232 -49.16 -14.23 -15.23
CA ALA C 232 -50.39 -14.42 -14.45
C ALA C 232 -51.55 -14.82 -15.35
N LEU C 233 -51.59 -14.31 -16.57
CA LEU C 233 -52.64 -14.70 -17.52
C LEU C 233 -52.51 -16.17 -17.89
N LEU C 234 -51.27 -16.65 -18.12
CA LEU C 234 -51.07 -18.05 -18.44
C LEU C 234 -51.39 -18.94 -17.24
N ILE C 235 -51.04 -18.49 -16.04
CA ILE C 235 -51.36 -19.25 -14.83
C ILE C 235 -52.87 -19.34 -14.62
N ALA C 236 -53.59 -18.24 -14.87
CA ALA C 236 -55.04 -18.25 -14.75
C ALA C 236 -55.67 -19.20 -15.76
N ALA C 237 -55.04 -19.39 -16.93
CA ALA C 237 -55.49 -20.38 -17.88
C ALA C 237 -55.14 -21.80 -17.47
N GLY C 238 -54.31 -21.96 -16.43
CA GLY C 238 -53.95 -23.28 -15.93
C GLY C 238 -52.48 -23.58 -16.12
N ALA C 239 -51.94 -23.26 -17.30
CA ALA C 239 -50.54 -23.47 -17.65
C ALA C 239 -50.07 -24.89 -17.35
N ASP C 240 -48.86 -25.01 -16.82
CA ASP C 240 -48.33 -26.31 -16.40
C ASP C 240 -47.81 -26.24 -14.97
N VAL C 241 -47.28 -25.08 -14.58
CA VAL C 241 -46.81 -24.78 -13.23
C VAL C 241 -45.66 -25.68 -12.80
N ASN C 242 -45.84 -26.99 -12.90
CA ASN C 242 -44.82 -27.96 -12.52
C ASN C 242 -44.15 -28.59 -13.74
N ALA C 243 -43.92 -27.78 -14.78
CA ALA C 243 -43.26 -28.28 -15.97
C ALA C 243 -41.78 -28.49 -15.70
N HIS C 244 -41.26 -29.64 -16.13
CA HIS C 244 -39.85 -29.98 -15.91
C HIS C 244 -39.08 -29.73 -17.19
N ALA C 245 -38.32 -28.63 -17.21
CA ALA C 245 -37.47 -28.29 -18.34
C ALA C 245 -36.17 -29.09 -18.23
N LYS C 246 -36.24 -30.36 -18.59
CA LYS C 246 -35.13 -31.29 -18.45
C LYS C 246 -34.31 -31.31 -19.74
N GLY C 247 -33.46 -30.29 -19.89
CA GLY C 247 -32.61 -30.16 -21.04
C GLY C 247 -31.12 -30.17 -20.71
N ALA C 248 -30.31 -30.46 -21.73
CA ALA C 248 -28.87 -30.51 -21.54
C ALA C 248 -28.25 -29.13 -21.34
N PHE C 249 -28.82 -28.10 -21.99
CA PHE C 249 -28.41 -26.73 -21.69
C PHE C 249 -28.81 -26.35 -20.28
N PHE C 250 -29.99 -26.79 -19.83
CA PHE C 250 -30.41 -26.59 -18.45
C PHE C 250 -29.65 -27.49 -17.48
N ASN C 251 -28.87 -28.44 -17.98
CA ASN C 251 -28.04 -29.31 -17.15
C ASN C 251 -26.61 -29.25 -17.65
N PRO C 252 -25.91 -28.14 -17.41
CA PRO C 252 -24.55 -27.99 -17.92
C PRO C 252 -23.57 -28.86 -17.15
N LYS C 253 -22.45 -29.17 -17.83
CA LYS C 253 -21.41 -29.98 -17.19
C LYS C 253 -20.77 -29.21 -16.03
N TYR C 254 -20.48 -27.93 -16.22
CA TYR C 254 -19.97 -27.09 -15.14
C TYR C 254 -20.84 -25.84 -15.00
N GLN C 255 -20.40 -24.89 -14.18
CA GLN C 255 -21.18 -23.70 -13.86
C GLN C 255 -20.89 -22.52 -14.79
N HIS C 256 -20.42 -22.79 -16.02
CA HIS C 256 -20.11 -21.72 -16.95
C HIS C 256 -20.64 -21.94 -18.37
N GLU C 257 -20.91 -23.17 -18.78
CA GLU C 257 -21.34 -23.45 -20.14
C GLU C 257 -22.86 -23.47 -20.30
N GLY C 258 -23.62 -23.26 -19.23
CA GLY C 258 -25.07 -23.32 -19.34
C GLY C 258 -25.73 -22.59 -18.19
N PHE C 259 -27.06 -22.65 -18.19
CA PHE C 259 -27.89 -22.01 -17.17
C PHE C 259 -28.78 -23.07 -16.52
N TYR C 260 -28.41 -23.49 -15.31
CA TYR C 260 -29.21 -24.40 -14.52
C TYR C 260 -29.97 -23.61 -13.46
N PHE C 261 -31.30 -23.63 -13.52
CA PHE C 261 -32.13 -22.87 -12.59
C PHE C 261 -32.98 -23.73 -11.68
N GLY C 262 -33.26 -24.98 -12.04
CA GLY C 262 -34.06 -25.84 -11.19
C GLY C 262 -35.05 -26.70 -11.94
N GLU C 263 -35.12 -26.52 -13.26
CA GLU C 263 -35.99 -27.31 -14.14
C GLU C 263 -37.47 -27.22 -13.72
N THR C 264 -37.90 -26.02 -13.36
CA THR C 264 -39.30 -25.78 -13.01
C THR C 264 -39.57 -24.29 -13.12
N PRO C 265 -40.79 -23.90 -13.50
CA PRO C 265 -41.11 -22.46 -13.56
C PRO C 265 -41.51 -21.91 -12.21
N LEU C 266 -40.80 -22.31 -11.17
CA LEU C 266 -40.85 -21.73 -9.83
C LEU C 266 -39.47 -21.42 -9.30
N ALA C 267 -38.49 -22.28 -9.57
CA ALA C 267 -37.09 -21.97 -9.27
C ALA C 267 -36.47 -21.07 -10.32
N LEU C 268 -37.09 -20.93 -11.49
CA LEU C 268 -36.63 -19.96 -12.47
C LEU C 268 -36.87 -18.54 -11.99
N ALA C 269 -38.05 -18.28 -11.42
CA ALA C 269 -38.34 -16.98 -10.86
C ALA C 269 -37.56 -16.72 -9.57
N ALA C 270 -37.19 -17.77 -8.85
CA ALA C 270 -36.39 -17.61 -7.64
C ALA C 270 -34.91 -17.40 -7.93
N CYS C 271 -34.37 -18.08 -8.96
CA CYS C 271 -33.00 -17.83 -9.37
C CYS C 271 -32.83 -16.42 -9.91
N THR C 272 -33.81 -15.94 -10.68
CA THR C 272 -33.85 -14.55 -11.09
C THR C 272 -34.33 -13.70 -9.91
N ASN C 273 -34.38 -12.38 -10.12
CA ASN C 273 -34.71 -11.43 -9.06
C ASN C 273 -36.18 -11.02 -9.10
N GLN C 274 -37.08 -11.95 -9.41
CA GLN C 274 -38.50 -11.66 -9.48
C GLN C 274 -39.20 -12.27 -8.27
N PRO C 275 -39.52 -11.49 -7.23
CA PRO C 275 -40.19 -12.07 -6.06
C PRO C 275 -41.71 -12.09 -6.20
N GLU C 276 -42.28 -11.18 -7.00
CA GLU C 276 -43.72 -11.12 -7.15
C GLU C 276 -44.26 -12.37 -7.84
N ILE C 277 -43.58 -12.85 -8.88
CA ILE C 277 -44.02 -14.05 -9.57
C ILE C 277 -43.89 -15.26 -8.66
N VAL C 278 -42.86 -15.29 -7.82
CA VAL C 278 -42.71 -16.36 -6.84
C VAL C 278 -43.87 -16.33 -5.85
N GLN C 279 -44.26 -15.13 -5.40
CA GLN C 279 -45.35 -15.01 -4.44
C GLN C 279 -46.67 -15.49 -5.02
N LEU C 280 -46.96 -15.12 -6.27
CA LEU C 280 -48.21 -15.58 -6.88
C LEU C 280 -48.15 -17.03 -7.32
N LEU C 281 -46.96 -17.58 -7.56
CA LEU C 281 -46.84 -19.00 -7.89
C LEU C 281 -47.04 -19.87 -6.66
N MET C 282 -46.45 -19.48 -5.53
CA MET C 282 -46.57 -20.26 -4.31
C MET C 282 -47.96 -20.16 -3.69
N GLU C 283 -48.76 -19.17 -4.08
CA GLU C 283 -50.14 -19.08 -3.64
C GLU C 283 -51.07 -19.96 -4.44
N HIS C 284 -50.60 -20.57 -5.53
CA HIS C 284 -51.43 -21.45 -6.33
C HIS C 284 -51.67 -22.76 -5.58
N GLU C 285 -52.76 -23.43 -5.94
CA GLU C 285 -53.16 -24.68 -5.30
C GLU C 285 -52.50 -25.90 -5.94
N GLN C 286 -51.66 -25.71 -6.95
CA GLN C 286 -50.96 -26.81 -7.61
C GLN C 286 -49.48 -26.48 -7.77
N THR C 287 -48.93 -25.68 -6.86
CA THR C 287 -47.53 -25.26 -6.98
C THR C 287 -46.58 -26.44 -6.76
N ASP C 288 -46.83 -27.24 -5.72
CA ASP C 288 -45.96 -28.35 -5.32
C ASP C 288 -44.53 -27.87 -5.09
N ILE C 289 -44.39 -27.06 -4.04
CA ILE C 289 -43.10 -26.45 -3.71
C ILE C 289 -42.05 -27.50 -3.40
N THR C 290 -42.47 -28.63 -2.83
CA THR C 290 -41.56 -29.72 -2.50
C THR C 290 -41.25 -30.64 -3.67
N SER C 291 -41.50 -30.20 -4.90
CA SER C 291 -41.19 -31.02 -6.07
C SER C 291 -39.68 -31.19 -6.22
N ARG C 292 -39.28 -32.34 -6.74
CA ARG C 292 -37.88 -32.69 -6.90
C ARG C 292 -37.49 -32.60 -8.37
N ASP C 293 -36.40 -31.89 -8.64
CA ASP C 293 -35.88 -31.76 -9.99
C ASP C 293 -35.32 -33.12 -10.44
N SER C 294 -35.27 -33.31 -11.76
CA SER C 294 -34.79 -34.58 -12.31
C SER C 294 -33.34 -34.87 -11.94
N ARG C 295 -32.58 -33.85 -11.54
CA ARG C 295 -31.24 -34.06 -10.99
C ARG C 295 -31.28 -34.45 -9.52
N GLY C 296 -32.47 -34.56 -8.93
CA GLY C 296 -32.61 -34.83 -7.51
C GLY C 296 -32.64 -33.60 -6.63
N ASN C 297 -32.51 -32.41 -7.21
CA ASN C 297 -32.45 -31.18 -6.45
C ASN C 297 -33.86 -30.73 -6.04
N ASN C 298 -33.93 -29.56 -5.42
CA ASN C 298 -35.17 -28.95 -4.99
C ASN C 298 -35.09 -27.46 -5.25
N ILE C 299 -36.06 -26.71 -4.73
CA ILE C 299 -36.03 -25.25 -4.85
C ILE C 299 -34.86 -24.68 -4.04
N LEU C 300 -34.66 -25.21 -2.83
CA LEU C 300 -33.55 -24.73 -2.00
C LEU C 300 -32.21 -25.16 -2.57
N HIS C 301 -32.14 -26.37 -3.12
CA HIS C 301 -30.91 -26.81 -3.79
C HIS C 301 -30.60 -25.93 -4.99
N ALA C 302 -31.62 -25.57 -5.77
CA ALA C 302 -31.41 -24.71 -6.93
C ALA C 302 -30.94 -23.33 -6.53
N LEU C 303 -31.52 -22.77 -5.46
CA LEU C 303 -31.06 -21.48 -4.97
C LEU C 303 -29.64 -21.55 -4.44
N VAL C 304 -29.26 -22.68 -3.83
CA VAL C 304 -27.89 -22.84 -3.34
C VAL C 304 -26.90 -22.88 -4.50
N THR C 305 -27.25 -23.61 -5.57
CA THR C 305 -26.30 -23.82 -6.67
C THR C 305 -26.03 -22.56 -7.47
N VAL C 306 -26.90 -21.56 -7.41
CA VAL C 306 -26.76 -20.35 -8.24
C VAL C 306 -26.27 -19.15 -7.44
N ALA C 307 -25.99 -19.32 -6.15
CA ALA C 307 -25.47 -18.21 -5.33
C ALA C 307 -23.96 -18.14 -5.52
N GLU C 308 -23.56 -17.55 -6.65
CA GLU C 308 -22.15 -17.53 -7.03
C GLU C 308 -21.31 -16.75 -6.02
N ASP C 309 -21.71 -15.52 -5.72
CA ASP C 309 -20.97 -14.65 -4.82
C ASP C 309 -21.90 -13.50 -4.45
N PHE C 310 -21.38 -12.49 -3.76
CA PHE C 310 -22.11 -11.27 -3.45
C PHE C 310 -21.67 -10.09 -4.30
N LYS C 311 -20.41 -10.05 -4.73
CA LYS C 311 -19.93 -8.93 -5.54
C LYS C 311 -20.58 -8.93 -6.92
N THR C 312 -20.86 -10.11 -7.49
CA THR C 312 -21.43 -10.21 -8.82
C THR C 312 -22.89 -10.64 -8.82
N GLN C 313 -23.48 -10.90 -7.66
CA GLN C 313 -24.87 -11.36 -7.59
C GLN C 313 -25.68 -10.67 -6.51
N ASN C 314 -25.07 -9.82 -5.69
CA ASN C 314 -25.71 -9.13 -4.55
C ASN C 314 -26.18 -10.19 -3.56
N ASP C 315 -27.33 -9.96 -2.90
CA ASP C 315 -27.76 -10.82 -1.80
C ASP C 315 -29.19 -11.32 -1.96
N PHE C 316 -29.81 -11.13 -3.13
CA PHE C 316 -31.22 -11.47 -3.30
C PHE C 316 -31.46 -12.98 -3.19
N VAL C 317 -30.44 -13.79 -3.43
CA VAL C 317 -30.59 -15.24 -3.36
C VAL C 317 -30.94 -15.66 -1.93
N LYS C 318 -30.25 -15.08 -0.94
CA LYS C 318 -30.56 -15.38 0.45
C LYS C 318 -31.97 -14.93 0.81
N ARG C 319 -32.39 -13.77 0.28
CA ARG C 319 -33.75 -13.28 0.55
C ARG C 319 -34.80 -14.22 -0.02
N MET C 320 -34.58 -14.73 -1.24
CA MET C 320 -35.53 -15.67 -1.82
C MET C 320 -35.52 -16.99 -1.07
N TYR C 321 -34.34 -17.43 -0.61
CA TYR C 321 -34.26 -18.64 0.21
C TYR C 321 -35.07 -18.49 1.48
N ASP C 322 -34.94 -17.35 2.16
CA ASP C 322 -35.70 -17.11 3.38
C ASP C 322 -37.19 -17.03 3.11
N MET C 323 -37.59 -16.36 2.02
CA MET C 323 -39.01 -16.21 1.71
C MET C 323 -39.65 -17.56 1.41
N ILE C 324 -39.01 -18.38 0.59
CA ILE C 324 -39.57 -19.67 0.22
C ILE C 324 -39.58 -20.61 1.42
N LEU C 325 -38.53 -20.56 2.25
CA LEU C 325 -38.49 -21.41 3.44
C LEU C 325 -39.58 -21.03 4.43
N LEU C 326 -39.82 -19.73 4.61
CA LEU C 326 -40.89 -19.30 5.51
C LEU C 326 -42.26 -19.70 4.99
N ARG C 327 -42.50 -19.55 3.68
CA ARG C 327 -43.78 -19.93 3.12
C ARG C 327 -43.99 -21.44 3.12
N SER C 328 -42.92 -22.23 3.09
CA SER C 328 -43.07 -23.68 3.23
C SER C 328 -43.51 -24.04 4.64
N GLY C 329 -42.84 -23.49 5.64
CA GLY C 329 -43.28 -23.63 7.02
C GLY C 329 -43.14 -25.00 7.63
N ASN C 330 -42.24 -25.84 7.11
CA ASN C 330 -42.06 -27.18 7.64
C ASN C 330 -40.65 -27.65 7.32
N TRP C 331 -40.22 -28.69 8.03
CA TRP C 331 -38.87 -29.23 7.89
C TRP C 331 -38.82 -30.40 6.91
N GLU C 332 -39.26 -30.18 5.67
CA GLU C 332 -39.08 -31.18 4.62
C GLU C 332 -38.24 -30.67 3.46
N LEU C 333 -38.16 -29.36 3.25
CA LEU C 333 -37.33 -28.82 2.17
C LEU C 333 -35.85 -28.89 2.52
N GLU C 334 -35.49 -28.59 3.77
CA GLU C 334 -34.10 -28.63 4.19
C GLU C 334 -33.60 -30.06 4.41
N THR C 335 -34.49 -30.96 4.81
CA THR C 335 -34.13 -32.34 5.08
C THR C 335 -34.29 -33.26 3.86
N THR C 336 -34.66 -32.71 2.71
CA THR C 336 -34.80 -33.52 1.50
C THR C 336 -33.42 -33.94 0.99
N ARG C 337 -33.25 -35.24 0.78
CA ARG C 337 -31.96 -35.76 0.36
C ARG C 337 -31.81 -35.63 -1.15
N ASN C 338 -30.67 -35.07 -1.57
CA ASN C 338 -30.34 -34.94 -2.99
C ASN C 338 -30.05 -36.31 -3.59
N ASN C 339 -30.02 -36.36 -4.92
CA ASN C 339 -29.60 -37.58 -5.61
C ASN C 339 -28.16 -37.94 -5.30
N ASP C 340 -27.34 -36.96 -4.91
CA ASP C 340 -26.00 -37.21 -4.40
C ASP C 340 -25.98 -37.45 -2.90
N GLY C 341 -27.15 -37.65 -2.29
CA GLY C 341 -27.23 -37.85 -0.85
C GLY C 341 -26.88 -36.61 -0.05
N LEU C 342 -27.38 -35.45 -0.44
CA LEU C 342 -27.04 -34.19 0.19
C LEU C 342 -28.29 -33.41 0.55
N THR C 343 -28.11 -32.39 1.38
CA THR C 343 -29.13 -31.44 1.79
C THR C 343 -28.68 -30.04 1.38
N PRO C 344 -29.59 -29.06 1.32
CA PRO C 344 -29.16 -27.70 0.96
C PRO C 344 -28.10 -27.14 1.88
N LEU C 345 -28.11 -27.53 3.16
CA LEU C 345 -27.02 -27.14 4.06
C LEU C 345 -25.72 -27.79 3.64
N GLN C 346 -25.74 -29.10 3.40
CA GLN C 346 -24.54 -29.80 2.96
C GLN C 346 -24.15 -29.40 1.53
N LEU C 347 -25.12 -29.13 0.67
CA LEU C 347 -24.81 -28.68 -0.68
C LEU C 347 -24.12 -27.33 -0.66
N ALA C 348 -24.59 -26.41 0.19
CA ALA C 348 -23.93 -25.12 0.34
C ALA C 348 -22.54 -25.28 0.96
N ALA C 349 -22.36 -26.28 1.83
CA ALA C 349 -21.05 -26.52 2.42
C ALA C 349 -20.07 -27.05 1.37
N LYS C 350 -20.53 -27.95 0.49
CA LYS C 350 -19.63 -28.55 -0.49
C LYS C 350 -19.41 -27.68 -1.72
N MET C 351 -20.31 -26.74 -2.01
CA MET C 351 -20.17 -25.86 -3.14
C MET C 351 -19.47 -24.55 -2.80
N GLY C 352 -19.12 -24.34 -1.53
CA GLY C 352 -18.42 -23.13 -1.13
C GLY C 352 -19.30 -21.91 -0.95
N LYS C 353 -20.62 -22.07 -0.90
CA LYS C 353 -21.54 -20.95 -0.72
C LYS C 353 -21.45 -20.48 0.72
N ALA C 354 -20.50 -19.59 1.00
CA ALA C 354 -20.28 -19.14 2.36
C ALA C 354 -21.40 -18.23 2.86
N GLU C 355 -22.02 -17.45 1.96
CA GLU C 355 -23.08 -16.53 2.38
C GLU C 355 -24.32 -17.30 2.81
N ILE C 356 -24.76 -18.28 2.01
CA ILE C 356 -25.93 -19.07 2.37
C ILE C 356 -25.63 -19.93 3.60
N LEU C 357 -24.41 -20.46 3.70
CA LEU C 357 -24.04 -21.24 4.88
C LEU C 357 -24.08 -20.38 6.13
N LYS C 358 -23.58 -19.14 6.04
CA LYS C 358 -23.63 -18.24 7.19
C LYS C 358 -25.06 -17.91 7.56
N TYR C 359 -25.94 -17.72 6.56
CA TYR C 359 -27.34 -17.43 6.84
C TYR C 359 -28.02 -18.60 7.53
N ILE C 360 -27.80 -19.82 7.02
CA ILE C 360 -28.49 -20.99 7.56
C ILE C 360 -28.00 -21.32 8.96
N LEU C 361 -26.67 -21.33 9.16
CA LEU C 361 -26.13 -21.67 10.47
C LEU C 361 -26.44 -20.62 11.53
N SER C 362 -26.73 -19.39 11.12
CA SER C 362 -27.09 -18.31 12.04
C SER C 362 -28.51 -17.82 11.77
N ARG C 363 -29.40 -18.74 11.40
CA ARG C 363 -30.79 -18.40 11.07
C ARG C 363 -31.60 -18.35 12.36
N GLU C 364 -32.08 -17.16 12.71
CA GLU C 364 -32.92 -16.96 13.87
C GLU C 364 -34.25 -16.35 13.44
N ILE C 365 -35.35 -16.98 13.86
CA ILE C 365 -36.69 -16.52 13.54
C ILE C 365 -37.42 -16.28 14.85
N LYS C 366 -37.82 -15.03 15.08
CA LYS C 366 -38.48 -14.65 16.33
C LYS C 366 -39.99 -14.77 16.26
N GLU C 367 -40.56 -15.04 15.10
CA GLU C 367 -42.01 -15.10 14.97
C GLU C 367 -42.53 -16.47 15.43
N LYS C 368 -43.76 -16.47 15.93
CA LYS C 368 -44.41 -17.71 16.35
C LYS C 368 -44.77 -18.55 15.13
N ARG C 369 -44.84 -19.87 15.35
CA ARG C 369 -45.26 -20.87 14.37
C ARG C 369 -44.18 -21.09 13.31
N LEU C 370 -43.16 -20.23 13.31
CA LEU C 370 -42.02 -20.36 12.41
C LEU C 370 -40.70 -20.44 13.15
N ARG C 371 -40.74 -20.50 14.49
CA ARG C 371 -39.52 -20.54 15.29
C ARG C 371 -38.83 -21.90 15.22
N SER C 372 -39.57 -22.96 14.87
CA SER C 372 -38.96 -24.28 14.75
C SER C 372 -38.03 -24.38 13.55
N LEU C 373 -38.18 -23.49 12.56
CA LEU C 373 -37.33 -23.51 11.37
C LEU C 373 -35.98 -22.84 11.61
N SER C 374 -35.81 -22.12 12.70
CA SER C 374 -34.56 -21.44 12.98
C SER C 374 -33.52 -22.41 13.53
N ARG C 375 -32.26 -22.00 13.44
CA ARG C 375 -31.14 -22.79 13.93
C ARG C 375 -30.46 -22.17 15.15
N LYS C 376 -30.16 -20.88 15.10
CA LYS C 376 -29.54 -20.17 16.21
C LYS C 376 -30.65 -19.66 17.13
N PHE C 377 -30.63 -20.09 18.38
CA PHE C 377 -31.59 -19.65 19.39
C PHE C 377 -30.86 -18.85 20.46
N THR C 378 -31.28 -17.61 20.66
CA THR C 378 -30.72 -16.78 21.71
C THR C 378 -31.25 -17.28 23.05
N ASP C 379 -30.36 -17.81 23.89
CA ASP C 379 -30.78 -18.33 25.19
C ASP C 379 -31.19 -17.19 26.12
N TRP C 380 -30.35 -16.16 26.21
CA TRP C 380 -30.66 -14.99 27.02
C TRP C 380 -29.81 -13.83 26.51
N ALA C 381 -30.15 -12.63 26.98
CA ALA C 381 -29.43 -11.42 26.61
C ALA C 381 -29.50 -10.43 27.75
N TYR C 382 -28.34 -9.95 28.21
CA TYR C 382 -28.25 -8.96 29.28
C TYR C 382 -27.29 -7.87 28.81
N GLY C 383 -27.81 -6.89 28.10
CA GLY C 383 -27.00 -5.85 27.52
C GLY C 383 -26.11 -6.37 26.42
N PRO C 384 -24.82 -6.00 26.46
CA PRO C 384 -23.90 -6.47 25.43
C PRO C 384 -23.77 -7.99 25.35
N VAL C 385 -23.72 -8.67 26.49
CA VAL C 385 -23.51 -10.12 26.50
C VAL C 385 -24.82 -10.83 26.21
N SER C 386 -24.75 -11.87 25.38
CA SER C 386 -25.92 -12.68 25.05
C SER C 386 -25.45 -14.09 24.69
N SER C 387 -26.24 -15.08 25.08
CA SER C 387 -25.93 -16.48 24.85
C SER C 387 -26.82 -17.01 23.73
N SER C 388 -26.21 -17.55 22.69
CA SER C 388 -26.91 -18.11 21.55
C SER C 388 -26.73 -19.62 21.54
N LEU C 389 -27.85 -20.34 21.40
CA LEU C 389 -27.84 -21.81 21.38
C LEU C 389 -27.96 -22.27 19.94
N TYR C 390 -26.81 -22.41 19.27
CA TYR C 390 -26.80 -22.90 17.90
C TYR C 390 -27.22 -24.37 17.86
N ASP C 391 -27.87 -24.76 16.78
CA ASP C 391 -28.39 -26.11 16.61
C ASP C 391 -27.49 -26.85 15.63
N LEU C 392 -26.50 -27.55 16.17
CA LEU C 392 -25.63 -28.41 15.37
C LEU C 392 -26.10 -29.86 15.32
N THR C 393 -27.39 -30.05 15.01
CA THR C 393 -27.93 -31.40 14.90
C THR C 393 -27.48 -32.10 13.62
N ASN C 394 -26.99 -31.35 12.64
CA ASN C 394 -26.43 -31.92 11.42
C ASN C 394 -25.05 -31.37 11.11
N VAL C 395 -24.54 -30.45 11.92
CA VAL C 395 -23.24 -29.82 11.68
C VAL C 395 -22.12 -30.58 12.38
N ASP C 396 -22.37 -31.06 13.59
CA ASP C 396 -21.36 -31.81 14.33
C ASP C 396 -21.05 -33.13 13.64
N THR C 397 -19.82 -33.60 13.79
CA THR C 397 -19.35 -34.82 13.14
C THR C 397 -19.80 -36.03 13.95
N THR C 398 -21.13 -36.24 13.96
CA THR C 398 -21.73 -37.39 14.60
C THR C 398 -22.38 -38.35 13.60
N THR C 399 -22.58 -37.92 12.36
CA THR C 399 -23.15 -38.75 11.31
C THR C 399 -22.23 -38.70 10.09
N ASP C 400 -22.54 -39.53 9.10
CA ASP C 400 -21.74 -39.58 7.89
C ASP C 400 -21.98 -38.33 7.05
N ASN C 401 -20.88 -37.72 6.59
CA ASN C 401 -20.89 -36.53 5.74
C ASN C 401 -21.65 -35.38 6.41
N SER C 402 -21.11 -34.95 7.54
CA SER C 402 -21.66 -33.80 8.26
C SER C 402 -21.23 -32.51 7.58
N VAL C 403 -21.75 -31.38 8.09
CA VAL C 403 -21.40 -30.09 7.52
C VAL C 403 -19.94 -29.75 7.78
N LEU C 404 -19.45 -30.04 8.98
CA LEU C 404 -18.05 -29.75 9.29
C LEU C 404 -17.11 -30.64 8.50
N GLU C 405 -17.43 -31.93 8.40
CA GLU C 405 -16.60 -32.84 7.62
C GLU C 405 -16.58 -32.46 6.14
N ILE C 406 -17.73 -32.05 5.60
CA ILE C 406 -17.80 -31.65 4.20
C ILE C 406 -17.01 -30.36 3.98
N THR C 407 -17.20 -29.37 4.85
CA THR C 407 -16.53 -28.09 4.67
C THR C 407 -15.04 -28.14 4.97
N VAL C 408 -14.54 -29.24 5.54
CA VAL C 408 -13.12 -29.42 5.79
C VAL C 408 -12.49 -30.36 4.75
N TYR C 409 -13.15 -31.48 4.46
CA TYR C 409 -12.60 -32.47 3.54
C TYR C 409 -13.06 -32.24 2.10
N ASN C 410 -12.88 -31.02 1.60
CA ASN C 410 -13.27 -30.66 0.23
C ASN C 410 -12.20 -29.74 -0.35
N THR C 411 -11.22 -30.33 -1.03
CA THR C 411 -10.14 -29.56 -1.65
C THR C 411 -10.53 -28.94 -2.98
N ASN C 412 -11.72 -29.25 -3.50
CA ASN C 412 -12.10 -28.73 -4.82
C ASN C 412 -12.63 -27.30 -4.74
N ILE C 413 -12.88 -26.79 -3.53
CA ILE C 413 -13.37 -25.44 -3.33
C ILE C 413 -12.27 -24.59 -2.71
N ASP C 414 -12.06 -23.38 -3.21
CA ASP C 414 -11.09 -22.51 -2.57
C ASP C 414 -11.78 -21.70 -1.48
N ASN C 415 -13.09 -21.61 -1.54
CA ASN C 415 -13.84 -20.80 -0.58
C ASN C 415 -13.78 -21.34 0.86
N ARG C 416 -13.00 -22.39 1.10
CA ARG C 416 -12.82 -22.89 2.46
C ARG C 416 -12.08 -21.89 3.34
N HIS C 417 -11.48 -20.85 2.76
CA HIS C 417 -10.68 -19.89 3.52
C HIS C 417 -11.55 -19.14 4.53
N GLU C 418 -12.66 -18.57 4.07
CA GLU C 418 -13.54 -17.79 4.92
C GLU C 418 -14.81 -18.52 5.32
N MET C 419 -15.07 -19.70 4.76
CA MET C 419 -16.29 -20.44 5.10
C MET C 419 -16.15 -21.14 6.45
N LEU C 420 -14.94 -21.53 6.83
CA LEU C 420 -14.70 -22.22 8.09
C LEU C 420 -14.76 -21.29 9.31
N THR C 421 -14.89 -19.98 9.10
CA THR C 421 -14.86 -19.01 10.18
C THR C 421 -16.22 -18.81 10.84
N LEU C 422 -17.26 -19.50 10.38
CA LEU C 422 -18.57 -19.36 11.01
C LEU C 422 -18.56 -19.91 12.43
N GLU C 423 -19.44 -19.35 13.26
CA GLU C 423 -19.45 -19.68 14.69
C GLU C 423 -19.66 -21.16 14.98
N PRO C 424 -20.67 -21.86 14.42
CA PRO C 424 -20.84 -23.28 14.75
C PRO C 424 -19.72 -24.17 14.24
N LEU C 425 -18.86 -23.68 13.36
CA LEU C 425 -17.67 -24.40 12.92
C LEU C 425 -16.42 -23.96 13.66
N HIS C 426 -16.23 -22.65 13.81
CA HIS C 426 -15.02 -22.13 14.45
C HIS C 426 -14.95 -22.54 15.92
N THR C 427 -16.04 -22.32 16.66
CA THR C 427 -16.03 -22.69 18.08
C THR C 427 -16.04 -24.20 18.27
N LEU C 428 -16.64 -24.93 17.34
CA LEU C 428 -16.61 -26.40 17.41
C LEU C 428 -15.17 -26.91 17.27
N LEU C 429 -14.42 -26.37 16.30
CA LEU C 429 -13.04 -26.78 16.13
C LEU C 429 -12.18 -26.36 17.31
N HIS C 430 -12.41 -25.17 17.85
CA HIS C 430 -11.65 -24.71 19.01
C HIS C 430 -11.89 -25.61 20.23
N MET C 431 -13.17 -25.94 20.49
CA MET C 431 -13.48 -26.78 21.64
C MET C 431 -12.94 -28.20 21.45
N LYS C 432 -13.02 -28.74 20.24
CA LYS C 432 -12.48 -30.07 19.97
C LYS C 432 -10.97 -30.09 20.16
N TRP C 433 -10.27 -29.05 19.68
CA TRP C 433 -8.83 -28.98 19.83
C TRP C 433 -8.42 -28.87 21.29
N LYS C 434 -9.17 -28.11 22.08
CA LYS C 434 -8.89 -27.94 23.50
C LYS C 434 -9.45 -29.07 24.36
N LYS C 435 -10.15 -30.03 23.75
CA LYS C 435 -10.68 -31.16 24.51
C LYS C 435 -9.87 -32.44 24.29
N PHE C 436 -9.69 -32.87 23.05
CA PHE C 436 -9.05 -34.17 22.83
C PHE C 436 -7.95 -34.14 21.78
N ALA C 437 -7.99 -33.16 20.87
CA ALA C 437 -7.00 -33.11 19.80
C ALA C 437 -5.64 -32.68 20.33
N LYS C 438 -5.60 -31.86 21.38
CA LYS C 438 -4.33 -31.44 21.95
C LYS C 438 -3.59 -32.62 22.59
N HIS C 439 -4.32 -33.44 23.35
CA HIS C 439 -3.72 -34.59 24.00
C HIS C 439 -3.32 -35.68 23.01
N MET C 440 -3.98 -35.75 21.85
CA MET C 440 -3.61 -36.71 20.83
C MET C 440 -2.58 -36.19 19.86
N PHE C 441 -2.30 -34.88 19.87
CA PHE C 441 -1.22 -34.32 19.08
C PHE C 441 0.10 -34.29 19.85
N PHE C 442 0.06 -33.91 21.12
CA PHE C 442 1.27 -33.91 21.94
C PHE C 442 1.79 -35.34 22.13
N LEU C 443 0.89 -36.29 22.36
CA LEU C 443 1.30 -37.68 22.52
C LEU C 443 1.91 -38.22 21.24
N SER C 444 1.32 -37.91 20.08
CA SER C 444 1.87 -38.36 18.81
C SER C 444 3.24 -37.73 18.54
N PHE C 445 3.39 -36.43 18.84
CA PHE C 445 4.66 -35.76 18.61
C PHE C 445 5.75 -36.32 19.52
N CYS C 446 5.42 -36.55 20.80
CA CYS C 446 6.42 -37.05 21.74
C CYS C 446 6.78 -38.49 21.44
N PHE C 447 5.80 -39.31 21.03
CA PHE C 447 6.10 -40.68 20.65
C PHE C 447 6.95 -40.74 19.39
N TYR C 448 6.66 -39.88 18.41
CA TYR C 448 7.48 -39.83 17.21
C TYR C 448 8.87 -39.28 17.51
N PHE C 449 8.98 -38.33 18.44
CA PHE C 449 10.30 -37.83 18.84
C PHE C 449 11.12 -38.92 19.50
N PHE C 450 10.49 -39.72 20.37
CA PHE C 450 11.19 -40.83 21.00
C PHE C 450 11.60 -41.87 19.96
N TYR C 451 10.73 -42.13 18.98
CA TYR C 451 11.06 -43.07 17.92
C TYR C 451 12.23 -42.56 17.08
N ASN C 452 12.24 -41.26 16.79
CA ASN C 452 13.30 -40.71 15.95
C ASN C 452 14.64 -40.68 16.68
N ILE C 453 14.64 -40.32 17.97
CA ILE C 453 15.89 -40.31 18.71
C ILE C 453 16.38 -41.72 18.97
N THR C 454 15.47 -42.69 19.13
CA THR C 454 15.88 -44.08 19.24
C THR C 454 16.52 -44.57 17.95
N LEU C 455 15.94 -44.19 16.81
CA LEU C 455 16.56 -44.53 15.52
C LEU C 455 17.90 -43.85 15.35
N THR C 456 18.07 -42.65 15.90
CA THR C 456 19.34 -41.94 15.76
C THR C 456 20.46 -42.65 16.52
N LEU C 457 20.23 -42.96 17.79
CA LEU C 457 21.25 -43.64 18.61
C LEU C 457 21.06 -45.16 18.60
N VAL C 458 20.90 -45.73 17.41
CA VAL C 458 20.86 -47.17 17.23
C VAL C 458 21.76 -47.52 16.03
N SER C 459 22.25 -46.48 15.35
CA SER C 459 23.09 -46.66 14.17
C SER C 459 24.42 -45.94 14.35
N TYR C 460 24.37 -44.75 14.95
CA TYR C 460 25.60 -44.02 15.25
C TYR C 460 26.35 -44.66 16.42
N TYR C 461 25.62 -45.19 17.40
CA TYR C 461 26.22 -45.91 18.52
C TYR C 461 26.30 -47.41 18.27
N ARG C 462 25.86 -47.87 17.11
CA ARG C 462 25.91 -49.29 16.80
C ARG C 462 27.35 -49.74 16.60
N PRO C 463 27.74 -50.89 17.15
CA PRO C 463 29.13 -51.37 16.98
C PRO C 463 29.44 -51.66 15.51
N ARG C 464 30.69 -51.43 15.14
CA ARG C 464 31.14 -51.62 13.77
C ARG C 464 32.24 -52.68 13.68
N LEU C 482 20.87 -54.06 29.47
CA LEU C 482 21.38 -53.90 28.11
C LEU C 482 20.54 -52.91 27.32
N GLN C 483 21.15 -52.28 26.32
CA GLN C 483 20.49 -51.31 25.47
C GLN C 483 20.07 -51.93 24.13
N LEU C 484 19.77 -53.23 24.13
CA LEU C 484 19.36 -53.93 22.92
C LEU C 484 17.90 -53.66 22.56
N LEU C 485 17.12 -53.09 23.49
CA LEU C 485 15.71 -52.83 23.25
C LEU C 485 15.47 -51.77 22.17
N GLY C 486 16.50 -51.01 21.80
CA GLY C 486 16.34 -49.97 20.80
C GLY C 486 16.25 -50.46 19.37
N ARG C 487 16.53 -51.74 19.12
CA ARG C 487 16.44 -52.29 17.78
C ARG C 487 15.06 -52.81 17.43
N MET C 488 14.15 -52.90 18.41
CA MET C 488 12.77 -53.28 18.15
C MET C 488 11.78 -52.13 18.25
N PHE C 489 12.12 -51.06 18.97
CA PHE C 489 11.25 -49.90 19.01
C PHE C 489 11.19 -49.21 17.65
N VAL C 490 12.25 -49.34 16.84
CA VAL C 490 12.24 -48.82 15.48
C VAL C 490 11.66 -49.82 14.49
N LEU C 491 11.53 -51.08 14.87
CA LEU C 491 11.01 -52.11 13.97
C LEU C 491 9.49 -52.23 14.05
N ILE C 492 8.95 -52.38 15.25
CA ILE C 492 7.51 -52.55 15.39
C ILE C 492 6.78 -51.23 15.12
N TRP C 493 7.45 -50.10 15.35
CA TRP C 493 6.84 -48.81 15.02
C TRP C 493 6.85 -48.58 13.51
N ALA C 494 7.89 -49.04 12.82
CA ALA C 494 7.90 -48.98 11.37
C ALA C 494 6.80 -49.84 10.77
N MET C 495 6.55 -51.02 11.36
CA MET C 495 5.41 -51.83 10.95
C MET C 495 4.09 -51.12 11.24
N CYS C 496 3.99 -50.46 12.40
CA CYS C 496 2.76 -49.74 12.74
C CYS C 496 2.48 -48.62 11.75
N ILE C 497 3.51 -47.84 11.40
CA ILE C 497 3.35 -46.79 10.39
C ILE C 497 3.02 -47.40 9.03
N SER C 498 3.69 -48.49 8.69
CA SER C 498 3.41 -49.16 7.42
C SER C 498 1.96 -49.60 7.32
N VAL C 499 1.34 -49.89 8.46
CA VAL C 499 -0.05 -50.33 8.47
C VAL C 499 -0.97 -49.12 8.37
N LYS C 500 -0.87 -48.19 9.32
CA LYS C 500 -1.82 -47.08 9.39
C LYS C 500 -1.66 -46.15 8.18
N GLU C 501 -0.44 -45.87 7.80
CA GLU C 501 -0.23 -45.06 6.61
C GLU C 501 -0.47 -45.91 5.37
N GLY C 502 -0.04 -47.17 5.42
CA GLY C 502 -0.17 -48.02 4.25
C GLY C 502 -1.60 -48.25 3.80
N ILE C 503 -2.57 -48.08 4.70
CA ILE C 503 -3.97 -48.16 4.33
C ILE C 503 -4.56 -46.79 4.04
N ALA C 504 -4.00 -45.71 4.58
CA ALA C 504 -4.50 -44.37 4.33
C ALA C 504 -3.80 -43.67 3.18
N ILE C 505 -2.79 -44.30 2.58
CA ILE C 505 -2.06 -43.66 1.49
C ILE C 505 -2.92 -43.60 0.22
N PHE C 506 -3.75 -44.62 0.01
CA PHE C 506 -4.53 -44.72 -1.22
C PHE C 506 -6.02 -44.48 -1.04
N LEU C 507 -6.53 -44.49 0.20
CA LEU C 507 -7.95 -44.25 0.46
C LEU C 507 -8.20 -42.74 0.51
N LEU C 508 -8.04 -42.10 -0.64
CA LEU C 508 -8.30 -40.68 -0.78
C LEU C 508 -8.64 -40.37 -2.23
N ARG C 509 -9.31 -39.24 -2.43
CA ARG C 509 -9.68 -38.84 -3.78
C ARG C 509 -8.47 -38.31 -4.54
N PRO C 510 -8.45 -38.49 -5.86
CA PRO C 510 -7.34 -37.92 -6.65
C PRO C 510 -7.30 -36.40 -6.64
N SER C 511 -8.39 -35.74 -6.26
CA SER C 511 -8.40 -34.27 -6.20
C SER C 511 -7.49 -33.74 -5.10
N ASP C 512 -7.12 -34.57 -4.12
CA ASP C 512 -6.18 -34.13 -3.10
C ASP C 512 -4.82 -33.82 -3.70
N LEU C 513 -4.35 -34.64 -4.64
CA LEU C 513 -3.09 -34.38 -5.33
C LEU C 513 -3.19 -33.24 -6.33
N GLN C 514 -4.40 -32.83 -6.71
CA GLN C 514 -4.55 -31.72 -7.66
C GLN C 514 -4.07 -30.41 -7.05
N SER C 515 -4.35 -30.19 -5.77
CA SER C 515 -3.91 -28.97 -5.09
C SER C 515 -2.45 -29.08 -4.69
N ILE C 516 -1.95 -28.05 -4.03
CA ILE C 516 -0.55 -27.98 -3.62
C ILE C 516 -0.36 -28.49 -2.19
N LEU C 517 -1.23 -28.09 -1.27
CA LEU C 517 -1.15 -28.50 0.13
C LEU C 517 -2.50 -29.08 0.53
N SER C 518 -2.57 -30.41 0.61
CA SER C 518 -3.79 -31.09 1.03
C SER C 518 -3.48 -32.26 1.97
N ASP C 519 -2.37 -32.17 2.70
CA ASP C 519 -1.90 -33.21 3.62
C ASP C 519 -1.71 -34.55 2.91
N ALA C 520 -1.33 -34.51 1.63
CA ALA C 520 -1.08 -35.71 0.84
C ALA C 520 0.40 -35.97 0.58
N TRP C 521 1.21 -34.91 0.44
CA TRP C 521 2.63 -35.09 0.26
C TRP C 521 3.30 -35.63 1.53
N PHE C 522 2.79 -35.22 2.69
CA PHE C 522 3.34 -35.72 3.94
C PHE C 522 3.07 -37.21 4.12
N HIS C 523 1.96 -37.70 3.55
CA HIS C 523 1.73 -39.13 3.50
C HIS C 523 2.81 -39.83 2.69
N PHE C 524 3.22 -39.23 1.57
CA PHE C 524 4.32 -39.78 0.78
C PHE C 524 5.61 -39.83 1.58
N VAL C 525 5.93 -38.74 2.29
CA VAL C 525 7.20 -38.67 3.02
C VAL C 525 7.23 -39.70 4.15
N PHE C 526 6.14 -39.79 4.91
CA PHE C 526 6.09 -40.76 6.01
C PHE C 526 6.14 -42.19 5.49
N PHE C 527 5.44 -42.47 4.38
CA PHE C 527 5.46 -43.82 3.81
C PHE C 527 6.85 -44.18 3.30
N ILE C 528 7.55 -43.23 2.67
CA ILE C 528 8.91 -43.49 2.20
C ILE C 528 9.85 -43.75 3.36
N GLN C 529 9.71 -42.98 4.45
CA GLN C 529 10.57 -43.18 5.61
C GLN C 529 10.36 -44.56 6.22
N ALA C 530 9.09 -44.96 6.40
CA ALA C 530 8.81 -46.28 6.96
C ALA C 530 9.29 -47.40 6.04
N VAL C 531 9.07 -47.24 4.73
CA VAL C 531 9.50 -48.24 3.76
C VAL C 531 11.02 -48.37 3.77
N LEU C 532 11.72 -47.23 3.85
CA LEU C 532 13.18 -47.27 3.90
C LEU C 532 13.68 -47.99 5.15
N VAL C 533 13.01 -47.76 6.29
CA VAL C 533 13.43 -48.41 7.53
C VAL C 533 13.27 -49.93 7.43
N ILE C 534 12.10 -50.39 6.97
CA ILE C 534 11.86 -51.83 6.93
C ILE C 534 12.72 -52.50 5.86
N LEU C 535 12.90 -51.84 4.71
CA LEU C 535 13.72 -52.41 3.66
C LEU C 535 15.18 -52.50 4.08
N SER C 536 15.68 -51.47 4.77
CA SER C 536 17.05 -51.50 5.26
C SER C 536 17.25 -52.59 6.32
N VAL C 537 16.26 -52.76 7.20
CA VAL C 537 16.35 -53.80 8.23
C VAL C 537 16.38 -55.19 7.58
N PHE C 538 15.51 -55.41 6.61
CA PHE C 538 15.48 -56.70 5.92
C PHE C 538 16.74 -56.92 5.09
N LEU C 539 17.29 -55.86 4.51
CA LEU C 539 18.57 -55.97 3.81
C LEU C 539 19.70 -56.32 4.78
N TYR C 540 19.67 -55.73 5.99
CA TYR C 540 20.71 -56.01 6.98
C TYR C 540 20.63 -57.44 7.47
N LEU C 541 19.42 -57.98 7.60
CA LEU C 541 19.25 -59.28 8.25
C LEU C 541 19.65 -60.43 7.33
N PHE C 542 19.07 -60.49 6.14
CA PHE C 542 19.16 -61.72 5.35
C PHE C 542 20.46 -61.82 4.54
N ALA C 543 20.62 -60.96 3.54
CA ALA C 543 21.72 -61.13 2.60
C ALA C 543 22.63 -59.92 2.47
N TYR C 544 22.07 -58.72 2.27
CA TYR C 544 22.87 -57.60 1.79
C TYR C 544 23.60 -56.92 2.95
N LYS C 545 24.43 -55.94 2.58
CA LYS C 545 25.19 -55.14 3.53
C LYS C 545 24.96 -53.65 3.31
N GLU C 546 23.80 -53.30 2.74
CA GLU C 546 23.43 -51.91 2.50
C GLU C 546 22.72 -51.27 3.69
N TYR C 547 23.00 -51.77 4.91
CA TYR C 547 22.37 -51.28 6.13
C TYR C 547 22.80 -49.86 6.50
N LEU C 548 23.81 -49.30 5.85
CA LEU C 548 24.16 -47.90 6.01
C LEU C 548 23.97 -47.10 4.72
N ALA C 549 23.22 -47.62 3.75
CA ALA C 549 22.91 -46.89 2.53
C ALA C 549 21.47 -46.40 2.51
N CYS C 550 20.51 -47.32 2.68
CA CYS C 550 19.11 -46.95 2.74
C CYS C 550 18.64 -46.59 4.15
N LEU C 551 19.48 -46.85 5.15
CA LEU C 551 19.12 -46.55 6.53
C LEU C 551 19.59 -45.16 6.93
N VAL C 552 20.76 -44.76 6.45
CA VAL C 552 21.22 -43.40 6.74
C VAL C 552 20.16 -42.39 6.32
N LEU C 553 19.51 -42.63 5.19
CA LEU C 553 18.39 -41.80 4.76
C LEU C 553 17.20 -41.90 5.71
N ALA C 554 17.13 -42.92 6.56
CA ALA C 554 16.00 -43.06 7.46
C ALA C 554 15.98 -41.94 8.50
N MET C 555 17.14 -41.63 9.10
CA MET C 555 17.19 -40.45 9.96
C MET C 555 17.37 -39.16 9.17
N ALA C 556 17.89 -39.24 7.93
CA ALA C 556 17.95 -38.04 7.10
C ALA C 556 16.55 -37.51 6.79
N LEU C 557 15.61 -38.41 6.54
CA LEU C 557 14.22 -38.02 6.31
C LEU C 557 13.39 -38.01 7.59
N GLY C 558 13.76 -38.83 8.57
CA GLY C 558 12.99 -38.87 9.81
C GLY C 558 13.12 -37.60 10.63
N TRP C 559 14.31 -37.02 10.68
CA TRP C 559 14.50 -35.74 11.35
C TRP C 559 13.97 -34.58 10.52
N ALA C 560 13.67 -34.79 9.24
CA ALA C 560 12.97 -33.81 8.43
C ALA C 560 11.46 -33.89 8.61
N ASN C 561 10.97 -34.89 9.34
CA ASN C 561 9.54 -35.00 9.62
C ASN C 561 9.14 -34.34 10.93
N MET C 562 10.11 -33.97 11.77
CA MET C 562 9.79 -33.23 12.99
C MET C 562 9.32 -31.82 12.67
N LEU C 563 9.66 -31.31 11.49
CA LEU C 563 9.14 -30.02 11.06
C LEU C 563 7.63 -30.06 10.84
N TYR C 564 7.10 -31.25 10.49
CA TYR C 564 5.66 -31.37 10.24
C TYR C 564 4.86 -31.18 11.52
N TYR C 565 5.37 -31.63 12.66
CA TYR C 565 4.64 -31.56 13.92
C TYR C 565 4.64 -30.16 14.53
N THR C 566 5.06 -29.14 13.79
CA THR C 566 5.03 -27.76 14.25
C THR C 566 3.67 -27.11 14.08
N ARG C 567 2.68 -27.85 13.55
CA ARG C 567 1.33 -27.30 13.37
C ARG C 567 0.65 -27.00 14.70
N GLY C 568 1.11 -27.60 15.80
CA GLY C 568 0.55 -27.32 17.11
C GLY C 568 0.78 -25.91 17.60
N PHE C 569 1.95 -25.35 17.32
CA PHE C 569 2.25 -23.97 17.66
C PHE C 569 1.67 -23.03 16.62
N GLN C 570 1.14 -21.91 17.09
CA GLN C 570 0.65 -20.88 16.19
C GLN C 570 1.79 -20.18 15.45
N SER C 571 2.83 -19.79 16.18
CA SER C 571 3.94 -19.07 15.58
C SER C 571 4.80 -20.00 14.70
N MET C 572 5.19 -21.16 15.25
CA MET C 572 5.99 -22.10 14.48
C MET C 572 5.20 -22.67 13.30
N GLY C 573 3.90 -22.94 13.51
CA GLY C 573 3.06 -23.36 12.40
C GLY C 573 2.92 -22.29 11.33
N MET C 574 2.88 -21.02 11.73
CA MET C 574 2.88 -19.93 10.76
C MET C 574 4.17 -19.92 9.95
N TYR C 575 5.30 -20.15 10.61
CA TYR C 575 6.58 -20.19 9.91
C TYR C 575 6.76 -21.43 9.04
N SER C 576 6.04 -22.51 9.32
CA SER C 576 6.28 -23.79 8.66
C SER C 576 5.45 -24.00 7.40
N VAL C 577 4.62 -23.04 7.02
CA VAL C 577 3.75 -23.23 5.86
C VAL C 577 4.41 -22.74 4.56
N MET C 578 5.04 -21.56 4.58
CA MET C 578 5.70 -21.09 3.38
C MET C 578 7.02 -21.81 3.12
N ILE C 579 7.49 -22.60 4.08
CA ILE C 579 8.61 -23.51 3.81
C ILE C 579 8.23 -24.46 2.69
N GLN C 580 7.02 -25.04 2.76
CA GLN C 580 6.54 -25.89 1.68
C GLN C 580 6.12 -25.07 0.46
N LYS C 581 5.49 -23.91 0.69
CA LYS C 581 4.96 -23.13 -0.41
C LYS C 581 6.06 -22.61 -1.33
N VAL C 582 7.15 -22.08 -0.75
CA VAL C 582 8.21 -21.50 -1.56
C VAL C 582 8.93 -22.58 -2.36
N ILE C 583 9.14 -23.76 -1.77
CA ILE C 583 9.74 -24.87 -2.51
C ILE C 583 8.84 -25.30 -3.65
N LEU C 584 7.53 -25.43 -3.39
CA LEU C 584 6.62 -25.90 -4.42
C LEU C 584 6.32 -24.86 -5.49
N HIS C 585 6.68 -23.59 -5.27
CA HIS C 585 6.37 -22.55 -6.24
C HIS C 585 7.59 -21.90 -6.86
N ASP C 586 8.54 -21.42 -6.07
CA ASP C 586 9.62 -20.56 -6.54
C ASP C 586 10.97 -21.25 -6.68
N VAL C 587 11.33 -22.14 -5.76
CA VAL C 587 12.67 -22.72 -5.77
C VAL C 587 12.88 -23.59 -7.01
N LEU C 588 11.88 -24.39 -7.36
CA LEU C 588 12.02 -25.25 -8.55
C LEU C 588 12.08 -24.43 -9.83
N LYS C 589 11.51 -23.21 -9.82
CA LYS C 589 11.65 -22.32 -10.98
C LYS C 589 13.12 -21.99 -11.23
N PHE C 590 13.84 -21.59 -10.19
CA PHE C 590 15.26 -21.30 -10.35
C PHE C 590 16.06 -22.58 -10.54
N LEU C 591 15.61 -23.70 -9.95
CA LEU C 591 16.32 -24.97 -10.11
C LEU C 591 16.33 -25.43 -11.55
N PHE C 592 15.22 -25.25 -12.26
CA PHE C 592 15.16 -25.64 -13.67
C PHE C 592 16.15 -24.84 -14.51
N VAL C 593 16.16 -23.53 -14.33
CA VAL C 593 17.06 -22.68 -15.11
C VAL C 593 18.52 -22.92 -14.70
N TYR C 594 18.76 -23.16 -13.42
CA TYR C 594 20.12 -23.40 -12.96
C TYR C 594 20.65 -24.74 -13.46
N ILE C 595 19.78 -25.75 -13.55
CA ILE C 595 20.18 -27.03 -14.13
C ILE C 595 20.47 -26.86 -15.62
N VAL C 596 19.65 -26.05 -16.31
CA VAL C 596 19.89 -25.79 -17.73
C VAL C 596 21.23 -25.09 -17.92
N PHE C 597 21.52 -24.09 -17.07
CA PHE C 597 22.79 -23.38 -17.16
C PHE C 597 23.95 -24.29 -16.79
N LEU C 598 23.77 -25.17 -15.81
CA LEU C 598 24.82 -26.11 -15.43
C LEU C 598 25.09 -27.09 -16.55
N LEU C 599 24.04 -27.58 -17.21
CA LEU C 599 24.21 -28.54 -18.29
C LEU C 599 24.89 -27.89 -19.50
N GLY C 600 24.46 -26.67 -19.85
CA GLY C 600 25.06 -25.99 -20.99
C GLY C 600 26.51 -25.61 -20.76
N PHE C 601 26.82 -25.06 -19.59
CA PHE C 601 28.21 -24.70 -19.30
C PHE C 601 29.05 -25.91 -18.96
N GLY C 602 28.44 -26.98 -18.45
CA GLY C 602 29.19 -28.17 -18.10
C GLY C 602 29.80 -28.85 -19.32
N VAL C 603 29.02 -29.01 -20.38
CA VAL C 603 29.54 -29.66 -21.59
C VAL C 603 30.50 -28.73 -22.34
N ALA C 604 30.33 -27.42 -22.17
CA ALA C 604 31.22 -26.47 -22.84
C ALA C 604 32.60 -26.45 -22.19
N LEU C 605 32.65 -26.36 -20.86
CA LEU C 605 33.92 -26.27 -20.16
C LEU C 605 34.68 -27.59 -20.17
N ALA C 606 33.96 -28.72 -20.11
CA ALA C 606 34.63 -30.02 -20.16
C ALA C 606 35.33 -30.23 -21.50
N SER C 607 34.69 -29.82 -22.60
CA SER C 607 35.30 -29.92 -23.91
C SER C 607 36.31 -28.80 -24.17
N LEU C 608 36.25 -27.71 -23.40
CA LEU C 608 37.16 -26.60 -23.63
C LEU C 608 38.59 -26.92 -23.18
N ILE C 609 38.74 -27.84 -22.23
CA ILE C 609 40.08 -28.17 -21.74
C ILE C 609 40.85 -28.95 -22.80
N GLU C 610 42.17 -28.95 -22.65
CA GLU C 610 43.02 -29.83 -23.44
C GLU C 610 43.04 -31.22 -22.82
N LYS C 611 42.69 -32.22 -23.62
CA LYS C 611 42.66 -33.60 -23.13
C LYS C 611 44.07 -34.04 -22.80
N CYS C 612 44.30 -34.35 -21.52
CA CYS C 612 45.65 -34.64 -21.05
C CYS C 612 46.14 -35.97 -21.63
N PRO C 613 47.43 -36.07 -21.96
CA PRO C 613 47.98 -37.34 -22.45
C PRO C 613 48.31 -38.32 -21.34
N LYS C 614 47.71 -38.10 -20.17
CA LYS C 614 47.93 -38.86 -18.93
C LYS C 614 49.32 -38.63 -18.34
N ASP C 615 50.01 -37.58 -18.77
CA ASP C 615 51.21 -37.14 -18.05
C ASP C 615 50.84 -36.65 -16.66
N ASN C 616 49.73 -35.93 -16.54
CA ASN C 616 49.14 -35.57 -15.26
C ASN C 616 47.86 -36.38 -15.10
N LYS C 617 47.77 -37.13 -13.98
CA LYS C 617 46.63 -38.02 -13.78
C LYS C 617 45.34 -37.22 -13.57
N ASP C 618 45.30 -36.40 -12.53
CA ASP C 618 44.17 -35.51 -12.28
C ASP C 618 44.41 -34.21 -13.05
N CYS C 619 44.11 -34.26 -14.34
CA CYS C 619 44.42 -33.17 -15.26
C CYS C 619 43.25 -32.20 -15.36
N SER C 620 43.56 -30.91 -15.17
CA SER C 620 42.67 -29.78 -15.47
C SER C 620 41.50 -29.64 -14.50
N SER C 621 41.28 -30.65 -13.65
CA SER C 621 40.21 -30.67 -12.65
C SER C 621 38.81 -30.55 -13.26
N TYR C 622 38.73 -30.51 -14.60
CA TYR C 622 37.48 -30.45 -15.35
C TYR C 622 37.48 -31.52 -16.43
N GLY C 623 37.98 -32.71 -16.09
CA GLY C 623 38.18 -33.74 -17.11
C GLY C 623 36.89 -34.24 -17.70
N SER C 624 35.88 -34.48 -16.86
CA SER C 624 34.60 -35.03 -17.29
C SER C 624 33.51 -33.98 -17.15
N PHE C 625 32.35 -34.30 -17.71
CA PHE C 625 31.17 -33.44 -17.59
C PHE C 625 30.73 -33.35 -16.13
N SER C 626 30.75 -34.48 -15.41
CA SER C 626 30.36 -34.47 -14.01
C SER C 626 31.33 -33.66 -13.17
N ASP C 627 32.62 -33.74 -13.47
CA ASP C 627 33.61 -32.95 -12.74
C ASP C 627 33.42 -31.46 -12.99
N ALA C 628 33.12 -31.09 -14.23
CA ALA C 628 32.88 -29.68 -14.55
C ALA C 628 31.61 -29.17 -13.85
N VAL C 629 30.57 -29.99 -13.81
CA VAL C 629 29.34 -29.59 -13.12
C VAL C 629 29.59 -29.42 -11.63
N LEU C 630 30.34 -30.35 -11.03
CA LEU C 630 30.66 -30.24 -9.61
C LEU C 630 31.47 -28.99 -9.31
N GLU C 631 32.47 -28.70 -10.15
CA GLU C 631 33.29 -27.50 -9.95
C GLU C 631 32.48 -26.22 -10.13
N LEU C 632 31.56 -26.20 -11.09
CA LEU C 632 30.75 -25.01 -11.31
C LEU C 632 29.79 -24.77 -10.15
N PHE C 633 29.17 -25.84 -9.63
CA PHE C 633 28.30 -25.67 -8.48
C PHE C 633 29.08 -25.26 -7.24
N LYS C 634 30.30 -25.78 -7.09
CA LYS C 634 31.17 -25.36 -5.99
C LYS C 634 31.52 -23.88 -6.11
N LEU C 635 31.80 -23.42 -7.33
CA LEU C 635 32.08 -22.00 -7.54
C LEU C 635 30.84 -21.14 -7.26
N THR C 636 29.65 -21.68 -7.50
CA THR C 636 28.42 -20.94 -7.25
C THR C 636 28.25 -20.62 -5.77
N ILE C 637 28.56 -21.58 -4.90
CA ILE C 637 28.34 -21.41 -3.47
C ILE C 637 29.58 -20.79 -2.82
N GLY C 638 30.49 -20.29 -3.64
CA GLY C 638 31.67 -19.60 -3.14
C GLY C 638 32.66 -20.47 -2.39
N LEU C 639 32.96 -21.65 -2.91
CA LEU C 639 33.94 -22.55 -2.30
C LEU C 639 34.60 -23.32 -3.45
N GLY C 640 35.86 -23.04 -3.70
CA GLY C 640 36.57 -23.70 -4.78
C GLY C 640 37.83 -22.93 -5.14
N ASP C 641 38.02 -22.78 -6.45
CA ASP C 641 39.16 -22.06 -7.01
C ASP C 641 38.80 -21.47 -8.36
N LEU C 642 39.35 -20.29 -8.65
CA LEU C 642 39.15 -19.62 -9.93
C LEU C 642 40.51 -19.38 -10.58
N ASN C 643 41.33 -20.42 -10.62
CA ASN C 643 42.67 -20.30 -11.21
C ASN C 643 42.59 -20.16 -12.72
N ILE C 644 43.39 -19.26 -13.27
CA ILE C 644 43.38 -19.03 -14.72
C ILE C 644 43.98 -20.22 -15.46
N GLN C 645 45.11 -20.75 -14.96
CA GLN C 645 45.80 -21.85 -15.62
C GLN C 645 45.08 -23.15 -15.28
N GLN C 646 44.24 -23.63 -16.20
CA GLN C 646 43.51 -24.88 -16.02
C GLN C 646 43.91 -25.93 -17.05
N ASN C 647 45.09 -25.79 -17.64
CA ASN C 647 45.63 -26.72 -18.65
C ASN C 647 44.63 -26.85 -19.81
N SER C 648 44.49 -25.75 -20.54
CA SER C 648 43.55 -25.65 -21.65
C SER C 648 44.26 -25.07 -22.86
N LYS C 649 43.65 -25.29 -24.03
CA LYS C 649 44.17 -24.70 -25.27
C LYS C 649 43.84 -23.22 -25.36
N TYR C 650 42.75 -22.80 -24.73
CA TYR C 650 42.33 -21.39 -24.68
C TYR C 650 42.03 -20.99 -23.24
N PRO C 651 43.04 -20.54 -22.49
CA PRO C 651 42.69 -20.14 -21.13
C PRO C 651 41.69 -18.99 -21.07
N ILE C 652 41.82 -17.99 -21.95
CA ILE C 652 40.94 -16.83 -21.84
C ILE C 652 39.48 -17.17 -22.12
N LEU C 653 39.22 -18.06 -23.08
CA LEU C 653 37.86 -18.51 -23.34
C LEU C 653 37.26 -19.26 -22.15
N PHE C 654 38.06 -20.08 -21.48
CA PHE C 654 37.62 -20.69 -20.23
C PHE C 654 37.33 -19.63 -19.17
N LEU C 655 38.18 -18.61 -19.09
CA LEU C 655 37.93 -17.50 -18.18
C LEU C 655 36.67 -16.74 -18.57
N PHE C 656 36.46 -16.52 -19.87
CA PHE C 656 35.27 -15.82 -20.33
C PHE C 656 34.01 -16.59 -19.93
N LEU C 657 34.00 -17.91 -20.15
CA LEU C 657 32.85 -18.72 -19.80
C LEU C 657 32.61 -18.74 -18.30
N LEU C 658 33.69 -18.79 -17.51
CA LEU C 658 33.53 -18.78 -16.05
C LEU C 658 32.95 -17.46 -15.56
N ILE C 659 33.42 -16.33 -16.10
CA ILE C 659 32.95 -15.03 -15.67
C ILE C 659 31.48 -14.84 -16.04
N THR C 660 31.11 -15.21 -17.27
CA THR C 660 29.71 -15.05 -17.67
C THR C 660 28.81 -16.04 -16.96
N TYR C 661 29.34 -17.19 -16.53
CA TYR C 661 28.55 -18.10 -15.71
C TYR C 661 28.26 -17.49 -14.34
N VAL C 662 29.26 -16.84 -13.73
CA VAL C 662 29.05 -16.20 -12.44
C VAL C 662 28.04 -15.06 -12.57
N ILE C 663 28.15 -14.28 -13.65
CA ILE C 663 27.22 -13.16 -13.86
C ILE C 663 25.80 -13.67 -14.06
N LEU C 664 25.64 -14.71 -14.89
CA LEU C 664 24.31 -15.27 -15.13
C LEU C 664 23.73 -15.89 -13.86
N THR C 665 24.57 -16.56 -13.06
CA THR C 665 24.11 -17.12 -11.80
C THR C 665 23.69 -16.03 -10.83
N PHE C 666 24.42 -14.92 -10.80
CA PHE C 666 24.06 -13.80 -9.93
C PHE C 666 22.71 -13.20 -10.33
N VAL C 667 22.48 -13.03 -11.63
CA VAL C 667 21.19 -12.54 -12.10
C VAL C 667 20.08 -13.53 -11.75
N LEU C 668 20.33 -14.82 -11.94
CA LEU C 668 19.34 -15.85 -11.62
C LEU C 668 19.01 -15.84 -10.13
N LEU C 669 20.03 -15.67 -9.28
CA LEU C 669 19.79 -15.63 -7.85
C LEU C 669 19.02 -14.37 -7.44
N LEU C 670 19.28 -13.25 -8.12
CA LEU C 670 18.52 -12.02 -7.83
C LEU C 670 17.05 -12.20 -8.14
N ASN C 671 16.73 -12.89 -9.23
CA ASN C 671 15.33 -13.11 -9.59
C ASN C 671 14.61 -14.02 -8.60
N MET C 672 15.35 -14.75 -7.76
CA MET C 672 14.69 -15.51 -6.68
C MET C 672 14.01 -14.58 -5.70
N LEU C 673 14.72 -13.56 -5.22
CA LEU C 673 14.07 -12.57 -4.35
C LEU C 673 12.97 -11.84 -5.11
N ILE C 674 13.15 -11.64 -6.42
CA ILE C 674 12.14 -10.92 -7.21
C ILE C 674 10.84 -11.72 -7.28
N ALA C 675 10.94 -13.03 -7.50
CA ALA C 675 9.73 -13.87 -7.51
C ALA C 675 9.08 -13.88 -6.13
N LEU C 676 9.88 -13.87 -5.07
CA LEU C 676 9.34 -13.73 -3.72
C LEU C 676 8.51 -12.46 -3.60
N MET C 677 9.04 -11.33 -4.09
CA MET C 677 8.26 -10.10 -4.12
C MET C 677 6.97 -10.25 -4.91
N GLY C 678 7.00 -10.98 -6.03
CA GLY C 678 5.83 -11.17 -6.84
C GLY C 678 4.74 -12.03 -6.25
N GLU C 679 5.01 -12.78 -5.17
CA GLU C 679 3.96 -13.64 -4.66
C GLU C 679 3.56 -13.36 -3.21
N THR C 680 4.51 -13.04 -2.32
CA THR C 680 4.13 -12.84 -0.91
C THR C 680 3.38 -11.54 -0.70
N VAL C 681 3.84 -10.44 -1.29
CA VAL C 681 3.38 -9.10 -0.89
C VAL C 681 1.93 -8.82 -1.25
N GLU C 682 1.27 -9.67 -2.03
CA GLU C 682 -0.13 -9.44 -2.35
C GLU C 682 -1.06 -10.10 -1.34
N ASN C 683 -0.74 -11.33 -0.93
CA ASN C 683 -1.61 -12.07 -0.02
C ASN C 683 -0.94 -12.28 1.33
N VAL C 684 -0.32 -11.24 1.87
CA VAL C 684 0.29 -11.32 3.18
C VAL C 684 -0.79 -11.50 4.24
N SER C 685 -0.47 -12.28 5.28
CA SER C 685 -1.38 -12.62 6.38
C SER C 685 -2.64 -13.33 5.90
N LYS C 686 -2.63 -13.87 4.67
CA LYS C 686 -3.76 -14.60 4.13
C LYS C 686 -3.38 -15.94 3.52
N GLU C 687 -2.15 -16.10 3.01
CA GLU C 687 -1.67 -17.38 2.52
C GLU C 687 -0.78 -18.10 3.52
N SER C 688 -0.57 -17.52 4.70
CA SER C 688 0.28 -18.12 5.72
C SER C 688 -0.52 -18.84 6.80
N GLU C 689 -1.33 -18.11 7.56
CA GLU C 689 -2.02 -18.70 8.71
C GLU C 689 -3.43 -19.17 8.39
N ARG C 690 -4.03 -18.69 7.30
CA ARG C 690 -5.37 -19.16 6.95
C ARG C 690 -5.36 -20.60 6.46
N ILE C 691 -4.37 -20.96 5.64
CA ILE C 691 -4.21 -22.35 5.23
C ILE C 691 -3.73 -23.19 6.40
N TRP C 692 -2.93 -22.61 7.30
CA TRP C 692 -2.51 -23.33 8.50
C TRP C 692 -3.70 -23.68 9.38
N ARG C 693 -4.68 -22.80 9.48
CA ARG C 693 -5.90 -23.09 10.23
C ARG C 693 -6.67 -24.24 9.57
N LEU C 694 -6.68 -24.28 8.24
CA LEU C 694 -7.31 -25.40 7.55
C LEU C 694 -6.57 -26.70 7.83
N GLN C 695 -5.24 -26.65 7.88
CA GLN C 695 -4.46 -27.84 8.23
C GLN C 695 -4.73 -28.28 9.66
N ARG C 696 -4.86 -27.32 10.57
CA ARG C 696 -5.18 -27.67 11.96
C ARG C 696 -6.58 -28.29 12.07
N ALA C 697 -7.55 -27.73 11.33
CA ALA C 697 -8.90 -28.30 11.34
C ALA C 697 -8.91 -29.71 10.75
N ARG C 698 -8.13 -29.93 9.69
CA ARG C 698 -8.03 -31.27 9.13
C ARG C 698 -7.38 -32.23 10.10
N THR C 699 -6.38 -31.75 10.85
CA THR C 699 -5.74 -32.59 11.87
C THR C 699 -6.73 -32.97 12.97
N ILE C 700 -7.55 -32.02 13.40
CA ILE C 700 -8.56 -32.31 14.41
C ILE C 700 -9.58 -33.31 13.90
N LEU C 701 -10.01 -33.15 12.63
CA LEU C 701 -10.95 -34.09 12.04
C LEU C 701 -10.33 -35.47 11.87
N GLU C 702 -9.03 -35.54 11.56
CA GLU C 702 -8.36 -36.83 11.43
C GLU C 702 -8.21 -37.51 12.79
N PHE C 703 -8.03 -36.73 13.85
CA PHE C 703 -7.89 -37.32 15.18
C PHE C 703 -9.19 -37.95 15.66
N GLU C 704 -10.33 -37.51 15.13
CA GLU C 704 -11.60 -38.13 15.50
C GLU C 704 -11.71 -39.54 14.97
N LYS C 705 -11.12 -39.81 13.81
CA LYS C 705 -11.20 -41.14 13.20
C LYS C 705 -10.31 -42.16 13.89
N MET C 706 -9.28 -41.72 14.61
CA MET C 706 -8.33 -42.62 15.26
C MET C 706 -8.71 -42.91 16.71
N LEU C 707 -9.99 -42.80 17.04
CA LEU C 707 -10.47 -43.14 18.37
C LEU C 707 -11.70 -44.03 18.20
N PRO C 708 -12.00 -44.88 19.19
CA PRO C 708 -13.11 -45.82 19.04
C PRO C 708 -14.43 -45.24 19.53
N GLU C 709 -15.48 -46.05 19.42
CA GLU C 709 -16.84 -45.58 19.68
C GLU C 709 -17.01 -45.15 21.14
N TRP C 710 -16.46 -45.93 22.07
CA TRP C 710 -16.62 -45.61 23.49
C TRP C 710 -15.95 -44.29 23.88
N LEU C 711 -14.97 -43.84 23.10
CA LEU C 711 -14.33 -42.55 23.37
C LEU C 711 -15.12 -41.38 22.82
N ARG C 712 -16.16 -41.61 22.02
CA ARG C 712 -16.99 -40.53 21.50
C ARG C 712 -18.12 -40.18 22.47
N SER C 713 -17.76 -39.96 23.73
CA SER C 713 -18.68 -39.50 24.75
C SER C 713 -18.51 -38.00 25.03
N ARG C 714 -17.78 -37.30 24.17
CA ARG C 714 -17.48 -35.88 24.32
C ARG C 714 -18.33 -35.04 23.38
N PHE C 715 -19.58 -35.45 23.18
CA PHE C 715 -20.49 -34.71 22.32
C PHE C 715 -20.91 -33.40 22.98
N ARG C 716 -21.77 -32.65 22.30
CA ARG C 716 -22.14 -31.32 22.76
C ARG C 716 -23.23 -31.43 23.83
N MET C 717 -23.82 -30.30 24.19
CA MET C 717 -24.68 -30.19 25.35
C MET C 717 -26.15 -30.06 24.95
N GLY C 718 -26.99 -29.78 25.95
CA GLY C 718 -28.40 -29.55 25.79
C GLY C 718 -29.29 -30.78 25.90
N GLU C 719 -29.37 -31.58 24.84
CA GLU C 719 -30.34 -32.68 24.73
C GLU C 719 -31.72 -32.23 25.23
N LEU C 720 -32.20 -31.16 24.61
CA LEU C 720 -33.26 -30.35 25.19
C LEU C 720 -34.64 -30.98 25.03
N CYS C 721 -35.10 -31.14 23.78
CA CYS C 721 -36.49 -31.49 23.46
C CYS C 721 -37.46 -30.51 24.11
N LYS C 722 -37.06 -29.25 24.22
CA LYS C 722 -37.84 -28.17 24.80
C LYS C 722 -37.97 -26.97 23.89
N VAL C 723 -36.94 -26.67 23.09
CA VAL C 723 -36.99 -25.55 22.15
C VAL C 723 -38.03 -25.76 21.07
N ALA C 724 -38.29 -27.01 20.68
CA ALA C 724 -39.26 -27.32 19.65
C ALA C 724 -40.00 -28.60 20.04
N GLU C 725 -41.11 -28.85 19.35
CA GLU C 725 -41.95 -30.00 19.69
C GLU C 725 -41.22 -31.32 19.45
N ASP C 726 -40.47 -31.42 18.35
CA ASP C 726 -39.78 -32.65 18.03
C ASP C 726 -38.58 -32.85 18.97
N ASP C 727 -38.00 -34.04 18.89
CA ASP C 727 -36.87 -34.42 19.74
C ASP C 727 -35.62 -33.67 19.27
N PHE C 728 -35.33 -32.54 19.91
CA PHE C 728 -34.13 -31.78 19.56
C PHE C 728 -32.89 -32.53 20.05
N ARG C 729 -31.91 -32.70 19.15
CA ARG C 729 -30.79 -33.58 19.46
C ARG C 729 -29.73 -32.88 20.30
N LEU C 730 -29.06 -31.87 19.74
CA LEU C 730 -27.93 -31.23 20.40
C LEU C 730 -28.04 -29.72 20.24
N CYS C 731 -27.20 -29.01 21.01
CA CYS C 731 -27.10 -27.57 20.91
C CYS C 731 -25.74 -27.13 21.45
N LEU C 732 -25.32 -25.93 21.07
CA LEU C 732 -24.03 -25.38 21.46
C LEU C 732 -24.21 -23.93 21.89
N ARG C 733 -23.59 -23.56 23.00
CA ARG C 733 -23.72 -22.21 23.55
C ARG C 733 -22.54 -21.35 23.13
N ILE C 734 -22.83 -20.16 22.61
CA ILE C 734 -21.82 -19.19 22.18
C ILE C 734 -22.22 -17.83 22.74
N ASN C 735 -21.25 -17.14 23.34
CA ASN C 735 -21.47 -15.82 23.94
C ASN C 735 -20.79 -14.75 23.10
N GLU C 736 -21.39 -13.56 23.07
CA GLU C 736 -20.88 -12.45 22.27
C GLU C 736 -21.28 -11.14 22.94
N VAL C 737 -20.35 -10.18 22.94
CA VAL C 737 -20.57 -8.87 23.54
C VAL C 737 -20.53 -7.83 22.43
N LYS C 738 -21.55 -6.96 22.38
CA LYS C 738 -21.62 -5.90 21.40
C LYS C 738 -22.06 -4.61 22.08
N TRP C 739 -21.32 -3.53 21.86
CA TRP C 739 -21.57 -2.25 22.50
C TRP C 739 -22.17 -1.22 21.54
N THR C 740 -22.61 -1.64 20.36
CA THR C 740 -23.15 -0.73 19.36
C THR C 740 -24.64 -0.86 19.18
N GLU C 741 -25.14 -2.07 18.90
CA GLU C 741 -26.57 -2.27 18.72
C GLU C 741 -27.30 -2.10 20.05
N TRP C 742 -28.41 -1.38 20.03
CA TRP C 742 -29.22 -1.12 21.21
C TRP C 742 -30.67 -1.46 20.88
N LYS C 743 -31.21 -2.49 21.54
CA LYS C 743 -32.55 -2.94 21.25
C LYS C 743 -33.13 -3.64 22.48
N THR C 744 -34.45 -3.82 22.46
CA THR C 744 -35.14 -4.57 23.49
C THR C 744 -35.39 -5.99 23.00
N HIS C 745 -34.75 -6.96 23.65
CA HIS C 745 -34.84 -8.35 23.24
C HIS C 745 -36.06 -9.01 23.86
N VAL C 746 -36.83 -9.75 23.08
CA VAL C 746 -38.03 -10.39 23.61
C VAL C 746 -38.07 -11.87 23.23
N SER C 747 -37.16 -12.29 22.37
CA SER C 747 -37.18 -13.67 21.90
C SER C 747 -36.04 -14.52 22.48
N PHE C 748 -35.69 -14.32 23.74
CA PHE C 748 -34.71 -15.20 24.35
C PHE C 748 -35.38 -16.48 24.86
N LEU C 749 -34.57 -17.52 25.05
CA LEU C 749 -35.09 -18.84 25.38
C LEU C 749 -35.33 -19.00 26.88
N ASN C 750 -34.28 -18.90 27.68
CA ASN C 750 -34.39 -19.05 29.13
C ASN C 750 -34.57 -17.63 29.68
N GLU C 751 -35.55 -17.47 30.58
CA GLU C 751 -35.98 -16.17 31.08
C GLU C 751 -34.86 -15.36 31.74
N ASP C 752 -34.14 -15.93 32.69
CA ASP C 752 -33.02 -15.26 33.32
C ASP C 752 -31.72 -15.88 32.84
N PRO C 753 -30.60 -15.15 32.84
CA PRO C 753 -29.35 -15.74 32.34
C PRO C 753 -28.81 -16.79 33.28
N GLY C 754 -27.61 -17.27 32.98
CA GLY C 754 -26.95 -18.25 33.80
C GLY C 754 -26.64 -19.54 33.08
N PRO C 755 -25.33 -19.83 32.94
CA PRO C 755 -24.84 -21.06 32.32
C PRO C 755 -24.98 -22.27 33.22
N LEU D 119 -5.12 55.61 -38.78
CA LEU D 119 -4.84 54.71 -39.90
C LEU D 119 -5.91 53.61 -39.97
N LYS D 120 -5.55 52.48 -40.58
CA LYS D 120 -6.48 51.36 -40.69
C LYS D 120 -6.62 50.59 -39.38
N LYS D 121 -5.79 50.89 -38.38
CA LYS D 121 -5.86 50.19 -37.10
C LYS D 121 -7.07 50.61 -36.28
N ARG D 122 -7.77 51.68 -36.68
CA ARG D 122 -8.94 52.12 -35.93
C ARG D 122 -10.06 51.09 -35.98
N ILE D 123 -10.13 50.30 -37.05
CA ILE D 123 -11.12 49.22 -37.13
C ILE D 123 -10.78 48.12 -36.15
N PHE D 124 -9.50 47.74 -36.09
CA PHE D 124 -9.08 46.60 -35.27
C PHE D 124 -9.27 46.89 -33.79
N ALA D 125 -8.96 48.12 -33.37
CA ALA D 125 -9.17 48.51 -31.98
C ALA D 125 -10.66 48.63 -31.64
N ALA D 126 -11.48 49.05 -32.60
CA ALA D 126 -12.90 49.23 -32.34
C ALA D 126 -13.62 47.88 -32.18
N VAL D 127 -13.31 46.92 -33.05
CA VAL D 127 -14.00 45.64 -32.99
C VAL D 127 -13.61 44.82 -31.77
N SER D 128 -12.42 45.07 -31.20
CA SER D 128 -11.98 44.32 -30.04
C SER D 128 -12.54 44.84 -28.72
N GLU D 129 -13.15 46.03 -28.72
CA GLU D 129 -13.71 46.61 -27.50
C GLU D 129 -15.22 46.49 -27.42
N GLY D 130 -15.89 46.15 -28.51
CA GLY D 130 -17.33 45.99 -28.48
C GLY D 130 -18.13 47.26 -28.57
N CYS D 131 -17.50 48.39 -28.89
CA CYS D 131 -18.20 49.68 -29.01
C CYS D 131 -18.96 49.67 -30.33
N VAL D 132 -20.24 49.28 -30.26
CA VAL D 132 -21.06 49.21 -31.46
C VAL D 132 -21.35 50.61 -31.99
N GLU D 133 -21.58 51.58 -31.10
CA GLU D 133 -21.87 52.94 -31.55
C GLU D 133 -20.63 53.59 -32.17
N GLU D 134 -19.45 53.34 -31.60
CA GLU D 134 -18.23 53.90 -32.17
C GLU D 134 -17.92 53.26 -33.53
N LEU D 135 -18.17 51.97 -33.67
CA LEU D 135 -17.94 51.29 -34.94
C LEU D 135 -18.92 51.77 -36.01
N VAL D 136 -20.20 51.91 -35.64
CA VAL D 136 -21.20 52.39 -36.60
C VAL D 136 -21.05 53.88 -36.87
N GLU D 137 -20.30 54.60 -36.03
CA GLU D 137 -20.06 56.02 -36.28
C GLU D 137 -19.25 56.23 -37.55
N LEU D 138 -18.22 55.40 -37.77
CA LEU D 138 -17.37 55.54 -38.93
C LEU D 138 -17.64 54.52 -40.02
N LEU D 139 -18.36 53.43 -39.73
CA LEU D 139 -18.67 52.46 -40.77
C LEU D 139 -19.62 53.04 -41.81
N VAL D 140 -20.40 54.06 -41.45
CA VAL D 140 -21.30 54.68 -42.40
C VAL D 140 -20.56 55.60 -43.36
N GLU D 141 -19.30 55.96 -43.06
CA GLU D 141 -18.53 56.85 -43.91
C GLU D 141 -17.31 56.19 -44.55
N LEU D 142 -16.92 54.99 -44.11
CA LEU D 142 -15.88 54.26 -44.82
C LEU D 142 -16.34 53.84 -46.22
N GLN D 143 -17.65 53.58 -46.38
CA GLN D 143 -18.18 53.25 -47.70
C GLN D 143 -18.04 54.43 -48.66
N GLU D 144 -18.28 55.64 -48.17
CA GLU D 144 -18.12 56.84 -49.00
C GLU D 144 -16.69 57.35 -49.02
N LEU D 145 -15.80 56.79 -48.19
CA LEU D 145 -14.41 57.22 -48.19
C LEU D 145 -13.73 56.87 -49.52
N CYS D 146 -13.98 55.67 -50.03
CA CYS D 146 -13.42 55.23 -51.30
C CYS D 146 -14.35 55.51 -52.48
N ARG D 147 -15.53 56.10 -52.23
CA ARG D 147 -16.52 56.50 -53.23
C ARG D 147 -17.19 55.32 -53.92
N ARG D 148 -16.72 54.10 -53.65
CA ARG D 148 -17.30 52.88 -54.20
C ARG D 148 -16.69 51.65 -53.52
N PHE D 157 -14.78 47.20 -53.38
CA PHE D 157 -13.85 47.28 -54.50
C PHE D 157 -12.49 46.87 -53.89
N LEU D 158 -12.46 45.66 -53.34
CA LEU D 158 -11.27 45.10 -52.68
C LEU D 158 -10.70 46.06 -51.64
N MET D 159 -11.52 46.35 -50.63
CA MET D 159 -11.16 47.30 -49.59
C MET D 159 -9.99 46.74 -48.77
N HIS D 160 -8.81 47.29 -48.98
CA HIS D 160 -7.62 46.85 -48.26
C HIS D 160 -7.57 47.32 -46.82
N LYS D 161 -8.46 48.24 -46.43
CA LYS D 161 -8.48 48.71 -45.05
C LYS D 161 -8.89 47.59 -44.10
N LEU D 162 -9.87 46.77 -44.50
CA LEU D 162 -10.34 45.65 -43.68
C LEU D 162 -9.59 44.37 -43.97
N THR D 163 -8.30 44.48 -44.26
CA THR D 163 -7.46 43.33 -44.58
C THR D 163 -6.19 43.42 -43.73
N ALA D 164 -5.22 42.58 -44.05
CA ALA D 164 -3.92 42.62 -43.39
C ALA D 164 -2.89 42.00 -44.33
N SER D 165 -1.83 42.76 -44.64
CA SER D 165 -0.82 42.27 -45.56
C SER D 165 -0.01 41.13 -44.94
N ASP D 166 0.05 41.06 -43.62
CA ASP D 166 0.82 40.01 -42.95
C ASP D 166 -0.01 38.75 -42.75
N THR D 167 -1.29 38.90 -42.40
CA THR D 167 -2.16 37.76 -42.11
C THR D 167 -3.27 37.60 -43.14
N GLY D 168 -4.07 38.62 -43.36
CA GLY D 168 -5.22 38.51 -44.24
C GLY D 168 -6.56 38.61 -43.54
N LYS D 169 -6.66 39.39 -42.47
CA LYS D 169 -7.85 39.46 -41.66
C LYS D 169 -8.99 40.11 -42.43
N THR D 170 -10.20 39.98 -41.90
CA THR D 170 -11.34 40.78 -42.31
C THR D 170 -11.99 41.39 -41.07
N CYS D 171 -12.94 42.30 -41.29
CA CYS D 171 -13.68 42.91 -40.18
C CYS D 171 -14.57 41.90 -39.50
N LEU D 172 -15.39 41.18 -40.28
CA LEU D 172 -16.29 40.18 -39.70
C LEU D 172 -15.51 39.05 -39.04
N MET D 173 -14.43 38.58 -39.68
CA MET D 173 -13.62 37.52 -39.12
C MET D 173 -12.93 37.94 -37.82
N LYS D 174 -12.38 39.16 -37.77
CA LYS D 174 -11.73 39.65 -36.56
C LYS D 174 -12.70 39.89 -35.42
N ALA D 175 -13.94 40.26 -35.73
CA ALA D 175 -14.92 40.53 -34.67
C ALA D 175 -15.25 39.27 -33.87
N LEU D 176 -14.95 38.09 -34.41
CA LEU D 176 -15.31 36.84 -33.75
C LEU D 176 -14.21 36.28 -32.86
N LEU D 177 -12.95 36.69 -33.03
CA LEU D 177 -11.91 36.17 -32.15
C LEU D 177 -12.03 36.74 -30.74
N ASN D 178 -12.19 38.05 -30.62
CA ASN D 178 -12.40 38.71 -29.33
C ASN D 178 -13.91 38.77 -29.09
N ILE D 179 -14.47 37.70 -28.54
CA ILE D 179 -15.91 37.66 -28.28
C ILE D 179 -16.20 38.53 -27.07
N ASN D 180 -16.71 39.73 -27.33
CA ASN D 180 -17.10 40.68 -26.30
C ASN D 180 -18.58 40.51 -25.98
N PRO D 181 -19.03 40.88 -24.77
CA PRO D 181 -20.41 40.55 -24.40
C PRO D 181 -21.47 41.27 -25.23
N ASN D 182 -21.10 42.31 -25.97
CA ASN D 182 -22.00 42.97 -26.91
C ASN D 182 -21.36 42.75 -28.29
N THR D 183 -21.67 41.61 -28.90
CA THR D 183 -21.10 41.25 -30.19
C THR D 183 -22.14 40.87 -31.24
N LYS D 184 -23.37 40.53 -30.85
CA LYS D 184 -24.39 40.17 -31.84
C LYS D 184 -24.74 41.34 -32.73
N GLU D 185 -24.83 42.55 -32.16
CA GLU D 185 -25.13 43.72 -32.97
C GLU D 185 -23.98 44.07 -33.90
N ILE D 186 -22.73 43.80 -33.50
CA ILE D 186 -21.59 44.04 -34.37
C ILE D 186 -21.65 43.14 -35.60
N VAL D 187 -21.95 41.86 -35.39
CA VAL D 187 -22.06 40.94 -36.52
C VAL D 187 -23.25 41.28 -37.39
N ARG D 188 -24.36 41.73 -36.76
CA ARG D 188 -25.55 42.10 -37.53
C ARG D 188 -25.27 43.31 -38.42
N ILE D 189 -24.65 44.35 -37.87
CA ILE D 189 -24.32 45.52 -38.67
C ILE D 189 -23.23 45.20 -39.68
N LEU D 190 -22.40 44.20 -39.40
CA LEU D 190 -21.39 43.79 -40.37
C LEU D 190 -22.03 43.04 -41.53
N LEU D 191 -23.07 42.25 -41.24
CA LEU D 191 -23.83 41.61 -42.32
C LEU D 191 -24.53 42.66 -43.18
N ALA D 192 -25.08 43.69 -42.55
CA ALA D 192 -25.69 44.78 -43.31
C ALA D 192 -24.66 45.51 -44.17
N PHE D 193 -23.47 45.76 -43.62
CA PHE D 193 -22.42 46.40 -44.40
C PHE D 193 -21.95 45.50 -45.54
N ALA D 194 -21.91 44.19 -45.30
CA ALA D 194 -21.50 43.26 -46.35
C ALA D 194 -22.51 43.24 -47.50
N GLU D 195 -23.81 43.21 -47.17
CA GLU D 195 -24.82 43.12 -48.22
C GLU D 195 -25.05 44.45 -48.94
N GLU D 196 -24.81 45.58 -48.27
CA GLU D 196 -25.05 46.86 -48.92
C GLU D 196 -23.95 47.22 -49.92
N ASN D 197 -22.73 46.76 -49.70
CA ASN D 197 -21.62 47.00 -50.62
C ASN D 197 -21.34 45.81 -51.54
N ASP D 198 -22.18 44.77 -51.49
CA ASP D 198 -22.06 43.58 -52.34
C ASP D 198 -20.70 42.92 -52.18
N ILE D 199 -20.21 42.87 -50.95
CA ILE D 199 -18.94 42.22 -50.62
C ILE D 199 -19.24 41.15 -49.59
N LEU D 200 -19.46 39.92 -50.05
CA LEU D 200 -19.66 38.79 -49.15
C LEU D 200 -18.82 37.60 -49.59
N GLY D 201 -18.49 37.54 -50.88
CA GLY D 201 -17.65 36.46 -51.37
C GLY D 201 -16.24 36.51 -50.80
N ARG D 202 -15.65 37.71 -50.76
CA ARG D 202 -14.33 37.91 -50.19
C ARG D 202 -14.38 38.37 -48.74
N PHE D 203 -15.57 38.44 -48.14
CA PHE D 203 -15.74 38.89 -46.76
C PHE D 203 -16.14 37.77 -45.83
N ILE D 204 -17.22 37.06 -46.13
CA ILE D 204 -17.65 35.96 -45.27
C ILE D 204 -16.88 34.68 -45.57
N ASN D 205 -16.22 34.59 -46.72
CA ASN D 205 -15.41 33.43 -47.10
C ASN D 205 -14.03 33.95 -47.50
N ALA D 206 -13.15 34.10 -46.51
CA ALA D 206 -11.80 34.58 -46.74
C ALA D 206 -10.81 33.58 -46.15
N GLU D 207 -9.52 33.91 -46.26
CA GLU D 207 -8.47 33.00 -45.80
C GLU D 207 -7.23 33.82 -45.46
N TYR D 208 -6.33 33.19 -44.72
CA TYR D 208 -5.04 33.78 -44.45
C TYR D 208 -4.04 33.39 -45.54
N THR D 209 -2.92 34.14 -45.60
CA THR D 209 -1.94 33.93 -46.66
C THR D 209 -0.52 33.81 -46.14
N GLU D 210 -0.34 33.48 -44.86
CA GLU D 210 0.97 33.32 -44.25
C GLU D 210 1.13 31.88 -43.78
N GLU D 211 2.29 31.60 -43.19
CA GLU D 211 2.60 30.25 -42.76
C GLU D 211 1.66 29.80 -41.65
N ALA D 212 1.35 28.51 -41.66
CA ALA D 212 0.61 27.74 -40.66
C ALA D 212 -0.90 27.99 -40.69
N TYR D 213 -1.38 29.03 -41.36
CA TYR D 213 -2.82 29.32 -41.45
C TYR D 213 -3.21 29.52 -42.91
N GLU D 214 -4.14 28.70 -43.37
CA GLU D 214 -4.76 28.86 -44.68
C GLU D 214 -6.21 28.41 -44.58
N GLY D 215 -7.11 29.23 -45.13
CA GLY D 215 -8.50 28.83 -45.20
C GLY D 215 -9.30 28.95 -43.92
N GLN D 216 -8.81 29.69 -42.92
CA GLN D 216 -9.56 29.88 -41.69
C GLN D 216 -10.61 30.95 -41.94
N THR D 217 -11.83 30.51 -42.24
CA THR D 217 -12.93 31.42 -42.55
C THR D 217 -13.60 31.90 -41.27
N ALA D 218 -14.70 32.63 -41.42
CA ALA D 218 -15.45 33.13 -40.26
C ALA D 218 -16.11 32.00 -39.50
N LEU D 219 -16.62 30.99 -40.23
CA LEU D 219 -17.27 29.85 -39.58
C LEU D 219 -16.27 29.01 -38.78
N ASN D 220 -14.99 29.03 -39.15
CA ASN D 220 -13.99 28.26 -38.44
C ASN D 220 -13.61 28.85 -37.09
N ILE D 221 -14.07 30.06 -36.78
CA ILE D 221 -13.80 30.69 -35.50
C ILE D 221 -15.06 30.88 -34.67
N ALA D 222 -16.19 31.19 -35.32
CA ALA D 222 -17.44 31.32 -34.57
C ALA D 222 -17.84 30.01 -33.91
N ILE D 223 -17.61 28.89 -34.59
CA ILE D 223 -17.79 27.59 -33.98
C ILE D 223 -16.75 27.36 -32.89
N GLU D 224 -15.53 27.87 -33.10
CA GLU D 224 -14.44 27.67 -32.15
C GLU D 224 -14.72 28.36 -30.83
N ARG D 225 -15.29 29.57 -30.86
CA ARG D 225 -15.52 30.35 -29.65
C ARG D 225 -16.77 29.92 -28.89
N ARG D 226 -17.28 28.72 -29.14
CA ARG D 226 -18.46 28.18 -28.46
C ARG D 226 -19.67 29.09 -28.64
N GLN D 227 -19.79 29.70 -29.82
CA GLN D 227 -20.89 30.59 -30.15
C GLN D 227 -21.81 29.89 -31.14
N GLY D 228 -23.07 29.72 -30.76
CA GLY D 228 -24.03 29.02 -31.58
C GLY D 228 -24.92 29.93 -32.41
N ASP D 229 -25.34 31.05 -31.81
CA ASP D 229 -26.24 31.97 -32.50
C ASP D 229 -25.55 32.64 -33.69
N ILE D 230 -24.32 33.11 -33.50
CA ILE D 230 -23.58 33.74 -34.59
C ILE D 230 -23.21 32.71 -35.64
N ALA D 231 -22.87 31.49 -35.22
CA ALA D 231 -22.57 30.42 -36.17
C ALA D 231 -23.79 30.09 -37.03
N ALA D 232 -24.97 30.04 -36.41
CA ALA D 232 -26.20 29.80 -37.17
C ALA D 232 -26.52 30.97 -38.10
N LEU D 233 -26.21 32.19 -37.66
CA LEU D 233 -26.41 33.36 -38.51
C LEU D 233 -25.51 33.32 -39.73
N LEU D 234 -24.24 32.91 -39.55
CA LEU D 234 -23.33 32.80 -40.68
C LEU D 234 -23.74 31.66 -41.61
N ILE D 235 -24.22 30.56 -41.04
CA ILE D 235 -24.69 29.44 -41.86
C ILE D 235 -25.91 29.84 -42.67
N ALA D 236 -26.83 30.60 -42.06
CA ALA D 236 -28.01 31.07 -42.78
C ALA D 236 -27.62 32.00 -43.92
N ALA D 237 -26.52 32.74 -43.78
CA ALA D 237 -26.00 33.55 -44.87
C ALA D 237 -25.30 32.73 -45.93
N GLY D 238 -25.07 31.44 -45.68
CA GLY D 238 -24.44 30.56 -46.64
C GLY D 238 -23.08 30.06 -46.19
N ALA D 239 -22.26 30.97 -45.66
CA ALA D 239 -20.93 30.68 -45.15
C ALA D 239 -20.08 29.90 -46.15
N ASP D 240 -19.34 28.91 -45.67
CA ASP D 240 -18.55 28.04 -46.54
C ASP D 240 -18.85 26.57 -46.24
N VAL D 241 -19.11 26.28 -44.97
CA VAL D 241 -19.50 24.95 -44.46
C VAL D 241 -18.41 23.91 -44.69
N ASN D 242 -17.94 23.78 -45.93
CA ASN D 242 -16.91 22.81 -46.28
C ASN D 242 -15.55 23.49 -46.50
N ALA D 243 -15.25 24.50 -45.69
CA ALA D 243 -13.97 25.18 -45.80
C ALA D 243 -12.86 24.30 -45.26
N HIS D 244 -11.76 24.22 -46.00
CA HIS D 244 -10.62 23.37 -45.62
C HIS D 244 -9.54 24.27 -45.02
N ALA D 245 -9.41 24.22 -43.69
CA ALA D 245 -8.38 24.97 -42.98
C ALA D 245 -7.09 24.17 -43.04
N LYS D 246 -6.42 24.24 -44.19
CA LYS D 246 -5.22 23.46 -44.46
C LYS D 246 -3.98 24.26 -44.08
N GLY D 247 -3.70 24.29 -42.78
CA GLY D 247 -2.57 25.00 -42.25
C GLY D 247 -1.56 24.10 -41.53
N ALA D 248 -0.34 24.63 -41.38
CA ALA D 248 0.71 23.86 -40.73
C ALA D 248 0.50 23.76 -39.22
N PHE D 249 -0.08 24.78 -38.60
CA PHE D 249 -0.50 24.66 -37.21
C PHE D 249 -1.63 23.65 -37.07
N PHE D 250 -2.55 23.63 -38.03
CA PHE D 250 -3.60 22.62 -38.06
C PHE D 250 -3.06 21.25 -38.47
N ASN D 251 -1.82 21.16 -38.92
CA ASN D 251 -1.18 19.89 -39.28
C ASN D 251 0.13 19.78 -38.52
N PRO D 252 0.08 19.54 -37.22
CA PRO D 252 1.31 19.48 -36.41
C PRO D 252 2.10 18.21 -36.69
N LYS D 253 3.41 18.29 -36.43
CA LYS D 253 4.27 17.13 -36.62
C LYS D 253 3.90 16.01 -35.65
N TYR D 254 3.65 16.35 -34.38
CA TYR D 254 3.19 15.38 -33.40
C TYR D 254 1.92 15.88 -32.73
N GLN D 255 1.47 15.19 -31.68
CA GLN D 255 0.20 15.49 -31.04
C GLN D 255 0.35 16.46 -29.86
N HIS D 256 1.39 17.30 -29.85
CA HIS D 256 1.60 18.26 -28.77
C HIS D 256 1.93 19.67 -29.23
N GLU D 257 2.44 19.87 -30.43
CA GLU D 257 2.85 21.19 -30.89
C GLU D 257 1.75 21.93 -31.65
N GLY D 258 0.58 21.33 -31.83
CA GLY D 258 -0.46 21.99 -32.58
C GLY D 258 -1.82 21.40 -32.28
N PHE D 259 -2.83 21.92 -32.98
CA PHE D 259 -4.21 21.49 -32.82
C PHE D 259 -4.73 21.03 -34.19
N TYR D 260 -4.84 19.72 -34.37
CA TYR D 260 -5.43 19.13 -35.57
C TYR D 260 -6.84 18.67 -35.24
N PHE D 261 -7.83 19.26 -35.91
CA PHE D 261 -9.23 18.93 -35.64
C PHE D 261 -9.95 18.28 -36.82
N GLY D 262 -9.44 18.43 -38.04
CA GLY D 262 -10.08 17.80 -39.18
C GLY D 262 -10.14 18.66 -40.42
N GLU D 263 -9.67 19.91 -40.29
CA GLU D 263 -9.60 20.86 -41.40
C GLU D 263 -10.96 21.11 -42.04
N THR D 264 -11.99 21.24 -41.21
CA THR D 264 -13.34 21.52 -41.68
C THR D 264 -14.14 22.07 -40.52
N PRO D 265 -15.08 22.99 -40.76
CA PRO D 265 -15.93 23.49 -39.67
C PRO D 265 -17.11 22.56 -39.38
N LEU D 266 -16.85 21.27 -39.39
CA LEU D 266 -17.76 20.23 -38.91
C LEU D 266 -17.06 19.28 -37.95
N ALA D 267 -15.80 18.93 -38.22
CA ALA D 267 -15.00 18.18 -37.28
C ALA D 267 -14.42 19.06 -36.18
N LEU D 268 -14.42 20.38 -36.37
CA LEU D 268 -14.03 21.29 -35.30
C LEU D 268 -15.06 21.28 -34.18
N ALA D 269 -16.35 21.30 -34.53
CA ALA D 269 -17.41 21.20 -33.52
C ALA D 269 -17.50 19.82 -32.92
N ALA D 270 -17.08 18.78 -33.65
CA ALA D 270 -17.09 17.42 -33.13
C ALA D 270 -15.89 17.14 -32.23
N CYS D 271 -14.72 17.68 -32.56
CA CYS D 271 -13.56 17.56 -31.67
C CYS D 271 -13.80 18.29 -30.35
N THR D 272 -14.41 19.47 -30.42
CA THR D 272 -14.86 20.15 -29.22
C THR D 272 -16.15 19.49 -28.71
N ASN D 273 -16.66 19.99 -27.59
CA ASN D 273 -17.81 19.39 -26.92
C ASN D 273 -19.11 20.11 -27.27
N GLN D 274 -19.26 20.55 -28.53
CA GLN D 274 -20.46 21.24 -28.97
C GLN D 274 -21.29 20.31 -29.84
N PRO D 275 -22.35 19.69 -29.32
CA PRO D 275 -23.17 18.79 -30.15
C PRO D 275 -24.27 19.51 -30.91
N GLU D 276 -24.73 20.65 -30.38
CA GLU D 276 -25.81 21.39 -31.04
C GLU D 276 -25.37 21.93 -32.40
N ILE D 277 -24.16 22.47 -32.47
CA ILE D 277 -23.66 22.99 -33.74
C ILE D 277 -23.45 21.86 -34.74
N VAL D 278 -23.02 20.70 -34.26
CA VAL D 278 -22.91 19.52 -35.13
C VAL D 278 -24.28 19.12 -35.66
N GLN D 279 -25.29 19.14 -34.80
CA GLN D 279 -26.64 18.75 -35.22
C GLN D 279 -27.18 19.69 -36.29
N LEU D 280 -26.99 21.01 -36.11
CA LEU D 280 -27.48 21.94 -37.12
C LEU D 280 -26.60 21.98 -38.36
N LEU D 281 -25.34 21.60 -38.25
CA LEU D 281 -24.48 21.52 -39.43
C LEU D 281 -24.82 20.32 -40.29
N MET D 282 -25.05 19.17 -39.66
CA MET D 282 -25.37 17.94 -40.40
C MET D 282 -26.77 17.97 -41.00
N GLU D 283 -27.63 18.87 -40.52
CA GLU D 283 -28.95 19.04 -41.11
C GLU D 283 -28.92 19.94 -42.34
N HIS D 284 -27.80 20.58 -42.63
CA HIS D 284 -27.69 21.42 -43.81
C HIS D 284 -27.65 20.57 -45.08
N GLU D 285 -28.05 21.18 -46.20
CA GLU D 285 -28.11 20.48 -47.47
C GLU D 285 -26.78 20.51 -48.22
N GLN D 286 -25.74 21.12 -47.64
CA GLN D 286 -24.42 21.16 -48.26
C GLN D 286 -23.34 20.80 -47.25
N THR D 287 -23.67 19.94 -46.28
CA THR D 287 -22.72 19.57 -45.24
C THR D 287 -21.58 18.74 -45.80
N ASP D 288 -21.90 17.74 -46.62
CA ASP D 288 -20.93 16.79 -47.17
C ASP D 288 -20.13 16.12 -46.05
N ILE D 289 -20.86 15.32 -45.27
CA ILE D 289 -20.28 14.65 -44.11
C ILE D 289 -19.15 13.72 -44.52
N THR D 290 -19.24 13.12 -45.71
CA THR D 290 -18.21 12.21 -46.21
C THR D 290 -17.04 12.92 -46.87
N SER D 291 -16.86 14.21 -46.61
CA SER D 291 -15.73 14.94 -47.17
C SER D 291 -14.42 14.44 -46.59
N ARG D 292 -13.37 14.48 -47.41
CA ARG D 292 -12.06 13.98 -47.03
C ARG D 292 -11.12 15.15 -46.76
N ASP D 293 -10.45 15.11 -45.59
CA ASP D 293 -9.48 16.13 -45.23
C ASP D 293 -8.26 16.00 -46.15
N SER D 294 -7.53 17.11 -46.30
CA SER D 294 -6.36 17.12 -47.16
C SER D 294 -5.27 16.15 -46.71
N ARG D 295 -5.30 15.72 -45.45
CA ARG D 295 -4.44 14.65 -44.97
C ARG D 295 -4.97 13.27 -45.34
N GLY D 296 -6.12 13.20 -46.01
CA GLY D 296 -6.76 11.93 -46.32
C GLY D 296 -7.72 11.44 -45.26
N ASN D 297 -7.87 12.17 -44.15
CA ASN D 297 -8.71 11.75 -43.05
C ASN D 297 -10.18 12.05 -43.34
N ASN D 298 -11.02 11.78 -42.35
CA ASN D 298 -12.46 12.04 -42.44
C ASN D 298 -12.91 12.57 -41.08
N ILE D 299 -14.24 12.67 -40.91
CA ILE D 299 -14.78 13.08 -39.62
C ILE D 299 -14.49 12.02 -38.56
N LEU D 300 -14.66 10.74 -38.91
CA LEU D 300 -14.40 9.68 -37.95
C LEU D 300 -12.91 9.55 -37.67
N HIS D 301 -12.07 9.73 -38.70
CA HIS D 301 -10.63 9.75 -38.49
C HIS D 301 -10.22 10.88 -37.56
N ALA D 302 -10.81 12.06 -37.74
CA ALA D 302 -10.47 13.20 -36.90
C ALA D 302 -10.90 12.96 -35.46
N LEU D 303 -12.08 12.37 -35.25
CA LEU D 303 -12.51 12.04 -33.90
C LEU D 303 -11.62 10.99 -33.26
N VAL D 304 -11.11 10.04 -34.06
CA VAL D 304 -10.21 9.02 -33.54
C VAL D 304 -8.89 9.65 -33.11
N THR D 305 -8.35 10.58 -33.90
CA THR D 305 -7.03 11.12 -33.64
C THR D 305 -6.98 12.02 -32.40
N VAL D 306 -8.12 12.54 -31.94
CA VAL D 306 -8.16 13.47 -30.83
C VAL D 306 -8.67 12.84 -29.55
N ALA D 307 -8.97 11.55 -29.54
CA ALA D 307 -9.42 10.86 -28.33
C ALA D 307 -8.19 10.44 -27.52
N GLU D 308 -7.62 11.42 -26.82
CA GLU D 308 -6.36 11.19 -26.11
C GLU D 308 -6.51 10.13 -25.03
N ASP D 309 -7.49 10.30 -24.14
CA ASP D 309 -7.71 9.40 -23.02
C ASP D 309 -9.10 9.71 -22.47
N PHE D 310 -9.44 9.10 -21.33
CA PHE D 310 -10.68 9.40 -20.63
C PHE D 310 -10.47 10.24 -19.38
N LYS D 311 -9.31 10.13 -18.74
CA LYS D 311 -9.04 10.91 -17.53
C LYS D 311 -8.92 12.40 -17.85
N THR D 312 -8.36 12.74 -19.00
CA THR D 312 -8.15 14.14 -19.38
C THR D 312 -9.09 14.62 -20.47
N GLN D 313 -9.98 13.76 -20.98
CA GLN D 313 -10.88 14.16 -22.06
C GLN D 313 -12.31 13.68 -21.84
N ASN D 314 -12.58 12.89 -20.80
CA ASN D 314 -13.89 12.30 -20.52
C ASN D 314 -14.26 11.37 -21.68
N ASP D 315 -15.55 11.29 -22.02
CA ASP D 315 -16.01 10.31 -22.99
C ASP D 315 -16.85 10.91 -24.12
N PHE D 316 -16.86 12.23 -24.25
CA PHE D 316 -17.73 12.87 -25.24
C PHE D 316 -17.32 12.54 -26.67
N VAL D 317 -16.06 12.16 -26.88
CA VAL D 317 -15.59 11.83 -28.23
C VAL D 317 -16.32 10.61 -28.77
N LYS D 318 -16.50 9.59 -27.93
CA LYS D 318 -17.25 8.40 -28.33
C LYS D 318 -18.71 8.75 -28.62
N ARG D 319 -19.30 9.65 -27.82
CA ARG D 319 -20.67 10.05 -28.05
C ARG D 319 -20.82 10.78 -29.38
N MET D 320 -19.88 11.66 -29.72
CA MET D 320 -19.93 12.34 -31.01
C MET D 320 -19.69 11.37 -32.16
N TYR D 321 -18.82 10.39 -31.96
CA TYR D 321 -18.60 9.37 -32.98
C TYR D 321 -19.89 8.59 -33.24
N ASP D 322 -20.58 8.20 -32.19
CA ASP D 322 -21.84 7.46 -32.34
C ASP D 322 -22.89 8.33 -33.01
N MET D 323 -23.00 9.60 -32.62
CA MET D 323 -24.02 10.48 -33.18
C MET D 323 -23.79 10.69 -34.67
N ILE D 324 -22.56 10.99 -35.07
CA ILE D 324 -22.27 11.25 -36.47
C ILE D 324 -22.43 9.98 -37.29
N LEU D 325 -22.00 8.84 -36.74
CA LEU D 325 -22.16 7.58 -37.46
C LEU D 325 -23.62 7.22 -37.66
N LEU D 326 -24.46 7.45 -36.65
CA LEU D 326 -25.89 7.17 -36.79
C LEU D 326 -26.54 8.10 -37.81
N ARG D 327 -26.18 9.38 -37.79
CA ARG D 327 -26.76 10.31 -38.76
C ARG D 327 -26.27 10.06 -40.17
N SER D 328 -25.08 9.48 -40.34
CA SER D 328 -24.64 9.09 -41.68
C SER D 328 -25.47 7.92 -42.20
N GLY D 329 -25.65 6.89 -41.40
CA GLY D 329 -26.56 5.81 -41.73
C GLY D 329 -26.13 4.91 -42.87
N ASN D 330 -24.84 4.82 -43.16
CA ASN D 330 -24.36 3.98 -44.25
C ASN D 330 -22.92 3.59 -43.96
N TRP D 331 -22.47 2.55 -44.66
CA TRP D 331 -21.12 2.01 -44.49
C TRP D 331 -20.12 2.61 -45.47
N GLU D 332 -19.98 3.93 -45.49
CA GLU D 332 -18.93 4.57 -46.28
C GLU D 332 -17.96 5.38 -45.43
N LEU D 333 -18.36 5.83 -44.24
CA LEU D 333 -17.47 6.57 -43.37
C LEU D 333 -16.44 5.65 -42.71
N GLU D 334 -16.88 4.47 -42.27
CA GLU D 334 -15.97 3.52 -41.63
C GLU D 334 -15.08 2.81 -42.63
N THR D 335 -15.55 2.62 -43.86
CA THR D 335 -14.80 1.92 -44.89
C THR D 335 -13.97 2.86 -45.76
N THR D 336 -13.96 4.15 -45.45
CA THR D 336 -13.17 5.10 -46.24
C THR D 336 -11.69 4.90 -45.93
N ARG D 337 -10.88 4.73 -46.98
CA ARG D 337 -9.46 4.47 -46.81
C ARG D 337 -8.70 5.78 -46.62
N ASN D 338 -7.88 5.83 -45.57
CA ASN D 338 -7.04 6.98 -45.30
C ASN D 338 -5.93 7.08 -46.35
N ASN D 339 -5.27 8.25 -46.39
CA ASN D 339 -4.11 8.42 -47.25
C ASN D 339 -2.97 7.48 -46.86
N ASP D 340 -2.94 7.03 -45.61
CA ASP D 340 -2.02 5.99 -45.17
C ASP D 340 -2.60 4.59 -45.37
N GLY D 341 -3.69 4.47 -46.12
CA GLY D 341 -4.35 3.19 -46.32
C GLY D 341 -4.97 2.60 -45.08
N LEU D 342 -5.69 3.42 -44.30
CA LEU D 342 -6.25 2.99 -43.03
C LEU D 342 -7.73 3.37 -42.97
N THR D 343 -8.41 2.78 -41.99
CA THR D 343 -9.80 3.03 -41.66
C THR D 343 -9.86 3.53 -40.21
N PRO D 344 -10.96 4.18 -39.81
CA PRO D 344 -11.06 4.63 -38.41
C PRO D 344 -10.91 3.50 -37.40
N LEU D 345 -11.34 2.29 -37.74
CA LEU D 345 -11.07 1.14 -36.87
C LEU D 345 -9.58 0.84 -36.80
N GLN D 346 -8.92 0.78 -37.97
CA GLN D 346 -7.48 0.52 -37.98
C GLN D 346 -6.69 1.72 -37.45
N LEU D 347 -7.18 2.95 -37.69
CA LEU D 347 -6.51 4.12 -37.15
C LEU D 347 -6.57 4.13 -35.62
N ALA D 348 -7.73 3.76 -35.05
CA ALA D 348 -7.83 3.65 -33.60
C ALA D 348 -6.97 2.52 -33.07
N ALA D 349 -6.81 1.45 -33.86
CA ALA D 349 -5.95 0.35 -33.42
C ALA D 349 -4.48 0.76 -33.41
N LYS D 350 -4.05 1.52 -34.41
CA LYS D 350 -2.63 1.90 -34.50
C LYS D 350 -2.28 3.10 -33.63
N MET D 351 -3.25 3.93 -33.26
CA MET D 351 -2.99 5.09 -32.41
C MET D 351 -3.18 4.79 -30.93
N GLY D 352 -3.59 3.57 -30.57
CA GLY D 352 -3.76 3.21 -29.19
C GLY D 352 -5.05 3.66 -28.55
N LYS D 353 -6.02 4.11 -29.33
CA LYS D 353 -7.30 4.58 -28.79
C LYS D 353 -8.11 3.36 -28.35
N ALA D 354 -7.88 2.94 -27.11
CA ALA D 354 -8.53 1.74 -26.60
C ALA D 354 -10.02 1.95 -26.36
N GLU D 355 -10.42 3.17 -25.97
CA GLU D 355 -11.83 3.44 -25.70
C GLU D 355 -12.67 3.38 -26.97
N ILE D 356 -12.21 4.04 -28.03
CA ILE D 356 -12.93 4.01 -29.30
C ILE D 356 -12.90 2.61 -29.90
N LEU D 357 -11.77 1.91 -29.76
CA LEU D 357 -11.69 0.54 -30.26
C LEU D 357 -12.66 -0.37 -29.53
N LYS D 358 -12.77 -0.22 -28.22
CA LYS D 358 -13.73 -1.01 -27.44
C LYS D 358 -15.16 -0.68 -27.87
N TYR D 359 -15.45 0.59 -28.12
CA TYR D 359 -16.79 0.97 -28.54
C TYR D 359 -17.13 0.38 -29.90
N ILE D 360 -16.20 0.45 -30.86
CA ILE D 360 -16.49 0.00 -32.22
C ILE D 360 -16.60 -1.52 -32.26
N LEU D 361 -15.66 -2.23 -31.63
CA LEU D 361 -15.69 -3.68 -31.66
C LEU D 361 -16.87 -4.26 -30.89
N SER D 362 -17.45 -3.51 -29.96
CA SER D 362 -18.61 -3.93 -29.20
C SER D 362 -19.81 -3.02 -29.46
N ARG D 363 -19.93 -2.55 -30.70
CA ARG D 363 -20.99 -1.62 -31.08
C ARG D 363 -22.23 -2.43 -31.43
N GLU D 364 -23.29 -2.28 -30.63
CA GLU D 364 -24.56 -2.94 -30.86
C GLU D 364 -25.65 -1.89 -30.98
N ILE D 365 -26.43 -1.95 -32.06
CA ILE D 365 -27.52 -1.02 -32.32
C ILE D 365 -28.79 -1.84 -32.46
N LYS D 366 -29.75 -1.61 -31.56
CA LYS D 366 -30.99 -2.36 -31.55
C LYS D 366 -32.09 -1.73 -32.39
N GLU D 367 -31.88 -0.52 -32.91
CA GLU D 367 -32.91 0.15 -33.67
C GLU D 367 -32.94 -0.35 -35.12
N LYS D 368 -34.12 -0.30 -35.72
CA LYS D 368 -34.28 -0.69 -37.10
C LYS D 368 -33.64 0.34 -38.02
N ARG D 369 -33.22 -0.11 -39.21
CA ARG D 369 -32.66 0.70 -40.29
C ARG D 369 -31.24 1.15 -39.96
N LEU D 370 -30.82 0.94 -38.71
CA LEU D 370 -29.47 1.26 -38.27
C LEU D 370 -28.76 0.04 -37.69
N ARG D 371 -29.38 -1.14 -37.76
CA ARG D 371 -28.78 -2.35 -37.21
C ARG D 371 -27.63 -2.87 -38.06
N SER D 372 -27.57 -2.50 -39.34
CA SER D 372 -26.47 -2.93 -40.19
C SER D 372 -25.16 -2.25 -39.82
N LEU D 373 -25.20 -1.12 -39.13
CA LEU D 373 -23.99 -0.42 -38.73
C LEU D 373 -23.34 -1.01 -37.48
N SER D 374 -24.04 -1.89 -36.77
CA SER D 374 -23.48 -2.48 -35.57
C SER D 374 -22.51 -3.61 -35.90
N ARG D 375 -21.66 -3.94 -34.94
CA ARG D 375 -20.68 -5.01 -35.08
C ARG D 375 -20.98 -6.22 -34.20
N LYS D 376 -21.29 -6.01 -32.93
CA LYS D 376 -21.63 -7.09 -32.01
C LYS D 376 -23.13 -7.35 -32.10
N PHE D 377 -23.50 -8.56 -32.48
CA PHE D 377 -24.90 -8.97 -32.56
C PHE D 377 -25.17 -10.03 -31.51
N THR D 378 -26.12 -9.76 -30.62
CA THR D 378 -26.53 -10.74 -29.62
C THR D 378 -27.34 -11.83 -30.32
N ASP D 379 -26.80 -13.05 -30.35
CA ASP D 379 -27.51 -14.14 -31.01
C ASP D 379 -28.74 -14.56 -30.21
N TRP D 380 -28.58 -14.73 -28.90
CA TRP D 380 -29.70 -15.08 -28.02
C TRP D 380 -29.31 -14.70 -26.59
N ALA D 381 -30.31 -14.72 -25.72
CA ALA D 381 -30.10 -14.41 -24.31
C ALA D 381 -31.11 -15.16 -23.48
N TYR D 382 -30.63 -15.93 -22.50
CA TYR D 382 -31.47 -16.70 -21.58
C TYR D 382 -30.98 -16.42 -20.17
N GLY D 383 -31.50 -15.35 -19.57
CA GLY D 383 -31.05 -14.93 -18.27
C GLY D 383 -29.63 -14.42 -18.28
N PRO D 384 -28.81 -14.90 -17.34
CA PRO D 384 -27.40 -14.46 -17.30
C PRO D 384 -26.62 -14.77 -18.56
N VAL D 385 -26.80 -15.96 -19.13
CA VAL D 385 -26.02 -16.38 -20.29
C VAL D 385 -26.59 -15.75 -21.55
N SER D 386 -25.71 -15.29 -22.43
CA SER D 386 -26.11 -14.70 -23.70
C SER D 386 -24.98 -14.90 -24.70
N SER D 387 -25.34 -15.14 -25.96
CA SER D 387 -24.38 -15.36 -27.03
C SER D 387 -24.33 -14.14 -27.92
N SER D 388 -23.14 -13.58 -28.09
CA SER D 388 -22.92 -12.41 -28.93
C SER D 388 -22.13 -12.81 -30.16
N LEU D 389 -22.61 -12.40 -31.33
CA LEU D 389 -21.97 -12.73 -32.61
C LEU D 389 -21.20 -11.49 -33.07
N TYR D 390 -19.95 -11.39 -32.63
CA TYR D 390 -19.09 -10.29 -33.06
C TYR D 390 -18.76 -10.42 -34.54
N ASP D 391 -18.60 -9.28 -35.21
CA ASP D 391 -18.34 -9.23 -36.64
C ASP D 391 -16.87 -8.89 -36.84
N LEU D 392 -16.05 -9.92 -36.97
CA LEU D 392 -14.63 -9.75 -37.29
C LEU D 392 -14.35 -9.84 -38.79
N THR D 393 -15.13 -9.09 -39.59
CA THR D 393 -14.91 -9.08 -41.03
C THR D 393 -13.67 -8.28 -41.42
N ASN D 394 -13.16 -7.44 -40.53
CA ASN D 394 -11.92 -6.72 -40.75
C ASN D 394 -10.95 -6.86 -39.60
N VAL D 395 -11.32 -7.58 -38.55
CA VAL D 395 -10.48 -7.74 -37.37
C VAL D 395 -9.60 -8.98 -37.48
N ASP D 396 -10.14 -10.08 -38.02
CA ASP D 396 -9.37 -11.30 -38.18
C ASP D 396 -8.25 -11.11 -39.19
N THR D 397 -7.14 -11.84 -38.99
CA THR D 397 -5.97 -11.73 -39.83
C THR D 397 -6.16 -12.53 -41.11
N THR D 398 -7.10 -12.05 -41.93
CA THR D 398 -7.36 -12.64 -43.23
C THR D 398 -7.00 -11.71 -44.39
N THR D 399 -6.77 -10.43 -44.12
CA THR D 399 -6.35 -9.46 -45.12
C THR D 399 -5.12 -8.74 -44.63
N ASP D 400 -4.55 -7.91 -45.51
CA ASP D 400 -3.35 -7.16 -45.16
C ASP D 400 -3.68 -6.05 -44.19
N ASN D 401 -2.88 -5.94 -43.11
CA ASN D 401 -3.02 -4.91 -42.09
C ASN D 401 -4.42 -4.95 -41.44
N SER D 402 -4.71 -6.08 -40.80
CA SER D 402 -5.96 -6.23 -40.07
C SER D 402 -5.87 -5.51 -38.73
N VAL D 403 -6.98 -5.51 -38.00
CA VAL D 403 -7.02 -4.84 -36.70
C VAL D 403 -6.16 -5.58 -35.69
N LEU D 404 -6.20 -6.92 -35.70
CA LEU D 404 -5.39 -7.70 -34.77
C LEU D 404 -3.91 -7.56 -35.09
N GLU D 405 -3.55 -7.63 -36.37
CA GLU D 405 -2.15 -7.48 -36.76
C GLU D 405 -1.63 -6.09 -36.42
N ILE D 406 -2.44 -5.06 -36.63
CA ILE D 406 -2.03 -3.70 -36.31
C ILE D 406 -1.87 -3.52 -34.81
N THR D 407 -2.84 -4.01 -34.03
CA THR D 407 -2.80 -3.82 -32.58
C THR D 407 -1.76 -4.71 -31.90
N VAL D 408 -1.17 -5.66 -32.62
CA VAL D 408 -0.10 -6.47 -32.09
C VAL D 408 1.27 -6.02 -32.59
N TYR D 409 1.39 -5.74 -33.89
CA TYR D 409 2.66 -5.37 -34.50
C TYR D 409 2.88 -3.86 -34.51
N ASN D 410 2.71 -3.21 -33.36
CA ASN D 410 2.88 -1.76 -33.24
C ASN D 410 3.58 -1.47 -31.92
N THR D 411 4.90 -1.38 -31.96
CA THR D 411 5.69 -1.10 -30.76
C THR D 411 5.72 0.38 -30.41
N ASN D 412 5.18 1.26 -31.25
CA ASN D 412 5.27 2.69 -30.99
C ASN D 412 4.21 3.15 -30.00
N ILE D 413 3.24 2.29 -29.68
CA ILE D 413 2.17 2.61 -28.73
C ILE D 413 2.37 1.80 -27.46
N ASP D 414 2.24 2.44 -26.29
CA ASP D 414 2.32 1.68 -25.06
C ASP D 414 0.94 1.17 -24.68
N ASN D 415 -0.09 1.77 -25.25
CA ASN D 415 -1.46 1.39 -24.92
C ASN D 415 -1.85 -0.02 -25.35
N ARG D 416 -0.89 -0.78 -25.89
CA ARG D 416 -1.15 -2.18 -26.23
C ARG D 416 -1.43 -3.03 -25.00
N HIS D 417 -1.14 -2.53 -23.80
CA HIS D 417 -1.28 -3.31 -22.58
C HIS D 417 -2.75 -3.68 -22.34
N GLU D 418 -3.64 -2.70 -22.40
CA GLU D 418 -5.05 -2.93 -22.13
C GLU D 418 -5.91 -2.95 -23.40
N MET D 419 -5.35 -2.60 -24.55
CA MET D 419 -6.13 -2.59 -25.79
C MET D 419 -6.34 -3.99 -26.33
N LEU D 420 -5.40 -4.91 -26.08
CA LEU D 420 -5.50 -6.28 -26.56
C LEU D 420 -6.50 -7.12 -25.78
N THR D 421 -7.07 -6.58 -24.70
CA THR D 421 -7.97 -7.35 -23.84
C THR D 421 -9.42 -7.34 -24.32
N LEU D 422 -9.72 -6.67 -25.44
CA LEU D 422 -11.08 -6.66 -25.95
C LEU D 422 -11.48 -8.06 -26.43
N GLU D 423 -12.79 -8.32 -26.37
CA GLU D 423 -13.30 -9.67 -26.67
C GLU D 423 -12.97 -10.17 -28.06
N PRO D 424 -13.19 -9.42 -29.16
CA PRO D 424 -12.86 -9.97 -30.49
C PRO D 424 -11.37 -10.16 -30.71
N LEU D 425 -10.51 -9.61 -29.86
CA LEU D 425 -9.07 -9.86 -29.92
C LEU D 425 -8.63 -10.92 -28.92
N HIS D 426 -9.12 -10.84 -27.68
CA HIS D 426 -8.70 -11.78 -26.64
C HIS D 426 -9.14 -13.20 -26.96
N THR D 427 -10.42 -13.38 -27.30
CA THR D 427 -10.91 -14.72 -27.62
C THR D 427 -10.35 -15.22 -28.94
N LEU D 428 -10.07 -14.32 -29.89
CA LEU D 428 -9.44 -14.73 -31.14
C LEU D 428 -8.05 -15.29 -30.88
N LEU D 429 -7.26 -14.62 -30.06
CA LEU D 429 -5.92 -15.11 -29.74
C LEU D 429 -5.98 -16.40 -28.95
N HIS D 430 -6.92 -16.52 -28.02
CA HIS D 430 -7.07 -17.76 -27.25
C HIS D 430 -7.42 -18.94 -28.15
N MET D 431 -8.39 -18.74 -29.06
CA MET D 431 -8.80 -19.82 -29.95
C MET D 431 -7.67 -20.19 -30.92
N LYS D 432 -6.95 -19.20 -31.43
CA LYS D 432 -5.84 -19.49 -32.33
C LYS D 432 -4.73 -20.25 -31.61
N TRP D 433 -4.42 -19.87 -30.36
CA TRP D 433 -3.41 -20.57 -29.60
C TRP D 433 -3.81 -22.01 -29.30
N LYS D 434 -5.09 -22.23 -29.00
CA LYS D 434 -5.58 -23.57 -28.72
C LYS D 434 -5.93 -24.37 -29.98
N LYS D 435 -5.78 -23.77 -31.16
CA LYS D 435 -6.04 -24.47 -32.40
C LYS D 435 -4.77 -24.88 -33.12
N PHE D 436 -3.86 -23.96 -33.42
CA PHE D 436 -2.71 -24.31 -34.24
C PHE D 436 -1.39 -23.81 -33.67
N ALA D 437 -1.42 -22.77 -32.84
CA ALA D 437 -0.19 -22.21 -32.31
C ALA D 437 0.44 -23.12 -31.27
N LYS D 438 -0.37 -23.89 -30.54
CA LYS D 438 0.17 -24.82 -29.55
C LYS D 438 0.95 -25.94 -30.23
N HIS D 439 0.41 -26.51 -31.29
CA HIS D 439 1.08 -27.59 -32.00
C HIS D 439 2.30 -27.11 -32.76
N MET D 440 2.36 -25.84 -33.14
CA MET D 440 3.53 -25.28 -33.80
C MET D 440 4.56 -24.71 -32.84
N PHE D 441 4.20 -24.56 -31.56
CA PHE D 441 5.16 -24.15 -30.55
C PHE D 441 5.82 -25.35 -29.88
N PHE D 442 5.03 -26.39 -29.56
CA PHE D 442 5.59 -27.60 -28.98
C PHE D 442 6.53 -28.29 -29.97
N LEU D 443 6.13 -28.36 -31.24
CA LEU D 443 6.98 -28.97 -32.25
C LEU D 443 8.28 -28.20 -32.42
N SER D 444 8.22 -26.87 -32.45
CA SER D 444 9.43 -26.07 -32.57
C SER D 444 10.33 -26.23 -31.35
N PHE D 445 9.76 -26.25 -30.15
CA PHE D 445 10.55 -26.42 -28.94
C PHE D 445 11.22 -27.79 -28.91
N CYS D 446 10.47 -28.84 -29.25
CA CYS D 446 11.04 -30.19 -29.20
C CYS D 446 12.09 -30.39 -30.29
N PHE D 447 11.86 -29.82 -31.48
CA PHE D 447 12.86 -29.91 -32.54
C PHE D 447 14.13 -29.15 -32.16
N TYR D 448 13.98 -27.97 -31.56
CA TYR D 448 15.15 -27.22 -31.11
C TYR D 448 15.85 -27.92 -29.95
N PHE D 449 15.10 -28.57 -29.08
CA PHE D 449 15.72 -29.34 -28.00
C PHE D 449 16.52 -30.51 -28.54
N PHE D 450 15.98 -31.22 -29.54
CA PHE D 450 16.72 -32.29 -30.19
C PHE D 450 17.96 -31.77 -30.89
N TYR D 451 17.85 -30.62 -31.55
CA TYR D 451 18.99 -30.00 -32.21
C TYR D 451 20.07 -29.62 -31.19
N ASN D 452 19.65 -29.07 -30.04
CA ASN D 452 20.62 -28.63 -29.04
C ASN D 452 21.31 -29.81 -28.38
N ILE D 453 20.56 -30.87 -28.04
CA ILE D 453 21.19 -32.03 -27.43
C ILE D 453 22.06 -32.77 -28.43
N THR D 454 21.70 -32.76 -29.72
CA THR D 454 22.57 -33.34 -30.74
C THR D 454 23.87 -32.56 -30.85
N LEU D 455 23.78 -31.23 -30.79
CA LEU D 455 24.99 -30.41 -30.80
C LEU D 455 25.84 -30.64 -29.54
N THR D 456 25.18 -30.93 -28.41
CA THR D 456 25.92 -31.16 -27.18
C THR D 456 26.75 -32.44 -27.25
N LEU D 457 26.12 -33.54 -27.64
CA LEU D 457 26.83 -34.83 -27.74
C LEU D 457 27.34 -35.09 -29.15
N VAL D 458 28.02 -34.09 -29.72
CA VAL D 458 28.71 -34.24 -31.00
C VAL D 458 30.09 -33.61 -30.87
N SER D 459 30.33 -32.97 -29.73
CA SER D 459 31.60 -32.31 -29.48
C SER D 459 32.24 -32.83 -28.20
N TYR D 460 31.42 -33.08 -27.17
CA TYR D 460 31.91 -33.68 -25.95
C TYR D 460 32.24 -35.16 -26.13
N TYR D 461 31.45 -35.86 -26.95
CA TYR D 461 31.71 -37.25 -27.28
C TYR D 461 32.53 -37.41 -28.55
N ARG D 462 32.93 -36.30 -29.18
CA ARG D 462 33.72 -36.36 -30.39
C ARG D 462 35.13 -36.86 -30.08
N PRO D 463 35.68 -37.76 -30.90
CA PRO D 463 37.04 -38.26 -30.64
C PRO D 463 38.08 -37.16 -30.74
N ARG D 464 39.12 -37.29 -29.93
CA ARG D 464 40.18 -36.29 -29.88
C ARG D 464 41.53 -36.89 -30.25
N LEU D 482 26.07 -46.67 -37.00
CA LEU D 482 27.02 -45.63 -36.62
C LEU D 482 26.29 -44.37 -36.16
N GLN D 483 26.96 -43.58 -35.31
CA GLN D 483 26.42 -42.33 -34.80
C GLN D 483 26.98 -41.13 -35.53
N LEU D 484 27.31 -41.29 -36.81
CA LEU D 484 27.84 -40.21 -37.63
C LEU D 484 26.76 -39.26 -38.11
N LEU D 485 25.48 -39.64 -38.00
CA LEU D 485 24.38 -38.78 -38.46
C LEU D 485 24.24 -37.51 -37.64
N GLY D 486 24.88 -37.42 -36.47
CA GLY D 486 24.76 -36.23 -35.64
C GLY D 486 25.55 -35.03 -36.13
N ARG D 487 26.45 -35.21 -37.10
CA ARG D 487 27.24 -34.11 -37.62
C ARG D 487 26.54 -33.36 -38.76
N MET D 488 25.42 -33.88 -39.26
CA MET D 488 24.64 -33.19 -40.28
C MET D 488 23.34 -32.62 -39.77
N PHE D 489 22.80 -33.16 -38.67
CA PHE D 489 21.60 -32.58 -38.07
C PHE D 489 21.88 -31.19 -37.50
N VAL D 490 23.13 -30.94 -37.09
CA VAL D 490 23.52 -29.61 -36.64
C VAL D 490 23.96 -28.71 -37.80
N LEU D 491 24.23 -29.29 -38.97
CA LEU D 491 24.69 -28.51 -40.11
C LEU D 491 23.53 -27.99 -40.97
N ILE D 492 22.62 -28.88 -41.36
CA ILE D 492 21.51 -28.46 -42.21
C ILE D 492 20.50 -27.63 -41.41
N TRP D 493 20.43 -27.86 -40.10
CA TRP D 493 19.55 -27.03 -39.27
C TRP D 493 20.15 -25.64 -39.06
N ALA D 494 21.48 -25.55 -38.96
CA ALA D 494 22.12 -24.25 -38.91
C ALA D 494 21.90 -23.48 -40.20
N MET D 495 21.95 -24.16 -41.34
CA MET D 495 21.61 -23.51 -42.61
C MET D 495 20.15 -23.08 -42.64
N CYS D 496 19.25 -23.93 -42.10
CA CYS D 496 17.84 -23.58 -42.07
C CYS D 496 17.59 -22.33 -41.24
N ILE D 497 18.20 -22.26 -40.06
CA ILE D 497 18.08 -21.06 -39.22
C ILE D 497 18.72 -19.86 -39.91
N SER D 498 19.87 -20.07 -40.54
CA SER D 498 20.53 -18.98 -41.25
C SER D 498 19.64 -18.41 -42.34
N VAL D 499 18.76 -19.24 -42.90
CA VAL D 499 17.86 -18.80 -43.95
C VAL D 499 16.67 -18.06 -43.35
N LYS D 500 15.91 -18.74 -42.49
CA LYS D 500 14.66 -18.17 -41.99
C LYS D 500 14.93 -16.95 -41.10
N GLU D 501 15.94 -17.04 -40.25
CA GLU D 501 16.30 -15.88 -39.44
C GLU D 501 17.05 -14.88 -40.30
N GLY D 502 17.91 -15.37 -41.19
CA GLY D 502 18.71 -14.48 -42.01
C GLY D 502 17.91 -13.56 -42.90
N ILE D 503 16.68 -13.93 -43.24
CA ILE D 503 15.79 -13.06 -43.98
C ILE D 503 14.86 -12.25 -43.07
N ALA D 504 14.59 -12.72 -41.85
CA ALA D 504 13.73 -11.99 -40.93
C ALA D 504 14.51 -11.10 -39.97
N ILE D 505 15.84 -11.11 -40.03
CA ILE D 505 16.62 -10.29 -39.12
C ILE D 505 16.51 -8.81 -39.49
N PHE D 506 16.41 -8.51 -40.79
CA PHE D 506 16.42 -7.14 -41.26
C PHE D 506 15.07 -6.64 -41.78
N LEU D 507 14.12 -7.54 -42.02
CA LEU D 507 12.80 -7.14 -42.51
C LEU D 507 11.91 -6.75 -41.31
N LEU D 508 12.30 -5.64 -40.68
CA LEU D 508 11.54 -5.11 -39.56
C LEU D 508 11.81 -3.61 -39.46
N ARG D 509 10.90 -2.90 -38.80
CA ARG D 509 11.04 -1.47 -38.64
C ARG D 509 12.10 -1.17 -37.58
N PRO D 510 12.80 -0.04 -37.72
CA PRO D 510 13.78 0.34 -36.69
C PRO D 510 13.15 0.65 -35.34
N SER D 511 11.85 0.92 -35.29
CA SER D 511 11.18 1.18 -34.03
C SER D 511 11.14 -0.04 -33.11
N ASP D 512 11.34 -1.24 -33.66
CA ASP D 512 11.41 -2.43 -32.82
C ASP D 512 12.61 -2.37 -31.87
N LEU D 513 13.75 -1.90 -32.37
CA LEU D 513 14.93 -1.74 -31.53
C LEU D 513 14.84 -0.55 -30.59
N GLN D 514 13.89 0.36 -30.82
CA GLN D 514 13.72 1.51 -29.92
C GLN D 514 13.25 1.08 -28.55
N SER D 515 12.35 0.09 -28.49
CA SER D 515 11.85 -0.41 -27.21
C SER D 515 12.86 -1.37 -26.58
N ILE D 516 12.49 -1.93 -25.45
CA ILE D 516 13.35 -2.85 -24.70
C ILE D 516 13.07 -4.30 -25.05
N LEU D 517 11.80 -4.68 -25.12
CA LEU D 517 11.39 -6.05 -25.44
C LEU D 517 10.41 -6.00 -26.60
N SER D 518 10.89 -6.33 -27.81
CA SER D 518 10.05 -6.37 -28.99
C SER D 518 10.37 -7.58 -29.86
N ASP D 519 10.86 -8.66 -29.23
CA ASP D 519 11.24 -9.90 -29.93
C ASP D 519 12.30 -9.63 -31.01
N ALA D 520 13.16 -8.65 -30.77
CA ALA D 520 14.24 -8.33 -31.70
C ALA D 520 15.61 -8.74 -31.20
N TRP D 521 15.84 -8.70 -29.89
CA TRP D 521 17.12 -9.16 -29.35
C TRP D 521 17.28 -10.67 -29.50
N PHE D 522 16.17 -11.41 -29.38
CA PHE D 522 16.25 -12.86 -29.56
C PHE D 522 16.60 -13.23 -30.99
N HIS D 523 16.21 -12.40 -31.95
CA HIS D 523 16.68 -12.59 -33.32
C HIS D 523 18.20 -12.45 -33.40
N PHE D 524 18.76 -11.48 -32.67
CA PHE D 524 20.21 -11.34 -32.63
C PHE D 524 20.87 -12.58 -32.03
N VAL D 525 20.32 -13.10 -30.93
CA VAL D 525 20.94 -14.24 -30.26
C VAL D 525 20.89 -15.48 -31.13
N PHE D 526 19.73 -15.75 -31.75
CA PHE D 526 19.61 -16.91 -32.62
C PHE D 526 20.52 -16.80 -33.84
N PHE D 527 20.60 -15.59 -34.42
CA PHE D 527 21.47 -15.40 -35.59
C PHE D 527 22.93 -15.59 -35.22
N ILE D 528 23.34 -15.09 -34.06
CA ILE D 528 24.73 -15.27 -33.62
C ILE D 528 25.03 -16.74 -33.39
N GLN D 529 24.09 -17.48 -32.79
CA GLN D 529 24.31 -18.90 -32.54
C GLN D 529 24.47 -19.67 -33.85
N ALA D 530 23.59 -19.41 -34.82
CA ALA D 530 23.68 -20.10 -36.11
C ALA D 530 24.95 -19.72 -36.85
N VAL D 531 25.32 -18.42 -36.81
CA VAL D 531 26.53 -17.97 -37.48
C VAL D 531 27.76 -18.61 -36.86
N LEU D 532 27.78 -18.71 -35.52
CA LEU D 532 28.91 -19.35 -34.84
C LEU D 532 29.02 -20.81 -35.23
N VAL D 533 27.89 -21.51 -35.35
CA VAL D 533 27.92 -22.93 -35.71
C VAL D 533 28.50 -23.11 -37.10
N ILE D 534 28.01 -22.35 -38.09
CA ILE D 534 28.47 -22.54 -39.46
C ILE D 534 29.91 -22.08 -39.63
N LEU D 535 30.29 -20.98 -38.97
CA LEU D 535 31.66 -20.50 -39.06
C LEU D 535 32.64 -21.48 -38.43
N SER D 536 32.26 -22.07 -37.29
CA SER D 536 33.12 -23.05 -36.65
C SER D 536 33.24 -24.31 -37.50
N VAL D 537 32.15 -24.74 -38.13
CA VAL D 537 32.20 -25.92 -38.99
C VAL D 537 33.12 -25.67 -40.18
N PHE D 538 32.99 -24.50 -40.81
CA PHE D 538 33.84 -24.18 -41.95
C PHE D 538 35.30 -24.00 -41.53
N LEU D 539 35.52 -23.47 -40.33
CA LEU D 539 36.89 -23.38 -39.81
C LEU D 539 37.47 -24.77 -39.57
N TYR D 540 36.64 -25.69 -39.06
CA TYR D 540 37.11 -27.06 -38.80
C TYR D 540 37.45 -27.78 -40.09
N LEU D 541 36.68 -27.54 -41.15
CA LEU D 541 36.81 -28.34 -42.36
C LEU D 541 38.05 -27.94 -43.17
N PHE D 542 38.17 -26.66 -43.51
CA PHE D 542 39.13 -26.27 -44.54
C PHE D 542 40.55 -26.10 -43.99
N ALA D 543 40.77 -25.08 -43.16
CA ALA D 543 42.13 -24.72 -42.77
C ALA D 543 42.37 -24.70 -41.27
N TYR D 544 41.51 -24.03 -40.50
CA TYR D 544 41.85 -23.67 -39.14
C TYR D 544 41.61 -24.83 -38.19
N LYS D 545 41.99 -24.63 -36.92
CA LYS D 545 41.80 -25.60 -35.85
C LYS D 545 41.07 -24.97 -34.66
N GLU D 546 40.28 -23.93 -34.92
CA GLU D 546 39.50 -23.25 -33.89
C GLU D 546 38.13 -23.89 -33.68
N TYR D 547 38.00 -25.19 -33.98
CA TYR D 547 36.74 -25.90 -33.86
C TYR D 547 36.28 -26.09 -32.41
N LEU D 548 37.14 -25.80 -31.43
CA LEU D 548 36.72 -25.75 -30.04
C LEU D 548 36.82 -24.36 -29.43
N ALA D 549 36.91 -23.32 -30.25
CA ALA D 549 36.91 -21.94 -29.77
C ALA D 549 35.59 -21.23 -30.04
N CYS D 550 35.17 -21.22 -31.31
CA CYS D 550 33.89 -20.62 -31.67
C CYS D 550 32.73 -21.60 -31.59
N LEU D 551 33.03 -22.88 -31.39
CA LEU D 551 31.99 -23.90 -31.31
C LEU D 551 31.56 -24.13 -29.87
N VAL D 552 32.52 -24.08 -28.96
CA VAL D 552 32.15 -24.23 -27.54
C VAL D 552 31.08 -23.21 -27.18
N LEU D 553 31.21 -21.99 -27.71
CA LEU D 553 30.18 -20.97 -27.53
C LEU D 553 28.86 -21.36 -28.18
N ALA D 554 28.87 -22.32 -29.12
CA ALA D 554 27.63 -22.71 -29.79
C ALA D 554 26.66 -23.36 -28.81
N MET D 555 27.14 -24.29 -27.99
CA MET D 555 26.27 -24.80 -26.93
C MET D 555 26.21 -23.89 -25.72
N ALA D 556 27.22 -23.01 -25.53
CA ALA D 556 27.13 -22.03 -24.46
C ALA D 556 25.97 -21.08 -24.67
N LEU D 557 25.73 -20.68 -25.93
CA LEU D 557 24.59 -19.83 -26.26
C LEU D 557 23.36 -20.63 -26.66
N GLY D 558 23.54 -21.83 -27.19
CA GLY D 558 22.40 -22.64 -27.60
C GLY D 558 21.57 -23.13 -26.43
N TRP D 559 22.24 -23.53 -25.34
CA TRP D 559 21.51 -23.90 -24.13
C TRP D 559 20.97 -22.70 -23.37
N ALA D 560 21.42 -21.49 -23.71
CA ALA D 560 20.82 -20.27 -23.20
C ALA D 560 19.60 -19.84 -24.00
N ASN D 561 19.32 -20.51 -25.10
CA ASN D 561 18.14 -20.22 -25.91
C ASN D 561 16.94 -21.07 -25.52
N MET D 562 17.15 -22.12 -24.71
CA MET D 562 16.03 -22.91 -24.24
C MET D 562 15.18 -22.13 -23.22
N LEU D 563 15.77 -21.10 -22.62
CA LEU D 563 15.00 -20.22 -21.74
C LEU D 563 13.95 -19.42 -22.53
N TYR D 564 14.21 -19.17 -23.81
CA TYR D 564 13.27 -18.40 -24.62
C TYR D 564 11.98 -19.16 -24.84
N TYR D 565 12.05 -20.49 -24.98
CA TYR D 565 10.87 -21.30 -25.28
C TYR D 565 9.99 -21.52 -24.06
N THR D 566 10.22 -20.80 -22.97
CA THR D 566 9.38 -20.90 -21.78
C THR D 566 8.12 -20.06 -21.88
N ARG D 567 7.91 -19.36 -23.00
CA ARG D 567 6.72 -18.54 -23.17
C ARG D 567 5.44 -19.38 -23.25
N GLY D 568 5.57 -20.68 -23.55
CA GLY D 568 4.40 -21.55 -23.59
C GLY D 568 3.76 -21.76 -22.23
N PHE D 569 4.54 -21.84 -21.17
CA PHE D 569 4.02 -21.97 -19.82
C PHE D 569 3.63 -20.60 -19.28
N GLN D 570 2.52 -20.56 -18.56
CA GLN D 570 2.10 -19.32 -17.90
C GLN D 570 3.03 -18.97 -16.75
N SER D 571 3.33 -19.94 -15.90
CA SER D 571 4.16 -19.69 -14.72
C SER D 571 5.63 -19.46 -15.11
N MET D 572 6.18 -20.37 -15.93
CA MET D 572 7.57 -20.21 -16.38
C MET D 572 7.74 -18.97 -17.25
N GLY D 573 6.76 -18.70 -18.11
CA GLY D 573 6.79 -17.48 -18.89
C GLY D 573 6.71 -16.23 -18.03
N MET D 574 5.95 -16.28 -16.94
CA MET D 574 5.92 -15.17 -15.99
C MET D 574 7.29 -14.97 -15.35
N TYR D 575 7.97 -16.07 -15.01
CA TYR D 575 9.29 -15.97 -14.41
C TYR D 575 10.37 -15.54 -15.40
N SER D 576 10.16 -15.75 -16.71
CA SER D 576 11.20 -15.55 -17.70
C SER D 576 11.22 -14.14 -18.29
N VAL D 577 10.34 -13.25 -17.87
CA VAL D 577 10.29 -11.91 -18.46
C VAL D 577 11.18 -10.93 -17.70
N MET D 578 11.14 -10.92 -16.37
CA MET D 578 12.01 -10.01 -15.63
C MET D 578 13.46 -10.47 -15.62
N ILE D 579 13.73 -11.70 -16.08
CA ILE D 579 15.10 -12.11 -16.33
C ILE D 579 15.75 -11.17 -17.35
N GLN D 580 15.03 -10.88 -18.43
CA GLN D 580 15.52 -9.91 -19.41
C GLN D 580 15.39 -8.49 -18.90
N LYS D 581 14.30 -8.18 -18.21
CA LYS D 581 14.05 -6.81 -17.77
C LYS D 581 15.10 -6.32 -16.78
N VAL D 582 15.46 -7.15 -15.80
CA VAL D 582 16.40 -6.72 -14.77
C VAL D 582 17.79 -6.54 -15.37
N ILE D 583 18.19 -7.42 -16.29
CA ILE D 583 19.47 -7.25 -16.97
C ILE D 583 19.48 -5.97 -17.78
N LEU D 584 18.41 -5.71 -18.52
CA LEU D 584 18.38 -4.54 -19.38
C LEU D 584 18.19 -3.23 -18.62
N HIS D 585 17.82 -3.29 -17.35
CA HIS D 585 17.57 -2.07 -16.59
C HIS D 585 18.52 -1.85 -15.42
N ASP D 586 18.69 -2.84 -14.54
CA ASP D 586 19.37 -2.65 -13.26
C ASP D 586 20.77 -3.23 -13.20
N VAL D 587 21.02 -4.39 -13.81
CA VAL D 587 22.31 -5.04 -13.65
C VAL D 587 23.43 -4.22 -14.32
N LEU D 588 23.16 -3.68 -15.51
CA LEU D 588 24.18 -2.89 -16.18
C LEU D 588 24.46 -1.59 -15.43
N LYS D 589 23.49 -1.09 -14.66
CA LYS D 589 23.74 0.08 -13.82
C LYS D 589 24.85 -0.20 -12.81
N PHE D 590 24.77 -1.33 -12.11
CA PHE D 590 25.82 -1.70 -11.16
C PHE D 590 27.08 -2.13 -11.89
N LEU D 591 26.94 -2.73 -13.08
CA LEU D 591 28.11 -3.16 -13.84
C LEU D 591 28.99 -1.98 -14.24
N PHE D 592 28.37 -0.86 -14.63
CA PHE D 592 29.15 0.31 -15.00
C PHE D 592 29.94 0.84 -13.82
N VAL D 593 29.31 0.99 -12.67
CA VAL D 593 29.99 1.50 -11.49
C VAL D 593 31.04 0.51 -10.99
N TYR D 594 30.74 -0.79 -11.08
CA TYR D 594 31.70 -1.80 -10.62
C TYR D 594 32.91 -1.86 -11.54
N ILE D 595 32.71 -1.66 -12.85
CA ILE D 595 33.85 -1.59 -13.77
C ILE D 595 34.68 -0.35 -13.48
N VAL D 596 34.02 0.78 -13.18
CA VAL D 596 34.74 1.99 -12.83
C VAL D 596 35.56 1.78 -11.56
N PHE D 597 34.96 1.14 -10.55
CA PHE D 597 35.67 0.87 -9.31
C PHE D 597 36.82 -0.12 -9.53
N LEU D 598 36.59 -1.12 -10.39
CA LEU D 598 37.64 -2.09 -10.70
C LEU D 598 38.80 -1.43 -11.42
N LEU D 599 38.50 -0.53 -12.36
CA LEU D 599 39.54 0.16 -13.12
C LEU D 599 40.34 1.10 -12.22
N GLY D 600 39.64 1.84 -11.36
CA GLY D 600 40.33 2.77 -10.48
C GLY D 600 41.20 2.08 -9.44
N PHE D 601 40.66 1.03 -8.81
CA PHE D 601 41.43 0.30 -7.81
C PHE D 601 42.46 -0.61 -8.46
N GLY D 602 42.21 -1.06 -9.70
CA GLY D 602 43.15 -1.93 -10.38
C GLY D 602 44.48 -1.26 -10.67
N VAL D 603 44.44 -0.03 -11.19
CA VAL D 603 45.68 0.68 -11.50
C VAL D 603 46.36 1.18 -10.23
N ALA D 604 45.58 1.39 -9.16
CA ALA D 604 46.18 1.85 -7.91
C ALA D 604 46.92 0.72 -7.20
N LEU D 605 46.32 -0.47 -7.10
CA LEU D 605 46.95 -1.57 -6.40
C LEU D 605 48.10 -2.17 -7.19
N ALA D 606 48.02 -2.19 -8.52
CA ALA D 606 49.12 -2.70 -9.33
C ALA D 606 50.36 -1.84 -9.16
N SER D 607 50.20 -0.52 -9.14
CA SER D 607 51.32 0.38 -8.91
C SER D 607 51.74 0.46 -7.45
N LEU D 608 50.86 0.04 -6.53
CA LEU D 608 51.19 0.14 -5.11
C LEU D 608 52.23 -0.91 -4.70
N ILE D 609 52.32 -2.02 -5.42
CA ILE D 609 53.27 -3.07 -5.05
C ILE D 609 54.69 -2.61 -5.37
N GLU D 610 55.65 -3.28 -4.73
CA GLU D 610 57.05 -3.10 -5.07
C GLU D 610 57.38 -3.97 -6.27
N LYS D 611 57.92 -3.35 -7.32
CA LYS D 611 58.27 -4.08 -8.54
C LYS D 611 59.39 -5.05 -8.23
N CYS D 612 59.12 -6.34 -8.39
CA CYS D 612 60.08 -7.36 -7.99
C CYS D 612 61.29 -7.35 -8.91
N PRO D 613 62.49 -7.59 -8.37
CA PRO D 613 63.70 -7.66 -9.22
C PRO D 613 63.86 -9.00 -9.89
N LYS D 614 62.76 -9.75 -10.00
CA LYS D 614 62.70 -11.11 -10.56
C LYS D 614 63.41 -12.13 -9.69
N ASP D 615 63.68 -11.79 -8.42
CA ASP D 615 64.09 -12.81 -7.46
C ASP D 615 62.95 -13.79 -7.22
N ASN D 616 61.73 -13.29 -7.13
CA ASN D 616 60.52 -14.11 -7.10
C ASN D 616 59.81 -13.93 -8.43
N LYS D 617 59.55 -15.04 -9.12
CA LYS D 617 58.95 -14.97 -10.46
C LYS D 617 57.51 -14.45 -10.39
N ASP D 618 56.65 -15.19 -9.69
CA ASP D 618 55.27 -14.76 -9.47
C ASP D 618 55.25 -13.88 -8.22
N CYS D 619 55.64 -12.62 -8.41
CA CYS D 619 55.84 -11.68 -7.31
C CYS D 619 54.54 -10.91 -7.03
N SER D 620 54.14 -10.90 -5.76
CA SER D 620 53.10 -10.05 -5.19
C SER D 620 51.69 -10.40 -5.65
N SER D 621 51.56 -11.29 -6.63
CA SER D 621 50.28 -11.75 -7.17
C SER D 621 49.42 -10.62 -7.75
N TYR D 622 49.96 -9.39 -7.75
CA TYR D 622 49.31 -8.21 -8.31
C TYR D 622 50.27 -7.49 -9.25
N GLY D 623 51.02 -8.26 -10.04
CA GLY D 623 52.09 -7.67 -10.84
C GLY D 623 51.56 -6.73 -11.92
N SER D 624 50.51 -7.14 -12.61
CA SER D 624 49.96 -6.36 -13.71
C SER D 624 48.59 -5.81 -13.34
N PHE D 625 48.08 -4.92 -14.19
CA PHE D 625 46.74 -4.37 -14.00
C PHE D 625 45.68 -5.46 -14.14
N SER D 626 45.85 -6.36 -15.11
CA SER D 626 44.91 -7.45 -15.30
C SER D 626 44.92 -8.40 -14.11
N ASP D 627 46.10 -8.68 -13.56
CA ASP D 627 46.19 -9.54 -12.38
C ASP D 627 45.51 -8.91 -11.18
N ALA D 628 45.69 -7.60 -11.00
CA ALA D 628 45.03 -6.90 -9.88
C ALA D 628 43.52 -6.91 -10.05
N VAL D 629 43.04 -6.71 -11.28
CA VAL D 629 41.60 -6.74 -11.53
C VAL D 629 41.03 -8.12 -11.27
N LEU D 630 41.74 -9.16 -11.71
CA LEU D 630 41.28 -10.53 -11.45
C LEU D 630 41.24 -10.84 -9.97
N GLU D 631 42.27 -10.43 -9.23
CA GLU D 631 42.29 -10.68 -7.78
C GLU D 631 41.20 -9.90 -7.06
N LEU D 632 40.93 -8.67 -7.49
CA LEU D 632 39.87 -7.88 -6.84
C LEU D 632 38.49 -8.48 -7.10
N PHE D 633 38.24 -8.93 -8.33
CA PHE D 633 36.96 -9.57 -8.62
C PHE D 633 36.82 -10.89 -7.88
N LYS D 634 37.92 -11.62 -7.74
CA LYS D 634 37.91 -12.85 -6.94
C LYS D 634 37.59 -12.56 -5.48
N LEU D 635 38.17 -11.49 -4.94
CA LEU D 635 37.87 -11.09 -3.57
C LEU D 635 36.41 -10.65 -3.42
N THR D 636 35.83 -10.08 -4.48
CA THR D 636 34.44 -9.64 -4.42
C THR D 636 33.49 -10.82 -4.22
N ILE D 637 33.74 -11.93 -4.92
CA ILE D 637 32.84 -13.08 -4.87
C ILE D 637 33.24 -14.01 -3.73
N GLY D 638 34.10 -13.53 -2.84
CA GLY D 638 34.49 -14.30 -1.67
C GLY D 638 35.28 -15.55 -1.95
N LEU D 639 36.28 -15.48 -2.83
CA LEU D 639 37.15 -16.60 -3.14
C LEU D 639 38.52 -16.03 -3.49
N GLY D 640 39.49 -16.25 -2.63
CA GLY D 640 40.82 -15.72 -2.86
C GLY D 640 41.63 -15.73 -1.58
N ASP D 641 42.32 -14.61 -1.35
CA ASP D 641 43.15 -14.42 -0.17
C ASP D 641 43.23 -12.94 0.17
N LEU D 642 43.27 -12.64 1.46
CA LEU D 642 43.42 -11.27 1.96
C LEU D 642 44.66 -11.18 2.83
N ASN D 643 45.78 -11.70 2.32
CA ASN D 643 47.03 -11.70 3.08
C ASN D 643 47.60 -10.29 3.16
N ILE D 644 48.10 -9.92 4.34
CA ILE D 644 48.65 -8.58 4.52
C ILE D 644 49.97 -8.43 3.78
N GLN D 645 50.84 -9.44 3.88
CA GLN D 645 52.16 -9.38 3.24
C GLN D 645 52.01 -9.68 1.77
N GLN D 646 51.98 -8.63 0.94
CA GLN D 646 51.88 -8.78 -0.51
C GLN D 646 53.12 -8.27 -1.23
N ASN D 647 54.25 -8.18 -0.53
CA ASN D 647 55.52 -7.70 -1.08
C ASN D 647 55.35 -6.31 -1.69
N SER D 648 55.09 -5.36 -0.79
CA SER D 648 54.84 -3.97 -1.17
C SER D 648 55.68 -3.05 -0.31
N LYS D 649 55.85 -1.82 -0.80
CA LYS D 649 56.57 -0.80 -0.03
C LYS D 649 55.70 -0.25 1.10
N TYR D 650 54.38 -0.27 0.93
CA TYR D 650 53.43 0.16 1.95
C TYR D 650 52.36 -0.90 2.15
N PRO D 651 52.61 -1.88 3.05
CA PRO D 651 51.54 -2.86 3.22
C PRO D 651 50.23 -2.25 3.75
N ILE D 652 50.31 -1.29 4.67
CA ILE D 652 49.07 -0.78 5.26
C ILE D 652 48.22 -0.01 4.25
N LEU D 653 48.84 0.73 3.34
CA LEU D 653 48.09 1.41 2.29
C LEU D 653 47.41 0.43 1.35
N PHE D 654 48.08 -0.68 1.02
CA PHE D 654 47.43 -1.75 0.27
C PHE D 654 46.26 -2.32 1.06
N LEU D 655 46.44 -2.51 2.37
CA LEU D 655 45.34 -2.98 3.22
C LEU D 655 44.21 -1.96 3.26
N PHE D 656 44.56 -0.67 3.34
CA PHE D 656 43.54 0.38 3.37
C PHE D 656 42.71 0.35 2.09
N LEU D 657 43.38 0.25 0.94
CA LEU D 657 42.67 0.23 -0.33
C LEU D 657 41.81 -1.02 -0.46
N LEU D 658 42.31 -2.16 0.02
CA LEU D 658 41.51 -3.39 -0.05
C LEU D 658 40.26 -3.28 0.82
N ILE D 659 40.40 -2.76 2.03
CA ILE D 659 39.25 -2.66 2.94
C ILE D 659 38.21 -1.69 2.38
N THR D 660 38.64 -0.53 1.88
CA THR D 660 37.68 0.43 1.34
C THR D 660 37.08 -0.07 0.03
N TYR D 661 37.79 -0.93 -0.71
CA TYR D 661 37.20 -1.55 -1.89
C TYR D 661 36.08 -2.50 -1.50
N VAL D 662 36.29 -3.29 -0.44
CA VAL D 662 35.25 -4.22 0.02
C VAL D 662 34.05 -3.44 0.52
N ILE D 663 34.28 -2.36 1.25
CA ILE D 663 33.18 -1.55 1.78
C ILE D 663 32.39 -0.91 0.64
N LEU D 664 33.10 -0.34 -0.34
CA LEU D 664 32.41 0.27 -1.48
C LEU D 664 31.65 -0.76 -2.30
N THR D 665 32.23 -1.95 -2.48
CA THR D 665 31.54 -3.02 -3.20
C THR D 665 30.29 -3.47 -2.45
N PHE D 666 30.36 -3.54 -1.12
CA PHE D 666 29.20 -3.90 -0.32
C PHE D 666 28.08 -2.88 -0.46
N VAL D 667 28.42 -1.59 -0.42
CA VAL D 667 27.42 -0.55 -0.62
C VAL D 667 26.82 -0.65 -2.02
N LEU D 668 27.67 -0.85 -3.03
CA LEU D 668 27.20 -0.97 -4.41
C LEU D 668 26.26 -2.17 -4.57
N LEU D 669 26.58 -3.29 -3.92
CA LEU D 669 25.71 -4.47 -4.00
C LEU D 669 24.40 -4.25 -3.27
N LEU D 670 24.41 -3.49 -2.17
CA LEU D 670 23.18 -3.17 -1.47
C LEU D 670 22.24 -2.33 -2.34
N ASN D 671 22.80 -1.39 -3.10
CA ASN D 671 21.97 -0.57 -3.98
C ASN D 671 21.35 -1.36 -5.12
N MET D 672 21.86 -2.56 -5.40
CA MET D 672 21.19 -3.43 -6.38
C MET D 672 19.80 -3.82 -5.91
N LEU D 673 19.68 -4.31 -4.67
CA LEU D 673 18.36 -4.59 -4.12
C LEU D 673 17.54 -3.31 -4.01
N ILE D 674 18.19 -2.17 -3.75
CA ILE D 674 17.45 -0.92 -3.62
C ILE D 674 16.83 -0.50 -4.95
N ALA D 675 17.57 -0.64 -6.05
CA ALA D 675 17.00 -0.34 -7.37
C ALA D 675 15.87 -1.30 -7.70
N LEU D 676 16.00 -2.56 -7.30
CA LEU D 676 14.90 -3.52 -7.42
C LEU D 676 13.65 -3.00 -6.73
N MET D 677 13.80 -2.52 -5.50
CA MET D 677 12.67 -1.91 -4.79
C MET D 677 12.10 -0.72 -5.56
N GLY D 678 12.96 0.09 -6.16
CA GLY D 678 12.51 1.24 -6.92
C GLY D 678 11.75 0.95 -8.19
N GLU D 679 11.79 -0.28 -8.71
CA GLU D 679 11.12 -0.51 -9.99
C GLU D 679 10.02 -1.57 -9.94
N THR D 680 10.21 -2.67 -9.20
CA THR D 680 9.19 -3.72 -9.19
C THR D 680 7.93 -3.31 -8.43
N VAL D 681 8.10 -2.73 -7.24
CA VAL D 681 6.98 -2.61 -6.31
C VAL D 681 5.89 -1.64 -6.75
N GLU D 682 6.11 -0.87 -7.82
CA GLU D 682 5.07 0.02 -8.31
C GLU D 682 4.17 -0.65 -9.34
N ASN D 683 4.75 -1.42 -10.26
CA ASN D 683 3.99 -2.04 -11.32
C ASN D 683 3.97 -3.55 -11.19
N VAL D 684 3.75 -4.04 -9.96
CA VAL D 684 3.66 -5.47 -9.74
C VAL D 684 2.43 -6.02 -10.44
N SER D 685 2.52 -7.25 -10.95
CA SER D 685 1.47 -7.93 -11.69
C SER D 685 1.02 -7.17 -12.93
N LYS D 686 1.81 -6.20 -13.38
CA LYS D 686 1.51 -5.44 -14.58
C LYS D 686 2.66 -5.34 -15.56
N GLU D 687 3.92 -5.41 -15.11
CA GLU D 687 5.07 -5.46 -16.00
C GLU D 687 5.61 -6.87 -16.18
N SER D 688 4.98 -7.88 -15.58
CA SER D 688 5.44 -9.26 -15.68
C SER D 688 4.63 -10.05 -16.71
N GLU D 689 3.33 -10.24 -16.46
CA GLU D 689 2.53 -11.11 -17.30
C GLU D 689 1.79 -10.38 -18.40
N ARG D 690 1.62 -9.05 -18.29
CA ARG D 690 0.94 -8.31 -19.34
C ARG D 690 1.80 -8.21 -20.59
N ILE D 691 3.09 -7.95 -20.43
CA ILE D 691 4.01 -7.96 -21.57
C ILE D 691 4.20 -9.39 -22.07
N TRP D 692 4.17 -10.38 -21.17
CA TRP D 692 4.25 -11.78 -21.59
C TRP D 692 3.08 -12.16 -22.49
N ARG D 693 1.89 -11.65 -22.18
CA ARG D 693 0.73 -11.90 -23.03
C ARG D 693 0.92 -11.26 -24.41
N LEU D 694 1.54 -10.09 -24.46
CA LEU D 694 1.87 -9.47 -25.74
C LEU D 694 2.87 -10.31 -26.52
N GLN D 695 3.86 -10.87 -25.82
CA GLN D 695 4.82 -11.76 -26.47
C GLN D 695 4.14 -13.01 -26.99
N ARG D 696 3.21 -13.58 -26.22
CA ARG D 696 2.47 -14.74 -26.67
C ARG D 696 1.61 -14.42 -27.89
N ALA D 697 0.96 -13.26 -27.89
CA ALA D 697 0.15 -12.85 -29.04
C ALA D 697 1.01 -12.65 -30.27
N ARG D 698 2.20 -12.06 -30.09
CA ARG D 698 3.12 -11.89 -31.21
C ARG D 698 3.60 -13.25 -31.73
N THR D 699 3.82 -14.21 -30.83
CA THR D 699 4.21 -15.54 -31.26
C THR D 699 3.10 -16.21 -32.06
N ILE D 700 1.85 -16.06 -31.63
CA ILE D 700 0.72 -16.62 -32.37
C ILE D 700 0.62 -15.97 -33.75
N LEU D 701 0.79 -14.65 -33.81
CA LEU D 701 0.73 -13.95 -35.09
C LEU D 701 1.90 -14.35 -36.00
N GLU D 702 3.08 -14.61 -35.43
CA GLU D 702 4.21 -15.05 -36.23
C GLU D 702 4.01 -16.47 -36.75
N PHE D 703 3.31 -17.32 -35.97
CA PHE D 703 3.07 -18.69 -36.41
C PHE D 703 2.11 -18.73 -37.60
N GLU D 704 1.28 -17.72 -37.78
CA GLU D 704 0.39 -17.67 -38.93
C GLU D 704 1.16 -17.47 -40.23
N LYS D 705 2.27 -16.73 -40.18
CA LYS D 705 3.06 -16.47 -41.38
C LYS D 705 3.88 -17.66 -41.83
N MET D 706 4.16 -18.62 -40.95
CA MET D 706 4.98 -19.78 -41.27
C MET D 706 4.15 -20.98 -41.70
N LEU D 707 2.96 -20.72 -42.24
CA LEU D 707 2.13 -21.80 -42.77
C LEU D 707 1.63 -21.36 -44.14
N PRO D 708 1.31 -22.30 -45.02
CA PRO D 708 0.93 -21.94 -46.39
C PRO D 708 -0.57 -21.70 -46.52
N GLU D 709 -0.99 -21.37 -47.74
CA GLU D 709 -2.36 -20.96 -48.00
C GLU D 709 -3.35 -22.09 -47.71
N TRP D 710 -3.01 -23.31 -48.11
CA TRP D 710 -3.93 -24.44 -47.92
C TRP D 710 -4.16 -24.74 -46.45
N LEU D 711 -3.24 -24.35 -45.57
CA LEU D 711 -3.41 -24.55 -44.14
C LEU D 711 -4.29 -23.48 -43.49
N ARG D 712 -4.63 -22.42 -44.20
CA ARG D 712 -5.50 -21.37 -43.66
C ARG D 712 -6.98 -21.71 -43.92
N SER D 713 -7.37 -22.93 -43.54
CA SER D 713 -8.76 -23.35 -43.58
C SER D 713 -9.39 -23.34 -42.20
N ARG D 714 -8.73 -22.71 -41.22
CA ARG D 714 -9.19 -22.64 -39.85
C ARG D 714 -9.78 -21.28 -39.52
N PHE D 715 -10.47 -20.69 -40.49
CA PHE D 715 -11.11 -19.39 -40.29
C PHE D 715 -12.30 -19.53 -39.35
N ARG D 716 -12.99 -18.41 -39.12
CA ARG D 716 -14.06 -18.37 -38.14
C ARG D 716 -15.35 -18.91 -38.76
N MET D 717 -16.46 -18.73 -38.06
CA MET D 717 -17.71 -19.40 -38.38
C MET D 717 -18.72 -18.42 -38.98
N GLY D 718 -19.95 -18.91 -39.16
CA GLY D 718 -21.08 -18.15 -39.64
C GLY D 718 -21.28 -18.17 -41.14
N GLU D 719 -20.51 -17.37 -41.89
CA GLU D 719 -20.73 -17.14 -43.32
C GLU D 719 -22.23 -16.94 -43.60
N LEU D 720 -22.78 -15.94 -42.90
CA LEU D 720 -24.23 -15.85 -42.71
C LEU D 720 -24.95 -15.29 -43.94
N CYS D 721 -24.66 -14.04 -44.29
CA CYS D 721 -25.44 -13.28 -45.28
C CYS D 721 -26.92 -13.24 -44.89
N LYS D 722 -27.19 -13.21 -43.60
CA LYS D 722 -28.54 -13.19 -43.04
C LYS D 722 -28.74 -12.05 -42.05
N VAL D 723 -27.71 -11.69 -41.29
CA VAL D 723 -27.80 -10.59 -40.34
C VAL D 723 -28.01 -9.24 -41.04
N ALA D 724 -27.49 -9.09 -42.25
CA ALA D 724 -27.65 -7.85 -43.00
C ALA D 724 -27.85 -8.18 -44.47
N GLU D 725 -28.28 -7.18 -45.24
CA GLU D 725 -28.60 -7.40 -46.64
C GLU D 725 -27.35 -7.77 -47.44
N ASP D 726 -26.21 -7.13 -47.16
CA ASP D 726 -25.00 -7.40 -47.90
C ASP D 726 -24.41 -8.75 -47.48
N ASP D 727 -23.41 -9.19 -48.25
CA ASP D 727 -22.76 -10.48 -48.02
C ASP D 727 -21.90 -10.39 -46.76
N PHE D 728 -22.45 -10.82 -45.63
CA PHE D 728 -21.69 -10.82 -44.38
C PHE D 728 -20.63 -11.92 -44.43
N ARG D 729 -19.40 -11.56 -44.10
CA ARG D 729 -18.28 -12.48 -44.32
C ARG D 729 -18.14 -13.49 -43.20
N LEU D 730 -17.80 -13.03 -41.99
CA LEU D 730 -17.51 -13.93 -40.88
C LEU D 730 -18.17 -13.41 -39.61
N CYS D 731 -18.18 -14.26 -38.59
CA CYS D 731 -18.68 -13.89 -37.27
C CYS D 731 -18.06 -14.82 -36.23
N LEU D 732 -18.08 -14.37 -34.98
CA LEU D 732 -17.51 -15.12 -33.87
C LEU D 732 -18.46 -15.10 -32.69
N ARG D 733 -18.66 -16.25 -32.06
CA ARG D 733 -19.59 -16.39 -30.95
C ARG D 733 -18.86 -16.30 -29.62
N ILE D 734 -19.35 -15.44 -28.73
CA ILE D 734 -18.80 -15.26 -27.39
C ILE D 734 -19.95 -15.28 -26.39
N ASN D 735 -19.78 -16.06 -25.32
CA ASN D 735 -20.80 -16.20 -24.28
C ASN D 735 -20.35 -15.49 -23.01
N GLU D 736 -21.31 -14.96 -22.26
CA GLU D 736 -21.04 -14.21 -21.05
C GLU D 736 -22.21 -14.34 -20.10
N VAL D 737 -21.91 -14.51 -18.81
CA VAL D 737 -22.92 -14.65 -17.77
C VAL D 737 -22.83 -13.44 -16.84
N LYS D 738 -23.97 -12.80 -16.58
CA LYS D 738 -24.04 -11.66 -15.69
C LYS D 738 -25.26 -11.81 -14.78
N TRP D 739 -25.04 -11.66 -13.47
CA TRP D 739 -26.09 -11.84 -12.48
C TRP D 739 -26.56 -10.52 -11.87
N THR D 740 -26.18 -9.39 -12.45
CA THR D 740 -26.52 -8.08 -11.91
C THR D 740 -27.55 -7.35 -12.76
N GLU D 741 -27.29 -7.17 -14.05
CA GLU D 741 -28.23 -6.49 -14.93
C GLU D 741 -29.48 -7.34 -15.15
N TRP D 742 -30.64 -6.71 -15.06
CA TRP D 742 -31.91 -7.38 -15.23
C TRP D 742 -32.76 -6.59 -16.22
N LYS D 743 -33.02 -7.18 -17.37
CA LYS D 743 -33.73 -6.49 -18.44
C LYS D 743 -34.44 -7.50 -19.33
N THR D 744 -35.38 -7.00 -20.12
CA THR D 744 -36.07 -7.81 -21.12
C THR D 744 -35.41 -7.59 -22.48
N HIS D 745 -34.80 -8.65 -23.02
CA HIS D 745 -34.08 -8.54 -24.28
C HIS D 745 -35.03 -8.77 -25.44
N VAL D 746 -34.94 -7.93 -26.47
CA VAL D 746 -35.84 -8.06 -27.61
C VAL D 746 -35.06 -8.04 -28.92
N SER D 747 -33.77 -7.73 -28.85
CA SER D 747 -32.97 -7.61 -30.06
C SER D 747 -32.00 -8.77 -30.25
N PHE D 748 -32.39 -10.00 -29.90
CA PHE D 748 -31.53 -11.13 -30.19
C PHE D 748 -31.72 -11.59 -31.64
N LEU D 749 -30.73 -12.33 -32.15
CA LEU D 749 -30.73 -12.71 -33.55
C LEU D 749 -31.53 -13.98 -33.81
N ASN D 750 -31.12 -15.09 -33.21
CA ASN D 750 -31.80 -16.37 -33.38
C ASN D 750 -32.80 -16.46 -32.24
N GLU D 751 -34.04 -16.83 -32.57
CA GLU D 751 -35.17 -16.82 -31.66
C GLU D 751 -34.97 -17.66 -30.40
N ASP D 752 -34.60 -18.92 -30.55
CA ASP D 752 -34.30 -19.79 -29.41
C ASP D 752 -32.81 -20.01 -29.32
N PRO D 753 -32.26 -20.29 -28.15
CA PRO D 753 -30.81 -20.49 -28.05
C PRO D 753 -30.36 -21.79 -28.70
N GLY D 754 -29.09 -22.10 -28.53
CA GLY D 754 -28.53 -23.32 -29.06
C GLY D 754 -27.39 -23.09 -30.03
N PRO D 755 -26.19 -23.55 -29.66
CA PRO D 755 -24.99 -23.47 -30.48
C PRO D 755 -24.98 -24.50 -31.62
N POV E . 32.20 21.43 -8.63
P POV E . 32.11 21.54 -12.93
C1 POV E . 34.27 22.24 -14.24
C2 POV E . 34.88 23.45 -14.96
C3 POV E . 35.20 23.19 -16.42
C210 POV E . 35.55 32.46 -19.73
C11 POV E . 32.49 20.03 -10.83
O11 POV E . 33.14 22.65 -13.52
C211 POV E . 36.51 33.61 -19.71
C12 POV E . 32.84 20.27 -9.37
O12 POV E . 33.05 20.98 -11.69
C13 POV E . 32.88 22.71 -8.94
O13 POV E . 30.96 22.31 -12.32
C14 POV E . 30.78 21.51 -9.05
O14 POV E . 31.86 20.44 -13.90
C15 POV E . 32.22 21.21 -7.16
C21 POV E . 36.59 25.08 -14.58
O21 POV E . 36.11 23.87 -14.36
C22 POV E . 35.59 26.15 -14.26
O22 POV E . 37.71 25.27 -15.01
C23 POV E . 36.17 27.55 -14.09
C24 POV E . 36.44 28.21 -15.45
C25 POV E . 37.14 29.55 -15.32
C26 POV E . 36.18 30.72 -15.13
C27 POV E . 35.36 31.04 -16.38
C28 POV E . 36.24 31.26 -17.61
C29 POV E . 35.43 31.48 -18.85
C31 POV E . 34.22 23.90 -18.45
O31 POV E . 34.55 24.18 -17.19
C32 POV E . 33.85 25.15 -19.20
O32 POV E . 34.23 22.78 -18.91
C33 POV E . 33.42 24.93 -20.64
N POV F . 20.22 16.38 8.93
P POV F . 19.64 11.89 11.33
C1 POV F . 21.52 10.05 11.16
C2 POV F . 22.50 9.74 10.03
C3 POV F . 23.31 8.48 10.22
C210 POV F . 30.01 10.70 10.83
C11 POV F . 19.88 14.40 10.57
O11 POV F . 20.35 10.61 10.62
C12 POV F . 19.45 15.14 9.32
O12 POV F . 20.25 13.07 10.31
C13 POV F . 19.82 16.86 7.57
O13 POV F . 18.17 11.78 11.07
C14 POV F . 19.88 17.44 9.93
O14 POV F . 20.18 12.13 12.70
C15 POV F . 21.69 16.17 8.96
C21 POV F . 23.02 11.93 9.25
O21 POV F . 23.43 10.81 9.84
C22 POV F . 23.62 13.14 9.90
O22 POV F . 22.26 11.94 8.31
C23 POV F . 25.11 13.32 9.64
C24 POV F . 25.40 13.56 8.17
C25 POV F . 26.79 14.14 7.92
C26 POV F . 27.72 13.19 7.18
C27 POV F . 28.08 11.95 7.98
C28 POV F . 28.72 12.29 9.34
C29 POV F . 28.90 11.08 10.20
C31 POV F . 24.90 8.97 11.91
O31 POV F . 23.75 8.41 11.57
C32 POV F . 26.01 7.96 11.88
O32 POV F . 25.02 10.14 12.19
C33 POV F . 25.88 6.82 12.85
C34 POV F . 26.55 7.14 14.18
C35 POV F . 28.05 7.41 14.06
C36 POV F . 28.81 6.21 13.52
C37 POV F . 30.31 6.46 13.36
C38 POV F . 31.06 5.23 12.87
N POV G . 18.73 9.62 -20.52
P POV G . 20.93 14.13 -21.48
C1 POV G . 23.56 13.80 -21.45
C2 POV G . 24.77 14.68 -21.15
C3 POV G . 25.09 15.67 -22.25
C310 POV G . 29.86 22.70 -28.10
C11 POV G . 19.38 12.04 -21.18
O11 POV G . 22.41 14.35 -20.83
C311 POV G . 31.12 23.56 -28.09
C12 POV G . 18.93 11.06 -20.12
O12 POV G . 20.64 12.62 -20.89
C13 POV G . 18.53 8.75 -19.33
O13 POV G . 21.12 14.04 -22.96
C14 POV G . 19.96 9.18 -21.23
O14 POV G . 19.95 15.08 -20.88
C15 POV G . 17.58 9.46 -21.46
C21 POV G . 26.77 14.29 -19.93
O21 POV G . 25.94 13.92 -20.90
C22 POV G . 26.81 13.28 -18.82
O22 POV G . 27.41 15.32 -19.96
C23 POV G . 27.85 12.19 -18.99
C24 POV G . 27.74 11.15 -17.89
C25 POV G . 28.78 10.05 -17.98
C26 POV G . 28.79 9.12 -16.76
C27 POV G . 30.05 8.28 -16.66
C31 POV G . 24.56 15.13 -24.49
O31 POV G . 25.37 14.96 -23.45
C32 POV G . 25.27 14.85 -25.78
O32 POV G . 23.40 15.46 -24.39
C33 POV G . 26.39 15.82 -26.12
C34 POV G . 25.86 17.25 -26.20
C35 POV G . 26.95 18.30 -26.32
C36 POV G . 27.81 18.08 -27.56
C37 POV G . 29.10 18.90 -27.58
C38 POV G . 28.85 20.39 -27.78
C39 POV G . 30.12 21.23 -27.82
C1 GRQ H . 28.96 9.28 -5.28
C2 GRQ H . 30.22 9.45 -5.71
C3 GRQ H . 31.35 9.72 -4.70
C4 GRQ H . 32.13 8.41 -4.40
C5 GRQ H . 32.91 8.55 -3.06
C6 GRQ H . 32.68 8.06 -1.85
C7 GRQ H . 31.41 7.20 -1.81
C8 GRQ H . 34.02 9.46 -3.63
C9 GRQ H . 28.62 9.36 -3.77
O GRQ H . 30.48 7.53 -1.15
C GRQ H . 27.83 9.00 -6.30
N POV I . 38.10 -31.90 20.91
P POV I . 35.28 -29.93 18.91
C1 POV I . 32.80 -29.65 18.05
C2 POV I . 32.17 -28.29 18.34
C3 POV I . 32.10 -27.95 19.81
C210 POV I . 22.88 -20.35 12.81
C310 POV I . 22.98 -19.33 20.13
C11 POV I . 36.88 -32.00 18.61
O11 POV I . 34.17 -29.48 17.80
C211 POV I . 22.64 -18.96 12.34
C12 POV I . 36.97 -32.43 20.06
O12 POV I . 35.65 -31.42 18.27
C212 POV I . 23.17 -18.72 10.92
C13 POV I . 39.38 -31.86 20.14
O13 POV I . 36.47 -29.04 18.72
C213 POV I . 24.70 -18.73 10.84
C14 POV I . 38.27 -32.83 22.05
O14 POV I . 34.65 -30.12 20.26
C214 POV I . 25.24 -17.83 9.74
C15 POV I . 37.82 -30.54 21.46
C215 POV I . 24.64 -18.13 8.36
C216 POV I . 25.14 -17.19 7.28
C21 POV I . 30.56 -27.29 16.90
O21 POV I . 30.84 -28.19 17.84
C22 POV I . 29.10 -26.96 16.86
O22 POV I . 31.41 -26.79 16.20
C23 POV I . 28.78 -25.71 16.07
C24 POV I . 27.28 -25.40 16.06
C25 POV I . 26.97 -24.01 15.53
C26 POV I . 25.48 -23.75 15.35
C27 POV I . 25.18 -22.32 14.91
C28 POV I . 23.75 -22.14 14.41
C29 POV I . 23.50 -20.74 13.92
C31 POV I . 30.91 -26.31 21.04
O31 POV I . 31.56 -26.64 19.93
C32 POV I . 29.87 -25.27 20.74
O32 POV I . 31.13 -26.80 22.11
C33 POV I . 29.23 -24.65 21.96
C34 POV I . 28.06 -23.75 21.57
C35 POV I . 28.40 -22.75 20.46
C36 POV I . 27.53 -21.51 20.52
C37 POV I . 26.05 -21.74 20.27
C38 POV I . 25.24 -20.46 20.35
C39 POV I . 23.76 -20.63 20.05
N POV J . 53.36 -1.92 -22.62
P POV J . 51.40 -5.39 -19.33
C1 POV J . 48.82 -5.98 -19.25
C2 POV J . 47.88 -5.47 -20.33
C3 POV J . 48.27 -4.12 -20.88
C11 POV J . 52.61 -3.52 -20.72
O11 POV J . 50.10 -6.23 -19.82
C12 POV J . 52.28 -2.40 -21.68
O12 POV J . 51.66 -4.56 -20.74
C13 POV J . 54.12 -3.06 -23.20
O13 POV J . 52.52 -6.38 -19.16
C14 POV J . 52.69 -1.19 -23.72
O14 POV J . 51.05 -4.42 -18.25
C15 POV J . 54.31 -0.98 -21.95
C21 POV J . 45.54 -5.97 -20.45
O21 POV J . 46.55 -5.34 -19.84
C22 POV J . 44.27 -5.85 -19.67
O22 POV J . 45.68 -6.56 -21.49
C23 POV J . 43.31 -4.81 -20.21
C24 POV J . 43.87 -3.40 -20.10
C25 POV J . 42.92 -2.33 -20.63
C26 POV J . 41.58 -2.31 -19.90
C27 POV J . 40.55 -1.42 -20.59
C28 POV J . 39.21 -1.42 -19.86
C29 POV J . 38.15 -0.67 -20.61
C31 POV J . 47.26 -2.11 -20.09
O31 POV J . 48.06 -3.15 -19.86
C32 POV J . 47.16 -1.23 -18.89
O32 POV J . 46.70 -1.95 -21.15
C33 POV J . 46.06 -0.19 -18.96
C34 POV J . 46.05 0.67 -17.70
C35 POV J . 44.94 1.72 -17.69
N POV K . 52.61 -1.70 24.34
P POV K . 51.08 -4.61 20.35
C1 POV K . 49.30 -3.80 18.59
C2 POV K . 48.84 -2.34 18.57
C3 POV K . 48.81 -1.70 19.94
C11 POV K . 51.86 -3.46 22.58
O11 POV K . 50.65 -3.86 18.98
C12 POV K . 51.55 -2.23 23.41
O12 POV K . 51.57 -3.28 21.21
C13 POV K . 53.95 -1.75 23.72
O13 POV K . 52.29 -5.44 20.04
C14 POV K . 52.27 -0.29 24.64
O14 POV K . 49.89 -5.23 21.03
C15 POV K . 52.63 -2.46 25.62
C21 POV K . 47.31 -1.41 17.00
O21 POV K . 47.52 -2.21 18.04
C22 POV K . 45.90 -1.56 16.47
O22 POV K . 48.15 -0.67 16.54
C23 POV K . 44.95 -0.46 16.91
C24 POV K . 44.72 -0.48 18.42
C25 POV K . 43.78 0.61 18.89
C26 POV K . 42.40 0.51 18.26
C27 POV K . 41.51 1.73 18.52
C28 POV K . 40.14 1.62 17.87
C29 POV K . 39.35 2.88 18.02
C31 POV K . 46.81 -1.55 21.19
O31 POV K . 47.76 -2.32 20.69
C32 POV K . 45.79 -2.39 21.91
O32 POV K . 46.78 -0.35 21.07
C33 POV K . 44.51 -1.64 22.30
C34 POV K . 43.55 -2.56 23.03
C35 POV K . 42.23 -1.90 23.42
N POV L . 19.66 -0.44 34.41
P POV L . 21.50 3.44 34.47
C1 POV L . 23.49 3.90 36.13
C2 POV L . 23.77 4.56 37.48
C3 POV L . 24.79 5.67 37.40
C210 POV L . 22.56 10.56 45.68
C11 POV L . 21.49 1.08 33.33
O11 POV L . 22.10 3.80 35.93
C211 POV L . 22.80 10.40 47.14
C12 POV L . 20.99 -0.30 33.71
O12 POV L . 21.91 1.83 34.44
C13 POV L . 19.76 -0.15 35.86
O13 POV L . 20.01 3.53 34.58
C14 POV L . 18.70 0.52 33.79
O14 POV L . 22.24 4.15 33.37
C15 POV L . 19.09 -1.81 34.22
C21 POV L . 24.21 3.91 39.74
O21 POV L . 24.26 3.63 38.44
C22 POV L . 22.82 4.26 40.19
O22 POV L . 25.19 3.88 40.45
C23 POV L . 22.59 4.20 41.68
C24 POV L . 23.13 5.44 42.39
C25 POV L . 23.04 5.34 43.91
C26 POV L . 21.69 5.82 44.45
C27 POV L . 21.51 7.33 44.33
C28 POV L . 22.65 8.12 44.96
C29 POV L . 22.50 9.59 44.75
C31 POV L . 24.66 8.03 37.55
O31 POV L . 24.20 6.85 37.95
C32 POV L . 24.17 9.12 38.46
O32 POV L . 25.36 8.18 36.58
C33 POV L . 24.59 10.52 38.05
N POV M . 4.48 -12.37 24.16
P POV M . 4.88 -15.28 19.97
C1 POV M . 7.22 -16.30 19.27
C2 POV M . 8.62 -15.75 19.48
C3 POV M . 9.71 -16.53 18.78
C210 POV M . 13.67 -19.26 23.98
C11 POV M . 4.33 -14.13 22.27
O11 POV M . 6.31 -15.22 19.19
C12 POV M . 4.25 -12.69 22.71
O12 POV M . 5.31 -14.35 21.28
C13 POV M . 4.58 -10.90 24.38
O13 POV M . 3.90 -14.48 19.14
C14 POV M . 3.30 -12.89 24.92
O14 POV M . 4.56 -16.66 20.42
C15 POV M . 5.70 -13.04 24.70
C21 POV M . 8.43 -14.78 21.65
O21 POV M . 8.97 -15.71 20.86
C22 POV M . 8.08 -15.33 23.00
O22 POV M . 8.27 -13.63 21.29
C23 POV M . 9.27 -15.65 23.88
C24 POV M . 10.07 -14.41 24.24
C25 POV M . 11.01 -14.61 25.42
C26 POV M . 12.48 -14.54 25.02
C27 POV M . 12.94 -15.68 24.13
C28 POV M . 12.66 -17.05 24.73
C29 POV M . 12.94 -18.17 23.78
C31 POV M . 9.95 -18.55 19.99
O31 POV M . 9.46 -17.92 18.93
C32 POV M . 11.27 -19.20 19.65
O32 POV M . 9.41 -18.59 21.06
C33 POV M . 11.22 -20.27 18.57
C34 POV M . 10.99 -21.64 19.19
C35 POV M . 12.09 -22.08 20.15
C36 POV M . 13.45 -22.17 19.48
C37 POV M . 14.57 -22.58 20.42
C38 POV M . 15.92 -22.72 19.71
N POV N . 19.77 12.87 17.52
P POV N . 19.97 13.85 22.54
C1 POV N . 22.14 12.70 23.52
C2 POV N . 22.55 12.15 24.89
C3 POV N . 22.88 13.22 25.91
C310 POV N . 26.22 18.08 34.38
C11 POV N . 19.54 13.73 19.96
O11 POV N . 20.73 12.74 23.44
C311 POV N . 26.82 17.76 35.74
C12 POV N . 19.12 12.77 18.89
O12 POV N . 20.13 13.11 21.07
C13 POV N . 19.44 11.71 16.67
O13 POV N . 20.83 15.08 22.55
C14 POV N . 21.25 12.91 17.74
O14 POV N . 18.51 13.93 22.88
C15 POV N . 19.38 14.13 16.82
C21 POV N . 23.72 10.18 25.53
O21 POV N . 23.69 11.28 24.79
C22 POV N . 23.67 8.95 24.66
O22 POV N . 23.78 10.17 26.73
C23 POV N . 25.03 8.43 24.22
C24 POV N . 24.89 7.26 23.25
C25 POV N . 26.22 6.68 22.80
C26 POV N . 26.07 5.39 22.00
C27 POV N . 27.36 4.60 21.89
C31 POV N . 23.73 15.30 25.17
O31 POV N . 23.95 14.02 25.42
C32 POV N . 25.01 16.10 25.27
O32 POV N . 22.65 15.75 24.90
C33 POV N . 25.60 16.17 26.66
C34 POV N . 24.61 16.77 27.66
C35 POV N . 25.06 16.68 29.11
C36 POV N . 26.39 17.39 29.35
C37 POV N . 27.04 17.07 30.68
C38 POV N . 26.29 17.69 31.87
C39 POV N . 26.94 17.39 33.22
C1 GRQ O . 20.86 -4.84 22.22
C2 GRQ O . 21.97 -4.93 22.98
C3 GRQ O . 22.27 -6.22 23.78
C4 GRQ O . 23.29 -7.09 23.01
C5 GRQ O . 23.22 -8.55 23.52
C6 GRQ O . 22.71 -9.66 22.97
C7 GRQ O . 22.07 -9.37 21.61
C8 GRQ O . 23.96 -8.30 24.86
C9 GRQ O . 19.88 -6.03 22.13
O GRQ O . 20.91 -9.51 21.44
C GRQ O . 20.57 -3.54 21.43
N POV P . 33.78 -40.97 -9.27
P POV P . 31.66 -37.63 -8.92
C1 POV P . 30.00 -35.81 -9.89
C2 POV P . 28.79 -35.50 -9.00
C3 POV P . 27.92 -36.71 -8.74
C210 POV P . 20.69 -25.10 -6.60
C310 POV P . 16.96 -31.41 -5.66
C11 POV P . 33.93 -38.47 -9.95
O11 POV P . 31.12 -36.10 -9.07
C211 POV P . 20.11 -24.26 -5.50
C12 POV P . 33.52 -39.89 -10.27
O12 POV P . 32.87 -37.53 -10.04
C212 POV P . 21.07 -23.17 -5.03
C13 POV P . 35.10 -40.79 -8.61
O13 POV P . 32.27 -37.74 -7.56
C213 POV P . 22.29 -23.71 -4.30
C14 POV P . 33.78 -42.27 -10.00
O14 POV P . 30.63 -38.61 -9.39
C214 POV P . 22.84 -22.74 -3.25
C15 POV P . 32.73 -41.04 -8.22
C215 POV P . 23.14 -21.36 -3.81
C216 POV P . 23.61 -20.38 -2.74
C21 POV P . 27.77 -33.37 -8.91
O21 POV P . 27.94 -34.51 -9.56
C22 POV P . 26.51 -32.66 -9.35
O22 POV P . 28.54 -32.97 -8.07
C23 POV P . 26.08 -31.55 -8.40
C24 POV P . 24.79 -30.88 -8.87
C25 POV P . 24.19 -29.97 -7.81
C26 POV P . 23.01 -29.15 -8.30
C27 POV P . 22.36 -28.33 -7.20
C28 POV P . 21.40 -27.26 -7.74
C29 POV P . 20.83 -26.42 -6.64
C31 POV P . 25.72 -36.95 -7.90
O31 POV P . 26.88 -36.31 -7.86
C32 POV P . 24.60 -36.05 -7.48
O32 POV P . 25.61 -38.11 -8.21
C33 POV P . 23.26 -36.73 -7.26
C34 POV P . 22.16 -35.71 -7.04
C35 POV P . 22.50 -34.64 -6.01
C36 POV P . 21.25 -34.06 -5.34
C37 POV P . 20.32 -33.31 -6.28
C38 POV P . 19.10 -32.76 -5.55
C39 POV P . 18.17 -31.94 -6.43
N POV Q . 30.37 -43.09 24.17
P POV Q . 32.27 -39.59 20.89
C1 POV Q . 31.35 -37.13 20.74
C2 POV Q . 30.37 -36.60 21.78
C3 POV Q . 29.43 -37.66 22.33
C11 POV Q . 31.35 -41.62 22.28
O11 POV Q . 32.24 -38.03 21.35
C12 POV Q . 30.20 -41.95 23.21
O12 POV Q . 31.68 -40.25 22.29
C13 POV Q . 31.73 -43.09 24.80
O13 POV Q . 33.72 -39.99 20.76
C14 POV Q . 29.35 -42.91 25.24
O14 POV Q . 31.31 -39.86 19.78
C15 POV Q . 30.12 -44.41 23.52
C21 POV Q . 29.50 -34.38 21.84
O21 POV Q . 29.53 -35.57 21.25
C22 POV Q . 28.71 -33.38 21.03
O22 POV Q . 30.04 -34.14 22.90
C23 POV Q . 27.30 -33.15 21.53
C24 POV Q . 26.44 -34.40 21.39
C25 POV Q . 25.02 -34.19 21.90
C26 POV Q . 24.28 -33.10 21.12
C27 POV Q . 22.94 -32.71 21.77
C28 POV Q . 22.22 -31.60 21.00
C29 POV Q . 21.00 -31.13 21.71
C31 POV Q . 27.25 -37.94 21.48
O31 POV Q . 28.55 -38.04 21.28
C32 POV Q . 26.48 -38.36 20.26
O32 POV Q . 26.75 -37.55 22.51
C33 POV Q . 25.00 -38.02 20.29
C34 POV Q . 24.31 -38.50 19.01
C35 POV Q . 22.83 -38.16 18.95
N POV R . -0.35 -38.53 9.21
P POV R . -0.63 -38.45 13.50
C1 POV R . -0.04 -40.63 14.87
C2 POV R . -0.74 -41.79 15.59
C3 POV R . -0.39 -41.89 17.06
C210 POV R . -8.03 -47.25 20.24
C11 POV R . 0.91 -37.98 11.43
O11 POV R . -0.99 -39.92 14.10
C211 POV R . -8.45 -48.69 20.22
C12 POV R . 0.95 -38.42 9.99
O12 POV R . 0.40 -38.95 12.30
C13 POV R . -1.07 -39.80 9.52
O13 POV R . -1.87 -37.93 12.85
C14 POV R . -1.22 -37.39 9.59
O14 POV R . 0.13 -37.63 14.48
C15 POV R . -0.11 -38.45 7.74
C21 POV R . -1.15 -44.13 15.23
O21 POV R . -0.39 -43.05 15.00
C22 POV R . -2.58 -43.89 14.85
O22 POV R . -0.70 -45.16 15.68
C23 POV R . -3.42 -45.15 14.69
C24 POV R . -3.87 -45.71 16.03
C25 POV R . -4.60 -47.04 15.90
C26 POV R . -6.09 -46.89 15.67
C27 POV R . -6.84 -46.35 16.89
C28 POV R . -6.58 -47.20 18.15
C29 POV R . -7.24 -46.62 19.36
C31 POV R . -1.58 -41.44 19.05
O31 POV R . -1.60 -41.88 17.79
C32 POV R . -2.85 -41.81 19.76
O32 POV R . -0.65 -40.82 19.52
C33 POV R . -2.94 -41.30 21.18
N POV S . -2.25 -26.02 -8.61
P POV S . 1.23 -23.11 -10.94
C1 POV S . 3.81 -23.65 -10.70
C2 POV S . 4.57 -24.28 -9.53
C3 POV S . 6.07 -24.27 -9.69
C210 POV S . 7.94 -31.09 -10.14
C11 POV S . -0.74 -24.68 -10.22
O11 POV S . 2.68 -22.97 -10.19
C12 POV S . -1.63 -24.71 -9.00
O12 POV S . 0.57 -24.24 -9.93
C13 POV S . -2.91 -25.93 -7.27
O13 POV S . 0.52 -21.81 -10.73
C14 POV S . -3.29 -26.34 -9.63
O14 POV S . 1.38 -23.70 -12.31
C15 POV S . -1.26 -27.14 -8.59
C21 POV S . 3.01 -25.91 -8.77
O21 POV S . 4.19 -25.64 -9.33
C22 POV S . 2.35 -27.10 -9.43
O22 POV S . 2.55 -25.27 -7.86
C23 POV S . 3.02 -28.43 -9.13
C24 POV S . 2.93 -28.78 -7.66
C25 POV S . 3.21 -30.25 -7.37
C26 POV S . 4.50 -30.48 -6.59
C27 POV S . 5.75 -30.12 -7.36
C28 POV S . 5.85 -30.85 -8.71
C29 POV S . 6.99 -30.37 -9.54
C31 POV S . 6.59 -25.89 -11.34
O31 POV S . 6.41 -24.61 -11.02
C32 POV S . 8.05 -26.26 -11.25
O32 POV S . 5.69 -26.64 -11.63
C33 POV S . 8.95 -25.52 -12.21
C34 POV S . 9.10 -26.28 -13.53
C35 POV S . 9.69 -27.68 -13.37
C36 POV S . 11.10 -27.66 -12.79
C37 POV S . 11.72 -29.03 -12.60
C38 POV S . 13.14 -28.96 -12.06
N POV T . 1.72 -20.61 20.90
P POV T . -0.85 -24.93 21.84
C1 POV T . 0.88 -26.92 21.91
C2 POV T . 0.81 -28.43 21.61
C3 POV T . 0.14 -29.23 22.71
C310 POV T . -3.26 -36.99 28.58
C11 POV T . 0.05 -22.48 21.54
O11 POV T . -0.19 -26.28 21.24
C311 POV T . -3.29 -38.52 28.60
C12 POV T . 0.65 -21.57 20.48
O12 POV T . 0.27 -23.85 21.28
C13 POV T . 2.37 -19.98 19.71
O13 POV T . -0.72 -25.00 23.33
C14 POV T . 2.75 -21.38 21.64
O14 POV T . -2.18 -24.63 21.20
C15 POV T . 1.20 -19.55 21.79
C21 POV T . 2.28 -29.90 20.46
O21 POV T . 2.11 -28.99 21.41
C22 POV T . 3.18 -29.39 19.36
O22 POV T . 1.78 -31.00 20.49
C23 POV T . 4.66 -29.65 19.57
C24 POV T . 5.49 -29.00 18.49
C25 POV T . 6.98 -29.27 18.63
C26 POV T . 7.79 -28.77 17.43
C27 POV T . 9.19 -29.37 17.37
C31 POV T . 0.23 -28.45 24.94
O31 POV T . 0.85 -29.05 23.93
C32 POV T . 0.83 -28.87 26.26
O32 POV T . -0.68 -27.67 24.80
C33 POV T . 0.62 -30.33 26.62
C34 POV T . -0.86 -30.68 26.65
C35 POV T . -1.15 -32.17 26.79
C36 POV T . -0.53 -32.74 28.06
C37 POV T . -0.50 -34.27 28.10
C38 POV T . -1.88 -34.88 28.27
C39 POV T . -1.87 -36.40 28.33
C1 GRQ U . 8.08 -29.18 5.95
C2 GRQ U . 8.63 -30.31 6.42
C3 GRQ U . 9.06 -31.44 5.43
C4 GRQ U . 10.58 -31.35 5.18
C5 GRQ U . 10.93 -32.10 3.87
C6 GRQ U . 11.26 -31.66 2.65
C7 GRQ U . 11.27 -30.13 2.60
C8 GRQ U . 10.77 -33.53 4.45
C9 GRQ U . 7.88 -28.97 4.44
O GRQ U . 10.50 -29.55 1.90
C GRQ U . 7.67 -28.07 6.95
N POV V . 48.20 -14.50 -19.29
P POV V . 44.95 -13.20 -17.41
C1 POV V . 43.32 -11.27 -16.64
C2 POV V . 41.84 -11.50 -16.96
C3 POV V . 41.57 -11.65 -18.44
C210 POV V . 29.95 -8.06 -11.83
C310 POV V . 29.36 -8.82 -19.15
C11 POV V . 47.54 -13.38 -17.04
O11 POV V . 43.93 -12.51 -16.35
C211 POV V . 28.63 -8.61 -11.38
C12 POV V . 47.99 -13.25 -18.48
O12 POV V . 46.36 -12.67 -16.74
C212 POV V . 28.69 -9.17 -9.96
C13 POV V . 48.84 -15.57 -18.50
O13 POV V . 44.85 -14.68 -17.21
C213 POV V . 29.53 -10.43 -9.83
C14 POV V . 49.09 -14.14 -20.43
O14 POV V . 44.78 -12.59 -18.77
C214 POV V . 29.05 -11.35 -8.73
C15 POV V . 46.93 -15.02 -19.87
C215 POV V . 28.94 -10.68 -7.36
C216 POV V . 28.39 -11.60 -6.28
C21 POV V . 40.08 -10.70 -15.59
O21 POV V . 41.01 -10.44 -16.50
C22 POV V . 39.00 -9.64 -15.59
O22 POV V . 40.12 -11.66 -14.87
C23 POV V . 37.75 -10.06 -14.83
C24 POV V . 36.67 -8.98 -14.87
C25 POV V . 35.33 -9.48 -14.37
C26 POV V . 34.28 -8.39 -14.24
C27 POV V . 32.92 -8.92 -13.83
C28 POV V . 31.96 -7.82 -13.37
C29 POV V . 30.64 -8.37 -12.91
C31 POV V . 39.58 -11.58 -19.73
O31 POV V . 40.19 -11.93 -18.59
C32 POV V . 38.13 -11.29 -19.48
O32 POV V . 40.14 -11.51 -20.79
C33 POV V . 37.28 -11.11 -20.72
C34 POV V . 35.88 -10.64 -20.38
C35 POV V . 35.22 -11.44 -19.27
C36 POV V . 33.69 -11.41 -19.38
C37 POV V . 33.07 -10.04 -19.18
C38 POV V . 31.55 -10.07 -19.29
C39 POV V . 30.88 -8.73 -19.02
N POV W . 52.52 -5.41 10.84
P POV W . 48.58 -5.48 10.39
C1 POV W . 46.12 -5.10 11.29
C2 POV W . 45.23 -4.26 10.36
C3 POV W . 45.76 -2.87 10.09
C210 POV W . 32.15 -3.29 7.57
C310 POV W . 35.38 3.28 6.62
C11 POV W . 50.50 -6.89 11.50
O11 POV W . 47.00 -5.87 10.50
C211 POV W . 31.17 -3.28 6.44
C12 POV W . 51.45 -5.77 11.83
O12 POV W . 49.14 -6.53 11.55
C212 POV W . 30.80 -4.69 5.98
C13 POV W . 53.14 -6.62 10.23
O13 POV W . 49.05 -5.95 9.05
C213 POV W . 31.94 -5.43 5.29
C14 POV W . 53.59 -4.68 11.59
O14 POV W . 48.81 -4.08 10.85
C214 POV W . 31.46 -6.43 4.25
C15 POV W . 52.03 -4.50 9.77
C215 POV W . 30.46 -7.44 4.79
C216 POV W . 29.93 -8.39 3.71
C21 POV W . 42.88 -4.59 10.20
O21 POV W . 43.91 -4.09 10.89
C22 POV W . 41.60 -3.93 10.59
O22 POV W . 42.99 -5.46 9.38
C23 POV W . 40.45 -4.19 9.62
C24 POV W . 39.17 -3.49 10.04
C25 POV W . 38.11 -3.50 8.94
C26 POV W . 36.77 -2.96 9.40
C27 POV W . 35.74 -2.90 8.26
C28 POV W . 34.31 -2.67 8.75
C29 POV W . 33.33 -2.67 7.63
C31 POV W . 44.77 -0.92 9.19
O31 POV W . 44.88 -2.24 9.17
C32 POV W . 43.41 -0.50 8.74
O32 POV W . 45.67 -0.18 9.51
C33 POV W . 43.26 0.99 8.48
C34 POV W . 41.79 1.34 8.20
C35 POV W . 41.12 0.46 7.17
C36 POV W . 39.97 1.17 6.45
C37 POV W . 38.81 1.55 7.35
C38 POV W . 37.70 2.25 6.58
C39 POV W . 36.47 2.58 7.42
N POV X . 31.14 -43.28 -22.81
P POV X . 32.60 -40.35 -18.82
C1 POV X . 30.88 -39.28 -17.13
C2 POV X . 29.41 -39.71 -17.14
C3 POV X . 28.90 -40.05 -18.52
C11 POV X . 32.12 -41.66 -21.04
O11 POV X . 31.69 -40.39 -17.48
C12 POV X . 30.95 -42.10 -21.90
O12 POV X . 31.77 -41.50 -19.69
C13 POV X . 31.90 -44.37 -22.15
O13 POV X . 33.95 -40.90 -18.46
C14 POV X . 29.77 -43.79 -23.14
O14 POV X . 32.47 -39.03 -19.53
C15 POV X . 31.80 -42.90 -24.08
C21 POV X . 27.75 -38.92 -15.62
O21 POV X . 28.56 -38.67 -16.64
C22 POV X . 27.09 -37.66 -15.14
O22 POV X . 27.58 -40.02 -15.16
C23 POV X . 25.66 -37.48 -15.62
C24 POV X . 25.59 -37.30 -17.13
C25 POV X . 24.17 -37.11 -17.64
C26 POV X . 23.47 -35.90 -17.05
C27 POV X . 21.98 -35.84 -17.36
C28 POV X . 21.29 -34.62 -16.75
C29 POV X . 19.81 -34.66 -16.93
C31 POV X . 27.71 -38.49 -19.83
O31 POV X . 28.86 -38.85 -19.29
C32 POV X . 27.86 -37.19 -20.57
O32 POV X . 26.69 -39.13 -19.73
C33 POV X . 26.56 -36.54 -20.99
C34 POV X . 26.81 -35.24 -21.75
C35 POV X . 25.55 -34.52 -22.17
N POV Y . 12.18 -16.69 -33.81
P POV Y . 9.97 -20.36 -33.88
C1 POV Y . 10.73 -22.30 -35.49
C2 POV Y . 10.36 -22.92 -36.84
C3 POV Y . 10.00 -24.39 -36.75
C210 POV Y . 4.94 -25.35 -45.15
C11 POV Y . 11.90 -19.03 -32.71
O11 POV Y . 10.04 -21.08 -35.34
C211 POV Y . 5.25 -25.49 -46.62
C12 POV Y . 12.79 -17.86 -33.08
O12 POV Y . 11.53 -19.82 -33.81
C13 POV Y . 12.03 -16.95 -35.26
O13 POV Y . 9.07 -19.17 -34.02
C14 POV Y . 10.84 -16.42 -33.24
O14 POV Y . 9.75 -21.35 -32.78
C15 POV Y . 13.00 -15.45 -33.63
C21 POV Y . 11.22 -22.97 -39.08
O21 POV Y . 11.44 -22.83 -37.77
C22 POV Y . 10.18 -22.00 -39.56
O22 POV Y . 11.81 -23.77 -39.76
C23 POV Y . 10.15 -21.80 -41.07
C24 POV Y . 9.43 -22.94 -41.78
C25 POV Y . 9.50 -22.83 -43.31
C26 POV Y . 8.38 -21.99 -43.89
C27 POV Y . 7.01 -22.66 -43.80
C28 POV Y . 7.00 -24.07 -44.40
C29 POV Y . 5.68 -24.75 -44.22
C31 POV Y . 7.97 -25.58 -36.94
O31 POV Y . 8.72 -24.56 -37.34
C32 POV Y . 6.82 -25.79 -37.88
O32 POV Y . 8.20 -26.24 -35.96
C33 POV Y . 5.87 -26.90 -37.48
N POV Z . 13.47 2.71 -23.82
P POV Z . 15.99 4.05 -19.58
C1 POV Z . 18.11 2.68 -18.79
C2 POV Z . 18.44 1.19 -18.98
C3 POV Z . 19.67 0.74 -18.23
C210 POV Z . 24.28 -1.15 -23.27
C11 POV Z . 14.81 3.84 -21.91
O11 POV Z . 16.71 2.84 -18.76
C12 POV Z . 13.57 3.11 -22.38
O12 POV Z . 15.50 3.16 -20.89
C13 POV Z . 12.31 1.82 -24.07
O13 POV Z . 14.78 4.44 -18.79
C14 POV Z . 13.28 3.97 -24.61
O14 POV Z . 16.99 5.06 -20.02
C15 POV Z . 14.71 2.06 -24.32
C21 POV Z . 17.59 0.78 -21.16
O21 POV Z . 18.64 0.87 -20.35
C22 POV Z . 17.89 1.36 -22.52
O22 POV Z . 16.54 0.30 -20.83
C23 POV Z . 18.85 0.53 -23.36
C24 POV Z . 18.25 -0.82 -23.71
C25 POV Z . 18.98 -1.51 -24.85
C26 POV Z . 19.71 -2.78 -24.42
C27 POV Z . 20.89 -2.51 -23.50
C28 POV Z . 21.90 -1.53 -24.09
C29 POV Z . 22.95 -1.14 -23.11
C31 POV Z . 21.53 1.62 -19.40
O31 POV Z . 20.69 1.71 -18.37
C32 POV Z . 22.78 0.88 -19.01
O32 POV Z . 21.29 2.09 -20.49
C33 POV Z . 23.61 1.54 -17.92
C34 POV Z . 24.65 2.47 -18.53
C35 POV Z . 25.64 1.79 -19.45
C36 POV Z . 26.46 0.72 -18.74
C37 POV Z . 27.45 -0.01 -19.64
C38 POV Z . 28.27 -1.05 -18.89
N POV AA . 0.67 -23.87 -17.14
P POV AA . 0.10 -24.65 -22.17
C1 POV AA . 2.28 -25.84 -23.07
C2 POV AA . 3.01 -25.90 -24.41
C3 POV AA . 2.33 -26.78 -25.44
C310 POV AA . 0.37 -32.38 -33.88
C11 POV AA . -0.12 -24.19 -19.59
O11 POV AA . 1.48 -24.68 -23.03
C311 POV AA . 1.00 -32.73 -35.22
C12 POV AA . 0.44 -23.28 -18.52
O12 POV AA . 0.77 -24.35 -20.68
C13 POV AA . 1.43 -22.94 -16.28
O13 POV AA . -0.45 -26.05 -22.17
C14 POV AA . 1.45 -25.12 -17.32
O14 POV AA . -0.75 -23.49 -22.55
C15 POV AA . -0.62 -24.23 -16.47
C21 POV AA . 5.32 -25.79 -24.98
O21 POV AA . 4.35 -26.36 -24.27
C22 POV AA . 6.30 -25.06 -24.10
O22 POV AA . 5.40 -25.86 -26.19
C23 POV AA . 7.46 -25.90 -23.61
C24 POV AA . 8.33 -25.12 -22.63
C25 POV AA . 9.53 -25.90 -22.14
C26 POV AA . 10.50 -25.06 -21.31
C27 POV AA . 11.87 -25.70 -21.16
C31 POV AA . 1.04 -28.63 -24.71
O31 POV AA . 2.24 -28.11 -24.93
C32 POV AA . 1.08 -30.12 -24.79
O32 POV AA . 0.07 -27.96 -24.47
C33 POV AA . 1.39 -30.69 -26.16
C34 POV AA . 0.38 -30.20 -27.19
C35 POV AA . 0.74 -30.56 -28.63
C36 POV AA . 0.89 -32.06 -28.83
C37 POV AA . 1.54 -32.44 -30.15
C38 POV AA . 0.67 -32.18 -31.36
C39 POV AA . 1.30 -32.59 -32.69
C1 GRQ BA . 16.17 -15.07 -21.53
C2 GRQ BA . 16.87 -15.95 -22.26
C3 GRQ BA . 18.14 -15.51 -23.03
C4 GRQ BA . 19.41 -15.88 -22.21
C5 GRQ BA . 20.60 -15.00 -22.69
C6 GRQ BA . 21.22 -13.96 -22.16
C7 GRQ BA . 20.58 -13.58 -20.81
C8 GRQ BA . 20.83 -15.79 -24.01
C9 GRQ BA . 16.61 -13.60 -21.45
O GRQ BA . 20.06 -12.52 -20.68
C GRQ BA . 14.91 -15.54 -20.77
#